data_2KZU
#
_entry.id   2KZU
#
loop_
_entity.id
_entity.type
_entity.pdbx_description
1 polymer 'Death-associated protein 6'
2 polymer 'Ras association (RalGDS/AF-6) domain family 1'
#
loop_
_entity_poly.entity_id
_entity_poly.type
_entity_poly.pdbx_seq_one_letter_code
_entity_poly.pdbx_strand_id
1 'polypeptide(L)'
;GSHMGKKCYKLENEKLFEEFLELCKMQTADHPEVVPFLYNRQQRAHSLFLASAEFCNILSRVLSRARSRPAKLYVYINEL
CTVLKAHSAKKKLN
;
A
2 'polypeptide(L)' GSQEDSDSELEQYFTARW B
#
# COMPACT_ATOMS: atom_id res chain seq x y z
N GLY A 1 -22.94 13.66 -3.87
CA GLY A 1 -22.83 12.30 -3.31
C GLY A 1 -21.48 12.07 -2.66
N SER A 2 -20.57 11.43 -3.39
CA SER A 2 -19.24 11.18 -2.89
C SER A 2 -18.20 11.64 -3.90
N HIS A 3 -18.17 10.96 -5.04
CA HIS A 3 -17.21 11.26 -6.09
C HIS A 3 -17.73 10.74 -7.43
N MET A 4 -17.39 9.51 -7.76
CA MET A 4 -17.88 8.87 -8.97
C MET A 4 -19.32 8.40 -8.77
N GLY A 5 -19.69 8.23 -7.52
CA GLY A 5 -21.03 7.79 -7.19
C GLY A 5 -21.05 7.03 -5.88
N LYS A 6 -21.66 5.86 -5.90
CA LYS A 6 -21.68 4.97 -4.74
C LYS A 6 -20.75 3.80 -4.97
N LYS A 7 -19.75 4.03 -5.81
CA LYS A 7 -18.76 3.01 -6.16
C LYS A 7 -18.12 2.36 -4.95
N CYS A 8 -17.75 1.12 -5.12
CA CYS A 8 -17.13 0.36 -4.07
C CYS A 8 -16.00 -0.50 -4.63
N TYR A 9 -14.78 -0.06 -4.40
CA TYR A 9 -13.62 -0.84 -4.82
C TYR A 9 -13.01 -1.55 -3.63
N LYS A 10 -13.81 -1.62 -2.57
CA LYS A 10 -13.44 -2.27 -1.32
C LYS A 10 -12.98 -3.70 -1.58
N LEU A 11 -13.88 -4.51 -2.14
CA LEU A 11 -13.58 -5.91 -2.44
C LEU A 11 -12.31 -6.05 -3.27
N GLU A 12 -12.17 -5.20 -4.27
CA GLU A 12 -11.00 -5.21 -5.12
C GLU A 12 -9.74 -4.91 -4.34
N ASN A 13 -9.72 -3.76 -3.68
CA ASN A 13 -8.52 -3.25 -3.04
C ASN A 13 -8.06 -4.14 -1.90
N GLU A 14 -8.97 -4.86 -1.28
CA GLU A 14 -8.62 -5.78 -0.21
C GLU A 14 -7.83 -6.97 -0.75
N LYS A 15 -8.37 -7.63 -1.78
CA LYS A 15 -7.69 -8.79 -2.35
C LYS A 15 -6.54 -8.33 -3.23
N LEU A 16 -6.71 -7.17 -3.80
CA LEU A 16 -5.66 -6.52 -4.56
C LEU A 16 -4.43 -6.29 -3.69
N PHE A 17 -4.67 -5.69 -2.54
CA PHE A 17 -3.62 -5.43 -1.57
C PHE A 17 -2.89 -6.71 -1.22
N GLU A 18 -3.62 -7.80 -1.04
CA GLU A 18 -2.99 -9.06 -0.69
C GLU A 18 -2.23 -9.65 -1.87
N GLU A 19 -2.60 -9.29 -3.12
CA GLU A 19 -1.85 -9.77 -4.28
C GLU A 19 -0.39 -9.35 -4.14
N PHE A 20 -0.23 -8.16 -3.59
CA PHE A 20 1.07 -7.59 -3.31
C PHE A 20 1.71 -8.28 -2.10
N LEU A 21 0.94 -8.43 -1.04
CA LEU A 21 1.42 -8.98 0.21
C LEU A 21 1.83 -10.43 0.09
N GLU A 22 1.02 -11.19 -0.60
CA GLU A 22 1.30 -12.60 -0.82
C GLU A 22 2.57 -12.74 -1.66
N LEU A 23 2.78 -11.76 -2.53
CA LEU A 23 4.03 -11.62 -3.25
C LEU A 23 5.15 -11.19 -2.31
N CYS A 24 4.83 -10.27 -1.40
CA CYS A 24 5.79 -9.78 -0.43
C CYS A 24 6.26 -10.91 0.48
N LYS A 25 5.35 -11.82 0.83
CA LYS A 25 5.68 -13.01 1.59
C LYS A 25 6.78 -13.83 0.94
N MET A 26 6.86 -13.75 -0.39
CA MET A 26 7.82 -14.54 -1.14
C MET A 26 9.15 -13.80 -1.19
N GLN A 27 9.05 -12.50 -1.41
CA GLN A 27 10.21 -11.68 -1.64
C GLN A 27 10.86 -11.25 -0.32
N THR A 28 10.09 -10.61 0.54
CA THR A 28 10.59 -10.21 1.85
C THR A 28 10.40 -11.36 2.84
N ALA A 29 10.76 -12.56 2.41
CA ALA A 29 10.57 -13.76 3.21
C ALA A 29 11.48 -13.75 4.42
N ASP A 30 12.60 -13.04 4.31
CA ASP A 30 13.53 -12.89 5.42
C ASP A 30 13.19 -11.63 6.22
N HIS A 31 12.16 -10.92 5.79
CA HIS A 31 11.71 -9.72 6.48
C HIS A 31 10.19 -9.70 6.59
N PRO A 32 9.64 -10.47 7.53
CA PRO A 32 8.20 -10.55 7.77
C PRO A 32 7.64 -9.33 8.51
N GLU A 33 8.35 -8.21 8.45
CA GLU A 33 7.83 -6.97 9.00
C GLU A 33 7.05 -6.20 7.94
N VAL A 34 7.49 -6.32 6.69
CA VAL A 34 6.92 -5.58 5.56
C VAL A 34 5.42 -5.84 5.38
N VAL A 35 5.08 -7.11 5.22
CA VAL A 35 3.70 -7.53 4.98
C VAL A 35 2.75 -7.06 6.09
N PRO A 36 3.02 -7.40 7.37
CA PRO A 36 2.21 -6.91 8.50
C PRO A 36 2.17 -5.39 8.56
N PHE A 37 3.25 -4.75 8.15
CA PHE A 37 3.31 -3.29 8.10
C PHE A 37 2.26 -2.77 7.11
N LEU A 38 2.31 -3.28 5.89
CA LEU A 38 1.35 -2.88 4.87
C LEU A 38 -0.07 -3.15 5.33
N TYR A 39 -0.26 -4.29 5.98
CA TYR A 39 -1.55 -4.61 6.57
C TYR A 39 -1.94 -3.54 7.57
N ASN A 40 -1.00 -3.24 8.46
CA ASN A 40 -1.23 -2.33 9.57
C ASN A 40 -1.63 -0.95 9.10
N ARG A 41 -0.85 -0.42 8.17
CA ARG A 41 -1.09 0.92 7.62
C ARG A 41 -2.45 0.98 6.93
N GLN A 42 -2.81 -0.11 6.25
CA GLN A 42 -4.10 -0.17 5.56
C GLN A 42 -5.24 -0.14 6.57
N GLN A 43 -5.02 -0.75 7.72
CA GLN A 43 -6.04 -0.81 8.77
C GLN A 43 -6.32 0.57 9.32
N ARG A 44 -5.27 1.39 9.42
CA ARG A 44 -5.41 2.72 9.96
C ARG A 44 -5.51 3.76 8.86
N ALA A 45 -5.64 3.28 7.63
CA ALA A 45 -5.97 4.15 6.51
C ALA A 45 -7.48 4.28 6.42
N HIS A 46 -7.95 5.49 6.12
CA HIS A 46 -9.37 5.78 6.05
C HIS A 46 -10.05 4.87 5.03
N SER A 47 -11.09 4.19 5.50
CA SER A 47 -11.77 3.16 4.72
C SER A 47 -12.32 3.65 3.37
N LEU A 48 -12.48 4.96 3.22
CA LEU A 48 -13.09 5.50 2.01
C LEU A 48 -12.16 5.37 0.82
N PHE A 49 -10.93 5.85 0.98
CA PHE A 49 -9.94 5.77 -0.08
C PHE A 49 -9.67 4.30 -0.45
N LEU A 50 -9.63 3.45 0.57
CA LEU A 50 -9.42 2.02 0.37
C LEU A 50 -10.58 1.38 -0.39
N ALA A 51 -11.70 2.07 -0.44
CA ALA A 51 -12.87 1.58 -1.17
C ALA A 51 -13.11 2.41 -2.44
N SER A 52 -12.10 3.15 -2.86
CA SER A 52 -12.22 4.05 -3.99
C SER A 52 -11.38 3.55 -5.16
N ALA A 53 -11.75 4.01 -6.35
CA ALA A 53 -11.12 3.58 -7.59
C ALA A 53 -9.69 4.06 -7.68
N GLU A 54 -9.39 5.15 -7.00
CA GLU A 54 -8.07 5.72 -7.04
C GLU A 54 -7.05 4.74 -6.45
N PHE A 55 -7.40 4.17 -5.31
CA PHE A 55 -6.54 3.20 -4.64
C PHE A 55 -6.39 1.94 -5.49
N CYS A 56 -7.40 1.66 -6.30
CA CYS A 56 -7.36 0.53 -7.22
C CYS A 56 -6.24 0.73 -8.24
N ASN A 57 -6.10 1.97 -8.71
CA ASN A 57 -5.00 2.33 -9.61
C ASN A 57 -3.68 2.08 -8.92
N ILE A 58 -3.55 2.65 -7.73
CA ILE A 58 -2.34 2.51 -6.93
C ILE A 58 -1.95 1.04 -6.79
N LEU A 59 -2.89 0.24 -6.32
CA LEU A 59 -2.65 -1.17 -6.09
C LEU A 59 -2.30 -1.92 -7.36
N SER A 60 -3.14 -1.81 -8.37
CA SER A 60 -2.92 -2.51 -9.62
C SER A 60 -1.58 -2.11 -10.21
N ARG A 61 -1.22 -0.84 -10.02
CA ARG A 61 0.05 -0.32 -10.50
C ARG A 61 1.22 -0.84 -9.67
N VAL A 62 1.27 -0.52 -8.36
CA VAL A 62 2.44 -0.81 -7.54
C VAL A 62 2.66 -2.31 -7.36
N LEU A 63 1.56 -3.04 -7.14
CA LEU A 63 1.64 -4.46 -6.96
C LEU A 63 2.26 -5.13 -8.18
N SER A 64 1.73 -4.81 -9.34
CA SER A 64 2.15 -5.44 -10.56
C SER A 64 3.55 -4.97 -10.96
N ARG A 65 3.88 -3.72 -10.61
CA ARG A 65 5.24 -3.24 -10.75
C ARG A 65 6.21 -4.10 -9.95
N ALA A 66 5.84 -4.41 -8.71
CA ALA A 66 6.68 -5.20 -7.82
C ALA A 66 6.76 -6.65 -8.27
N ARG A 67 5.76 -7.09 -9.01
CA ARG A 67 5.74 -8.42 -9.59
C ARG A 67 6.76 -8.52 -10.71
N SER A 68 6.72 -7.54 -11.61
CA SER A 68 7.64 -7.46 -12.70
C SER A 68 9.05 -7.09 -12.23
N ARG A 69 9.09 -6.17 -11.29
CA ARG A 69 10.33 -5.63 -10.75
C ARG A 69 10.45 -5.92 -9.26
N PRO A 70 10.77 -7.17 -8.90
CA PRO A 70 10.97 -7.58 -7.51
C PRO A 70 12.08 -6.79 -6.84
N ALA A 71 13.02 -6.34 -7.66
CA ALA A 71 14.17 -5.59 -7.19
C ALA A 71 13.77 -4.28 -6.50
N LYS A 72 12.62 -3.75 -6.86
CA LYS A 72 12.15 -2.49 -6.28
C LYS A 72 10.82 -2.68 -5.58
N LEU A 73 10.53 -3.91 -5.18
CA LEU A 73 9.33 -4.24 -4.43
C LEU A 73 9.12 -3.29 -3.25
N TYR A 74 10.22 -2.97 -2.57
CA TYR A 74 10.15 -2.14 -1.38
C TYR A 74 9.64 -0.75 -1.71
N VAL A 75 10.14 -0.17 -2.79
CA VAL A 75 9.65 1.14 -3.23
C VAL A 75 8.14 1.14 -3.35
N TYR A 76 7.59 0.07 -3.91
CA TYR A 76 6.16 -0.05 -4.08
C TYR A 76 5.48 -0.32 -2.74
N ILE A 77 6.19 -1.04 -1.87
CA ILE A 77 5.80 -1.19 -0.47
C ILE A 77 5.71 0.19 0.19
N ASN A 78 6.78 0.96 0.01
CA ASN A 78 6.89 2.31 0.53
C ASN A 78 5.75 3.17 0.02
N GLU A 79 5.54 3.13 -1.30
CA GLU A 79 4.47 3.88 -1.94
C GLU A 79 3.14 3.50 -1.35
N LEU A 80 2.80 2.25 -1.51
CA LEU A 80 1.51 1.71 -1.07
C LEU A 80 1.22 2.09 0.40
N CYS A 81 2.23 2.03 1.25
CA CYS A 81 2.07 2.41 2.65
C CYS A 81 1.84 3.91 2.79
N THR A 82 2.65 4.72 2.12
CA THR A 82 2.50 6.16 2.16
C THR A 82 1.18 6.57 1.52
N VAL A 83 0.87 5.88 0.44
CA VAL A 83 -0.36 6.06 -0.31
C VAL A 83 -1.57 5.98 0.62
N LEU A 84 -1.53 5.00 1.52
CA LEU A 84 -2.59 4.79 2.46
C LEU A 84 -2.80 6.03 3.34
N LYS A 85 -1.75 6.52 3.95
CA LYS A 85 -1.87 7.65 4.86
C LYS A 85 -1.95 8.98 4.14
N ALA A 86 -1.32 9.07 2.98
CA ALA A 86 -1.30 10.31 2.22
C ALA A 86 -2.70 10.73 1.78
N HIS A 87 -3.52 9.74 1.43
CA HIS A 87 -4.84 10.03 0.89
C HIS A 87 -5.95 9.58 1.83
N SER A 88 -5.58 8.95 2.94
CA SER A 88 -6.56 8.46 3.90
C SER A 88 -6.11 8.75 5.32
N ALA A 89 -7.07 9.14 6.16
CA ALA A 89 -6.84 9.43 7.57
C ALA A 89 -5.85 10.58 7.74
N LYS A 90 -5.83 11.44 6.73
CA LYS A 90 -4.99 12.63 6.70
C LYS A 90 -5.32 13.42 5.44
N LYS A 91 -6.51 13.17 4.92
CA LYS A 91 -6.90 13.69 3.62
C LYS A 91 -7.41 15.12 3.71
N LYS A 92 -6.49 16.04 3.93
CA LYS A 92 -6.80 17.47 3.85
C LYS A 92 -6.33 18.04 2.52
N LEU A 93 -5.26 17.45 2.00
CA LEU A 93 -4.62 17.90 0.80
C LEU A 93 -5.51 17.67 -0.42
N ASN A 94 -6.09 16.48 -0.49
CA ASN A 94 -6.89 16.08 -1.63
C ASN A 94 -8.37 16.32 -1.36
N GLY B 1 6.28 19.40 5.39
CA GLY B 1 7.45 18.59 5.79
C GLY B 1 7.06 17.17 6.14
N SER B 2 8.05 16.37 6.52
CA SER B 2 7.84 14.96 6.82
C SER B 2 7.07 14.75 8.12
N GLN B 3 5.75 14.62 8.00
CA GLN B 3 4.92 14.26 9.15
C GLN B 3 4.83 12.75 9.26
N GLU B 4 5.41 12.08 8.28
CA GLU B 4 5.58 10.64 8.32
C GLU B 4 6.93 10.30 7.67
N ASP B 5 7.46 9.14 8.02
CA ASP B 5 8.73 8.69 7.46
C ASP B 5 8.52 8.21 6.03
N SER B 6 7.26 7.92 5.70
CA SER B 6 6.85 7.60 4.34
C SER B 6 7.58 6.38 3.79
N ASP B 7 8.48 6.61 2.86
CA ASP B 7 9.25 5.54 2.25
C ASP B 7 10.37 5.09 3.18
N SER B 8 11.00 6.05 3.83
CA SER B 8 12.08 5.76 4.75
C SER B 8 11.59 4.95 5.94
N GLU B 9 10.29 5.00 6.16
CA GLU B 9 9.62 4.27 7.23
C GLU B 9 9.92 2.77 7.14
N LEU B 10 10.08 2.31 5.91
CA LEU B 10 10.44 0.95 5.61
C LEU B 10 11.94 0.77 5.74
N GLU B 11 12.63 1.69 5.06
CA GLU B 11 14.09 1.70 4.95
C GLU B 11 14.78 1.57 6.31
N GLN B 12 14.06 1.96 7.34
CA GLN B 12 14.55 1.93 8.72
C GLN B 12 15.18 0.58 9.06
N TYR B 13 14.48 -0.47 8.69
CA TYR B 13 14.92 -1.81 9.02
C TYR B 13 15.15 -2.69 7.79
N PHE B 14 14.45 -2.42 6.70
CA PHE B 14 14.55 -3.28 5.53
C PHE B 14 14.42 -2.48 4.23
N THR B 15 15.13 -2.94 3.21
CA THR B 15 15.07 -2.40 1.86
C THR B 15 15.88 -3.27 0.90
N ALA B 16 15.80 -2.98 -0.38
CA ALA B 16 16.50 -3.78 -1.39
C ALA B 16 17.76 -3.07 -1.85
N ARG B 17 18.25 -3.43 -3.04
CA ARG B 17 19.44 -2.82 -3.60
C ARG B 17 19.26 -1.31 -3.73
N TRP B 18 18.08 -0.91 -4.20
CA TRP B 18 17.72 0.49 -4.44
C TRP B 18 18.83 1.27 -5.13
N GLY A 1 -9.68 12.10 -15.40
CA GLY A 1 -11.11 12.43 -15.65
C GLY A 1 -11.73 13.10 -14.45
N SER A 2 -12.25 14.31 -14.66
CA SER A 2 -12.86 15.07 -13.58
C SER A 2 -14.25 14.54 -13.25
N HIS A 3 -14.93 14.04 -14.27
CA HIS A 3 -16.28 13.52 -14.09
C HIS A 3 -16.24 12.04 -13.76
N MET A 4 -16.21 11.73 -12.48
CA MET A 4 -16.26 10.37 -12.00
C MET A 4 -17.00 10.33 -10.67
N GLY A 5 -18.29 10.08 -10.73
CA GLY A 5 -19.11 10.11 -9.54
C GLY A 5 -19.38 8.72 -9.00
N LYS A 6 -19.24 8.58 -7.68
CA LYS A 6 -19.46 7.34 -6.98
C LYS A 6 -18.72 6.16 -7.56
N LYS A 7 -17.61 5.84 -6.92
CA LYS A 7 -16.76 4.74 -7.35
C LYS A 7 -16.32 3.90 -6.16
N CYS A 8 -16.65 2.62 -6.20
CA CYS A 8 -16.38 1.75 -5.08
C CYS A 8 -15.54 0.55 -5.51
N TYR A 9 -14.32 0.48 -5.01
CA TYR A 9 -13.42 -0.62 -5.33
C TYR A 9 -12.94 -1.31 -4.06
N LYS A 10 -13.75 -1.28 -3.01
CA LYS A 10 -13.42 -1.96 -1.78
C LYS A 10 -13.17 -3.43 -2.06
N LEU A 11 -14.13 -4.05 -2.74
CA LEU A 11 -14.05 -5.46 -3.12
C LEU A 11 -12.71 -5.78 -3.78
N GLU A 12 -12.28 -4.91 -4.67
CA GLU A 12 -11.04 -5.07 -5.38
C GLU A 12 -9.84 -4.85 -4.50
N ASN A 13 -9.79 -3.69 -3.87
CA ASN A 13 -8.59 -3.22 -3.18
C ASN A 13 -8.24 -4.11 -1.99
N GLU A 14 -9.23 -4.74 -1.40
CA GLU A 14 -8.99 -5.65 -0.30
C GLU A 14 -8.21 -6.87 -0.78
N LYS A 15 -8.70 -7.51 -1.83
CA LYS A 15 -8.07 -8.71 -2.37
C LYS A 15 -6.81 -8.33 -3.13
N LEU A 16 -6.88 -7.16 -3.71
CA LEU A 16 -5.76 -6.58 -4.44
C LEU A 16 -4.54 -6.42 -3.57
N PHE A 17 -4.73 -5.78 -2.44
CA PHE A 17 -3.66 -5.56 -1.47
C PHE A 17 -3.00 -6.89 -1.08
N GLU A 18 -3.83 -7.92 -0.94
CA GLU A 18 -3.35 -9.27 -0.65
C GLU A 18 -2.35 -9.72 -1.68
N GLU A 19 -2.71 -9.53 -2.94
CA GLU A 19 -1.87 -9.96 -4.05
C GLU A 19 -0.45 -9.40 -3.94
N PHE A 20 -0.35 -8.17 -3.47
CA PHE A 20 0.95 -7.54 -3.23
C PHE A 20 1.62 -8.19 -2.03
N LEU A 21 0.87 -8.38 -0.98
CA LEU A 21 1.39 -8.91 0.27
C LEU A 21 1.84 -10.35 0.17
N GLU A 22 1.03 -11.15 -0.48
CA GLU A 22 1.34 -12.54 -0.67
C GLU A 22 2.58 -12.68 -1.55
N LEU A 23 2.74 -11.72 -2.45
CA LEU A 23 3.95 -11.58 -3.22
C LEU A 23 5.09 -11.14 -2.30
N CYS A 24 4.78 -10.18 -1.43
CA CYS A 24 5.77 -9.64 -0.51
C CYS A 24 6.38 -10.75 0.33
N LYS A 25 5.54 -11.71 0.75
CA LYS A 25 5.99 -12.89 1.50
C LYS A 25 7.07 -13.68 0.76
N MET A 26 7.13 -13.54 -0.56
CA MET A 26 8.05 -14.31 -1.37
C MET A 26 9.31 -13.51 -1.62
N GLN A 27 9.16 -12.20 -1.52
CA GLN A 27 10.23 -11.27 -1.85
C GLN A 27 10.99 -10.88 -0.59
N THR A 28 10.28 -10.29 0.35
CA THR A 28 10.88 -9.84 1.59
C THR A 28 10.82 -10.96 2.63
N ALA A 29 11.10 -12.16 2.17
CA ALA A 29 11.00 -13.36 2.97
C ALA A 29 11.94 -13.33 4.18
N ASP A 30 13.02 -12.55 4.06
CA ASP A 30 13.98 -12.40 5.15
C ASP A 30 13.65 -11.15 5.99
N HIS A 31 12.63 -10.42 5.57
CA HIS A 31 12.15 -9.25 6.31
C HIS A 31 10.63 -9.33 6.43
N PRO A 32 10.10 -10.27 7.22
CA PRO A 32 8.65 -10.54 7.29
C PRO A 32 7.84 -9.45 8.01
N GLU A 33 8.44 -8.28 8.21
CA GLU A 33 7.76 -7.18 8.89
C GLU A 33 7.00 -6.31 7.90
N VAL A 34 7.43 -6.32 6.66
CA VAL A 34 6.82 -5.50 5.60
C VAL A 34 5.32 -5.73 5.48
N VAL A 35 4.96 -7.00 5.29
CA VAL A 35 3.57 -7.41 5.10
C VAL A 35 2.67 -6.95 6.26
N PRO A 36 2.99 -7.31 7.52
CA PRO A 36 2.24 -6.84 8.67
C PRO A 36 2.16 -5.31 8.73
N PHE A 37 3.24 -4.65 8.32
CA PHE A 37 3.28 -3.19 8.25
C PHE A 37 2.23 -2.69 7.26
N LEU A 38 2.27 -3.20 6.03
CA LEU A 38 1.32 -2.80 5.00
C LEU A 38 -0.11 -3.11 5.43
N TYR A 39 -0.29 -4.23 6.10
CA TYR A 39 -1.60 -4.61 6.63
C TYR A 39 -2.06 -3.56 7.63
N ASN A 40 -1.18 -3.26 8.56
CA ASN A 40 -1.44 -2.34 9.65
C ASN A 40 -1.81 -0.97 9.14
N ARG A 41 -0.98 -0.45 8.26
CA ARG A 41 -1.17 0.89 7.72
C ARG A 41 -2.50 1.00 6.98
N GLN A 42 -2.93 -0.08 6.33
CA GLN A 42 -4.23 -0.08 5.66
C GLN A 42 -5.35 -0.03 6.69
N GLN A 43 -5.13 -0.69 7.82
CA GLN A 43 -6.13 -0.73 8.88
C GLN A 43 -6.32 0.68 9.45
N ARG A 44 -5.24 1.45 9.48
CA ARG A 44 -5.27 2.81 9.99
C ARG A 44 -5.60 3.80 8.89
N ALA A 45 -5.68 3.30 7.67
CA ALA A 45 -6.11 4.11 6.54
C ALA A 45 -7.64 4.14 6.51
N HIS A 46 -8.18 5.33 6.30
CA HIS A 46 -9.63 5.52 6.28
C HIS A 46 -10.28 4.71 5.16
N SER A 47 -11.43 4.16 5.49
CA SER A 47 -12.11 3.18 4.64
C SER A 47 -12.46 3.72 3.25
N LEU A 48 -12.65 5.03 3.14
CA LEU A 48 -13.17 5.61 1.91
C LEU A 48 -12.19 5.50 0.76
N PHE A 49 -10.94 5.90 0.99
CA PHE A 49 -9.93 5.84 -0.06
C PHE A 49 -9.62 4.39 -0.43
N LEU A 50 -9.64 3.52 0.57
CA LEU A 50 -9.40 2.10 0.34
C LEU A 50 -10.51 1.50 -0.53
N ALA A 51 -11.65 2.17 -0.55
CA ALA A 51 -12.78 1.73 -1.36
C ALA A 51 -13.00 2.63 -2.58
N SER A 52 -11.91 3.03 -3.23
CA SER A 52 -12.00 3.98 -4.34
C SER A 52 -11.27 3.43 -5.56
N ALA A 53 -11.55 4.04 -6.71
CA ALA A 53 -10.87 3.67 -7.95
C ALA A 53 -9.43 4.13 -7.91
N GLU A 54 -9.21 5.23 -7.21
CA GLU A 54 -7.88 5.81 -7.11
C GLU A 54 -6.92 4.79 -6.49
N PHE A 55 -7.31 4.23 -5.35
CA PHE A 55 -6.49 3.24 -4.67
C PHE A 55 -6.32 1.99 -5.53
N CYS A 56 -7.32 1.73 -6.38
CA CYS A 56 -7.26 0.59 -7.28
C CYS A 56 -6.14 0.79 -8.30
N ASN A 57 -6.00 2.01 -8.80
CA ASN A 57 -4.89 2.36 -9.68
C ASN A 57 -3.57 2.11 -8.97
N ILE A 58 -3.47 2.66 -7.77
CA ILE A 58 -2.27 2.51 -6.95
C ILE A 58 -1.90 1.04 -6.80
N LEU A 59 -2.85 0.24 -6.34
CA LEU A 59 -2.65 -1.17 -6.12
C LEU A 59 -2.29 -1.91 -7.40
N SER A 60 -3.13 -1.74 -8.41
CA SER A 60 -2.91 -2.39 -9.70
C SER A 60 -1.54 -2.05 -10.25
N ARG A 61 -1.13 -0.80 -10.05
CA ARG A 61 0.14 -0.33 -10.57
C ARG A 61 1.34 -0.81 -9.75
N VAL A 62 1.37 -0.52 -8.45
CA VAL A 62 2.54 -0.84 -7.64
C VAL A 62 2.71 -2.34 -7.46
N LEU A 63 1.61 -3.06 -7.26
CA LEU A 63 1.66 -4.49 -7.10
C LEU A 63 2.18 -5.15 -8.37
N SER A 64 1.66 -4.72 -9.51
CA SER A 64 2.06 -5.27 -10.80
C SER A 64 3.53 -4.93 -11.08
N ARG A 65 3.96 -3.75 -10.65
CA ARG A 65 5.36 -3.38 -10.75
C ARG A 65 6.22 -4.34 -9.94
N ALA A 66 5.82 -4.61 -8.71
CA ALA A 66 6.58 -5.48 -7.81
C ALA A 66 6.50 -6.95 -8.25
N ARG A 67 5.43 -7.28 -8.96
CA ARG A 67 5.30 -8.61 -9.57
C ARG A 67 6.48 -8.88 -10.50
N SER A 68 6.76 -7.90 -11.34
CA SER A 68 7.82 -8.02 -12.33
C SER A 68 9.16 -7.66 -11.74
N ARG A 69 9.16 -6.60 -10.95
CA ARG A 69 10.37 -6.07 -10.35
C ARG A 69 10.38 -6.21 -8.83
N PRO A 70 10.73 -7.40 -8.32
CA PRO A 70 10.95 -7.62 -6.88
C PRO A 70 12.06 -6.72 -6.35
N ALA A 71 12.97 -6.38 -7.27
CA ALA A 71 14.12 -5.55 -6.99
C ALA A 71 13.75 -4.23 -6.32
N LYS A 72 12.58 -3.70 -6.66
CA LYS A 72 12.14 -2.44 -6.10
C LYS A 72 10.76 -2.59 -5.47
N LEU A 73 10.42 -3.81 -5.09
CA LEU A 73 9.19 -4.11 -4.35
C LEU A 73 9.02 -3.17 -3.16
N TYR A 74 10.12 -2.90 -2.48
CA TYR A 74 10.10 -2.08 -1.27
C TYR A 74 9.64 -0.67 -1.56
N VAL A 75 10.11 -0.10 -2.66
CA VAL A 75 9.64 1.22 -3.08
C VAL A 75 8.13 1.23 -3.21
N TYR A 76 7.59 0.17 -3.80
CA TYR A 76 6.16 0.03 -3.99
C TYR A 76 5.48 -0.23 -2.65
N ILE A 77 6.21 -0.91 -1.77
CA ILE A 77 5.83 -1.06 -0.38
C ILE A 77 5.71 0.31 0.28
N ASN A 78 6.74 1.13 0.08
CA ASN A 78 6.77 2.50 0.59
C ASN A 78 5.57 3.26 0.08
N GLU A 79 5.43 3.26 -1.24
CA GLU A 79 4.35 3.97 -1.90
C GLU A 79 3.02 3.56 -1.33
N LEU A 80 2.70 2.29 -1.49
CA LEU A 80 1.44 1.73 -1.03
C LEU A 80 1.15 2.08 0.43
N CYS A 81 2.19 2.05 1.27
CA CYS A 81 2.04 2.36 2.69
C CYS A 81 1.70 3.83 2.91
N THR A 82 2.45 4.71 2.27
CA THR A 82 2.24 6.15 2.42
C THR A 82 0.99 6.57 1.67
N VAL A 83 0.73 5.87 0.58
CA VAL A 83 -0.48 6.06 -0.22
C VAL A 83 -1.71 5.94 0.67
N LEU A 84 -1.66 4.99 1.58
CA LEU A 84 -2.76 4.76 2.51
C LEU A 84 -3.05 6.01 3.33
N LYS A 85 -2.04 6.56 3.98
CA LYS A 85 -2.26 7.69 4.87
C LYS A 85 -2.36 9.02 4.12
N ALA A 86 -1.71 9.10 2.97
CA ALA A 86 -1.73 10.32 2.16
C ALA A 86 -3.14 10.70 1.77
N HIS A 87 -3.99 9.70 1.53
CA HIS A 87 -5.32 9.97 1.05
C HIS A 87 -6.40 9.46 2.01
N SER A 88 -5.97 8.81 3.08
CA SER A 88 -6.91 8.26 4.05
C SER A 88 -6.47 8.62 5.47
N ALA A 89 -7.44 8.99 6.29
CA ALA A 89 -7.21 9.34 7.69
C ALA A 89 -6.13 10.40 7.82
N LYS A 90 -6.33 11.50 7.13
CA LYS A 90 -5.37 12.58 7.09
C LYS A 90 -6.09 13.92 7.04
N LYS A 91 -7.27 13.88 6.46
CA LYS A 91 -8.09 15.06 6.29
C LYS A 91 -8.87 15.38 7.55
N LYS A 92 -8.20 15.99 8.51
CA LYS A 92 -8.85 16.44 9.74
C LYS A 92 -8.72 17.94 9.89
N LEU A 93 -7.82 18.54 9.13
CA LEU A 93 -7.56 19.96 9.22
C LEU A 93 -8.54 20.75 8.37
N ASN A 94 -9.22 20.07 7.48
CA ASN A 94 -10.20 20.70 6.60
C ASN A 94 -11.35 19.75 6.35
N GLY B 1 7.83 19.03 7.74
CA GLY B 1 8.82 18.07 7.19
C GLY B 1 8.37 16.64 7.37
N SER B 2 9.27 15.69 7.17
CA SER B 2 8.92 14.29 7.28
C SER B 2 9.25 13.76 8.68
N GLN B 3 8.43 14.13 9.65
CA GLN B 3 8.55 13.56 10.99
C GLN B 3 7.88 12.20 11.03
N GLU B 4 7.01 11.98 10.06
CA GLU B 4 6.48 10.67 9.78
C GLU B 4 7.16 10.12 8.53
N ASP B 5 7.86 9.02 8.70
CA ASP B 5 8.65 8.45 7.61
C ASP B 5 7.75 7.80 6.57
N SER B 6 8.08 8.03 5.32
CA SER B 6 7.31 7.53 4.21
C SER B 6 7.94 6.28 3.64
N ASP B 7 8.91 6.47 2.79
CA ASP B 7 9.64 5.39 2.18
C ASP B 7 10.75 4.90 3.09
N SER B 8 11.36 5.85 3.79
CA SER B 8 12.48 5.55 4.66
C SER B 8 12.07 4.67 5.82
N GLU B 9 10.80 4.78 6.20
CA GLU B 9 10.24 4.01 7.31
C GLU B 9 10.59 2.54 7.16
N LEU B 10 10.52 2.09 5.93
CA LEU B 10 10.84 0.73 5.56
C LEU B 10 12.34 0.52 5.63
N GLU B 11 13.02 1.41 4.92
CA GLU B 11 14.47 1.38 4.77
C GLU B 11 15.19 1.25 6.11
N GLN B 12 14.53 1.70 7.16
CA GLN B 12 15.10 1.72 8.50
C GLN B 12 15.58 0.33 8.90
N TYR B 13 14.80 -0.67 8.54
CA TYR B 13 15.11 -2.03 8.95
C TYR B 13 15.15 -3.00 7.77
N PHE B 14 14.60 -2.63 6.61
CA PHE B 14 14.63 -3.54 5.48
C PHE B 14 14.50 -2.81 4.15
N THR B 15 15.16 -3.37 3.14
CA THR B 15 15.08 -2.86 1.76
C THR B 15 15.77 -3.83 0.79
N ALA B 16 15.85 -3.44 -0.47
CA ALA B 16 16.47 -4.26 -1.50
C ALA B 16 17.73 -3.61 -2.02
N ARG B 17 18.14 -3.98 -3.22
CA ARG B 17 19.33 -3.42 -3.84
C ARG B 17 19.18 -1.92 -4.06
N TRP B 18 18.01 -1.51 -4.54
CA TRP B 18 17.69 -0.11 -4.83
C TRP B 18 18.79 0.59 -5.60
N GLY A 1 -17.28 14.32 -7.60
CA GLY A 1 -18.26 13.91 -6.57
C GLY A 1 -17.69 14.01 -5.17
N SER A 2 -18.54 14.34 -4.21
CA SER A 2 -18.11 14.42 -2.82
C SER A 2 -18.37 13.09 -2.11
N HIS A 3 -19.33 12.34 -2.62
CA HIS A 3 -19.71 11.07 -2.02
C HIS A 3 -19.55 9.95 -3.04
N MET A 4 -18.37 9.35 -3.05
CA MET A 4 -18.09 8.27 -3.98
C MET A 4 -18.66 6.95 -3.48
N GLY A 5 -19.98 6.83 -3.54
CA GLY A 5 -20.63 5.62 -3.11
C GLY A 5 -21.44 4.98 -4.21
N LYS A 6 -21.21 5.40 -5.44
CA LYS A 6 -21.87 4.82 -6.59
C LYS A 6 -21.14 3.56 -6.99
N LYS A 7 -19.83 3.69 -7.10
CA LYS A 7 -18.98 2.55 -7.36
C LYS A 7 -17.94 2.40 -6.27
N CYS A 8 -17.99 1.28 -5.58
CA CYS A 8 -17.10 1.01 -4.49
C CYS A 8 -16.02 0.04 -4.95
N TYR A 9 -14.76 0.40 -4.75
CA TYR A 9 -13.66 -0.43 -5.19
C TYR A 9 -13.07 -1.18 -4.00
N LYS A 10 -13.77 -1.13 -2.86
CA LYS A 10 -13.31 -1.73 -1.62
C LYS A 10 -12.89 -3.18 -1.81
N LEU A 11 -13.82 -4.00 -2.31
CA LEU A 11 -13.56 -5.42 -2.53
C LEU A 11 -12.30 -5.63 -3.38
N GLU A 12 -12.15 -4.79 -4.39
CA GLU A 12 -11.00 -4.85 -5.27
C GLU A 12 -9.70 -4.72 -4.51
N ASN A 13 -9.55 -3.65 -3.75
CA ASN A 13 -8.28 -3.37 -3.08
C ASN A 13 -8.04 -4.33 -1.92
N GLU A 14 -9.09 -4.95 -1.41
CA GLU A 14 -8.95 -5.94 -0.38
C GLU A 14 -8.20 -7.16 -0.92
N LYS A 15 -8.68 -7.68 -2.03
CA LYS A 15 -8.07 -8.85 -2.64
C LYS A 15 -6.77 -8.44 -3.33
N LEU A 16 -6.77 -7.22 -3.81
CA LEU A 16 -5.61 -6.64 -4.48
C LEU A 16 -4.42 -6.48 -3.54
N PHE A 17 -4.65 -5.82 -2.43
CA PHE A 17 -3.61 -5.57 -1.44
C PHE A 17 -2.88 -6.85 -1.07
N GLU A 18 -3.63 -7.93 -0.89
CA GLU A 18 -3.05 -9.21 -0.52
C GLU A 18 -2.32 -9.87 -1.70
N GLU A 19 -2.70 -9.53 -2.94
CA GLU A 19 -1.96 -10.05 -4.10
C GLU A 19 -0.50 -9.65 -3.96
N PHE A 20 -0.32 -8.40 -3.55
CA PHE A 20 0.98 -7.82 -3.31
C PHE A 20 1.65 -8.50 -2.11
N LEU A 21 0.88 -8.72 -1.06
CA LEU A 21 1.40 -9.29 0.18
C LEU A 21 1.85 -10.72 0.00
N GLU A 22 1.10 -11.47 -0.74
CA GLU A 22 1.42 -12.86 -0.98
C GLU A 22 2.67 -12.97 -1.84
N LEU A 23 2.86 -11.98 -2.69
CA LEU A 23 4.11 -11.79 -3.38
C LEU A 23 5.18 -11.36 -2.38
N CYS A 24 4.82 -10.42 -1.50
CA CYS A 24 5.75 -9.87 -0.53
C CYS A 24 6.29 -10.96 0.39
N LYS A 25 5.45 -11.93 0.75
CA LYS A 25 5.85 -13.06 1.57
C LYS A 25 7.03 -13.83 0.98
N MET A 26 7.17 -13.78 -0.34
CA MET A 26 8.20 -14.55 -1.02
C MET A 26 9.46 -13.72 -1.11
N GLN A 27 9.25 -12.43 -1.22
CA GLN A 27 10.31 -11.48 -1.44
C GLN A 27 10.94 -11.05 -0.11
N THR A 28 10.09 -10.54 0.76
CA THR A 28 10.52 -10.06 2.06
C THR A 28 10.57 -11.21 3.06
N ALA A 29 11.01 -12.35 2.58
CA ALA A 29 11.11 -13.54 3.40
C ALA A 29 12.24 -13.39 4.42
N ASP A 30 13.14 -12.47 4.13
CA ASP A 30 14.23 -12.12 5.06
C ASP A 30 13.86 -10.88 5.86
N HIS A 31 12.72 -10.29 5.51
CA HIS A 31 12.24 -9.06 6.12
C HIS A 31 10.73 -9.17 6.35
N PRO A 32 10.30 -10.09 7.23
CA PRO A 32 8.88 -10.45 7.38
C PRO A 32 8.05 -9.40 8.10
N GLU A 33 8.56 -8.18 8.22
CA GLU A 33 7.82 -7.10 8.86
C GLU A 33 6.98 -6.35 7.84
N VAL A 34 7.43 -6.38 6.58
CA VAL A 34 6.79 -5.66 5.49
C VAL A 34 5.31 -5.98 5.34
N VAL A 35 5.02 -7.27 5.17
CA VAL A 35 3.65 -7.74 4.96
C VAL A 35 2.74 -7.31 6.11
N PRO A 36 3.08 -7.65 7.38
CA PRO A 36 2.30 -7.17 8.55
C PRO A 36 2.22 -5.64 8.61
N PHE A 37 3.29 -4.98 8.17
CA PHE A 37 3.31 -3.52 8.11
C PHE A 37 2.22 -3.02 7.16
N LEU A 38 2.26 -3.52 5.93
CA LEU A 38 1.29 -3.15 4.93
C LEU A 38 -0.13 -3.38 5.43
N TYR A 39 -0.32 -4.53 6.08
CA TYR A 39 -1.60 -4.85 6.71
C TYR A 39 -1.99 -3.76 7.70
N ASN A 40 -1.05 -3.46 8.59
CA ASN A 40 -1.28 -2.56 9.72
C ASN A 40 -1.61 -1.15 9.26
N ARG A 41 -0.83 -0.67 8.30
CA ARG A 41 -1.01 0.68 7.79
C ARG A 41 -2.34 0.81 7.05
N GLN A 42 -2.72 -0.25 6.33
CA GLN A 42 -3.96 -0.22 5.54
C GLN A 42 -5.18 -0.13 6.45
N GLN A 43 -5.09 -0.77 7.60
CA GLN A 43 -6.20 -0.80 8.56
C GLN A 43 -6.36 0.57 9.21
N ARG A 44 -5.26 1.30 9.33
CA ARG A 44 -5.29 2.63 9.92
C ARG A 44 -5.64 3.67 8.87
N ALA A 45 -5.46 3.30 7.61
CA ALA A 45 -5.87 4.12 6.50
C ALA A 45 -7.40 4.20 6.46
N HIS A 46 -7.92 5.31 5.99
CA HIS A 46 -9.36 5.54 6.05
C HIS A 46 -10.07 4.83 4.92
N SER A 47 -11.09 4.07 5.29
CA SER A 47 -11.79 3.18 4.38
C SER A 47 -12.38 3.92 3.17
N LEU A 48 -12.59 5.22 3.27
CA LEU A 48 -13.20 5.98 2.19
C LEU A 48 -12.28 6.08 0.98
N PHE A 49 -11.03 6.49 1.21
CA PHE A 49 -10.05 6.54 0.13
C PHE A 49 -9.75 5.14 -0.38
N LEU A 50 -9.66 4.19 0.53
CA LEU A 50 -9.39 2.81 0.19
C LEU A 50 -10.49 2.28 -0.72
N ALA A 51 -11.75 2.49 -0.34
CA ALA A 51 -12.91 2.02 -1.12
C ALA A 51 -13.16 2.92 -2.33
N SER A 52 -12.09 3.31 -3.00
CA SER A 52 -12.15 4.24 -4.09
C SER A 52 -11.28 3.75 -5.24
N ALA A 53 -11.61 4.22 -6.44
CA ALA A 53 -10.90 3.81 -7.64
C ALA A 53 -9.45 4.23 -7.60
N GLU A 54 -9.19 5.30 -6.85
CA GLU A 54 -7.85 5.82 -6.72
C GLU A 54 -6.90 4.75 -6.18
N PHE A 55 -7.27 4.17 -5.05
CA PHE A 55 -6.43 3.17 -4.39
C PHE A 55 -6.32 1.92 -5.27
N CYS A 56 -7.40 1.60 -5.97
CA CYS A 56 -7.37 0.51 -6.95
C CYS A 56 -6.24 0.72 -7.97
N ASN A 57 -6.12 1.95 -8.48
CA ASN A 57 -5.01 2.33 -9.38
C ASN A 57 -3.69 2.05 -8.71
N ILE A 58 -3.54 2.58 -7.51
CA ILE A 58 -2.31 2.43 -6.75
C ILE A 58 -1.90 0.97 -6.65
N LEU A 59 -2.82 0.15 -6.17
CA LEU A 59 -2.55 -1.27 -5.97
C LEU A 59 -2.25 -1.99 -7.27
N SER A 60 -3.14 -1.84 -8.23
CA SER A 60 -2.99 -2.51 -9.52
C SER A 60 -1.63 -2.18 -10.12
N ARG A 61 -1.21 -0.93 -9.95
CA ARG A 61 0.05 -0.47 -10.48
C ARG A 61 1.24 -0.97 -9.66
N VAL A 62 1.29 -0.66 -8.37
CA VAL A 62 2.46 -1.00 -7.55
C VAL A 62 2.66 -2.51 -7.45
N LEU A 63 1.57 -3.25 -7.31
CA LEU A 63 1.64 -4.68 -7.19
C LEU A 63 2.19 -5.29 -8.49
N SER A 64 1.68 -4.82 -9.61
CA SER A 64 2.10 -5.32 -10.90
C SER A 64 3.54 -4.92 -11.19
N ARG A 65 3.92 -3.72 -10.73
CA ARG A 65 5.28 -3.26 -10.82
C ARG A 65 6.21 -4.17 -10.02
N ALA A 66 5.76 -4.58 -8.83
CA ALA A 66 6.55 -5.44 -7.96
C ALA A 66 6.63 -6.88 -8.50
N ARG A 67 5.57 -7.31 -9.17
CA ARG A 67 5.59 -8.58 -9.91
C ARG A 67 6.73 -8.56 -10.92
N SER A 68 6.85 -7.44 -11.61
CA SER A 68 7.83 -7.27 -12.67
C SER A 68 9.21 -7.00 -12.10
N ARG A 69 9.23 -6.08 -11.16
CA ARG A 69 10.46 -5.66 -10.50
C ARG A 69 10.45 -6.04 -9.02
N PRO A 70 10.76 -7.31 -8.71
CA PRO A 70 10.93 -7.76 -7.33
C PRO A 70 12.06 -6.99 -6.66
N ALA A 71 12.99 -6.54 -7.48
CA ALA A 71 14.15 -5.79 -7.02
C ALA A 71 13.75 -4.47 -6.37
N LYS A 72 12.61 -3.93 -6.77
CA LYS A 72 12.16 -2.65 -6.25
C LYS A 72 10.78 -2.77 -5.62
N LEU A 73 10.41 -4.00 -5.28
CA LEU A 73 9.19 -4.29 -4.56
C LEU A 73 8.98 -3.34 -3.38
N TYR A 74 10.07 -3.04 -2.67
CA TYR A 74 10.00 -2.20 -1.49
C TYR A 74 9.53 -0.82 -1.82
N VAL A 75 10.02 -0.23 -2.90
CA VAL A 75 9.53 1.07 -3.33
C VAL A 75 8.01 1.06 -3.45
N TYR A 76 7.48 -0.01 -4.01
CA TYR A 76 6.04 -0.16 -4.20
C TYR A 76 5.35 -0.43 -2.87
N ILE A 77 6.06 -1.13 -1.98
CA ILE A 77 5.65 -1.29 -0.59
C ILE A 77 5.57 0.08 0.09
N ASN A 78 6.66 0.83 -0.04
CA ASN A 78 6.80 2.15 0.53
C ASN A 78 5.71 3.07 0.01
N GLU A 79 5.52 3.06 -1.31
CA GLU A 79 4.45 3.83 -1.93
C GLU A 79 3.14 3.49 -1.27
N LEU A 80 2.78 2.22 -1.35
CA LEU A 80 1.55 1.72 -0.78
C LEU A 80 1.36 2.19 0.67
N CYS A 81 2.41 2.10 1.47
CA CYS A 81 2.39 2.58 2.86
C CYS A 81 2.06 4.07 2.93
N THR A 82 2.80 4.88 2.18
CA THR A 82 2.61 6.32 2.21
C THR A 82 1.27 6.68 1.60
N VAL A 83 0.93 5.97 0.53
CA VAL A 83 -0.30 6.14 -0.22
C VAL A 83 -1.49 6.09 0.71
N LEU A 84 -1.43 5.22 1.68
CA LEU A 84 -2.50 5.05 2.62
C LEU A 84 -2.73 6.33 3.42
N LYS A 85 -1.69 6.87 4.04
CA LYS A 85 -1.87 8.07 4.86
C LYS A 85 -1.91 9.34 4.01
N ALA A 86 -1.22 9.29 2.87
CA ALA A 86 -1.15 10.45 1.99
C ALA A 86 -2.51 10.81 1.41
N HIS A 87 -3.41 9.85 1.29
CA HIS A 87 -4.68 10.12 0.67
C HIS A 87 -5.87 9.69 1.53
N SER A 88 -5.60 9.06 2.68
CA SER A 88 -6.67 8.68 3.58
C SER A 88 -6.28 8.95 5.02
N ALA A 89 -7.26 8.85 5.89
CA ALA A 89 -7.11 8.98 7.34
C ALA A 89 -6.41 10.28 7.73
N LYS A 90 -6.91 11.37 7.18
CA LYS A 90 -6.44 12.69 7.55
C LYS A 90 -7.48 13.35 8.42
N LYS A 91 -8.63 12.71 8.45
CA LYS A 91 -9.76 13.14 9.23
C LYS A 91 -9.87 12.28 10.48
N LYS A 92 -9.45 12.83 11.61
CA LYS A 92 -9.40 12.06 12.86
C LYS A 92 -10.73 12.16 13.60
N LEU A 93 -11.74 12.68 12.93
CA LEU A 93 -13.06 12.80 13.51
C LEU A 93 -13.76 11.45 13.51
N ASN A 94 -13.72 10.78 12.37
CA ASN A 94 -14.35 9.49 12.20
C ASN A 94 -13.87 8.85 10.90
N GLY B 1 7.89 11.30 17.54
CA GLY B 1 6.49 11.47 18.02
C GLY B 1 5.49 10.93 17.02
N SER B 2 4.53 11.76 16.62
CA SER B 2 3.55 11.36 15.64
C SER B 2 4.15 11.53 14.24
N GLN B 3 5.15 10.70 13.96
CA GLN B 3 5.92 10.82 12.73
C GLN B 3 5.10 10.33 11.54
N GLU B 4 4.83 9.03 11.53
CA GLU B 4 4.23 8.37 10.39
C GLU B 4 4.97 8.74 9.11
N ASP B 5 6.11 8.11 8.96
CA ASP B 5 7.02 8.44 7.87
C ASP B 5 6.51 7.92 6.55
N SER B 6 7.20 8.25 5.48
CA SER B 6 6.76 7.86 4.15
C SER B 6 7.40 6.52 3.75
N ASP B 7 8.14 6.54 2.66
CA ASP B 7 8.88 5.37 2.20
C ASP B 7 9.97 5.01 3.20
N SER B 8 10.49 6.02 3.86
CA SER B 8 11.58 5.85 4.81
C SER B 8 11.17 4.97 5.99
N GLU B 9 9.88 4.95 6.28
CA GLU B 9 9.33 4.17 7.39
C GLU B 9 9.71 2.70 7.24
N LEU B 10 9.78 2.26 6.00
CA LEU B 10 10.18 0.90 5.66
C LEU B 10 11.69 0.78 5.78
N GLU B 11 12.35 1.71 5.10
CA GLU B 11 13.81 1.74 4.94
C GLU B 11 14.53 1.62 6.28
N GLN B 12 13.84 2.00 7.33
CA GLN B 12 14.39 1.98 8.69
C GLN B 12 15.03 0.64 9.00
N TYR B 13 14.31 -0.42 8.71
CA TYR B 13 14.77 -1.77 9.06
C TYR B 13 14.96 -2.64 7.83
N PHE B 14 14.28 -2.33 6.74
CA PHE B 14 14.37 -3.18 5.56
C PHE B 14 14.21 -2.40 4.27
N THR B 15 14.79 -2.95 3.21
CA THR B 15 14.63 -2.46 1.84
C THR B 15 15.45 -3.32 0.89
N ALA B 16 15.68 -2.84 -0.32
CA ALA B 16 16.43 -3.62 -1.31
C ALA B 16 17.60 -2.82 -1.84
N ARG B 17 18.18 -3.30 -2.94
CA ARG B 17 19.28 -2.61 -3.61
C ARG B 17 18.95 -1.15 -3.91
N TRP B 18 17.76 -0.93 -4.48
CA TRP B 18 17.31 0.40 -4.87
C TRP B 18 18.37 1.14 -5.68
N GLY A 1 -13.20 9.85 -13.76
CA GLY A 1 -12.69 10.63 -12.60
C GLY A 1 -13.73 11.59 -12.05
N SER A 2 -13.60 12.86 -12.40
CA SER A 2 -14.55 13.88 -11.96
C SER A 2 -15.86 13.78 -12.76
N HIS A 3 -16.46 12.61 -12.72
CA HIS A 3 -17.70 12.33 -13.44
C HIS A 3 -18.64 11.53 -12.57
N MET A 4 -18.07 10.77 -11.64
CA MET A 4 -18.85 9.97 -10.71
C MET A 4 -18.14 9.93 -9.37
N GLY A 5 -18.91 10.08 -8.29
CA GLY A 5 -18.34 10.09 -6.96
C GLY A 5 -18.66 8.84 -6.17
N LYS A 6 -19.48 7.99 -6.76
CA LYS A 6 -19.92 6.77 -6.08
C LYS A 6 -19.21 5.53 -6.61
N LYS A 7 -18.02 5.72 -7.16
CA LYS A 7 -17.19 4.60 -7.58
C LYS A 7 -16.82 3.74 -6.38
N CYS A 8 -16.93 2.44 -6.55
CA CYS A 8 -16.66 1.51 -5.47
C CYS A 8 -15.77 0.37 -5.96
N TYR A 9 -14.52 0.39 -5.51
CA TYR A 9 -13.55 -0.63 -5.88
C TYR A 9 -13.06 -1.35 -4.64
N LYS A 10 -13.84 -1.23 -3.56
CA LYS A 10 -13.44 -1.72 -2.23
C LYS A 10 -13.01 -3.19 -2.29
N LEU A 11 -13.94 -4.07 -2.67
CA LEU A 11 -13.66 -5.51 -2.74
C LEU A 11 -12.37 -5.78 -3.51
N GLU A 12 -12.21 -5.07 -4.62
CA GLU A 12 -11.05 -5.19 -5.47
C GLU A 12 -9.76 -4.90 -4.72
N ASN A 13 -9.67 -3.75 -4.08
CA ASN A 13 -8.42 -3.34 -3.44
C ASN A 13 -8.17 -4.11 -2.15
N GLU A 14 -9.23 -4.62 -1.53
CA GLU A 14 -9.08 -5.42 -0.34
C GLU A 14 -8.39 -6.75 -0.68
N LYS A 15 -8.80 -7.37 -1.78
CA LYS A 15 -8.15 -8.57 -2.27
C LYS A 15 -6.81 -8.22 -2.92
N LEU A 16 -6.80 -7.09 -3.58
CA LEU A 16 -5.64 -6.59 -4.29
C LEU A 16 -4.44 -6.39 -3.38
N PHE A 17 -4.68 -5.75 -2.25
CA PHE A 17 -3.65 -5.55 -1.25
C PHE A 17 -3.01 -6.89 -0.86
N GLU A 18 -3.84 -7.91 -0.72
CA GLU A 18 -3.39 -9.28 -0.45
C GLU A 18 -2.44 -9.72 -1.54
N GLU A 19 -2.86 -9.49 -2.78
CA GLU A 19 -2.09 -9.93 -3.95
C GLU A 19 -0.65 -9.43 -3.88
N PHE A 20 -0.48 -8.23 -3.34
CA PHE A 20 0.83 -7.65 -3.13
C PHE A 20 1.52 -8.32 -1.94
N LEU A 21 0.79 -8.45 -0.85
CA LEU A 21 1.33 -8.99 0.39
C LEU A 21 1.74 -10.43 0.27
N GLU A 22 0.90 -11.21 -0.38
CA GLU A 22 1.16 -12.61 -0.59
C GLU A 22 2.40 -12.78 -1.46
N LEU A 23 2.60 -11.81 -2.34
CA LEU A 23 3.83 -11.70 -3.09
C LEU A 23 4.96 -11.29 -2.17
N CYS A 24 4.70 -10.30 -1.31
CA CYS A 24 5.70 -9.79 -0.39
C CYS A 24 6.22 -10.89 0.53
N LYS A 25 5.34 -11.81 0.92
CA LYS A 25 5.72 -12.97 1.73
C LYS A 25 6.85 -13.78 1.07
N MET A 26 6.92 -13.72 -0.25
CA MET A 26 7.87 -14.52 -0.99
C MET A 26 9.14 -13.72 -1.18
N GLN A 27 8.96 -12.43 -1.36
CA GLN A 27 10.04 -11.53 -1.68
C GLN A 27 10.79 -11.15 -0.41
N THR A 28 10.07 -10.55 0.53
CA THR A 28 10.65 -10.14 1.78
C THR A 28 10.58 -11.29 2.79
N ALA A 29 11.03 -12.44 2.34
CA ALA A 29 11.03 -13.63 3.15
C ALA A 29 12.10 -13.54 4.23
N ASP A 30 13.10 -12.73 3.97
CA ASP A 30 14.17 -12.47 4.94
C ASP A 30 13.73 -11.40 5.93
N HIS A 31 12.77 -10.59 5.51
CA HIS A 31 12.20 -9.54 6.36
C HIS A 31 10.68 -9.57 6.30
N PRO A 32 10.04 -10.54 6.97
CA PRO A 32 8.58 -10.67 7.01
C PRO A 32 7.92 -9.57 7.86
N GLU A 33 8.59 -8.44 7.95
CA GLU A 33 8.10 -7.29 8.70
C GLU A 33 7.23 -6.41 7.81
N VAL A 34 7.58 -6.41 6.52
CA VAL A 34 6.91 -5.59 5.52
C VAL A 34 5.41 -5.85 5.45
N VAL A 35 5.05 -7.11 5.25
CA VAL A 35 3.67 -7.54 5.10
C VAL A 35 2.78 -7.08 6.26
N PRO A 36 3.13 -7.41 7.53
CA PRO A 36 2.39 -6.92 8.70
C PRO A 36 2.34 -5.40 8.76
N PHE A 37 3.41 -4.76 8.31
CA PHE A 37 3.46 -3.31 8.26
C PHE A 37 2.39 -2.78 7.30
N LEU A 38 2.41 -3.28 6.06
CA LEU A 38 1.42 -2.88 5.07
C LEU A 38 0.01 -3.16 5.56
N TYR A 39 -0.16 -4.32 6.19
CA TYR A 39 -1.44 -4.69 6.77
C TYR A 39 -1.89 -3.63 7.78
N ASN A 40 -0.98 -3.32 8.69
CA ASN A 40 -1.24 -2.39 9.78
C ASN A 40 -1.68 -1.04 9.24
N ARG A 41 -0.95 -0.54 8.26
CA ARG A 41 -1.22 0.78 7.70
C ARG A 41 -2.55 0.80 6.96
N GLN A 42 -2.91 -0.29 6.29
CA GLN A 42 -4.18 -0.33 5.57
C GLN A 42 -5.35 -0.31 6.55
N GLN A 43 -5.16 -0.94 7.69
CA GLN A 43 -6.20 -0.98 8.72
C GLN A 43 -6.34 0.39 9.36
N ARG A 44 -5.25 1.15 9.34
CA ARG A 44 -5.23 2.48 9.90
C ARG A 44 -5.48 3.52 8.83
N ALA A 45 -5.78 3.05 7.63
CA ALA A 45 -6.15 3.90 6.53
C ALA A 45 -7.67 3.95 6.45
N HIS A 46 -8.21 5.03 5.89
CA HIS A 46 -9.64 5.24 5.90
C HIS A 46 -10.27 4.57 4.68
N SER A 47 -11.25 3.72 4.94
CA SER A 47 -11.87 2.87 3.92
C SER A 47 -12.47 3.69 2.78
N LEU A 48 -12.77 4.96 3.00
CA LEU A 48 -13.40 5.77 1.97
C LEU A 48 -12.47 5.98 0.78
N PHE A 49 -11.23 6.35 1.06
CA PHE A 49 -10.23 6.45 0.00
C PHE A 49 -9.94 5.07 -0.57
N LEU A 50 -9.75 4.11 0.31
CA LEU A 50 -9.44 2.74 -0.11
C LEU A 50 -10.50 2.25 -1.10
N ALA A 51 -11.77 2.45 -0.75
CA ALA A 51 -12.89 1.97 -1.54
C ALA A 51 -13.19 2.86 -2.75
N SER A 52 -12.16 3.20 -3.51
CA SER A 52 -12.34 4.06 -4.67
C SER A 52 -11.47 3.57 -5.82
N ALA A 53 -11.62 4.21 -6.98
CA ALA A 53 -10.83 3.83 -8.14
C ALA A 53 -9.39 4.24 -7.94
N GLU A 54 -9.19 5.28 -7.15
CA GLU A 54 -7.86 5.83 -6.95
C GLU A 54 -6.94 4.78 -6.35
N PHE A 55 -7.32 4.23 -5.21
CA PHE A 55 -6.50 3.23 -4.54
C PHE A 55 -6.38 1.96 -5.38
N CYS A 56 -7.44 1.62 -6.10
CA CYS A 56 -7.40 0.51 -7.04
C CYS A 56 -6.24 0.68 -8.03
N ASN A 57 -6.09 1.88 -8.59
CA ASN A 57 -4.97 2.19 -9.48
C ASN A 57 -3.65 1.99 -8.78
N ILE A 58 -3.53 2.56 -7.59
CA ILE A 58 -2.33 2.45 -6.80
C ILE A 58 -1.90 0.98 -6.64
N LEU A 59 -2.82 0.16 -6.19
CA LEU A 59 -2.55 -1.25 -5.96
C LEU A 59 -2.23 -1.99 -7.24
N SER A 60 -3.12 -1.87 -8.23
CA SER A 60 -2.96 -2.56 -9.50
C SER A 60 -1.64 -2.19 -10.14
N ARG A 61 -1.23 -0.95 -9.93
CA ARG A 61 0.04 -0.47 -10.44
C ARG A 61 1.22 -0.99 -9.60
N VAL A 62 1.25 -0.68 -8.30
CA VAL A 62 2.43 -0.99 -7.49
C VAL A 62 2.62 -2.50 -7.33
N LEU A 63 1.53 -3.25 -7.18
CA LEU A 63 1.61 -4.68 -7.04
C LEU A 63 2.22 -5.30 -8.29
N SER A 64 1.74 -4.89 -9.44
CA SER A 64 2.23 -5.43 -10.71
C SER A 64 3.65 -4.98 -10.97
N ARG A 65 3.97 -3.74 -10.59
CA ARG A 65 5.33 -3.23 -10.67
C ARG A 65 6.27 -4.06 -9.82
N ALA A 66 5.86 -4.34 -8.59
CA ALA A 66 6.68 -5.12 -7.66
C ALA A 66 6.75 -6.59 -8.05
N ARG A 67 5.68 -7.09 -8.65
CA ARG A 67 5.66 -8.44 -9.18
C ARG A 67 6.62 -8.54 -10.36
N SER A 68 6.68 -7.47 -11.15
CA SER A 68 7.60 -7.39 -12.28
C SER A 68 9.01 -7.18 -11.79
N ARG A 69 9.16 -6.17 -10.96
CA ARG A 69 10.44 -5.77 -10.39
C ARG A 69 10.45 -5.89 -8.88
N PRO A 70 10.69 -7.11 -8.37
CA PRO A 70 10.89 -7.35 -6.93
C PRO A 70 12.07 -6.56 -6.42
N ALA A 71 12.95 -6.25 -7.35
CA ALA A 71 14.14 -5.45 -7.09
C ALA A 71 13.78 -4.10 -6.46
N LYS A 72 12.62 -3.57 -6.82
CA LYS A 72 12.16 -2.31 -6.26
C LYS A 72 10.83 -2.48 -5.55
N LEU A 73 10.53 -3.72 -5.17
CA LEU A 73 9.33 -4.06 -4.41
C LEU A 73 9.14 -3.12 -3.23
N TYR A 74 10.24 -2.80 -2.55
CA TYR A 74 10.17 -1.98 -1.35
C TYR A 74 9.64 -0.60 -1.67
N VAL A 75 10.09 -0.01 -2.77
CA VAL A 75 9.57 1.29 -3.19
C VAL A 75 8.06 1.26 -3.31
N TYR A 76 7.53 0.18 -3.86
CA TYR A 76 6.10 0.03 -4.05
C TYR A 76 5.42 -0.25 -2.71
N ILE A 77 6.16 -0.92 -1.83
CA ILE A 77 5.77 -1.08 -0.43
C ILE A 77 5.68 0.30 0.24
N ASN A 78 6.75 1.07 0.09
CA ASN A 78 6.85 2.43 0.58
C ASN A 78 5.69 3.27 0.07
N GLU A 79 5.48 3.21 -1.24
CA GLU A 79 4.39 3.94 -1.87
C GLU A 79 3.07 3.55 -1.25
N LEU A 80 2.75 2.28 -1.37
CA LEU A 80 1.47 1.74 -0.90
C LEU A 80 1.18 2.14 0.55
N CYS A 81 2.20 2.09 1.40
CA CYS A 81 2.03 2.46 2.81
C CYS A 81 1.77 3.95 2.95
N THR A 82 2.54 4.77 2.25
CA THR A 82 2.39 6.22 2.32
C THR A 82 1.11 6.64 1.63
N VAL A 83 0.81 5.93 0.55
CA VAL A 83 -0.41 6.12 -0.23
C VAL A 83 -1.64 6.08 0.66
N LEU A 84 -1.62 5.15 1.60
CA LEU A 84 -2.71 4.98 2.53
C LEU A 84 -2.97 6.26 3.31
N LYS A 85 -1.94 6.80 3.95
CA LYS A 85 -2.12 7.97 4.80
C LYS A 85 -2.19 9.25 3.99
N ALA A 86 -1.52 9.26 2.85
CA ALA A 86 -1.52 10.42 1.98
C ALA A 86 -2.93 10.76 1.51
N HIS A 87 -3.76 9.75 1.28
CA HIS A 87 -5.07 9.98 0.70
C HIS A 87 -6.21 9.60 1.65
N SER A 88 -5.92 8.79 2.64
CA SER A 88 -6.96 8.39 3.59
C SER A 88 -6.50 8.67 5.02
N ALA A 89 -7.45 8.53 5.93
CA ALA A 89 -7.27 8.76 7.36
C ALA A 89 -6.41 9.99 7.64
N LYS A 90 -7.05 11.15 7.58
CA LYS A 90 -6.36 12.43 7.75
C LYS A 90 -6.87 13.11 9.00
N LYS A 91 -8.09 12.74 9.35
CA LYS A 91 -8.78 13.28 10.50
C LYS A 91 -8.07 12.87 11.79
N LYS A 92 -7.50 13.86 12.47
CA LYS A 92 -6.71 13.62 13.66
C LYS A 92 -7.58 13.29 14.86
N LEU A 93 -7.44 12.08 15.38
CA LEU A 93 -8.13 11.68 16.59
C LEU A 93 -7.57 12.45 17.79
N ASN A 94 -6.28 12.73 17.72
CA ASN A 94 -5.60 13.50 18.75
C ASN A 94 -4.40 14.23 18.13
N GLY B 1 9.64 17.96 10.74
CA GLY B 1 9.86 17.38 9.40
C GLY B 1 9.79 15.87 9.44
N SER B 2 8.81 15.31 8.75
CA SER B 2 8.58 13.86 8.76
C SER B 2 8.31 13.38 10.18
N GLN B 3 7.12 13.72 10.68
CA GLN B 3 6.69 13.28 12.00
C GLN B 3 6.49 11.77 11.99
N GLU B 4 6.32 11.25 10.78
CA GLU B 4 6.26 9.83 10.54
C GLU B 4 6.98 9.55 9.23
N ASP B 5 7.80 8.52 9.23
CA ASP B 5 8.54 8.13 8.05
C ASP B 5 7.60 7.49 7.04
N SER B 6 7.71 7.92 5.79
CA SER B 6 6.87 7.40 4.75
C SER B 6 7.54 6.21 4.08
N ASP B 7 8.51 6.51 3.25
CA ASP B 7 9.27 5.49 2.55
C ASP B 7 10.41 5.01 3.43
N SER B 8 11.04 5.96 4.10
CA SER B 8 12.22 5.70 4.92
C SER B 8 11.92 4.73 6.05
N GLU B 9 10.67 4.72 6.48
CA GLU B 9 10.22 3.84 7.56
C GLU B 9 10.57 2.40 7.28
N LEU B 10 10.44 2.01 6.03
CA LEU B 10 10.76 0.68 5.60
C LEU B 10 12.26 0.50 5.58
N GLU B 11 12.89 1.46 4.93
CA GLU B 11 14.34 1.48 4.70
C GLU B 11 15.13 1.30 5.98
N GLN B 12 14.51 1.61 7.09
CA GLN B 12 15.13 1.52 8.40
C GLN B 12 15.73 0.15 8.63
N TYR B 13 14.94 -0.87 8.35
CA TYR B 13 15.33 -2.24 8.64
C TYR B 13 15.41 -3.07 7.37
N PHE B 14 14.68 -2.70 6.32
CA PHE B 14 14.69 -3.49 5.10
C PHE B 14 14.53 -2.63 3.86
N THR B 15 15.34 -2.95 2.85
CA THR B 15 15.25 -2.34 1.53
C THR B 15 16.11 -3.11 0.53
N ALA B 16 16.02 -2.73 -0.73
CA ALA B 16 16.73 -3.46 -1.79
C ALA B 16 17.76 -2.59 -2.46
N ARG B 17 18.29 -3.08 -3.57
CA ARG B 17 19.27 -2.36 -4.37
C ARG B 17 18.79 -0.95 -4.71
N TRP B 18 17.55 -0.84 -5.17
CA TRP B 18 16.93 0.44 -5.49
C TRP B 18 17.72 1.20 -6.55
N GLY A 1 -26.17 0.43 -2.23
CA GLY A 1 -25.51 1.51 -2.99
C GLY A 1 -26.50 2.58 -3.42
N SER A 2 -26.95 3.36 -2.45
CA SER A 2 -27.97 4.38 -2.69
C SER A 2 -27.36 5.65 -3.25
N HIS A 3 -26.13 5.96 -2.85
CA HIS A 3 -25.48 7.18 -3.27
C HIS A 3 -24.03 6.93 -3.70
N MET A 4 -23.80 5.79 -4.34
CA MET A 4 -22.45 5.43 -4.80
C MET A 4 -22.53 4.40 -5.93
N GLY A 5 -23.72 4.21 -6.47
CA GLY A 5 -23.89 3.21 -7.52
C GLY A 5 -23.62 1.81 -7.02
N LYS A 6 -22.95 1.01 -7.84
CA LYS A 6 -22.68 -0.37 -7.48
C LYS A 6 -21.19 -0.64 -7.37
N LYS A 7 -20.37 0.31 -7.82
CA LYS A 7 -18.93 0.06 -7.89
C LYS A 7 -18.22 0.30 -6.56
N CYS A 8 -18.40 -0.67 -5.68
CA CYS A 8 -17.67 -0.70 -4.44
C CYS A 8 -16.25 -1.20 -4.71
N TYR A 9 -15.32 -0.27 -4.75
CA TYR A 9 -13.93 -0.58 -4.97
C TYR A 9 -13.31 -1.28 -3.78
N LYS A 10 -14.05 -1.38 -2.69
CA LYS A 10 -13.54 -1.96 -1.45
C LYS A 10 -12.90 -3.32 -1.71
N LEU A 11 -13.71 -4.28 -2.15
CA LEU A 11 -13.24 -5.65 -2.38
C LEU A 11 -12.08 -5.68 -3.35
N GLU A 12 -12.12 -4.77 -4.32
CA GLU A 12 -11.08 -4.64 -5.31
C GLU A 12 -9.72 -4.49 -4.65
N ASN A 13 -9.59 -3.54 -3.75
CA ASN A 13 -8.30 -3.30 -3.10
C ASN A 13 -8.09 -4.27 -1.95
N GLU A 14 -9.16 -4.86 -1.46
CA GLU A 14 -9.06 -5.88 -0.43
C GLU A 14 -8.34 -7.10 -0.96
N LYS A 15 -8.75 -7.57 -2.12
CA LYS A 15 -8.09 -8.69 -2.77
C LYS A 15 -6.77 -8.26 -3.37
N LEU A 16 -6.80 -7.07 -3.90
CA LEU A 16 -5.63 -6.48 -4.52
C LEU A 16 -4.46 -6.34 -3.55
N PHE A 17 -4.70 -5.66 -2.43
CA PHE A 17 -3.66 -5.43 -1.43
C PHE A 17 -3.01 -6.73 -1.01
N GLU A 18 -3.81 -7.77 -0.80
CA GLU A 18 -3.27 -9.03 -0.33
C GLU A 18 -2.44 -9.72 -1.41
N GLU A 19 -2.71 -9.45 -2.69
CA GLU A 19 -1.91 -10.07 -3.75
C GLU A 19 -0.47 -9.61 -3.63
N PHE A 20 -0.31 -8.32 -3.36
CA PHE A 20 0.99 -7.73 -3.12
C PHE A 20 1.65 -8.39 -1.91
N LEU A 21 0.86 -8.59 -0.87
CA LEU A 21 1.36 -9.14 0.38
C LEU A 21 1.75 -10.59 0.27
N GLU A 22 0.93 -11.34 -0.43
CA GLU A 22 1.20 -12.74 -0.66
C GLU A 22 2.45 -12.90 -1.50
N LEU A 23 2.67 -11.93 -2.36
CA LEU A 23 3.92 -11.82 -3.08
C LEU A 23 5.04 -11.40 -2.12
N CYS A 24 4.75 -10.40 -1.29
CA CYS A 24 5.71 -9.89 -0.33
C CYS A 24 6.16 -10.99 0.62
N LYS A 25 5.25 -11.89 0.98
CA LYS A 25 5.56 -13.05 1.78
C LYS A 25 6.70 -13.88 1.18
N MET A 26 6.82 -13.83 -0.15
CA MET A 26 7.82 -14.62 -0.85
C MET A 26 9.07 -13.79 -1.07
N GLN A 27 8.84 -12.52 -1.35
CA GLN A 27 9.91 -11.61 -1.70
C GLN A 27 10.67 -11.17 -0.47
N THR A 28 9.97 -10.55 0.46
CA THR A 28 10.56 -10.08 1.70
C THR A 28 10.56 -11.21 2.72
N ALA A 29 10.95 -12.38 2.27
CA ALA A 29 11.11 -13.52 3.15
C ALA A 29 12.28 -13.29 4.07
N ASP A 30 13.18 -12.43 3.59
CA ASP A 30 14.33 -11.97 4.36
C ASP A 30 13.89 -11.05 5.51
N HIS A 31 12.74 -10.40 5.32
CA HIS A 31 12.18 -9.51 6.34
C HIS A 31 10.65 -9.56 6.30
N PRO A 32 10.06 -10.56 6.95
CA PRO A 32 8.59 -10.73 6.99
C PRO A 32 7.90 -9.67 7.85
N GLU A 33 8.53 -8.51 7.99
CA GLU A 33 7.98 -7.39 8.73
C GLU A 33 7.16 -6.49 7.81
N VAL A 34 7.55 -6.48 6.53
CA VAL A 34 6.90 -5.65 5.51
C VAL A 34 5.40 -5.91 5.42
N VAL A 35 5.05 -7.16 5.20
CA VAL A 35 3.66 -7.59 5.07
C VAL A 35 2.78 -7.13 6.24
N PRO A 36 3.14 -7.47 7.50
CA PRO A 36 2.41 -6.99 8.68
C PRO A 36 2.33 -5.48 8.74
N PHE A 37 3.38 -4.81 8.27
CA PHE A 37 3.40 -3.36 8.22
C PHE A 37 2.34 -2.85 7.25
N LEU A 38 2.38 -3.34 6.02
CA LEU A 38 1.40 -2.95 5.00
C LEU A 38 -0.01 -3.27 5.46
N TYR A 39 -0.17 -4.41 6.11
CA TYR A 39 -1.47 -4.81 6.64
C TYR A 39 -1.98 -3.77 7.62
N ASN A 40 -1.10 -3.42 8.56
CA ASN A 40 -1.44 -2.50 9.63
C ASN A 40 -1.79 -1.13 9.08
N ARG A 41 -0.96 -0.65 8.17
CA ARG A 41 -1.13 0.67 7.60
C ARG A 41 -2.44 0.75 6.82
N GLN A 42 -2.82 -0.34 6.16
CA GLN A 42 -4.08 -0.39 5.42
C GLN A 42 -5.26 -0.25 6.38
N GLN A 43 -5.09 -0.82 7.56
CA GLN A 43 -6.13 -0.79 8.58
C GLN A 43 -6.26 0.61 9.18
N ARG A 44 -5.17 1.35 9.12
CA ARG A 44 -5.14 2.70 9.67
C ARG A 44 -5.56 3.71 8.61
N ALA A 45 -5.83 3.22 7.42
CA ALA A 45 -6.27 4.06 6.32
C ALA A 45 -7.79 4.11 6.28
N HIS A 46 -8.33 5.31 6.11
CA HIS A 46 -9.77 5.51 6.09
C HIS A 46 -10.40 4.80 4.89
N SER A 47 -11.54 4.18 5.13
CA SER A 47 -12.18 3.30 4.15
C SER A 47 -12.67 4.03 2.90
N LEU A 48 -12.79 5.35 2.96
CA LEU A 48 -13.32 6.09 1.83
C LEU A 48 -12.35 6.10 0.65
N PHE A 49 -11.09 6.44 0.91
CA PHE A 49 -10.08 6.41 -0.13
C PHE A 49 -9.88 5.00 -0.62
N LEU A 50 -9.86 4.05 0.31
CA LEU A 50 -9.72 2.65 -0.05
C LEU A 50 -10.84 2.26 -1.02
N ALA A 51 -12.09 2.56 -0.68
CA ALA A 51 -13.22 2.24 -1.55
C ALA A 51 -13.35 3.24 -2.69
N SER A 52 -12.21 3.61 -3.27
CA SER A 52 -12.17 4.49 -4.42
C SER A 52 -11.24 3.88 -5.47
N ALA A 53 -11.66 3.98 -6.74
CA ALA A 53 -10.90 3.44 -7.87
C ALA A 53 -9.47 3.94 -7.89
N GLU A 54 -9.27 5.10 -7.29
CA GLU A 54 -7.95 5.68 -7.20
C GLU A 54 -6.98 4.71 -6.55
N PHE A 55 -7.34 4.23 -5.36
CA PHE A 55 -6.49 3.31 -4.63
C PHE A 55 -6.36 1.98 -5.39
N CYS A 56 -7.45 1.57 -6.04
CA CYS A 56 -7.42 0.42 -6.93
C CYS A 56 -6.29 0.55 -7.96
N ASN A 57 -6.18 1.75 -8.57
CA ASN A 57 -5.09 2.06 -9.51
C ASN A 57 -3.75 1.88 -8.84
N ILE A 58 -3.61 2.50 -7.68
CA ILE A 58 -2.36 2.45 -6.91
C ILE A 58 -1.90 1.01 -6.73
N LEU A 59 -2.80 0.18 -6.21
CA LEU A 59 -2.51 -1.22 -5.96
C LEU A 59 -2.19 -1.98 -7.23
N SER A 60 -3.09 -1.90 -8.20
CA SER A 60 -2.93 -2.62 -9.46
C SER A 60 -1.63 -2.19 -10.14
N ARG A 61 -1.24 -0.93 -9.92
CA ARG A 61 0.02 -0.43 -10.43
C ARG A 61 1.21 -0.97 -9.63
N VAL A 62 1.24 -0.71 -8.33
CA VAL A 62 2.44 -1.02 -7.53
C VAL A 62 2.61 -2.52 -7.33
N LEU A 63 1.53 -3.27 -7.15
CA LEU A 63 1.61 -4.69 -6.94
C LEU A 63 2.23 -5.38 -8.15
N SER A 64 1.75 -5.03 -9.34
CA SER A 64 2.26 -5.62 -10.57
C SER A 64 3.69 -5.13 -10.83
N ARG A 65 3.95 -3.87 -10.47
CA ARG A 65 5.30 -3.33 -10.57
C ARG A 65 6.27 -4.11 -9.70
N ALA A 66 5.86 -4.41 -8.47
CA ALA A 66 6.71 -5.14 -7.53
C ALA A 66 6.83 -6.61 -7.91
N ARG A 67 5.81 -7.10 -8.58
CA ARG A 67 5.81 -8.46 -9.09
C ARG A 67 6.76 -8.55 -10.27
N SER A 68 6.84 -7.46 -11.01
CA SER A 68 7.73 -7.34 -12.16
C SER A 68 9.16 -7.07 -11.69
N ARG A 69 9.26 -6.09 -10.82
CA ARG A 69 10.52 -5.63 -10.28
C ARG A 69 10.58 -5.86 -8.77
N PRO A 70 10.93 -7.08 -8.34
CA PRO A 70 11.13 -7.42 -6.92
C PRO A 70 12.22 -6.57 -6.28
N ALA A 71 13.13 -6.10 -7.11
CA ALA A 71 14.23 -5.26 -6.65
C ALA A 71 13.74 -3.87 -6.24
N LYS A 72 12.59 -3.46 -6.76
CA LYS A 72 12.00 -2.20 -6.40
C LYS A 72 10.74 -2.41 -5.56
N LEU A 73 10.50 -3.67 -5.19
CA LEU A 73 9.34 -4.04 -4.38
C LEU A 73 9.18 -3.12 -3.17
N TYR A 74 10.28 -2.82 -2.50
CA TYR A 74 10.25 -2.02 -1.30
C TYR A 74 9.72 -0.62 -1.59
N VAL A 75 10.13 -0.04 -2.70
CA VAL A 75 9.60 1.25 -3.11
C VAL A 75 8.09 1.22 -3.24
N TYR A 76 7.57 0.15 -3.84
CA TYR A 76 6.14 0.00 -4.02
C TYR A 76 5.47 -0.29 -2.70
N ILE A 77 6.21 -0.92 -1.81
CA ILE A 77 5.82 -1.06 -0.42
C ILE A 77 5.69 0.32 0.23
N ASN A 78 6.72 1.14 0.03
CA ASN A 78 6.74 2.50 0.53
C ASN A 78 5.54 3.27 0.00
N GLU A 79 5.40 3.25 -1.33
CA GLU A 79 4.32 3.96 -2.00
C GLU A 79 3.00 3.58 -1.39
N LEU A 80 2.67 2.31 -1.49
CA LEU A 80 1.42 1.77 -1.00
C LEU A 80 1.16 2.17 0.46
N CYS A 81 2.18 2.05 1.30
CA CYS A 81 2.07 2.39 2.72
C CYS A 81 1.79 3.88 2.91
N THR A 82 2.49 4.73 2.18
CA THR A 82 2.31 6.16 2.29
C THR A 82 1.00 6.58 1.63
N VAL A 83 0.71 5.92 0.53
CA VAL A 83 -0.52 6.10 -0.23
C VAL A 83 -1.72 5.97 0.69
N LEU A 84 -1.63 5.01 1.60
CA LEU A 84 -2.69 4.76 2.55
C LEU A 84 -2.96 5.98 3.41
N LYS A 85 -1.93 6.54 4.03
CA LYS A 85 -2.13 7.68 4.93
C LYS A 85 -2.27 8.99 4.19
N ALA A 86 -1.59 9.12 3.06
CA ALA A 86 -1.59 10.36 2.29
C ALA A 86 -3.00 10.74 1.88
N HIS A 87 -3.83 9.73 1.61
CA HIS A 87 -5.14 9.99 1.07
C HIS A 87 -6.24 9.47 1.98
N SER A 88 -5.86 8.81 3.07
CA SER A 88 -6.83 8.25 3.99
C SER A 88 -6.41 8.44 5.44
N ALA A 89 -7.36 8.92 6.22
CA ALA A 89 -7.23 9.05 7.66
C ALA A 89 -6.08 9.94 8.07
N LYS A 90 -6.25 11.22 7.83
CA LYS A 90 -5.29 12.22 8.27
C LYS A 90 -5.86 12.87 9.51
N LYS A 91 -7.16 12.70 9.64
CA LYS A 91 -7.89 13.05 10.83
C LYS A 91 -7.70 11.94 11.87
N LYS A 92 -7.99 10.72 11.45
CA LYS A 92 -7.81 9.55 12.30
C LYS A 92 -6.35 9.15 12.38
N LEU A 93 -5.54 9.98 13.00
CA LEU A 93 -4.17 9.63 13.33
C LEU A 93 -4.18 8.79 14.60
N ASN A 94 -5.07 9.14 15.51
CA ASN A 94 -5.26 8.42 16.75
C ASN A 94 -6.75 8.21 16.98
N GLY B 1 3.01 19.07 8.70
CA GLY B 1 3.27 18.73 10.11
C GLY B 1 4.10 17.48 10.20
N SER B 2 3.85 16.67 11.22
CA SER B 2 4.52 15.40 11.33
C SER B 2 3.92 14.40 10.35
N GLN B 3 4.49 14.38 9.16
CA GLN B 3 4.04 13.48 8.10
C GLN B 3 4.64 12.11 8.32
N GLU B 4 5.43 12.03 9.40
CA GLU B 4 6.13 10.84 9.84
C GLU B 4 6.94 10.19 8.72
N ASP B 5 7.40 8.97 8.92
CA ASP B 5 8.22 8.31 7.93
C ASP B 5 7.35 7.74 6.81
N SER B 6 7.71 8.10 5.59
CA SER B 6 6.99 7.66 4.41
C SER B 6 7.61 6.38 3.85
N ASP B 7 8.54 6.57 2.93
CA ASP B 7 9.25 5.46 2.32
C ASP B 7 10.41 5.00 3.20
N SER B 8 10.99 5.95 3.91
CA SER B 8 12.17 5.69 4.72
C SER B 8 11.88 4.73 5.86
N GLU B 9 10.62 4.72 6.30
CA GLU B 9 10.18 3.86 7.40
C GLU B 9 10.62 2.43 7.15
N LEU B 10 10.48 2.01 5.91
CA LEU B 10 10.81 0.67 5.50
C LEU B 10 12.32 0.49 5.49
N GLU B 11 12.95 1.44 4.83
CA GLU B 11 14.40 1.45 4.61
C GLU B 11 15.17 1.32 5.93
N GLN B 12 14.53 1.69 7.01
CA GLN B 12 15.16 1.67 8.33
C GLN B 12 15.69 0.30 8.66
N TYR B 13 14.92 -0.72 8.32
CA TYR B 13 15.27 -2.07 8.67
C TYR B 13 15.34 -3.00 7.45
N PHE B 14 14.71 -2.62 6.34
CA PHE B 14 14.75 -3.46 5.15
C PHE B 14 14.59 -2.66 3.86
N THR B 15 15.37 -3.03 2.85
CA THR B 15 15.24 -2.48 1.49
C THR B 15 16.08 -3.29 0.50
N ALA B 16 16.13 -2.84 -0.74
CA ALA B 16 16.82 -3.58 -1.81
C ALA B 16 17.86 -2.73 -2.49
N ARG B 17 18.31 -3.24 -3.63
CA ARG B 17 19.25 -2.55 -4.49
C ARG B 17 18.81 -1.13 -4.80
N TRP B 18 17.58 -1.01 -5.27
CA TRP B 18 16.98 0.25 -5.64
C TRP B 18 17.80 0.97 -6.70
N GLY A 1 -28.28 -1.88 -13.60
CA GLY A 1 -27.16 -1.65 -14.52
C GLY A 1 -25.94 -1.14 -13.79
N SER A 2 -25.02 -2.04 -13.48
CA SER A 2 -23.82 -1.68 -12.75
C SER A 2 -22.67 -1.36 -13.69
N HIS A 3 -22.68 -0.14 -14.21
CA HIS A 3 -21.61 0.35 -15.06
C HIS A 3 -20.55 0.98 -14.16
N MET A 4 -20.91 2.14 -13.64
CA MET A 4 -20.15 2.81 -12.61
C MET A 4 -21.12 3.47 -11.65
N GLY A 5 -21.38 4.76 -11.84
CA GLY A 5 -22.30 5.47 -10.97
C GLY A 5 -21.77 5.58 -9.56
N LYS A 6 -22.01 4.56 -8.76
CA LYS A 6 -21.51 4.50 -7.41
C LYS A 6 -20.05 4.06 -7.44
N LYS A 7 -19.25 4.57 -6.52
CA LYS A 7 -17.86 4.21 -6.46
C LYS A 7 -17.56 3.40 -5.21
N CYS A 8 -17.52 2.10 -5.40
CA CYS A 8 -17.26 1.18 -4.33
C CYS A 8 -16.39 0.03 -4.84
N TYR A 9 -15.11 0.07 -4.52
CA TYR A 9 -14.18 -0.92 -5.03
C TYR A 9 -13.59 -1.74 -3.90
N LYS A 10 -14.26 -1.71 -2.74
CA LYS A 10 -13.77 -2.32 -1.52
C LYS A 10 -13.16 -3.70 -1.76
N LEU A 11 -13.95 -4.60 -2.32
CA LEU A 11 -13.52 -5.97 -2.56
C LEU A 11 -12.24 -6.01 -3.40
N GLU A 12 -12.20 -5.21 -4.46
CA GLU A 12 -11.07 -5.16 -5.37
C GLU A 12 -9.77 -4.85 -4.67
N ASN A 13 -9.72 -3.75 -3.95
CA ASN A 13 -8.45 -3.29 -3.37
C ASN A 13 -8.02 -4.14 -2.19
N GLU A 14 -8.96 -4.77 -1.50
CA GLU A 14 -8.60 -5.63 -0.40
C GLU A 14 -7.92 -6.90 -0.90
N LYS A 15 -8.48 -7.50 -1.94
CA LYS A 15 -7.85 -8.69 -2.53
C LYS A 15 -6.67 -8.28 -3.40
N LEU A 16 -6.76 -7.10 -3.94
CA LEU A 16 -5.64 -6.50 -4.66
C LEU A 16 -4.43 -6.33 -3.75
N PHE A 17 -4.66 -5.72 -2.62
CA PHE A 17 -3.63 -5.50 -1.62
C PHE A 17 -2.94 -6.80 -1.24
N GLU A 18 -3.71 -7.86 -1.07
CA GLU A 18 -3.13 -9.14 -0.69
C GLU A 18 -2.32 -9.74 -1.83
N GLU A 19 -2.68 -9.45 -3.08
CA GLU A 19 -1.87 -9.91 -4.21
C GLU A 19 -0.45 -9.43 -4.06
N PHE A 20 -0.32 -8.19 -3.59
CA PHE A 20 0.97 -7.59 -3.29
C PHE A 20 1.62 -8.31 -2.12
N LEU A 21 0.86 -8.47 -1.06
CA LEU A 21 1.37 -9.00 0.18
C LEU A 21 1.75 -10.44 0.08
N GLU A 22 0.90 -11.26 -0.49
CA GLU A 22 1.19 -12.66 -0.64
C GLU A 22 2.42 -12.84 -1.52
N LEU A 23 2.61 -11.90 -2.44
CA LEU A 23 3.86 -11.80 -3.18
C LEU A 23 4.98 -11.40 -2.23
N CYS A 24 4.72 -10.39 -1.40
CA CYS A 24 5.70 -9.91 -0.44
C CYS A 24 6.11 -11.02 0.53
N LYS A 25 5.17 -11.93 0.81
CA LYS A 25 5.44 -13.11 1.64
C LYS A 25 6.60 -13.93 1.05
N MET A 26 6.75 -13.87 -0.27
CA MET A 26 7.76 -14.65 -0.95
C MET A 26 9.02 -13.83 -1.13
N GLN A 27 8.81 -12.54 -1.36
CA GLN A 27 9.89 -11.64 -1.68
C GLN A 27 10.62 -11.20 -0.43
N THR A 28 9.90 -10.56 0.49
CA THR A 28 10.50 -10.07 1.72
C THR A 28 10.48 -11.16 2.77
N ALA A 29 10.79 -12.38 2.34
CA ALA A 29 10.85 -13.51 3.23
C ALA A 29 12.01 -13.35 4.21
N ASP A 30 13.01 -12.58 3.78
CA ASP A 30 14.14 -12.22 4.62
C ASP A 30 13.73 -11.16 5.64
N HIS A 31 12.70 -10.39 5.29
CA HIS A 31 12.23 -9.30 6.14
C HIS A 31 10.72 -9.38 6.31
N PRO A 32 10.23 -10.36 7.11
CA PRO A 32 8.80 -10.64 7.27
C PRO A 32 8.02 -9.54 8.01
N GLU A 33 8.60 -8.35 8.10
CA GLU A 33 7.96 -7.24 8.78
C GLU A 33 7.09 -6.45 7.81
N VAL A 34 7.50 -6.45 6.54
CA VAL A 34 6.85 -5.65 5.49
C VAL A 34 5.35 -5.93 5.37
N VAL A 35 5.03 -7.20 5.16
CA VAL A 35 3.64 -7.64 4.96
C VAL A 35 2.73 -7.21 6.12
N PRO A 36 3.06 -7.59 7.38
CA PRO A 36 2.28 -7.14 8.55
C PRO A 36 2.20 -5.62 8.63
N PHE A 37 3.28 -4.96 8.23
CA PHE A 37 3.32 -3.50 8.21
C PHE A 37 2.27 -2.95 7.25
N LEU A 38 2.32 -3.40 6.00
CA LEU A 38 1.37 -2.96 4.99
C LEU A 38 -0.06 -3.20 5.43
N TYR A 39 -0.29 -4.34 6.09
CA TYR A 39 -1.60 -4.63 6.66
C TYR A 39 -1.97 -3.58 7.69
N ASN A 40 -1.05 -3.35 8.63
CA ASN A 40 -1.28 -2.46 9.75
C ASN A 40 -1.54 -1.04 9.28
N ARG A 41 -0.80 -0.63 8.26
CA ARG A 41 -0.92 0.72 7.71
C ARG A 41 -2.24 0.87 6.96
N GLN A 42 -2.68 -0.19 6.29
CA GLN A 42 -3.94 -0.13 5.54
C GLN A 42 -5.11 -0.05 6.51
N GLN A 43 -4.98 -0.73 7.63
CA GLN A 43 -6.02 -0.71 8.65
C GLN A 43 -6.06 0.66 9.31
N ARG A 44 -4.94 1.38 9.26
CA ARG A 44 -4.86 2.72 9.80
C ARG A 44 -5.33 3.75 8.78
N ALA A 45 -5.41 3.32 7.54
CA ALA A 45 -5.89 4.17 6.47
C ALA A 45 -7.42 4.25 6.52
N HIS A 46 -7.94 5.42 6.16
CA HIS A 46 -9.38 5.66 6.25
C HIS A 46 -10.13 4.88 5.19
N SER A 47 -11.19 4.20 5.63
CA SER A 47 -11.90 3.21 4.82
C SER A 47 -12.49 3.78 3.53
N LEU A 48 -12.59 5.11 3.43
CA LEU A 48 -13.17 5.72 2.24
C LEU A 48 -12.19 5.68 1.08
N PHE A 49 -10.94 6.00 1.37
CA PHE A 49 -9.90 5.99 0.35
C PHE A 49 -9.73 4.61 -0.24
N LEU A 50 -9.55 3.59 0.61
CA LEU A 50 -9.37 2.24 0.12
C LEU A 50 -10.50 1.87 -0.85
N ALA A 51 -11.75 2.12 -0.44
CA ALA A 51 -12.93 1.70 -1.20
C ALA A 51 -13.15 2.51 -2.47
N SER A 52 -12.12 3.19 -2.93
CA SER A 52 -12.18 4.04 -4.10
C SER A 52 -11.39 3.42 -5.24
N ALA A 53 -11.76 3.76 -6.48
CA ALA A 53 -11.06 3.27 -7.66
C ALA A 53 -9.66 3.84 -7.67
N GLU A 54 -9.52 4.98 -7.01
CA GLU A 54 -8.24 5.64 -6.88
C GLU A 54 -7.20 4.69 -6.29
N PHE A 55 -7.57 4.02 -5.21
CA PHE A 55 -6.67 3.09 -4.54
C PHE A 55 -6.46 1.84 -5.41
N CYS A 56 -7.52 1.40 -6.07
CA CYS A 56 -7.40 0.33 -7.07
C CYS A 56 -6.32 0.64 -8.10
N ASN A 57 -6.27 1.89 -8.57
CA ASN A 57 -5.21 2.36 -9.47
C ASN A 57 -3.85 2.14 -8.83
N ILE A 58 -3.69 2.71 -7.65
CA ILE A 58 -2.44 2.61 -6.91
C ILE A 58 -1.99 1.16 -6.80
N LEU A 59 -2.88 0.33 -6.32
CA LEU A 59 -2.61 -1.09 -6.15
C LEU A 59 -2.25 -1.78 -7.45
N SER A 60 -3.12 -1.60 -8.45
CA SER A 60 -2.89 -2.21 -9.75
C SER A 60 -1.54 -1.79 -10.30
N ARG A 61 -1.17 -0.55 -10.04
CA ARG A 61 0.09 0.00 -10.52
C ARG A 61 1.29 -0.51 -9.72
N VAL A 62 1.32 -0.27 -8.41
CA VAL A 62 2.50 -0.61 -7.60
C VAL A 62 2.70 -2.11 -7.46
N LEU A 63 1.61 -2.85 -7.23
CA LEU A 63 1.70 -4.28 -7.06
C LEU A 63 2.25 -4.93 -8.34
N SER A 64 1.73 -4.49 -9.47
CA SER A 64 2.15 -5.03 -10.76
C SER A 64 3.61 -4.71 -11.02
N ARG A 65 4.05 -3.50 -10.62
CA ARG A 65 5.44 -3.12 -10.70
C ARG A 65 6.31 -4.10 -9.91
N ALA A 66 5.87 -4.42 -8.69
CA ALA A 66 6.62 -5.29 -7.80
C ALA A 66 6.62 -6.74 -8.27
N ARG A 67 5.51 -7.17 -8.86
CA ARG A 67 5.42 -8.50 -9.45
C ARG A 67 6.43 -8.65 -10.59
N SER A 68 6.73 -7.53 -11.23
CA SER A 68 7.73 -7.50 -12.29
C SER A 68 9.11 -7.38 -11.67
N ARG A 69 9.29 -6.34 -10.87
CA ARG A 69 10.56 -6.02 -10.26
C ARG A 69 10.52 -6.20 -8.74
N PRO A 70 10.77 -7.41 -8.27
CA PRO A 70 10.97 -7.68 -6.84
C PRO A 70 12.13 -6.86 -6.29
N ALA A 71 13.04 -6.52 -7.18
CA ALA A 71 14.21 -5.73 -6.86
C ALA A 71 13.84 -4.38 -6.25
N LYS A 72 12.71 -3.82 -6.67
CA LYS A 72 12.27 -2.55 -6.15
C LYS A 72 10.89 -2.66 -5.54
N LEU A 73 10.50 -3.90 -5.22
CA LEU A 73 9.27 -4.20 -4.50
C LEU A 73 9.09 -3.28 -3.30
N TYR A 74 10.18 -2.99 -2.60
CA TYR A 74 10.13 -2.17 -1.41
C TYR A 74 9.67 -0.78 -1.73
N VAL A 75 10.17 -0.20 -2.81
CA VAL A 75 9.70 1.11 -3.26
C VAL A 75 8.18 1.13 -3.39
N TYR A 76 7.62 0.06 -3.93
CA TYR A 76 6.19 -0.06 -4.13
C TYR A 76 5.51 -0.32 -2.78
N ILE A 77 6.20 -1.05 -1.91
CA ILE A 77 5.81 -1.19 -0.52
C ILE A 77 5.73 0.19 0.13
N ASN A 78 6.80 0.95 -0.04
CA ASN A 78 6.92 2.30 0.46
C ASN A 78 5.79 3.16 -0.06
N GLU A 79 5.59 3.11 -1.37
CA GLU A 79 4.53 3.85 -2.02
C GLU A 79 3.20 3.51 -1.42
N LEU A 80 2.83 2.25 -1.56
CA LEU A 80 1.55 1.75 -1.09
C LEU A 80 1.31 2.12 0.38
N CYS A 81 2.35 2.00 1.20
CA CYS A 81 2.26 2.34 2.61
C CYS A 81 1.99 3.83 2.80
N THR A 82 2.76 4.66 2.09
CA THR A 82 2.59 6.10 2.18
C THR A 82 1.26 6.51 1.55
N VAL A 83 0.93 5.83 0.46
CA VAL A 83 -0.30 6.02 -0.25
C VAL A 83 -1.50 5.93 0.68
N LEU A 84 -1.44 4.96 1.58
CA LEU A 84 -2.50 4.74 2.53
C LEU A 84 -2.75 5.99 3.37
N LYS A 85 -1.70 6.54 3.98
CA LYS A 85 -1.88 7.68 4.86
C LYS A 85 -1.96 9.01 4.10
N ALA A 86 -1.28 9.09 2.97
CA ALA A 86 -1.24 10.32 2.20
C ALA A 86 -2.58 10.62 1.56
N HIS A 87 -3.32 9.57 1.21
CA HIS A 87 -4.56 9.75 0.47
C HIS A 87 -5.77 9.34 1.31
N SER A 88 -5.56 9.09 2.60
CA SER A 88 -6.66 8.78 3.51
C SER A 88 -6.35 9.40 4.86
N ALA A 89 -7.23 9.14 5.83
CA ALA A 89 -7.11 9.60 7.22
C ALA A 89 -6.19 10.80 7.44
N LYS A 90 -6.78 12.00 7.29
CA LYS A 90 -6.15 13.31 7.60
C LYS A 90 -5.91 14.08 6.32
N LYS A 91 -5.93 13.33 5.21
CA LYS A 91 -5.78 13.89 3.87
C LYS A 91 -6.51 15.21 3.70
N LYS A 92 -7.83 15.15 3.62
CA LYS A 92 -8.65 16.34 3.48
C LYS A 92 -9.32 16.70 4.80
N LEU A 93 -8.80 16.12 5.86
CA LEU A 93 -9.28 16.39 7.19
C LEU A 93 -8.43 17.48 7.84
N ASN A 94 -7.30 17.77 7.22
CA ASN A 94 -6.38 18.77 7.73
C ASN A 94 -6.20 19.88 6.70
N GLY B 1 2.90 16.27 11.81
CA GLY B 1 2.05 15.52 12.76
C GLY B 1 2.44 14.07 12.80
N SER B 2 1.59 13.23 13.39
CA SER B 2 1.91 11.82 13.50
C SER B 2 1.24 11.00 12.41
N GLN B 3 1.48 11.38 11.16
CA GLN B 3 1.03 10.58 10.02
C GLN B 3 2.13 9.59 9.65
N GLU B 4 3.04 9.38 10.60
CA GLU B 4 4.20 8.53 10.42
C GLU B 4 5.17 9.16 9.43
N ASP B 5 6.02 8.35 8.81
CA ASP B 5 7.06 8.87 7.93
C ASP B 5 6.61 8.86 6.47
N SER B 6 6.94 7.78 5.77
CA SER B 6 6.65 7.63 4.34
C SER B 6 7.39 6.41 3.81
N ASP B 7 8.19 6.59 2.76
CA ASP B 7 8.95 5.50 2.17
C ASP B 7 10.04 5.05 3.12
N SER B 8 10.74 6.01 3.70
CA SER B 8 11.86 5.71 4.57
C SER B 8 11.44 4.94 5.82
N GLU B 9 10.14 4.96 6.11
CA GLU B 9 9.59 4.22 7.23
C GLU B 9 9.95 2.74 7.14
N LEU B 10 9.98 2.26 5.91
CA LEU B 10 10.38 0.90 5.62
C LEU B 10 11.88 0.78 5.76
N GLU B 11 12.54 1.71 5.09
CA GLU B 11 14.01 1.77 5.04
C GLU B 11 14.64 1.79 6.42
N GLN B 12 13.85 2.16 7.42
CA GLN B 12 14.31 2.21 8.80
C GLN B 12 14.93 0.89 9.22
N TYR B 13 14.33 -0.18 8.73
CA TYR B 13 14.77 -1.52 9.11
C TYR B 13 14.97 -2.45 7.91
N PHE B 14 14.33 -2.18 6.78
CA PHE B 14 14.46 -3.10 5.64
C PHE B 14 14.29 -2.40 4.30
N THR B 15 14.98 -2.94 3.30
CA THR B 15 14.84 -2.51 1.90
C THR B 15 15.49 -3.55 0.98
N ALA B 16 15.70 -3.17 -0.26
CA ALA B 16 16.35 -4.04 -1.23
C ALA B 16 17.66 -3.40 -1.67
N ARG B 17 18.17 -3.85 -2.81
CA ARG B 17 19.38 -3.30 -3.37
C ARG B 17 19.25 -1.79 -3.59
N TRP B 18 18.12 -1.37 -4.17
CA TRP B 18 17.84 0.04 -4.45
C TRP B 18 19.00 0.75 -5.14
N GLY A 1 -9.67 6.82 -15.94
CA GLY A 1 -9.40 7.05 -14.49
C GLY A 1 -10.15 8.26 -13.96
N SER A 2 -11.45 8.30 -14.20
CA SER A 2 -12.27 9.42 -13.73
C SER A 2 -12.96 9.07 -12.42
N HIS A 3 -12.92 9.99 -11.47
CA HIS A 3 -13.55 9.79 -10.18
C HIS A 3 -15.06 9.87 -10.29
N MET A 4 -15.71 8.72 -10.23
CA MET A 4 -17.17 8.65 -10.28
C MET A 4 -17.76 8.96 -8.90
N GLY A 5 -16.90 9.02 -7.89
CA GLY A 5 -17.32 9.38 -6.56
C GLY A 5 -17.91 8.22 -5.78
N LYS A 6 -19.15 7.87 -6.10
CA LYS A 6 -19.89 6.83 -5.40
C LYS A 6 -19.45 5.43 -5.81
N LYS A 7 -18.27 5.35 -6.39
CA LYS A 7 -17.69 4.07 -6.78
C LYS A 7 -17.36 3.21 -5.58
N CYS A 8 -17.30 1.90 -5.80
CA CYS A 8 -16.97 0.96 -4.75
C CYS A 8 -16.02 -0.10 -5.29
N TYR A 9 -14.75 0.01 -4.93
CA TYR A 9 -13.74 -0.95 -5.37
C TYR A 9 -13.17 -1.68 -4.18
N LYS A 10 -13.89 -1.64 -3.06
CA LYS A 10 -13.43 -2.20 -1.80
C LYS A 10 -12.92 -3.62 -1.96
N LEU A 11 -13.80 -4.53 -2.36
CA LEU A 11 -13.43 -5.94 -2.55
C LEU A 11 -12.20 -6.08 -3.44
N GLU A 12 -12.15 -5.30 -4.51
CA GLU A 12 -11.01 -5.30 -5.41
C GLU A 12 -9.71 -4.99 -4.71
N ASN A 13 -9.65 -3.88 -3.99
CA ASN A 13 -8.40 -3.48 -3.33
C ASN A 13 -8.10 -4.35 -2.13
N GLU A 14 -9.11 -5.03 -1.60
CA GLU A 14 -8.90 -5.98 -0.53
C GLU A 14 -8.05 -7.15 -1.02
N LYS A 15 -8.48 -7.76 -2.11
CA LYS A 15 -7.76 -8.87 -2.71
C LYS A 15 -6.49 -8.35 -3.38
N LEU A 16 -6.59 -7.16 -3.89
CA LEU A 16 -5.48 -6.50 -4.55
C LEU A 16 -4.32 -6.27 -3.61
N PHE A 17 -4.59 -5.62 -2.49
CA PHE A 17 -3.57 -5.33 -1.50
C PHE A 17 -2.86 -6.61 -1.08
N GLU A 18 -3.61 -7.69 -0.88
CA GLU A 18 -3.01 -8.95 -0.47
C GLU A 18 -2.25 -9.61 -1.62
N GLU A 19 -2.58 -9.29 -2.89
CA GLU A 19 -1.79 -9.81 -4.01
C GLU A 19 -0.34 -9.41 -3.81
N PHE A 20 -0.18 -8.12 -3.54
CA PHE A 20 1.11 -7.53 -3.27
C PHE A 20 1.77 -8.20 -2.07
N LEU A 21 1.00 -8.34 -1.02
CA LEU A 21 1.50 -8.81 0.25
C LEU A 21 1.91 -10.26 0.21
N GLU A 22 1.09 -11.07 -0.41
CA GLU A 22 1.39 -12.48 -0.47
C GLU A 22 2.55 -12.72 -1.42
N LEU A 23 2.69 -11.84 -2.40
CA LEU A 23 3.92 -11.74 -3.16
C LEU A 23 5.07 -11.35 -2.22
N CYS A 24 4.82 -10.36 -1.37
CA CYS A 24 5.81 -9.86 -0.43
C CYS A 24 6.20 -10.96 0.56
N LYS A 25 5.26 -11.87 0.85
CA LYS A 25 5.54 -13.03 1.68
C LYS A 25 6.68 -13.87 1.11
N MET A 26 6.84 -13.80 -0.21
CA MET A 26 7.82 -14.61 -0.91
C MET A 26 9.10 -13.83 -1.06
N GLN A 27 8.95 -12.54 -1.28
CA GLN A 27 10.06 -11.66 -1.57
C GLN A 27 10.76 -11.24 -0.29
N THR A 28 10.02 -10.59 0.59
CA THR A 28 10.54 -10.13 1.86
C THR A 28 10.41 -11.23 2.90
N ALA A 29 10.71 -12.45 2.48
CA ALA A 29 10.63 -13.61 3.34
C ALA A 29 11.68 -13.52 4.45
N ASP A 30 12.73 -12.77 4.16
CA ASP A 30 13.79 -12.49 5.13
C ASP A 30 13.34 -11.43 6.12
N HIS A 31 12.35 -10.66 5.73
CA HIS A 31 11.86 -9.56 6.57
C HIS A 31 10.34 -9.54 6.60
N PRO A 32 9.74 -10.42 7.40
CA PRO A 32 8.28 -10.53 7.53
C PRO A 32 7.66 -9.36 8.31
N GLU A 33 8.35 -8.23 8.37
CA GLU A 33 7.78 -7.03 8.97
C GLU A 33 7.04 -6.22 7.89
N VAL A 34 7.54 -6.33 6.66
CA VAL A 34 6.98 -5.59 5.52
C VAL A 34 5.48 -5.81 5.35
N VAL A 35 5.13 -7.08 5.19
CA VAL A 35 3.74 -7.49 4.94
C VAL A 35 2.79 -7.01 6.04
N PRO A 36 3.02 -7.36 7.31
CA PRO A 36 2.20 -6.89 8.43
C PRO A 36 2.18 -5.36 8.52
N PHE A 37 3.29 -4.72 8.15
CA PHE A 37 3.38 -3.27 8.13
C PHE A 37 2.36 -2.71 7.14
N LEU A 38 2.40 -3.21 5.92
CA LEU A 38 1.45 -2.78 4.88
C LEU A 38 0.03 -3.10 5.31
N TYR A 39 -0.17 -4.27 5.91
CA TYR A 39 -1.48 -4.66 6.42
C TYR A 39 -1.96 -3.65 7.44
N ASN A 40 -1.08 -3.36 8.39
CA ASN A 40 -1.38 -2.48 9.49
C ASN A 40 -1.71 -1.08 9.01
N ARG A 41 -0.86 -0.54 8.16
CA ARG A 41 -1.04 0.81 7.64
C ARG A 41 -2.36 0.94 6.87
N GLN A 42 -2.77 -0.14 6.21
CA GLN A 42 -4.06 -0.15 5.50
C GLN A 42 -5.20 -0.13 6.50
N GLN A 43 -5.00 -0.80 7.63
CA GLN A 43 -6.00 -0.86 8.68
C GLN A 43 -6.07 0.49 9.39
N ARG A 44 -4.97 1.21 9.34
CA ARG A 44 -4.89 2.53 9.95
C ARG A 44 -5.26 3.60 8.92
N ALA A 45 -5.54 3.16 7.72
CA ALA A 45 -6.01 4.02 6.66
C ALA A 45 -7.55 4.05 6.67
N HIS A 46 -8.11 5.07 6.04
CA HIS A 46 -9.55 5.28 6.06
C HIS A 46 -10.20 4.58 4.87
N SER A 47 -11.22 3.78 5.15
CA SER A 47 -11.81 2.88 4.16
C SER A 47 -12.42 3.61 2.96
N LEU A 48 -12.72 4.90 3.10
CA LEU A 48 -13.36 5.64 2.01
C LEU A 48 -12.43 5.80 0.82
N PHE A 49 -11.22 6.29 1.07
CA PHE A 49 -10.21 6.39 0.03
C PHE A 49 -9.86 5.01 -0.50
N LEU A 50 -9.70 4.07 0.42
CA LEU A 50 -9.37 2.70 0.08
C LEU A 50 -10.43 2.10 -0.85
N ALA A 51 -11.69 2.24 -0.48
CA ALA A 51 -12.82 1.68 -1.24
C ALA A 51 -13.16 2.52 -2.46
N SER A 52 -12.15 2.92 -3.20
CA SER A 52 -12.34 3.82 -4.33
C SER A 52 -11.47 3.36 -5.50
N ALA A 53 -11.79 3.88 -6.68
CA ALA A 53 -11.07 3.55 -7.90
C ALA A 53 -9.66 4.11 -7.86
N GLU A 54 -9.48 5.18 -7.09
CA GLU A 54 -8.19 5.82 -7.01
C GLU A 54 -7.17 4.87 -6.40
N PHE A 55 -7.53 4.27 -5.27
CA PHE A 55 -6.64 3.35 -4.59
C PHE A 55 -6.46 2.06 -5.39
N CYS A 56 -7.55 1.62 -6.03
CA CYS A 56 -7.48 0.47 -6.94
C CYS A 56 -6.36 0.66 -7.97
N ASN A 57 -6.28 1.87 -8.54
CA ASN A 57 -5.19 2.23 -9.46
C ASN A 57 -3.85 2.04 -8.81
N ILE A 58 -3.68 2.66 -7.66
CA ILE A 58 -2.43 2.61 -6.91
C ILE A 58 -1.97 1.18 -6.74
N LEU A 59 -2.87 0.34 -6.26
CA LEU A 59 -2.59 -1.07 -6.07
C LEU A 59 -2.26 -1.77 -7.36
N SER A 60 -3.14 -1.63 -8.34
CA SER A 60 -2.96 -2.26 -9.64
C SER A 60 -1.60 -1.88 -10.23
N ARG A 61 -1.18 -0.64 -9.98
CA ARG A 61 0.07 -0.13 -10.48
C ARG A 61 1.27 -0.67 -9.69
N VAL A 62 1.30 -0.42 -8.37
CA VAL A 62 2.48 -0.75 -7.56
C VAL A 62 2.67 -2.25 -7.39
N LEU A 63 1.58 -2.97 -7.16
CA LEU A 63 1.64 -4.39 -6.96
C LEU A 63 2.27 -5.07 -8.16
N SER A 64 1.76 -4.75 -9.34
CA SER A 64 2.20 -5.39 -10.56
C SER A 64 3.61 -4.93 -10.92
N ARG A 65 3.94 -3.70 -10.55
CA ARG A 65 5.31 -3.22 -10.64
C ARG A 65 6.23 -4.14 -9.85
N ALA A 66 5.80 -4.51 -8.64
CA ALA A 66 6.57 -5.39 -7.77
C ALA A 66 6.57 -6.82 -8.29
N ARG A 67 5.48 -7.23 -8.93
CA ARG A 67 5.41 -8.51 -9.62
C ARG A 67 6.56 -8.60 -10.62
N SER A 68 6.67 -7.55 -11.42
CA SER A 68 7.70 -7.44 -12.44
C SER A 68 9.07 -7.32 -11.82
N ARG A 69 9.23 -6.29 -11.03
CA ARG A 69 10.50 -5.96 -10.41
C ARG A 69 10.45 -6.12 -8.89
N PRO A 70 10.67 -7.35 -8.40
CA PRO A 70 10.83 -7.63 -6.97
C PRO A 70 11.99 -6.85 -6.40
N ALA A 71 12.92 -6.53 -7.29
CA ALA A 71 14.12 -5.78 -6.95
C ALA A 71 13.80 -4.39 -6.41
N LYS A 72 12.62 -3.87 -6.75
CA LYS A 72 12.18 -2.57 -6.23
C LYS A 72 10.82 -2.68 -5.58
N LEU A 73 10.46 -3.91 -5.23
CA LEU A 73 9.23 -4.19 -4.49
C LEU A 73 9.06 -3.25 -3.30
N TYR A 74 10.17 -2.97 -2.63
CA TYR A 74 10.14 -2.12 -1.44
C TYR A 74 9.66 -0.73 -1.76
N VAL A 75 10.13 -0.15 -2.86
CA VAL A 75 9.66 1.17 -3.28
C VAL A 75 8.14 1.19 -3.39
N TYR A 76 7.58 0.12 -3.91
CA TYR A 76 6.14 0.00 -4.07
C TYR A 76 5.48 -0.25 -2.72
N ILE A 77 6.18 -0.97 -1.86
CA ILE A 77 5.82 -1.11 -0.46
C ILE A 77 5.74 0.28 0.20
N ASN A 78 6.81 1.04 0.00
CA ASN A 78 6.93 2.40 0.50
C ASN A 78 5.78 3.26 -0.01
N GLU A 79 5.59 3.24 -1.33
CA GLU A 79 4.52 3.99 -1.98
C GLU A 79 3.18 3.64 -1.38
N LEU A 80 2.82 2.38 -1.52
CA LEU A 80 1.54 1.86 -1.05
C LEU A 80 1.27 2.23 0.40
N CYS A 81 2.29 2.10 1.25
CA CYS A 81 2.16 2.44 2.67
C CYS A 81 1.90 3.92 2.87
N THR A 82 2.65 4.76 2.16
CA THR A 82 2.49 6.20 2.28
C THR A 82 1.16 6.62 1.65
N VAL A 83 0.86 5.96 0.55
CA VAL A 83 -0.36 6.17 -0.21
C VAL A 83 -1.58 6.06 0.69
N LEU A 84 -1.54 5.10 1.60
CA LEU A 84 -2.62 4.87 2.52
C LEU A 84 -2.90 6.11 3.36
N LYS A 85 -1.89 6.63 4.02
CA LYS A 85 -2.11 7.76 4.92
C LYS A 85 -2.21 9.07 4.18
N ALA A 86 -1.52 9.15 3.05
CA ALA A 86 -1.49 10.37 2.25
C ALA A 86 -2.90 10.80 1.85
N HIS A 87 -3.78 9.84 1.59
CA HIS A 87 -5.09 10.16 1.09
C HIS A 87 -6.20 9.75 2.06
N SER A 88 -5.90 8.84 2.97
CA SER A 88 -6.90 8.39 3.93
C SER A 88 -6.37 8.42 5.35
N ALA A 89 -7.29 8.62 6.27
CA ALA A 89 -7.04 8.72 7.71
C ALA A 89 -6.04 9.81 8.06
N LYS A 90 -5.85 10.72 7.11
CA LYS A 90 -5.00 11.88 7.31
C LYS A 90 -5.39 12.94 6.29
N LYS A 91 -6.58 12.75 5.73
CA LYS A 91 -7.11 13.65 4.72
C LYS A 91 -7.62 14.93 5.40
N LYS A 92 -8.11 14.79 6.62
CA LYS A 92 -8.56 15.91 7.41
C LYS A 92 -7.37 16.75 7.91
N LEU A 93 -6.86 17.59 7.03
CA LEU A 93 -5.81 18.53 7.38
C LEU A 93 -6.33 19.52 8.43
N ASN A 94 -7.62 19.80 8.34
CA ASN A 94 -8.29 20.67 9.27
C ASN A 94 -8.99 19.83 10.33
N GLY B 1 8.19 18.28 10.22
CA GLY B 1 7.83 17.48 9.02
C GLY B 1 7.91 15.99 9.25
N SER B 2 9.12 15.50 9.48
CA SER B 2 9.35 14.07 9.66
C SER B 2 8.93 13.60 11.05
N GLN B 3 7.67 13.80 11.37
CA GLN B 3 7.09 13.21 12.57
C GLN B 3 6.58 11.82 12.25
N GLU B 4 6.44 11.57 10.95
CA GLU B 4 6.15 10.26 10.43
C GLU B 4 6.87 10.11 9.10
N ASP B 5 7.50 8.97 8.91
CA ASP B 5 8.25 8.71 7.70
C ASP B 5 7.35 8.08 6.65
N SER B 6 7.70 8.25 5.39
CA SER B 6 6.94 7.66 4.31
C SER B 6 7.63 6.40 3.79
N ASP B 7 8.58 6.59 2.91
CA ASP B 7 9.33 5.49 2.32
C ASP B 7 10.45 5.06 3.25
N SER B 8 11.05 6.03 3.92
CA SER B 8 12.21 5.78 4.75
C SER B 8 11.90 4.88 5.94
N GLU B 9 10.65 4.85 6.35
CA GLU B 9 10.23 4.04 7.49
C GLU B 9 10.50 2.56 7.22
N LEU B 10 10.40 2.19 5.98
CA LEU B 10 10.69 0.84 5.55
C LEU B 10 12.19 0.62 5.60
N GLU B 11 12.86 1.55 4.94
CA GLU B 11 14.32 1.54 4.79
C GLU B 11 15.04 1.39 6.12
N GLN B 12 14.36 1.79 7.19
CA GLN B 12 14.90 1.70 8.54
C GLN B 12 15.46 0.32 8.82
N TYR B 13 14.67 -0.69 8.51
CA TYR B 13 15.05 -2.06 8.82
C TYR B 13 15.17 -2.94 7.57
N PHE B 14 14.55 -2.54 6.46
CA PHE B 14 14.62 -3.36 5.26
C PHE B 14 14.46 -2.54 3.99
N THR B 15 15.13 -2.99 2.93
CA THR B 15 15.00 -2.43 1.58
C THR B 15 15.72 -3.33 0.57
N ALA B 16 15.93 -2.83 -0.63
CA ALA B 16 16.57 -3.62 -1.69
C ALA B 16 17.69 -2.83 -2.35
N ARG B 17 18.12 -3.29 -3.52
CA ARG B 17 19.21 -2.63 -4.25
C ARG B 17 18.83 -1.20 -4.60
N TRP B 18 17.58 -1.03 -5.05
CA TRP B 18 17.05 0.26 -5.47
C TRP B 18 17.97 0.95 -6.49
N GLY A 1 -24.38 12.22 -12.79
CA GLY A 1 -22.97 12.65 -12.76
C GLY A 1 -22.16 12.01 -13.87
N SER A 2 -20.94 12.49 -14.04
CA SER A 2 -20.08 11.97 -15.11
C SER A 2 -18.79 11.41 -14.53
N HIS A 3 -18.63 11.54 -13.21
CA HIS A 3 -17.46 11.02 -12.53
C HIS A 3 -17.84 9.76 -11.74
N MET A 4 -16.82 9.02 -11.34
CA MET A 4 -17.02 7.77 -10.63
C MET A 4 -17.21 8.02 -9.14
N GLY A 5 -18.31 8.69 -8.80
CA GLY A 5 -18.62 8.94 -7.41
C GLY A 5 -19.28 7.75 -6.76
N LYS A 6 -19.31 7.75 -5.42
CA LYS A 6 -19.89 6.67 -4.60
C LYS A 6 -19.45 5.28 -5.05
N LYS A 7 -18.30 5.22 -5.71
CA LYS A 7 -17.74 3.97 -6.18
C LYS A 7 -17.36 3.06 -5.03
N CYS A 8 -17.36 1.77 -5.30
CA CYS A 8 -17.03 0.77 -4.32
C CYS A 8 -15.96 -0.17 -4.86
N TYR A 9 -14.74 0.04 -4.41
CA TYR A 9 -13.62 -0.80 -4.84
C TYR A 9 -13.01 -1.53 -3.67
N LYS A 10 -13.72 -1.52 -2.53
CA LYS A 10 -13.22 -2.15 -1.31
C LYS A 10 -12.82 -3.60 -1.54
N LEU A 11 -13.78 -4.42 -1.95
CA LEU A 11 -13.55 -5.85 -2.18
C LEU A 11 -12.35 -6.07 -3.10
N GLU A 12 -12.27 -5.29 -4.17
CA GLU A 12 -11.15 -5.36 -5.10
C GLU A 12 -9.84 -5.03 -4.41
N ASN A 13 -9.80 -3.87 -3.78
CA ASN A 13 -8.57 -3.38 -3.18
C ASN A 13 -8.12 -4.23 -2.00
N GLU A 14 -9.07 -4.87 -1.33
CA GLU A 14 -8.74 -5.79 -0.24
C GLU A 14 -7.95 -6.99 -0.75
N LYS A 15 -8.49 -7.67 -1.75
CA LYS A 15 -7.82 -8.83 -2.32
C LYS A 15 -6.63 -8.39 -3.13
N LEU A 16 -6.75 -7.21 -3.70
CA LEU A 16 -5.68 -6.60 -4.45
C LEU A 16 -4.46 -6.37 -3.57
N PHE A 17 -4.70 -5.78 -2.43
CA PHE A 17 -3.66 -5.53 -1.45
C PHE A 17 -2.91 -6.81 -1.10
N GLU A 18 -3.64 -7.90 -0.90
CA GLU A 18 -3.01 -9.17 -0.59
C GLU A 18 -2.31 -9.76 -1.82
N GLU A 19 -2.71 -9.38 -3.04
CA GLU A 19 -2.01 -9.86 -4.24
C GLU A 19 -0.55 -9.42 -4.17
N PHE A 20 -0.36 -8.23 -3.61
CA PHE A 20 0.95 -7.66 -3.38
C PHE A 20 1.63 -8.36 -2.22
N LEU A 21 0.89 -8.50 -1.13
CA LEU A 21 1.42 -9.00 0.11
C LEU A 21 1.88 -10.43 0.01
N GLU A 22 1.08 -11.28 -0.59
CA GLU A 22 1.44 -12.68 -0.69
C GLU A 22 2.69 -12.83 -1.54
N LEU A 23 2.87 -11.91 -2.49
CA LEU A 23 4.12 -11.78 -3.21
C LEU A 23 5.22 -11.34 -2.25
N CYS A 24 4.91 -10.34 -1.43
CA CYS A 24 5.85 -9.80 -0.45
C CYS A 24 6.28 -10.90 0.54
N LYS A 25 5.37 -11.82 0.84
CA LYS A 25 5.69 -12.96 1.71
C LYS A 25 6.87 -13.76 1.17
N MET A 26 7.02 -13.75 -0.15
CA MET A 26 8.05 -14.54 -0.80
C MET A 26 9.31 -13.71 -0.93
N GLN A 27 9.10 -12.45 -1.25
CA GLN A 27 10.18 -11.53 -1.53
C GLN A 27 10.87 -11.09 -0.25
N THR A 28 10.12 -10.48 0.64
CA THR A 28 10.67 -9.97 1.89
C THR A 28 10.66 -11.08 2.93
N ALA A 29 11.13 -12.24 2.53
CA ALA A 29 11.16 -13.41 3.39
C ALA A 29 12.21 -13.25 4.48
N ASP A 30 13.21 -12.42 4.20
CA ASP A 30 14.23 -12.08 5.20
C ASP A 30 13.67 -11.10 6.22
N HIS A 31 12.61 -10.40 5.84
CA HIS A 31 11.99 -9.42 6.72
C HIS A 31 10.47 -9.49 6.62
N PRO A 32 9.86 -10.47 7.31
CA PRO A 32 8.39 -10.62 7.34
C PRO A 32 7.69 -9.51 8.14
N GLU A 33 8.31 -8.34 8.17
CA GLU A 33 7.74 -7.16 8.82
C GLU A 33 6.89 -6.39 7.83
N VAL A 34 7.34 -6.39 6.57
CA VAL A 34 6.74 -5.62 5.49
C VAL A 34 5.25 -5.90 5.34
N VAL A 35 4.94 -7.17 5.13
CA VAL A 35 3.57 -7.63 4.90
C VAL A 35 2.61 -7.16 6.02
N PRO A 36 2.89 -7.52 7.29
CA PRO A 36 2.08 -7.05 8.42
C PRO A 36 1.99 -5.52 8.49
N PHE A 37 3.10 -4.86 8.17
CA PHE A 37 3.14 -3.42 8.13
C PHE A 37 2.13 -2.89 7.12
N LEU A 38 2.21 -3.37 5.89
CA LEU A 38 1.30 -2.95 4.84
C LEU A 38 -0.15 -3.21 5.23
N TYR A 39 -0.41 -4.35 5.86
CA TYR A 39 -1.74 -4.66 6.37
C TYR A 39 -2.19 -3.56 7.32
N ASN A 40 -1.33 -3.26 8.28
CA ASN A 40 -1.66 -2.37 9.39
C ASN A 40 -1.91 -0.95 8.92
N ARG A 41 -1.01 -0.44 8.08
CA ARG A 41 -1.14 0.92 7.56
C ARG A 41 -2.43 1.06 6.75
N GLN A 42 -2.83 -0.02 6.08
CA GLN A 42 -4.05 -0.02 5.28
C GLN A 42 -5.27 -0.04 6.19
N GLN A 43 -5.14 -0.74 7.31
CA GLN A 43 -6.19 -0.77 8.31
C GLN A 43 -6.34 0.61 8.96
N ARG A 44 -5.22 1.31 9.07
CA ARG A 44 -5.18 2.60 9.76
C ARG A 44 -5.64 3.71 8.85
N ALA A 45 -5.61 3.45 7.55
CA ALA A 45 -6.05 4.41 6.56
C ALA A 45 -7.58 4.51 6.58
N HIS A 46 -8.08 5.74 6.54
CA HIS A 46 -9.52 6.00 6.49
C HIS A 46 -10.14 5.24 5.33
N SER A 47 -11.05 4.31 5.66
CA SER A 47 -11.48 3.26 4.74
C SER A 47 -12.21 3.75 3.48
N LEU A 48 -12.34 5.06 3.29
CA LEU A 48 -13.01 5.58 2.12
C LEU A 48 -12.19 5.40 0.85
N PHE A 49 -10.96 5.92 0.84
CA PHE A 49 -10.13 5.86 -0.35
C PHE A 49 -9.68 4.42 -0.63
N LEU A 50 -9.42 3.63 0.42
CA LEU A 50 -9.14 2.21 0.24
C LEU A 50 -10.30 1.51 -0.46
N ALA A 51 -11.49 2.11 -0.40
CA ALA A 51 -12.67 1.54 -1.02
C ALA A 51 -13.06 2.31 -2.28
N SER A 52 -12.08 2.95 -2.89
CA SER A 52 -12.29 3.83 -4.01
C SER A 52 -11.43 3.40 -5.20
N ALA A 53 -11.75 3.95 -6.36
CA ALA A 53 -11.03 3.63 -7.58
C ALA A 53 -9.63 4.19 -7.52
N GLU A 54 -9.44 5.20 -6.71
CA GLU A 54 -8.15 5.82 -6.53
C GLU A 54 -7.13 4.79 -6.08
N PHE A 55 -7.51 4.02 -5.06
CA PHE A 55 -6.63 3.00 -4.52
C PHE A 55 -6.45 1.86 -5.52
N CYS A 56 -7.45 1.66 -6.37
CA CYS A 56 -7.38 0.63 -7.40
C CYS A 56 -6.23 0.93 -8.36
N ASN A 57 -6.06 2.22 -8.71
CA ASN A 57 -4.91 2.66 -9.49
C ASN A 57 -3.63 2.28 -8.77
N ILE A 58 -3.52 2.76 -7.54
CA ILE A 58 -2.32 2.54 -6.74
C ILE A 58 -1.96 1.06 -6.66
N LEU A 59 -2.91 0.25 -6.24
CA LEU A 59 -2.68 -1.17 -6.04
C LEU A 59 -2.32 -1.89 -7.32
N SER A 60 -3.16 -1.76 -8.33
CA SER A 60 -2.93 -2.46 -9.58
C SER A 60 -1.58 -2.05 -10.18
N ARG A 61 -1.24 -0.80 -9.97
CA ARG A 61 -0.01 -0.24 -10.49
C ARG A 61 1.21 -0.75 -9.71
N VAL A 62 1.26 -0.49 -8.40
CA VAL A 62 2.46 -0.83 -7.61
C VAL A 62 2.63 -2.33 -7.45
N LEU A 63 1.54 -3.05 -7.24
CA LEU A 63 1.60 -4.48 -7.08
C LEU A 63 2.16 -5.14 -8.34
N SER A 64 1.65 -4.72 -9.50
CA SER A 64 2.11 -5.28 -10.75
C SER A 64 3.57 -4.91 -11.01
N ARG A 65 3.94 -3.69 -10.62
CA ARG A 65 5.32 -3.25 -10.71
C ARG A 65 6.23 -4.15 -9.89
N ALA A 66 5.80 -4.50 -8.67
CA ALA A 66 6.60 -5.32 -7.77
C ALA A 66 6.69 -6.76 -8.24
N ARG A 67 5.64 -7.24 -8.90
CA ARG A 67 5.65 -8.56 -9.50
C ARG A 67 6.67 -8.60 -10.65
N SER A 68 6.74 -7.49 -11.38
CA SER A 68 7.65 -7.34 -12.50
C SER A 68 9.07 -7.11 -12.01
N ARG A 69 9.19 -6.13 -11.14
CA ARG A 69 10.47 -5.71 -10.58
C ARG A 69 10.52 -5.96 -9.08
N PRO A 70 10.80 -7.20 -8.67
CA PRO A 70 10.98 -7.57 -7.26
C PRO A 70 12.09 -6.74 -6.62
N ALA A 71 13.01 -6.31 -7.47
CA ALA A 71 14.15 -5.52 -7.07
C ALA A 71 13.74 -4.21 -6.40
N LYS A 72 12.61 -3.66 -6.82
CA LYS A 72 12.14 -2.40 -6.27
C LYS A 72 10.78 -2.58 -5.60
N LEU A 73 10.46 -3.83 -5.28
CA LEU A 73 9.26 -4.17 -4.54
C LEU A 73 9.08 -3.26 -3.33
N TYR A 74 10.18 -2.97 -2.65
CA TYR A 74 10.14 -2.16 -1.45
C TYR A 74 9.66 -0.76 -1.75
N VAL A 75 10.13 -0.17 -2.85
CA VAL A 75 9.64 1.13 -3.26
C VAL A 75 8.12 1.13 -3.40
N TYR A 76 7.59 0.06 -3.96
CA TYR A 76 6.15 -0.06 -4.14
C TYR A 76 5.47 -0.34 -2.81
N ILE A 77 6.16 -1.04 -1.94
CA ILE A 77 5.77 -1.20 -0.54
C ILE A 77 5.70 0.17 0.12
N ASN A 78 6.77 0.93 -0.03
CA ASN A 78 6.89 2.29 0.47
C ASN A 78 5.75 3.14 -0.05
N GLU A 79 5.56 3.09 -1.37
CA GLU A 79 4.49 3.83 -2.03
C GLU A 79 3.16 3.48 -1.44
N LEU A 80 2.79 2.22 -1.56
CA LEU A 80 1.52 1.71 -1.08
C LEU A 80 1.26 2.12 0.37
N CYS A 81 2.29 2.08 1.21
CA CYS A 81 2.18 2.50 2.61
C CYS A 81 1.96 4.01 2.72
N THR A 82 2.78 4.78 2.01
CA THR A 82 2.67 6.24 2.04
C THR A 82 1.34 6.67 1.43
N VAL A 83 0.96 5.95 0.39
CA VAL A 83 -0.31 6.13 -0.31
C VAL A 83 -1.47 6.10 0.67
N LEU A 84 -1.38 5.21 1.64
CA LEU A 84 -2.42 5.02 2.62
C LEU A 84 -2.55 6.22 3.55
N LYS A 85 -1.46 6.75 4.03
CA LYS A 85 -1.55 7.92 4.91
C LYS A 85 -1.75 9.20 4.10
N ALA A 86 -1.27 9.20 2.87
CA ALA A 86 -1.41 10.36 2.00
C ALA A 86 -2.86 10.65 1.66
N HIS A 87 -3.62 9.63 1.28
CA HIS A 87 -4.95 9.83 0.72
C HIS A 87 -6.07 9.45 1.69
N SER A 88 -5.70 8.94 2.86
CA SER A 88 -6.67 8.61 3.88
C SER A 88 -6.38 9.43 5.12
N ALA A 89 -7.10 9.16 6.20
CA ALA A 89 -6.95 9.91 7.45
C ALA A 89 -5.49 9.97 7.87
N LYS A 90 -5.02 11.19 8.12
CA LYS A 90 -3.63 11.41 8.49
C LYS A 90 -3.57 11.76 9.96
N LYS A 91 -4.62 12.43 10.38
CA LYS A 91 -4.79 12.89 11.74
C LYS A 91 -5.47 11.82 12.57
N LYS A 92 -4.83 11.41 13.67
CA LYS A 92 -5.39 10.36 14.51
C LYS A 92 -6.25 10.97 15.62
N LEU A 93 -6.26 12.30 15.68
CA LEU A 93 -7.04 13.01 16.68
C LEU A 93 -8.54 12.78 16.45
N ASN A 94 -8.98 13.03 15.23
CA ASN A 94 -10.37 12.83 14.86
C ASN A 94 -10.47 12.63 13.36
N GLY B 1 6.11 16.74 13.08
CA GLY B 1 6.06 16.54 11.61
C GLY B 1 5.85 15.09 11.28
N SER B 2 6.84 14.48 10.65
CA SER B 2 6.76 13.08 10.28
C SER B 2 7.08 12.18 11.47
N GLN B 3 6.15 12.10 12.40
CA GLN B 3 6.27 11.15 13.51
C GLN B 3 6.06 9.75 12.97
N GLU B 4 5.41 9.68 11.82
CA GLU B 4 5.33 8.46 11.04
C GLU B 4 5.99 8.73 9.70
N ASP B 5 6.93 7.89 9.31
CA ASP B 5 7.65 8.09 8.06
C ASP B 5 6.88 7.50 6.90
N SER B 6 7.29 7.86 5.70
CA SER B 6 6.65 7.37 4.49
C SER B 6 7.36 6.14 3.94
N ASP B 7 8.23 6.38 2.99
CA ASP B 7 9.04 5.35 2.36
C ASP B 7 10.18 4.94 3.29
N SER B 8 10.75 5.92 3.95
CA SER B 8 11.89 5.70 4.82
C SER B 8 11.55 4.80 6.00
N GLU B 9 10.28 4.79 6.36
CA GLU B 9 9.75 3.96 7.44
C GLU B 9 10.13 2.49 7.22
N LEU B 10 10.11 2.08 5.97
CA LEU B 10 10.47 0.72 5.60
C LEU B 10 11.96 0.55 5.70
N GLU B 11 12.65 1.49 5.08
CA GLU B 11 14.10 1.50 4.95
C GLU B 11 14.79 1.35 6.30
N GLN B 12 14.09 1.71 7.35
CA GLN B 12 14.61 1.65 8.71
C GLN B 12 15.24 0.31 9.00
N TYR B 13 14.51 -0.74 8.66
CA TYR B 13 14.93 -2.09 8.98
C TYR B 13 15.11 -2.95 7.73
N PHE B 14 14.42 -2.62 6.65
CA PHE B 14 14.49 -3.44 5.45
C PHE B 14 14.36 -2.61 4.18
N THR B 15 15.00 -3.09 3.11
CA THR B 15 14.89 -2.52 1.77
C THR B 15 15.65 -3.39 0.76
N ALA B 16 15.91 -2.85 -0.42
CA ALA B 16 16.59 -3.61 -1.46
C ALA B 16 17.72 -2.79 -2.08
N ARG B 17 18.23 -3.29 -3.20
CA ARG B 17 19.29 -2.63 -3.93
C ARG B 17 18.90 -1.21 -4.34
N TRP B 18 17.70 -1.08 -4.90
CA TRP B 18 17.15 0.20 -5.31
C TRP B 18 18.05 0.92 -6.29
N GLY A 1 -21.93 -2.81 -15.56
CA GLY A 1 -22.55 -2.06 -14.46
C GLY A 1 -23.37 -0.89 -14.97
N SER A 2 -23.94 -0.11 -14.06
CA SER A 2 -24.72 1.05 -14.45
C SER A 2 -24.62 2.14 -13.39
N HIS A 3 -24.68 3.39 -13.84
CA HIS A 3 -24.58 4.56 -12.97
C HIS A 3 -23.15 4.68 -12.40
N MET A 4 -22.90 3.92 -11.33
CA MET A 4 -21.58 3.89 -10.69
C MET A 4 -21.16 5.30 -10.29
N GLY A 5 -22.09 6.04 -9.68
CA GLY A 5 -21.80 7.37 -9.21
C GLY A 5 -20.68 7.38 -8.18
N LYS A 6 -20.83 6.55 -7.16
CA LYS A 6 -19.78 6.35 -6.20
C LYS A 6 -18.79 5.31 -6.69
N LYS A 7 -17.54 5.67 -6.65
CA LYS A 7 -16.48 4.78 -7.11
C LYS A 7 -16.12 3.77 -6.04
N CYS A 8 -16.91 2.72 -5.99
CA CYS A 8 -16.72 1.65 -5.03
C CYS A 8 -15.73 0.62 -5.55
N TYR A 9 -14.52 0.63 -5.01
CA TYR A 9 -13.50 -0.34 -5.38
C TYR A 9 -13.03 -1.11 -4.16
N LYS A 10 -13.89 -1.16 -3.14
CA LYS A 10 -13.62 -1.90 -1.92
C LYS A 10 -13.28 -3.35 -2.24
N LEU A 11 -14.21 -4.03 -2.90
CA LEU A 11 -14.06 -5.44 -3.24
C LEU A 11 -12.76 -5.71 -3.96
N GLU A 12 -12.37 -4.80 -4.84
CA GLU A 12 -11.14 -4.92 -5.60
C GLU A 12 -9.92 -4.75 -4.73
N ASN A 13 -9.84 -3.64 -4.03
CA ASN A 13 -8.63 -3.25 -3.33
C ASN A 13 -8.36 -4.15 -2.14
N GLU A 14 -9.42 -4.72 -1.57
CA GLU A 14 -9.26 -5.63 -0.45
C GLU A 14 -8.53 -6.90 -0.88
N LYS A 15 -8.93 -7.47 -2.01
CA LYS A 15 -8.28 -8.67 -2.53
C LYS A 15 -6.94 -8.29 -3.13
N LEU A 16 -6.93 -7.13 -3.73
CA LEU A 16 -5.77 -6.58 -4.41
C LEU A 16 -4.57 -6.40 -3.47
N PHE A 17 -4.81 -5.75 -2.34
CA PHE A 17 -3.77 -5.53 -1.35
C PHE A 17 -3.12 -6.85 -0.95
N GLU A 18 -3.94 -7.89 -0.82
CA GLU A 18 -3.47 -9.24 -0.53
C GLU A 18 -2.50 -9.70 -1.58
N GLU A 19 -2.87 -9.46 -2.83
CA GLU A 19 -2.05 -9.92 -3.96
C GLU A 19 -0.61 -9.44 -3.81
N PHE A 20 -0.47 -8.20 -3.37
CA PHE A 20 0.84 -7.61 -3.12
C PHE A 20 1.50 -8.29 -1.93
N LEU A 21 0.75 -8.46 -0.86
CA LEU A 21 1.27 -9.01 0.38
C LEU A 21 1.65 -10.47 0.26
N GLU A 22 0.81 -11.22 -0.42
CA GLU A 22 1.06 -12.63 -0.66
C GLU A 22 2.29 -12.78 -1.55
N LEU A 23 2.50 -11.80 -2.40
CA LEU A 23 3.74 -11.69 -3.15
C LEU A 23 4.88 -11.30 -2.21
N CYS A 24 4.60 -10.35 -1.32
CA CYS A 24 5.58 -9.83 -0.39
C CYS A 24 6.09 -10.94 0.53
N LYS A 25 5.22 -11.89 0.88
CA LYS A 25 5.61 -13.05 1.64
C LYS A 25 6.72 -13.84 0.96
N MET A 26 6.80 -13.73 -0.36
CA MET A 26 7.78 -14.48 -1.13
C MET A 26 9.03 -13.66 -1.30
N GLN A 27 8.82 -12.37 -1.49
CA GLN A 27 9.90 -11.45 -1.76
C GLN A 27 10.60 -11.06 -0.47
N THR A 28 9.85 -10.48 0.45
CA THR A 28 10.40 -10.07 1.72
C THR A 28 10.40 -11.24 2.70
N ALA A 29 10.81 -12.39 2.20
CA ALA A 29 10.92 -13.58 3.02
C ALA A 29 12.08 -13.43 4.00
N ASP A 30 13.05 -12.64 3.61
CA ASP A 30 14.20 -12.33 4.45
C ASP A 30 13.89 -11.12 5.35
N HIS A 31 12.85 -10.38 4.96
CA HIS A 31 12.42 -9.19 5.69
C HIS A 31 10.91 -9.24 5.92
N PRO A 32 10.43 -10.20 6.73
CA PRO A 32 8.99 -10.47 6.89
C PRO A 32 8.24 -9.43 7.72
N GLU A 33 8.82 -8.24 7.84
CA GLU A 33 8.21 -7.17 8.62
C GLU A 33 7.28 -6.33 7.74
N VAL A 34 7.59 -6.33 6.44
CA VAL A 34 6.85 -5.53 5.46
C VAL A 34 5.36 -5.84 5.45
N VAL A 35 5.04 -7.11 5.24
CA VAL A 35 3.66 -7.57 5.11
C VAL A 35 2.79 -7.16 6.31
N PRO A 36 3.19 -7.51 7.55
CA PRO A 36 2.46 -7.07 8.76
C PRO A 36 2.34 -5.56 8.83
N PHE A 37 3.36 -4.86 8.35
CA PHE A 37 3.37 -3.40 8.35
C PHE A 37 2.31 -2.88 7.36
N LEU A 38 2.36 -3.37 6.13
CA LEU A 38 1.40 -2.94 5.12
C LEU A 38 -0.03 -3.19 5.56
N TYR A 39 -0.23 -4.31 6.24
CA TYR A 39 -1.53 -4.61 6.83
C TYR A 39 -1.90 -3.53 7.84
N ASN A 40 -0.96 -3.24 8.73
CA ASN A 40 -1.14 -2.25 9.79
C ASN A 40 -1.51 -0.90 9.21
N ARG A 41 -0.69 -0.44 8.28
CA ARG A 41 -0.86 0.87 7.68
C ARG A 41 -2.19 0.96 6.93
N GLN A 42 -2.60 -0.15 6.32
CA GLN A 42 -3.87 -0.19 5.60
C GLN A 42 -5.02 -0.04 6.58
N GLN A 43 -4.85 -0.59 7.78
CA GLN A 43 -5.88 -0.52 8.81
C GLN A 43 -5.97 0.90 9.36
N ARG A 44 -4.85 1.62 9.29
CA ARG A 44 -4.80 2.99 9.79
C ARG A 44 -5.36 3.94 8.77
N ALA A 45 -5.48 3.47 7.55
CA ALA A 45 -6.03 4.24 6.47
C ALA A 45 -7.55 4.13 6.45
N HIS A 46 -8.21 5.27 6.24
CA HIS A 46 -9.67 5.31 6.20
C HIS A 46 -10.20 4.45 5.06
N SER A 47 -11.27 3.71 5.35
CA SER A 47 -11.81 2.72 4.43
C SER A 47 -12.39 3.34 3.15
N LEU A 48 -12.55 4.65 3.11
CA LEU A 48 -13.15 5.31 1.96
C LEU A 48 -12.20 5.35 0.77
N PHE A 49 -10.96 5.77 0.99
CA PHE A 49 -9.97 5.79 -0.08
C PHE A 49 -9.61 4.37 -0.50
N LEU A 50 -9.52 3.49 0.48
CA LEU A 50 -9.25 2.08 0.25
C LEU A 50 -10.36 1.45 -0.60
N ALA A 51 -11.50 2.12 -0.65
CA ALA A 51 -12.61 1.67 -1.46
C ALA A 51 -12.85 2.59 -2.66
N SER A 52 -11.77 3.18 -3.17
CA SER A 52 -11.84 4.16 -4.24
C SER A 52 -11.02 3.71 -5.44
N ALA A 53 -11.32 4.30 -6.58
CA ALA A 53 -10.66 3.96 -7.84
C ALA A 53 -9.22 4.40 -7.84
N GLU A 54 -8.93 5.43 -7.06
CA GLU A 54 -7.57 5.94 -7.01
C GLU A 54 -6.66 4.89 -6.41
N PHE A 55 -7.10 4.29 -5.31
CA PHE A 55 -6.32 3.26 -4.64
C PHE A 55 -6.20 2.02 -5.52
N CYS A 56 -7.21 1.79 -6.36
CA CYS A 56 -7.18 0.69 -7.31
C CYS A 56 -6.00 0.84 -8.27
N ASN A 57 -5.82 2.06 -8.78
CA ASN A 57 -4.67 2.38 -9.63
C ASN A 57 -3.38 2.08 -8.89
N ILE A 58 -3.26 2.64 -7.69
CA ILE A 58 -2.08 2.45 -6.87
C ILE A 58 -1.75 0.98 -6.70
N LEU A 59 -2.73 0.21 -6.25
CA LEU A 59 -2.56 -1.21 -6.02
C LEU A 59 -2.20 -1.96 -7.29
N SER A 60 -3.00 -1.77 -8.32
CA SER A 60 -2.78 -2.43 -9.60
C SER A 60 -1.38 -2.11 -10.12
N ARG A 61 -0.97 -0.86 -9.95
CA ARG A 61 0.32 -0.40 -10.42
C ARG A 61 1.47 -0.95 -9.57
N VAL A 62 1.47 -0.65 -8.28
CA VAL A 62 2.61 -0.97 -7.42
C VAL A 62 2.77 -2.48 -7.25
N LEU A 63 1.66 -3.19 -7.10
CA LEU A 63 1.70 -4.62 -6.94
C LEU A 63 2.24 -5.28 -8.20
N SER A 64 1.75 -4.86 -9.35
CA SER A 64 2.16 -5.47 -10.61
C SER A 64 3.61 -5.11 -10.92
N ARG A 65 4.00 -3.89 -10.58
CA ARG A 65 5.39 -3.47 -10.70
C ARG A 65 6.29 -4.31 -9.81
N ALA A 66 5.82 -4.61 -8.60
CA ALA A 66 6.60 -5.40 -7.65
C ALA A 66 6.66 -6.87 -8.06
N ARG A 67 5.61 -7.32 -8.73
CA ARG A 67 5.60 -8.66 -9.30
C ARG A 67 6.62 -8.77 -10.41
N SER A 68 6.72 -7.70 -11.19
CA SER A 68 7.67 -7.60 -12.28
C SER A 68 9.08 -7.42 -11.74
N ARG A 69 9.21 -6.40 -10.91
CA ARG A 69 10.48 -6.05 -10.29
C ARG A 69 10.43 -6.22 -8.77
N PRO A 70 10.73 -7.43 -8.29
CA PRO A 70 10.93 -7.69 -6.86
C PRO A 70 12.04 -6.82 -6.31
N ALA A 71 12.93 -6.44 -7.22
CA ALA A 71 14.07 -5.60 -6.91
C ALA A 71 13.63 -4.24 -6.36
N LYS A 72 12.47 -3.76 -6.79
CA LYS A 72 11.98 -2.47 -6.36
C LYS A 72 10.66 -2.59 -5.65
N LEU A 73 10.32 -3.83 -5.29
CA LEU A 73 9.12 -4.13 -4.52
C LEU A 73 8.96 -3.17 -3.34
N TYR A 74 10.08 -2.86 -2.70
CA TYR A 74 10.06 -2.03 -1.51
C TYR A 74 9.59 -0.64 -1.81
N VAL A 75 10.05 -0.05 -2.91
CA VAL A 75 9.55 1.26 -3.30
C VAL A 75 8.04 1.26 -3.43
N TYR A 76 7.50 0.18 -3.97
CA TYR A 76 6.07 0.03 -4.15
C TYR A 76 5.40 -0.22 -2.81
N ILE A 77 6.12 -0.91 -1.92
CA ILE A 77 5.72 -1.05 -0.53
C ILE A 77 5.64 0.32 0.13
N ASN A 78 6.73 1.07 -0.02
CA ASN A 78 6.85 2.41 0.52
C ASN A 78 5.72 3.29 0.00
N GLU A 79 5.50 3.24 -1.30
CA GLU A 79 4.41 3.97 -1.93
C GLU A 79 3.10 3.60 -1.31
N LEU A 80 2.76 2.33 -1.44
CA LEU A 80 1.50 1.79 -0.95
C LEU A 80 1.25 2.20 0.51
N CYS A 81 2.30 2.10 1.33
CA CYS A 81 2.21 2.45 2.74
C CYS A 81 1.88 3.94 2.93
N THR A 82 2.58 4.80 2.20
CA THR A 82 2.34 6.23 2.31
C THR A 82 1.02 6.59 1.65
N VAL A 83 0.75 5.92 0.54
CA VAL A 83 -0.49 6.07 -0.22
C VAL A 83 -1.69 5.92 0.70
N LEU A 84 -1.60 4.95 1.59
CA LEU A 84 -2.67 4.69 2.54
C LEU A 84 -2.98 5.92 3.38
N LYS A 85 -1.98 6.51 4.00
CA LYS A 85 -2.22 7.64 4.89
C LYS A 85 -2.37 8.95 4.14
N ALA A 86 -1.70 9.06 3.01
CA ALA A 86 -1.71 10.29 2.23
C ALA A 86 -3.12 10.64 1.77
N HIS A 87 -3.90 9.62 1.41
CA HIS A 87 -5.18 9.85 0.80
C HIS A 87 -6.34 9.39 1.69
N SER A 88 -6.02 8.85 2.87
CA SER A 88 -7.06 8.37 3.78
C SER A 88 -6.89 9.02 5.17
N ALA A 89 -7.74 8.61 6.10
CA ALA A 89 -7.71 9.16 7.45
C ALA A 89 -6.73 8.40 8.32
N LYS A 90 -6.81 8.60 9.63
CA LYS A 90 -5.85 8.01 10.56
C LYS A 90 -6.55 7.09 11.56
N LYS A 91 -7.82 6.83 11.33
CA LYS A 91 -8.65 6.12 12.26
C LYS A 91 -9.79 5.40 11.54
N LYS A 92 -10.20 4.25 12.08
CA LYS A 92 -11.35 3.54 11.54
C LYS A 92 -12.63 4.25 11.91
N LEU A 93 -13.41 4.62 10.91
CA LEU A 93 -14.73 5.14 11.11
C LEU A 93 -15.75 4.03 10.92
N ASN A 94 -15.54 3.24 9.88
CA ASN A 94 -16.42 2.13 9.56
C ASN A 94 -15.80 0.84 10.10
N GLY B 1 6.11 9.29 16.53
CA GLY B 1 5.59 9.81 15.26
C GLY B 1 5.86 8.88 14.10
N SER B 2 6.99 9.07 13.46
CA SER B 2 7.40 8.25 12.32
C SER B 2 6.46 8.40 11.13
N GLN B 3 5.68 9.47 11.14
CA GLN B 3 4.80 9.78 10.02
C GLN B 3 5.56 10.64 9.02
N GLU B 4 6.65 11.22 9.52
CA GLU B 4 7.56 11.98 8.68
C GLU B 4 8.38 11.05 7.82
N ASP B 5 8.48 9.84 8.29
CA ASP B 5 9.21 8.79 7.58
C ASP B 5 8.26 8.12 6.60
N SER B 6 8.17 8.72 5.44
CA SER B 6 7.23 8.26 4.42
C SER B 6 7.63 6.89 3.89
N ASP B 7 8.58 6.89 2.98
CA ASP B 7 9.13 5.66 2.45
C ASP B 7 10.19 5.13 3.40
N SER B 8 10.86 6.07 4.06
CA SER B 8 12.00 5.77 4.90
C SER B 8 11.65 4.87 6.08
N GLU B 9 10.39 4.90 6.47
CA GLU B 9 9.88 4.06 7.55
C GLU B 9 10.23 2.60 7.29
N LEU B 10 10.15 2.21 6.04
CA LEU B 10 10.50 0.87 5.61
C LEU B 10 12.00 0.70 5.68
N GLU B 11 12.66 1.66 5.05
CA GLU B 11 14.11 1.67 4.89
C GLU B 11 14.85 1.55 6.23
N GLN B 12 14.14 1.85 7.31
CA GLN B 12 14.70 1.80 8.65
C GLN B 12 15.28 0.44 8.95
N TYR B 13 14.52 -0.59 8.60
CA TYR B 13 14.92 -1.96 8.93
C TYR B 13 15.13 -2.81 7.69
N PHE B 14 14.43 -2.51 6.60
CA PHE B 14 14.51 -3.34 5.41
C PHE B 14 14.40 -2.51 4.14
N THR B 15 15.03 -3.00 3.08
CA THR B 15 14.95 -2.40 1.74
C THR B 15 15.69 -3.27 0.72
N ALA B 16 15.92 -2.71 -0.47
CA ALA B 16 16.58 -3.43 -1.55
C ALA B 16 17.70 -2.58 -2.15
N ARG B 17 18.24 -3.07 -3.27
CA ARG B 17 19.30 -2.36 -3.98
C ARG B 17 18.98 -0.89 -4.20
N TRP B 18 17.77 -0.62 -4.69
CA TRP B 18 17.30 0.73 -4.96
C TRP B 18 18.33 1.56 -5.73
N GLY A 1 -15.07 4.36 -21.80
CA GLY A 1 -16.15 4.76 -20.88
C GLY A 1 -16.86 3.56 -20.28
N SER A 2 -17.05 3.57 -18.97
CA SER A 2 -17.73 2.49 -18.28
C SER A 2 -18.37 3.01 -16.99
N HIS A 3 -19.54 3.61 -17.14
CA HIS A 3 -20.25 4.18 -15.99
C HIS A 3 -20.95 3.10 -15.17
N MET A 4 -20.18 2.47 -14.28
CA MET A 4 -20.73 1.46 -13.40
C MET A 4 -21.39 2.11 -12.19
N GLY A 5 -22.71 2.16 -12.21
CA GLY A 5 -23.49 2.92 -11.24
C GLY A 5 -23.03 2.72 -9.80
N LYS A 6 -23.39 1.59 -9.22
CA LYS A 6 -22.92 1.23 -7.91
C LYS A 6 -21.53 0.61 -7.99
N LYS A 7 -20.60 1.19 -7.28
CA LYS A 7 -19.24 0.71 -7.27
C LYS A 7 -18.68 0.66 -5.86
N CYS A 8 -18.11 -0.47 -5.53
CA CYS A 8 -17.45 -0.64 -4.25
C CYS A 8 -16.03 -1.12 -4.50
N TYR A 9 -15.09 -0.20 -4.39
CA TYR A 9 -13.69 -0.50 -4.61
C TYR A 9 -13.07 -1.12 -3.39
N LYS A 10 -13.82 -1.17 -2.28
CA LYS A 10 -13.30 -1.70 -1.04
C LYS A 10 -12.72 -3.10 -1.25
N LEU A 11 -13.59 -4.04 -1.64
CA LEU A 11 -13.17 -5.42 -1.90
C LEU A 11 -12.06 -5.46 -2.94
N GLU A 12 -12.15 -4.57 -3.92
CA GLU A 12 -11.15 -4.47 -4.96
C GLU A 12 -9.76 -4.34 -4.39
N ASN A 13 -9.56 -3.41 -3.47
CA ASN A 13 -8.23 -3.24 -2.88
C ASN A 13 -7.98 -4.25 -1.76
N GLU A 14 -9.03 -4.87 -1.27
CA GLU A 14 -8.90 -5.89 -0.24
C GLU A 14 -8.24 -7.13 -0.81
N LYS A 15 -8.76 -7.61 -1.93
CA LYS A 15 -8.20 -8.77 -2.61
C LYS A 15 -6.90 -8.40 -3.31
N LEU A 16 -6.86 -7.17 -3.77
CA LEU A 16 -5.71 -6.63 -4.45
C LEU A 16 -4.49 -6.52 -3.54
N PHE A 17 -4.65 -5.82 -2.44
CA PHE A 17 -3.57 -5.61 -1.47
C PHE A 17 -2.90 -6.92 -1.09
N GLU A 18 -3.69 -7.97 -0.92
CA GLU A 18 -3.15 -9.26 -0.51
C GLU A 18 -2.36 -9.94 -1.63
N GLU A 19 -2.65 -9.61 -2.89
CA GLU A 19 -1.88 -10.17 -4.01
C GLU A 19 -0.43 -9.71 -3.87
N PHE A 20 -0.28 -8.45 -3.52
CA PHE A 20 1.00 -7.83 -3.29
C PHE A 20 1.67 -8.44 -2.07
N LEU A 21 0.91 -8.60 -1.00
CA LEU A 21 1.46 -9.07 0.26
C LEU A 21 1.96 -10.48 0.17
N GLU A 22 1.18 -11.32 -0.45
CA GLU A 22 1.54 -12.71 -0.56
C GLU A 22 2.75 -12.89 -1.45
N LEU A 23 2.90 -11.99 -2.41
CA LEU A 23 4.14 -11.86 -3.14
C LEU A 23 5.25 -11.43 -2.20
N CYS A 24 4.97 -10.42 -1.38
CA CYS A 24 5.95 -9.86 -0.47
C CYS A 24 6.41 -10.92 0.54
N LYS A 25 5.50 -11.81 0.95
CA LYS A 25 5.83 -12.88 1.89
C LYS A 25 6.93 -13.78 1.35
N MET A 26 7.08 -13.80 0.03
CA MET A 26 8.09 -14.63 -0.61
C MET A 26 9.36 -13.83 -0.80
N GLN A 27 9.18 -12.56 -1.12
CA GLN A 27 10.27 -11.68 -1.44
C GLN A 27 10.99 -11.22 -0.20
N THR A 28 10.26 -10.58 0.69
CA THR A 28 10.81 -10.05 1.92
C THR A 28 10.79 -11.13 2.99
N ALA A 29 11.26 -12.31 2.62
CA ALA A 29 11.30 -13.44 3.52
C ALA A 29 12.40 -13.25 4.57
N ASP A 30 13.38 -12.42 4.21
CA ASP A 30 14.44 -12.01 5.14
C ASP A 30 13.91 -10.96 6.12
N HIS A 31 12.81 -10.32 5.75
CA HIS A 31 12.19 -9.31 6.59
C HIS A 31 10.67 -9.40 6.54
N PRO A 32 10.08 -10.37 7.25
CA PRO A 32 8.62 -10.56 7.30
C PRO A 32 7.92 -9.48 8.12
N GLU A 33 8.52 -8.29 8.21
CA GLU A 33 7.87 -7.15 8.84
C GLU A 33 7.05 -6.38 7.82
N VAL A 34 7.52 -6.40 6.57
CA VAL A 34 6.92 -5.64 5.48
C VAL A 34 5.42 -5.94 5.32
N VAL A 35 5.13 -7.22 5.12
CA VAL A 35 3.76 -7.67 4.89
C VAL A 35 2.81 -7.26 6.03
N PRO A 36 3.09 -7.64 7.29
CA PRO A 36 2.29 -7.20 8.44
C PRO A 36 2.23 -5.69 8.56
N PHE A 37 3.30 -5.03 8.16
CA PHE A 37 3.39 -3.57 8.18
C PHE A 37 2.38 -2.98 7.20
N LEU A 38 2.36 -3.49 5.98
CA LEU A 38 1.40 -3.08 4.97
C LEU A 38 -0.02 -3.40 5.42
N TYR A 39 -0.20 -4.59 5.99
CA TYR A 39 -1.52 -5.01 6.52
C TYR A 39 -2.04 -3.95 7.48
N ASN A 40 -1.18 -3.57 8.41
CA ASN A 40 -1.53 -2.71 9.51
C ASN A 40 -1.86 -1.30 9.05
N ARG A 41 -1.01 -0.77 8.16
CA ARG A 41 -1.20 0.58 7.65
C ARG A 41 -2.48 0.68 6.83
N GLN A 42 -2.85 -0.40 6.13
CA GLN A 42 -4.09 -0.40 5.37
C GLN A 42 -5.28 -0.27 6.30
N GLN A 43 -5.16 -0.87 7.48
CA GLN A 43 -6.23 -0.84 8.47
C GLN A 43 -6.31 0.56 9.08
N ARG A 44 -5.17 1.25 9.09
CA ARG A 44 -5.09 2.59 9.67
C ARG A 44 -5.40 3.65 8.63
N ALA A 45 -5.60 3.22 7.40
CA ALA A 45 -6.02 4.11 6.33
C ALA A 45 -7.54 4.20 6.32
N HIS A 46 -8.05 5.42 6.22
CA HIS A 46 -9.49 5.62 6.19
C HIS A 46 -10.10 4.95 4.97
N SER A 47 -11.18 4.24 5.19
CA SER A 47 -11.77 3.37 4.16
C SER A 47 -12.37 4.15 2.99
N LEU A 48 -12.48 5.47 3.10
CA LEU A 48 -13.06 6.26 2.02
C LEU A 48 -12.14 6.31 0.81
N PHE A 49 -10.87 6.64 1.02
CA PHE A 49 -9.90 6.61 -0.06
C PHE A 49 -9.73 5.18 -0.58
N LEU A 50 -9.67 4.23 0.35
CA LEU A 50 -9.57 2.83 -0.03
C LEU A 50 -10.72 2.45 -0.95
N ALA A 51 -11.94 2.78 -0.56
CA ALA A 51 -13.12 2.48 -1.38
C ALA A 51 -13.28 3.51 -2.49
N SER A 52 -12.17 3.80 -3.15
CA SER A 52 -12.15 4.67 -4.30
C SER A 52 -11.21 4.07 -5.34
N ALA A 53 -11.64 4.11 -6.61
CA ALA A 53 -10.90 3.52 -7.71
C ALA A 53 -9.46 4.01 -7.79
N GLU A 54 -9.18 5.15 -7.18
CA GLU A 54 -7.84 5.67 -7.19
C GLU A 54 -6.88 4.68 -6.55
N PHE A 55 -7.22 4.23 -5.34
CA PHE A 55 -6.38 3.28 -4.62
C PHE A 55 -6.30 1.96 -5.38
N CYS A 56 -7.41 1.58 -6.01
CA CYS A 56 -7.43 0.42 -6.91
C CYS A 56 -6.32 0.54 -7.97
N ASN A 57 -6.18 1.73 -8.55
CA ASN A 57 -5.09 2.00 -9.51
C ASN A 57 -3.75 1.84 -8.83
N ILE A 58 -3.60 2.47 -7.68
CA ILE A 58 -2.35 2.41 -6.92
C ILE A 58 -1.91 0.96 -6.74
N LEU A 59 -2.81 0.14 -6.25
CA LEU A 59 -2.54 -1.26 -6.00
C LEU A 59 -2.22 -2.02 -7.28
N SER A 60 -3.12 -1.94 -8.24
CA SER A 60 -2.94 -2.64 -9.51
C SER A 60 -1.62 -2.24 -10.15
N ARG A 61 -1.27 -0.97 -9.97
CA ARG A 61 -0.01 -0.44 -10.47
C ARG A 61 1.18 -0.98 -9.68
N VAL A 62 1.23 -0.70 -8.38
CA VAL A 62 2.42 -1.04 -7.57
C VAL A 62 2.61 -2.54 -7.45
N LEU A 63 1.53 -3.28 -7.28
CA LEU A 63 1.60 -4.71 -7.13
C LEU A 63 2.17 -5.35 -8.39
N SER A 64 1.69 -4.91 -9.55
CA SER A 64 2.13 -5.47 -10.81
C SER A 64 3.56 -5.03 -11.12
N ARG A 65 3.89 -3.79 -10.74
CA ARG A 65 5.26 -3.30 -10.86
C ARG A 65 6.21 -4.14 -10.00
N ALA A 66 5.75 -4.54 -8.82
CA ALA A 66 6.56 -5.39 -7.95
C ALA A 66 6.65 -6.82 -8.49
N ARG A 67 5.55 -7.29 -9.08
CA ARG A 67 5.54 -8.56 -9.81
C ARG A 67 6.65 -8.56 -10.87
N SER A 68 6.71 -7.47 -11.61
CA SER A 68 7.66 -7.31 -12.71
C SER A 68 9.05 -7.07 -12.18
N ARG A 69 9.13 -6.16 -11.23
CA ARG A 69 10.38 -5.70 -10.66
C ARG A 69 10.44 -5.93 -9.15
N PRO A 70 10.75 -7.16 -8.74
CA PRO A 70 10.93 -7.51 -7.32
C PRO A 70 12.05 -6.71 -6.68
N ALA A 71 12.99 -6.27 -7.51
CA ALA A 71 14.13 -5.49 -7.06
C ALA A 71 13.71 -4.13 -6.51
N LYS A 72 12.54 -3.66 -6.92
CA LYS A 72 12.02 -2.38 -6.44
C LYS A 72 10.68 -2.57 -5.75
N LEU A 73 10.36 -3.82 -5.43
CA LEU A 73 9.18 -4.18 -4.67
C LEU A 73 9.00 -3.26 -3.46
N TYR A 74 10.10 -2.96 -2.77
CA TYR A 74 10.05 -2.13 -1.57
C TYR A 74 9.52 -0.76 -1.89
N VAL A 75 10.00 -0.15 -2.97
CA VAL A 75 9.49 1.16 -3.37
C VAL A 75 7.98 1.14 -3.49
N TYR A 76 7.45 0.07 -4.06
CA TYR A 76 6.02 -0.08 -4.24
C TYR A 76 5.36 -0.35 -2.88
N ILE A 77 6.10 -1.04 -2.02
CA ILE A 77 5.71 -1.21 -0.62
C ILE A 77 5.63 0.15 0.09
N ASN A 78 6.71 0.90 -0.03
CA ASN A 78 6.85 2.21 0.58
C ASN A 78 5.78 3.15 0.07
N GLU A 79 5.58 3.15 -1.24
CA GLU A 79 4.53 3.95 -1.86
C GLU A 79 3.20 3.58 -1.27
N LEU A 80 2.83 2.32 -1.44
CA LEU A 80 1.56 1.80 -0.97
C LEU A 80 1.29 2.16 0.49
N CYS A 81 2.30 2.00 1.34
CA CYS A 81 2.16 2.30 2.77
C CYS A 81 1.90 3.80 2.99
N THR A 82 2.61 4.63 2.25
CA THR A 82 2.43 6.08 2.36
C THR A 82 1.13 6.50 1.69
N VAL A 83 0.86 5.87 0.56
CA VAL A 83 -0.35 6.09 -0.21
C VAL A 83 -1.58 5.96 0.68
N LEU A 84 -1.51 5.01 1.59
CA LEU A 84 -2.57 4.78 2.55
C LEU A 84 -2.80 6.02 3.42
N LYS A 85 -1.76 6.55 4.03
CA LYS A 85 -1.94 7.68 4.95
C LYS A 85 -2.05 9.02 4.23
N ALA A 86 -1.42 9.12 3.08
CA ALA A 86 -1.42 10.35 2.31
C ALA A 86 -2.84 10.79 1.96
N HIS A 87 -3.68 9.82 1.60
CA HIS A 87 -5.01 10.14 1.13
C HIS A 87 -6.09 9.64 2.08
N SER A 88 -5.71 8.81 3.02
CA SER A 88 -6.66 8.25 3.97
C SER A 88 -6.17 8.48 5.39
N ALA A 89 -7.06 8.99 6.23
CA ALA A 89 -6.76 9.26 7.62
C ALA A 89 -5.53 10.15 7.76
N LYS A 90 -5.53 11.22 6.98
CA LYS A 90 -4.45 12.20 7.01
C LYS A 90 -4.81 13.24 8.04
N LYS A 91 -6.10 13.45 8.13
CA LYS A 91 -6.73 14.20 9.17
C LYS A 91 -6.86 13.29 10.38
N LYS A 92 -6.05 13.54 11.41
CA LYS A 92 -5.92 12.63 12.53
C LYS A 92 -7.18 12.63 13.39
N LEU A 93 -7.30 13.62 14.26
CA LEU A 93 -8.47 13.75 15.10
C LEU A 93 -9.08 15.13 14.89
N ASN A 94 -8.22 16.13 14.80
CA ASN A 94 -8.65 17.48 14.51
C ASN A 94 -8.42 17.76 13.03
N GLY B 1 13.97 18.42 5.47
CA GLY B 1 13.42 17.98 4.17
C GLY B 1 12.10 17.26 4.34
N SER B 2 12.08 16.30 5.24
CA SER B 2 10.86 15.57 5.56
C SER B 2 10.86 15.24 7.05
N GLN B 3 9.84 15.72 7.76
CA GLN B 3 9.79 15.58 9.20
C GLN B 3 9.12 14.25 9.59
N GLU B 4 8.78 13.45 8.60
CA GLU B 4 8.14 12.18 8.83
C GLU B 4 8.69 11.14 7.87
N ASP B 5 8.66 9.88 8.28
CA ASP B 5 9.18 8.81 7.45
C ASP B 5 8.09 8.30 6.52
N SER B 6 8.32 8.47 5.23
CA SER B 6 7.40 8.00 4.22
C SER B 6 7.85 6.64 3.73
N ASP B 7 8.81 6.65 2.83
CA ASP B 7 9.44 5.44 2.35
C ASP B 7 10.37 4.94 3.44
N SER B 8 11.06 5.87 4.07
CA SER B 8 12.06 5.57 5.07
C SER B 8 11.49 4.82 6.26
N GLU B 9 10.18 4.87 6.40
CA GLU B 9 9.48 4.11 7.44
C GLU B 9 9.71 2.62 7.26
N LEU B 10 9.84 2.21 6.01
CA LEU B 10 10.20 0.86 5.64
C LEU B 10 11.69 0.69 5.77
N GLU B 11 12.36 1.67 5.20
CA GLU B 11 13.83 1.72 5.13
C GLU B 11 14.49 1.62 6.49
N GLN B 12 13.69 1.83 7.53
CA GLN B 12 14.14 1.70 8.91
C GLN B 12 14.89 0.39 9.12
N TYR B 13 14.28 -0.68 8.63
CA TYR B 13 14.81 -2.00 8.85
C TYR B 13 15.04 -2.77 7.55
N PHE B 14 14.35 -2.41 6.49
CA PHE B 14 14.44 -3.20 5.26
C PHE B 14 14.28 -2.36 4.00
N THR B 15 14.99 -2.79 2.95
CA THR B 15 14.85 -2.24 1.59
C THR B 15 15.67 -3.07 0.61
N ALA B 16 15.83 -2.58 -0.61
CA ALA B 16 16.55 -3.31 -1.65
C ALA B 16 17.69 -2.45 -2.20
N ARG B 17 18.14 -2.75 -3.42
CA ARG B 17 19.23 -1.99 -4.03
C ARG B 17 18.84 -0.53 -4.22
N TRP B 18 17.60 -0.32 -4.69
CA TRP B 18 17.05 1.01 -4.93
C TRP B 18 17.96 1.88 -5.80
N GLY A 1 -26.63 -9.91 -6.55
CA GLY A 1 -27.69 -8.87 -6.46
C GLY A 1 -28.12 -8.38 -7.82
N SER A 2 -29.06 -7.45 -7.84
CA SER A 2 -29.53 -6.88 -9.09
C SER A 2 -28.58 -5.80 -9.57
N HIS A 3 -27.96 -6.05 -10.73
CA HIS A 3 -27.03 -5.11 -11.36
C HIS A 3 -25.75 -4.93 -10.55
N MET A 4 -24.85 -4.12 -11.08
CA MET A 4 -23.67 -3.70 -10.34
C MET A 4 -24.05 -2.49 -9.50
N GLY A 5 -24.83 -1.61 -10.10
CA GLY A 5 -25.26 -0.39 -9.43
C GLY A 5 -24.11 0.56 -9.22
N LYS A 6 -23.80 0.82 -7.97
CA LYS A 6 -22.65 1.61 -7.60
C LYS A 6 -21.40 0.76 -7.59
N LYS A 7 -20.29 1.36 -7.23
CA LYS A 7 -19.03 0.65 -7.20
C LYS A 7 -18.31 0.82 -5.88
N CYS A 8 -18.42 -0.20 -5.06
CA CYS A 8 -17.61 -0.29 -3.87
C CYS A 8 -16.32 -1.04 -4.18
N TYR A 9 -15.25 -0.28 -4.35
CA TYR A 9 -13.94 -0.83 -4.65
C TYR A 9 -13.27 -1.43 -3.44
N LYS A 10 -14.04 -1.66 -2.38
CA LYS A 10 -13.50 -2.19 -1.15
C LYS A 10 -12.89 -3.56 -1.41
N LEU A 11 -13.70 -4.53 -1.82
CA LEU A 11 -13.24 -5.88 -2.09
C LEU A 11 -12.11 -5.88 -3.11
N GLU A 12 -12.23 -5.01 -4.10
CA GLU A 12 -11.21 -4.86 -5.12
C GLU A 12 -9.86 -4.62 -4.51
N ASN A 13 -9.77 -3.60 -3.68
CA ASN A 13 -8.51 -3.20 -3.08
C ASN A 13 -8.13 -4.14 -1.94
N GLU A 14 -9.12 -4.82 -1.38
CA GLU A 14 -8.86 -5.84 -0.39
C GLU A 14 -8.12 -7.03 -1.00
N LYS A 15 -8.67 -7.57 -2.08
CA LYS A 15 -8.02 -8.68 -2.78
C LYS A 15 -6.73 -8.20 -3.41
N LEU A 16 -6.80 -6.99 -3.91
CA LEU A 16 -5.68 -6.33 -4.55
C LEU A 16 -4.48 -6.19 -3.62
N PHE A 17 -4.71 -5.55 -2.49
CA PHE A 17 -3.67 -5.33 -1.50
C PHE A 17 -2.97 -6.63 -1.13
N GLU A 18 -3.73 -7.70 -0.96
CA GLU A 18 -3.15 -8.97 -0.57
C GLU A 18 -2.41 -9.63 -1.74
N GLU A 19 -2.75 -9.29 -3.00
CA GLU A 19 -1.99 -9.82 -4.13
C GLU A 19 -0.54 -9.39 -4.01
N PHE A 20 -0.37 -8.20 -3.46
CA PHE A 20 0.94 -7.64 -3.20
C PHE A 20 1.58 -8.32 -1.99
N LEU A 21 0.81 -8.49 -0.93
CA LEU A 21 1.33 -9.01 0.32
C LEU A 21 1.72 -10.46 0.23
N GLU A 22 0.91 -11.25 -0.44
CA GLU A 22 1.20 -12.65 -0.64
C GLU A 22 2.45 -12.80 -1.49
N LEU A 23 2.64 -11.84 -2.39
CA LEU A 23 3.87 -11.72 -3.15
C LEU A 23 5.00 -11.27 -2.24
N CYS A 24 4.69 -10.34 -1.34
CA CYS A 24 5.66 -9.82 -0.41
C CYS A 24 6.13 -10.92 0.55
N LYS A 25 5.22 -11.84 0.92
CA LYS A 25 5.57 -13.01 1.70
C LYS A 25 6.65 -13.85 1.03
N MET A 26 6.74 -13.75 -0.29
CA MET A 26 7.69 -14.53 -1.05
C MET A 26 9.01 -13.78 -1.11
N GLN A 27 8.90 -12.50 -1.39
CA GLN A 27 10.05 -11.67 -1.62
C GLN A 27 10.70 -11.22 -0.31
N THR A 28 9.90 -10.64 0.58
CA THR A 28 10.41 -10.22 1.87
C THR A 28 10.28 -11.36 2.88
N ALA A 29 10.65 -12.54 2.45
CA ALA A 29 10.55 -13.73 3.27
C ALA A 29 11.56 -13.70 4.41
N ASP A 30 12.66 -12.99 4.20
CA ASP A 30 13.70 -12.82 5.21
C ASP A 30 13.53 -11.48 5.93
N HIS A 31 12.56 -10.71 5.45
CA HIS A 31 12.21 -9.42 6.03
C HIS A 31 10.71 -9.38 6.31
N PRO A 32 10.21 -10.27 7.19
CA PRO A 32 8.78 -10.52 7.37
C PRO A 32 8.04 -9.41 8.13
N GLU A 33 8.62 -8.22 8.19
CA GLU A 33 7.97 -7.09 8.83
C GLU A 33 7.14 -6.29 7.83
N VAL A 34 7.55 -6.36 6.56
CA VAL A 34 6.91 -5.59 5.50
C VAL A 34 5.42 -5.84 5.39
N VAL A 35 5.07 -7.10 5.21
CA VAL A 35 3.69 -7.52 5.02
C VAL A 35 2.79 -7.08 6.19
N PRO A 36 3.15 -7.44 7.45
CA PRO A 36 2.40 -6.97 8.63
C PRO A 36 2.29 -5.45 8.68
N PHE A 37 3.34 -4.78 8.24
CA PHE A 37 3.36 -3.32 8.19
C PHE A 37 2.32 -2.81 7.18
N LEU A 38 2.37 -3.34 5.96
CA LEU A 38 1.42 -2.93 4.93
C LEU A 38 0.00 -3.24 5.37
N TYR A 39 -0.18 -4.35 6.06
CA TYR A 39 -1.47 -4.68 6.67
C TYR A 39 -1.85 -3.56 7.64
N ASN A 40 -0.91 -3.24 8.52
CA ASN A 40 -1.12 -2.26 9.58
C ASN A 40 -1.53 -0.90 9.03
N ARG A 41 -0.69 -0.34 8.17
CA ARG A 41 -0.94 0.98 7.62
C ARG A 41 -2.26 1.02 6.85
N GLN A 42 -2.65 -0.10 6.26
CA GLN A 42 -3.91 -0.20 5.53
C GLN A 42 -5.07 -0.25 6.51
N GLN A 43 -4.86 -0.91 7.65
CA GLN A 43 -5.87 -0.96 8.71
C GLN A 43 -6.00 0.43 9.35
N ARG A 44 -4.91 1.17 9.36
CA ARG A 44 -4.88 2.50 9.95
C ARG A 44 -5.36 3.53 8.94
N ALA A 45 -5.41 3.12 7.67
CA ALA A 45 -5.89 3.96 6.60
C ALA A 45 -7.41 4.04 6.63
N HIS A 46 -7.95 5.07 5.99
CA HIS A 46 -9.39 5.32 6.04
C HIS A 46 -10.10 4.52 4.95
N SER A 47 -11.14 3.81 5.38
CA SER A 47 -11.85 2.85 4.54
C SER A 47 -12.40 3.46 3.24
N LEU A 48 -12.62 4.77 3.22
CA LEU A 48 -13.23 5.42 2.06
C LEU A 48 -12.26 5.43 0.87
N PHE A 49 -11.05 5.92 1.11
CA PHE A 49 -10.03 5.93 0.07
C PHE A 49 -9.67 4.51 -0.33
N LEU A 50 -9.61 3.63 0.65
CA LEU A 50 -9.30 2.22 0.42
C LEU A 50 -10.41 1.55 -0.39
N ALA A 51 -11.58 2.18 -0.43
CA ALA A 51 -12.69 1.68 -1.21
C ALA A 51 -12.93 2.54 -2.45
N SER A 52 -11.85 3.04 -3.06
CA SER A 52 -11.98 3.87 -4.26
C SER A 52 -11.17 3.28 -5.41
N ALA A 53 -11.66 3.49 -6.64
CA ALA A 53 -10.93 3.10 -7.84
C ALA A 53 -9.59 3.80 -7.90
N GLU A 54 -9.52 4.95 -7.26
CA GLU A 54 -8.29 5.70 -7.15
C GLU A 54 -7.20 4.81 -6.57
N PHE A 55 -7.48 4.28 -5.38
CA PHE A 55 -6.56 3.37 -4.71
C PHE A 55 -6.40 2.08 -5.50
N CYS A 56 -7.43 1.75 -6.27
CA CYS A 56 -7.39 0.57 -7.13
C CYS A 56 -6.28 0.72 -8.17
N ASN A 57 -6.12 1.93 -8.70
CA ASN A 57 -5.02 2.24 -9.61
C ASN A 57 -3.70 2.06 -8.92
N ILE A 58 -3.59 2.67 -7.74
CA ILE A 58 -2.38 2.58 -6.93
C ILE A 58 -1.97 1.12 -6.75
N LEU A 59 -2.91 0.32 -6.30
CA LEU A 59 -2.66 -1.10 -6.06
C LEU A 59 -2.32 -1.84 -7.34
N SER A 60 -3.18 -1.72 -8.34
CA SER A 60 -2.98 -2.42 -9.61
C SER A 60 -1.62 -2.08 -10.20
N ARG A 61 -1.21 -0.83 -10.00
CA ARG A 61 0.08 -0.37 -10.48
C ARG A 61 1.23 -0.88 -9.62
N VAL A 62 1.27 -0.54 -8.33
CA VAL A 62 2.44 -0.84 -7.51
C VAL A 62 2.62 -2.34 -7.31
N LEU A 63 1.53 -3.07 -7.14
CA LEU A 63 1.58 -4.49 -6.96
C LEU A 63 2.16 -5.15 -8.21
N SER A 64 1.67 -4.72 -9.38
CA SER A 64 2.14 -5.26 -10.64
C SER A 64 3.59 -4.85 -10.90
N ARG A 65 3.92 -3.62 -10.52
CA ARG A 65 5.29 -3.14 -10.63
C ARG A 65 6.24 -3.98 -9.80
N ALA A 66 5.86 -4.28 -8.55
CA ALA A 66 6.68 -5.09 -7.67
C ALA A 66 6.67 -6.55 -8.10
N ARG A 67 5.62 -6.94 -8.80
CA ARG A 67 5.50 -8.25 -9.38
C ARG A 67 6.39 -8.37 -10.62
N SER A 68 6.72 -7.22 -11.19
CA SER A 68 7.52 -7.15 -12.40
C SER A 68 8.98 -6.86 -12.05
N ARG A 69 9.15 -5.95 -11.13
CA ARG A 69 10.47 -5.54 -10.65
C ARG A 69 10.59 -5.82 -9.16
N PRO A 70 10.80 -7.10 -8.80
CA PRO A 70 10.92 -7.55 -7.41
C PRO A 70 12.03 -6.82 -6.65
N ALA A 71 13.06 -6.41 -7.38
CA ALA A 71 14.19 -5.73 -6.79
C ALA A 71 13.80 -4.39 -6.16
N LYS A 72 12.76 -3.75 -6.67
CA LYS A 72 12.28 -2.52 -6.09
C LYS A 72 10.90 -2.69 -5.47
N LEU A 73 10.58 -3.93 -5.11
CA LEU A 73 9.35 -4.26 -4.39
C LEU A 73 9.12 -3.29 -3.24
N TYR A 74 10.20 -2.94 -2.55
CA TYR A 74 10.12 -2.09 -1.38
C TYR A 74 9.64 -0.70 -1.74
N VAL A 75 10.16 -0.13 -2.80
CA VAL A 75 9.70 1.17 -3.26
C VAL A 75 8.18 1.17 -3.41
N TYR A 76 7.65 0.09 -3.94
CA TYR A 76 6.22 -0.05 -4.14
C TYR A 76 5.52 -0.32 -2.80
N ILE A 77 6.19 -1.07 -1.93
CA ILE A 77 5.78 -1.21 -0.53
C ILE A 77 5.67 0.17 0.12
N ASN A 78 6.75 0.92 -0.03
CA ASN A 78 6.89 2.27 0.47
C ASN A 78 5.77 3.15 -0.05
N GLU A 79 5.62 3.16 -1.38
CA GLU A 79 4.57 3.92 -2.03
C GLU A 79 3.22 3.59 -1.44
N LEU A 80 2.84 2.33 -1.59
CA LEU A 80 1.55 1.84 -1.13
C LEU A 80 1.28 2.23 0.32
N CYS A 81 2.28 2.08 1.17
CA CYS A 81 2.14 2.43 2.58
C CYS A 81 1.92 3.93 2.78
N THR A 82 2.70 4.75 2.08
CA THR A 82 2.59 6.19 2.21
C THR A 82 1.32 6.67 1.51
N VAL A 83 1.01 6.00 0.41
CA VAL A 83 -0.20 6.23 -0.36
C VAL A 83 -1.42 6.16 0.54
N LEU A 84 -1.42 5.17 1.43
CA LEU A 84 -2.51 4.97 2.37
C LEU A 84 -2.76 6.22 3.19
N LYS A 85 -1.73 6.73 3.83
CA LYS A 85 -1.89 7.86 4.75
C LYS A 85 -1.99 9.18 4.00
N ALA A 86 -1.37 9.24 2.84
CA ALA A 86 -1.42 10.45 2.01
C ALA A 86 -2.84 10.77 1.58
N HIS A 87 -3.64 9.74 1.32
CA HIS A 87 -4.95 9.96 0.75
C HIS A 87 -6.08 9.49 1.66
N SER A 88 -5.74 8.79 2.73
CA SER A 88 -6.75 8.38 3.70
C SER A 88 -6.23 8.60 5.11
N ALA A 89 -7.18 8.66 6.03
CA ALA A 89 -6.93 8.90 7.44
C ALA A 89 -6.00 10.09 7.67
N LYS A 90 -6.42 11.23 7.13
CA LYS A 90 -5.68 12.48 7.22
C LYS A 90 -6.62 13.62 6.92
N LYS A 91 -7.84 13.48 7.38
CA LYS A 91 -8.90 14.41 7.07
C LYS A 91 -9.20 15.31 8.26
N LYS A 92 -10.32 16.02 8.20
CA LYS A 92 -10.67 16.98 9.25
C LYS A 92 -11.19 16.24 10.49
N LEU A 93 -11.37 14.93 10.35
CA LEU A 93 -11.77 14.10 11.45
C LEU A 93 -10.63 13.97 12.46
N ASN A 94 -9.42 14.14 11.97
CA ASN A 94 -8.23 13.96 12.78
C ASN A 94 -7.77 15.29 13.36
N GLY B 1 6.21 14.03 7.15
CA GLY B 1 7.26 13.13 7.71
C GLY B 1 7.60 13.50 9.14
N SER B 2 7.12 14.65 9.59
CA SER B 2 7.35 15.11 10.95
C SER B 2 6.80 14.10 11.95
N GLN B 3 5.53 13.74 11.79
CA GLN B 3 4.87 12.78 12.67
C GLN B 3 5.08 11.38 12.15
N GLU B 4 4.35 11.02 11.11
CA GLU B 4 4.47 9.72 10.47
C GLU B 4 5.48 9.80 9.35
N ASP B 5 6.26 8.75 9.17
CA ASP B 5 7.26 8.74 8.11
C ASP B 5 6.67 8.30 6.79
N SER B 6 7.51 8.27 5.79
CA SER B 6 7.12 7.94 4.44
C SER B 6 7.75 6.62 4.04
N ASP B 7 8.12 6.50 2.78
CA ASP B 7 8.88 5.38 2.24
C ASP B 7 10.05 5.01 3.17
N SER B 8 10.66 6.02 3.77
CA SER B 8 11.82 5.82 4.61
C SER B 8 11.52 4.99 5.85
N GLU B 9 10.26 4.89 6.23
CA GLU B 9 9.86 4.14 7.41
C GLU B 9 10.16 2.66 7.22
N LEU B 10 10.11 2.23 5.98
CA LEU B 10 10.44 0.87 5.62
C LEU B 10 11.93 0.68 5.73
N GLU B 11 12.62 1.61 5.10
CA GLU B 11 14.07 1.61 5.00
C GLU B 11 14.75 1.51 6.37
N GLN B 12 14.02 1.91 7.40
CA GLN B 12 14.51 1.90 8.77
C GLN B 12 15.08 0.54 9.13
N TYR B 13 14.39 -0.51 8.72
CA TYR B 13 14.78 -1.87 9.08
C TYR B 13 14.99 -2.77 7.88
N PHE B 14 14.36 -2.46 6.74
CA PHE B 14 14.46 -3.33 5.58
C PHE B 14 14.36 -2.57 4.27
N THR B 15 15.05 -3.08 3.25
CA THR B 15 14.99 -2.56 1.89
C THR B 15 15.67 -3.54 0.92
N ALA B 16 15.93 -3.11 -0.30
CA ALA B 16 16.53 -3.97 -1.31
C ALA B 16 17.81 -3.36 -1.85
N ARG B 17 18.13 -3.69 -3.10
CA ARG B 17 19.32 -3.18 -3.78
C ARG B 17 19.31 -1.64 -3.78
N TRP B 18 18.14 -1.08 -4.10
CA TRP B 18 17.91 0.36 -4.21
C TRP B 18 19.09 1.12 -4.79
N GLY A 1 -28.81 13.80 -12.77
CA GLY A 1 -29.16 12.46 -12.25
C GLY A 1 -27.94 11.69 -11.77
N SER A 2 -28.16 10.65 -11.00
CA SER A 2 -27.07 9.83 -10.48
C SER A 2 -26.67 8.76 -11.50
N HIS A 3 -25.95 9.19 -12.53
CA HIS A 3 -25.52 8.30 -13.61
C HIS A 3 -24.46 7.33 -13.12
N MET A 4 -23.33 7.87 -12.69
CA MET A 4 -22.24 7.04 -12.20
C MET A 4 -22.01 7.26 -10.72
N GLY A 5 -22.20 8.50 -10.28
CA GLY A 5 -21.91 8.85 -8.90
C GLY A 5 -20.44 8.73 -8.61
N LYS A 6 -20.09 8.05 -7.52
CA LYS A 6 -18.72 7.72 -7.24
C LYS A 6 -18.50 6.22 -7.45
N LYS A 7 -17.27 5.84 -7.72
CA LYS A 7 -16.95 4.45 -7.95
C LYS A 7 -16.58 3.75 -6.65
N CYS A 8 -16.99 2.50 -6.52
CA CYS A 8 -16.68 1.71 -5.36
C CYS A 8 -15.80 0.55 -5.76
N TYR A 9 -14.52 0.66 -5.43
CA TYR A 9 -13.55 -0.38 -5.74
C TYR A 9 -13.17 -1.13 -4.49
N LYS A 10 -14.00 -0.97 -3.46
CA LYS A 10 -13.78 -1.54 -2.14
C LYS A 10 -13.37 -3.01 -2.21
N LEU A 11 -14.19 -3.81 -2.89
CA LEU A 11 -13.94 -5.25 -3.04
C LEU A 11 -12.58 -5.51 -3.68
N GLU A 12 -12.29 -4.76 -4.72
CA GLU A 12 -11.06 -4.92 -5.48
C GLU A 12 -9.82 -4.74 -4.64
N ASN A 13 -9.70 -3.62 -3.93
CA ASN A 13 -8.46 -3.31 -3.22
C ASN A 13 -8.22 -4.24 -2.04
N GLU A 14 -9.27 -4.87 -1.52
CA GLU A 14 -9.12 -5.84 -0.48
C GLU A 14 -8.30 -7.03 -0.94
N LYS A 15 -8.78 -7.60 -2.02
CA LYS A 15 -8.15 -8.78 -2.61
C LYS A 15 -6.87 -8.39 -3.33
N LEU A 16 -6.81 -7.14 -3.72
CA LEU A 16 -5.65 -6.57 -4.37
C LEU A 16 -4.48 -6.41 -3.42
N PHE A 17 -4.70 -5.70 -2.34
CA PHE A 17 -3.67 -5.42 -1.36
C PHE A 17 -2.97 -6.70 -0.92
N GLU A 18 -3.75 -7.75 -0.69
CA GLU A 18 -3.20 -9.00 -0.22
C GLU A 18 -2.35 -9.68 -1.31
N GLU A 19 -2.64 -9.44 -2.60
CA GLU A 19 -1.83 -10.05 -3.66
C GLU A 19 -0.40 -9.56 -3.57
N PHE A 20 -0.24 -8.29 -3.24
CA PHE A 20 1.06 -7.68 -3.04
C PHE A 20 1.77 -8.34 -1.86
N LEU A 21 1.01 -8.57 -0.80
CA LEU A 21 1.56 -9.12 0.42
C LEU A 21 1.95 -10.56 0.27
N GLU A 22 1.13 -11.30 -0.44
CA GLU A 22 1.39 -12.69 -0.70
C GLU A 22 2.63 -12.83 -1.57
N LEU A 23 2.86 -11.83 -2.41
CA LEU A 23 4.11 -11.70 -3.12
C LEU A 23 5.22 -11.29 -2.15
N CYS A 24 4.90 -10.34 -1.26
CA CYS A 24 5.87 -9.83 -0.31
C CYS A 24 6.39 -10.95 0.58
N LYS A 25 5.51 -11.89 0.94
CA LYS A 25 5.90 -13.07 1.71
C LYS A 25 7.02 -13.84 1.02
N MET A 26 7.12 -13.71 -0.29
CA MET A 26 8.11 -14.44 -1.07
C MET A 26 9.36 -13.61 -1.19
N GLN A 27 9.16 -12.33 -1.38
CA GLN A 27 10.24 -11.40 -1.63
C GLN A 27 10.95 -11.04 -0.34
N THR A 28 10.20 -10.48 0.59
CA THR A 28 10.74 -10.09 1.88
C THR A 28 10.65 -11.26 2.85
N ALA A 29 11.03 -12.42 2.35
CA ALA A 29 11.00 -13.64 3.13
C ALA A 29 12.02 -13.58 4.26
N ASP A 30 13.05 -12.76 4.06
CA ASP A 30 14.06 -12.53 5.08
C ASP A 30 13.70 -11.33 5.96
N HIS A 31 12.61 -10.66 5.62
CA HIS A 31 12.11 -9.55 6.42
C HIS A 31 10.59 -9.56 6.46
N PRO A 32 9.99 -10.49 7.24
CA PRO A 32 8.53 -10.60 7.36
C PRO A 32 7.92 -9.45 8.18
N GLU A 33 8.61 -8.31 8.17
CA GLU A 33 8.12 -7.11 8.85
C GLU A 33 7.27 -6.27 7.89
N VAL A 34 7.66 -6.31 6.62
CA VAL A 34 7.00 -5.55 5.56
C VAL A 34 5.49 -5.84 5.47
N VAL A 35 5.19 -7.11 5.28
CA VAL A 35 3.82 -7.59 5.08
C VAL A 35 2.88 -7.13 6.20
N PRO A 36 3.18 -7.44 7.49
CA PRO A 36 2.38 -6.96 8.62
C PRO A 36 2.27 -5.45 8.65
N PHE A 37 3.33 -4.76 8.24
CA PHE A 37 3.32 -3.30 8.18
C PHE A 37 2.26 -2.83 7.18
N LEU A 38 2.34 -3.36 5.96
CA LEU A 38 1.38 -3.02 4.93
C LEU A 38 -0.04 -3.39 5.35
N TYR A 39 -0.18 -4.57 5.97
CA TYR A 39 -1.48 -4.99 6.50
C TYR A 39 -2.01 -3.95 7.47
N ASN A 40 -1.16 -3.59 8.40
CA ASN A 40 -1.52 -2.74 9.51
C ASN A 40 -1.89 -1.35 9.02
N ARG A 41 -1.04 -0.78 8.18
CA ARG A 41 -1.25 0.56 7.65
C ARG A 41 -2.57 0.65 6.86
N GLN A 42 -2.91 -0.43 6.15
CA GLN A 42 -4.14 -0.46 5.37
C GLN A 42 -5.34 -0.51 6.31
N GLN A 43 -5.18 -1.21 7.42
CA GLN A 43 -6.22 -1.26 8.45
C GLN A 43 -6.38 0.12 9.10
N ARG A 44 -5.28 0.87 9.11
CA ARG A 44 -5.28 2.16 9.78
C ARG A 44 -5.60 3.28 8.80
N ALA A 45 -5.94 2.91 7.58
CA ALA A 45 -6.37 3.87 6.58
C ALA A 45 -7.89 4.04 6.64
N HIS A 46 -8.35 5.27 6.44
CA HIS A 46 -9.77 5.55 6.34
C HIS A 46 -10.35 4.85 5.12
N SER A 47 -11.55 4.33 5.27
CA SER A 47 -12.12 3.44 4.27
C SER A 47 -12.60 4.19 3.02
N LEU A 48 -12.62 5.51 3.07
CA LEU A 48 -13.12 6.30 1.95
C LEU A 48 -12.16 6.29 0.78
N PHE A 49 -10.87 6.49 1.06
CA PHE A 49 -9.87 6.43 0.02
C PHE A 49 -9.75 5.02 -0.52
N LEU A 50 -9.75 4.05 0.38
CA LEU A 50 -9.69 2.66 -0.01
C LEU A 50 -10.81 2.35 -1.00
N ALA A 51 -12.03 2.77 -0.68
CA ALA A 51 -13.19 2.51 -1.53
C ALA A 51 -13.33 3.58 -2.62
N SER A 52 -12.29 3.71 -3.43
CA SER A 52 -12.31 4.64 -4.55
C SER A 52 -11.60 4.02 -5.73
N ALA A 53 -11.71 4.65 -6.89
CA ALA A 53 -11.02 4.18 -8.08
C ALA A 53 -9.53 4.43 -7.96
N GLU A 54 -9.17 5.45 -7.19
CA GLU A 54 -7.79 5.88 -7.08
C GLU A 54 -6.92 4.79 -6.46
N PHE A 55 -7.35 4.27 -5.33
CA PHE A 55 -6.56 3.27 -4.62
C PHE A 55 -6.44 1.99 -5.42
N CYS A 56 -7.49 1.65 -6.17
CA CYS A 56 -7.42 0.52 -7.10
C CYS A 56 -6.27 0.70 -8.08
N ASN A 57 -6.14 1.92 -8.63
CA ASN A 57 -5.04 2.23 -9.53
C ASN A 57 -3.71 2.00 -8.84
N ILE A 58 -3.57 2.58 -7.66
CA ILE A 58 -2.36 2.45 -6.87
C ILE A 58 -1.97 0.99 -6.71
N LEU A 59 -2.90 0.19 -6.23
CA LEU A 59 -2.65 -1.22 -5.98
C LEU A 59 -2.33 -1.99 -7.24
N SER A 60 -3.19 -1.90 -8.24
CA SER A 60 -3.00 -2.62 -9.48
C SER A 60 -1.64 -2.29 -10.09
N ARG A 61 -1.28 -1.02 -9.98
CA ARG A 61 -0.02 -0.54 -10.51
C ARG A 61 1.17 -1.00 -9.65
N VAL A 62 1.19 -0.65 -8.36
CA VAL A 62 2.36 -0.96 -7.53
C VAL A 62 2.55 -2.45 -7.31
N LEU A 63 1.46 -3.19 -7.13
CA LEU A 63 1.55 -4.60 -6.90
C LEU A 63 2.16 -5.29 -8.12
N SER A 64 1.64 -4.98 -9.30
CA SER A 64 2.11 -5.61 -10.52
C SER A 64 3.53 -5.13 -10.84
N ARG A 65 3.83 -3.89 -10.46
CA ARG A 65 5.18 -3.38 -10.57
C ARG A 65 6.15 -4.23 -9.77
N ALA A 66 5.76 -4.60 -8.56
CA ALA A 66 6.61 -5.40 -7.69
C ALA A 66 6.69 -6.85 -8.17
N ARG A 67 5.62 -7.32 -8.82
CA ARG A 67 5.60 -8.65 -9.43
C ARG A 67 6.67 -8.74 -10.51
N SER A 68 6.88 -7.62 -11.19
CA SER A 68 7.84 -7.53 -12.28
C SER A 68 9.22 -7.19 -11.76
N ARG A 69 9.23 -6.21 -10.88
CA ARG A 69 10.46 -5.68 -10.29
C ARG A 69 10.52 -5.95 -8.78
N PRO A 70 10.91 -7.16 -8.38
CA PRO A 70 11.14 -7.50 -6.98
C PRO A 70 12.24 -6.63 -6.37
N ALA A 71 13.13 -6.19 -7.25
CA ALA A 71 14.25 -5.35 -6.87
C ALA A 71 13.80 -3.99 -6.33
N LYS A 72 12.62 -3.55 -6.76
CA LYS A 72 12.06 -2.29 -6.28
C LYS A 72 10.73 -2.51 -5.59
N LEU A 73 10.45 -3.77 -5.25
CA LEU A 73 9.26 -4.13 -4.50
C LEU A 73 9.06 -3.21 -3.30
N TYR A 74 10.15 -2.92 -2.60
CA TYR A 74 10.10 -2.08 -1.42
C TYR A 74 9.61 -0.70 -1.76
N VAL A 75 10.07 -0.14 -2.87
CA VAL A 75 9.58 1.16 -3.34
C VAL A 75 8.05 1.15 -3.43
N TYR A 76 7.52 0.06 -3.94
CA TYR A 76 6.07 -0.08 -4.10
C TYR A 76 5.41 -0.31 -2.74
N ILE A 77 6.14 -1.00 -1.85
CA ILE A 77 5.74 -1.11 -0.45
C ILE A 77 5.68 0.27 0.18
N ASN A 78 6.75 1.03 -0.02
CA ASN A 78 6.89 2.40 0.45
C ASN A 78 5.75 3.25 -0.09
N GLU A 79 5.55 3.20 -1.40
CA GLU A 79 4.48 3.93 -2.05
C GLU A 79 3.15 3.60 -1.42
N LEU A 80 2.78 2.34 -1.52
CA LEU A 80 1.51 1.83 -1.03
C LEU A 80 1.24 2.26 0.41
N CYS A 81 2.23 2.11 1.28
CA CYS A 81 2.08 2.45 2.69
C CYS A 81 1.87 3.95 2.88
N THR A 82 2.62 4.76 2.15
CA THR A 82 2.49 6.21 2.23
C THR A 82 1.19 6.64 1.57
N VAL A 83 0.88 5.97 0.48
CA VAL A 83 -0.36 6.15 -0.26
C VAL A 83 -1.56 6.03 0.66
N LEU A 84 -1.51 5.02 1.53
CA LEU A 84 -2.57 4.77 2.47
C LEU A 84 -2.84 5.98 3.35
N LYS A 85 -1.83 6.53 3.98
CA LYS A 85 -2.05 7.65 4.89
C LYS A 85 -2.19 8.96 4.16
N ALA A 86 -1.54 9.08 3.02
CA ALA A 86 -1.61 10.30 2.23
C ALA A 86 -3.05 10.68 1.92
N HIS A 87 -3.88 9.67 1.65
CA HIS A 87 -5.24 9.94 1.23
C HIS A 87 -6.28 9.32 2.17
N SER A 88 -5.84 8.56 3.16
CA SER A 88 -6.77 7.93 4.09
C SER A 88 -6.44 8.29 5.54
N ALA A 89 -7.49 8.72 6.20
CA ALA A 89 -7.47 9.16 7.59
C ALA A 89 -7.49 7.99 8.58
N LYS A 90 -7.83 8.34 9.82
CA LYS A 90 -8.10 7.39 10.90
C LYS A 90 -8.09 8.19 12.20
N LYS A 91 -6.98 8.13 12.92
CA LYS A 91 -6.71 8.99 14.07
C LYS A 91 -7.70 8.79 15.23
N LYS A 92 -7.24 9.10 16.42
CA LYS A 92 -8.09 9.14 17.60
C LYS A 92 -8.21 10.57 18.10
N LEU A 93 -7.48 11.47 17.43
CA LEU A 93 -7.38 12.88 17.82
C LEU A 93 -6.66 13.04 19.16
N ASN A 94 -7.21 12.44 20.21
CA ASN A 94 -6.62 12.49 21.52
C ASN A 94 -5.83 11.23 21.79
N GLY B 1 4.67 7.15 13.37
CA GLY B 1 3.61 6.48 12.58
C GLY B 1 3.75 6.73 11.10
N SER B 2 5.01 6.82 10.63
CA SER B 2 5.35 7.06 9.23
C SER B 2 4.50 8.14 8.59
N GLN B 3 4.48 9.30 9.22
CA GLN B 3 3.73 10.42 8.71
C GLN B 3 4.59 11.21 7.74
N GLU B 4 5.82 11.47 8.16
CA GLU B 4 6.78 12.19 7.34
C GLU B 4 7.95 11.30 6.95
N ASP B 5 7.92 10.09 7.49
CA ASP B 5 8.98 9.11 7.21
C ASP B 5 8.80 8.53 5.81
N SER B 6 7.54 8.39 5.42
CA SER B 6 7.17 7.94 4.08
C SER B 6 7.82 6.62 3.71
N ASP B 7 8.76 6.69 2.79
CA ASP B 7 9.41 5.51 2.25
C ASP B 7 10.50 5.02 3.18
N SER B 8 11.22 5.98 3.75
CA SER B 8 12.36 5.70 4.59
C SER B 8 11.97 4.91 5.82
N GLU B 9 10.70 4.99 6.20
CA GLU B 9 10.16 4.23 7.31
C GLU B 9 10.47 2.75 7.12
N LEU B 10 10.34 2.31 5.88
CA LEU B 10 10.65 0.94 5.51
C LEU B 10 12.14 0.76 5.52
N GLU B 11 12.79 1.68 4.82
CA GLU B 11 14.24 1.68 4.60
C GLU B 11 15.02 1.52 5.91
N GLN B 12 14.40 1.91 7.00
CA GLN B 12 15.01 1.83 8.32
C GLN B 12 15.57 0.45 8.59
N TYR B 13 14.74 -0.56 8.43
CA TYR B 13 15.11 -1.91 8.76
C TYR B 13 15.26 -2.79 7.53
N PHE B 14 14.54 -2.49 6.47
CA PHE B 14 14.59 -3.34 5.29
C PHE B 14 14.47 -2.54 3.99
N THR B 15 15.16 -3.03 2.97
CA THR B 15 15.12 -2.46 1.61
C THR B 15 15.99 -3.30 0.68
N ALA B 16 15.63 -3.32 -0.59
CA ALA B 16 16.33 -4.15 -1.58
C ALA B 16 17.57 -3.45 -2.11
N ARG B 17 18.06 -3.99 -3.21
CA ARG B 17 19.15 -3.40 -3.95
C ARG B 17 18.91 -1.92 -4.24
N TRP B 18 17.76 -1.63 -4.85
CA TRP B 18 17.41 -0.28 -5.26
C TRP B 18 18.47 0.34 -6.15
N GLY A 1 -17.56 14.94 -16.51
CA GLY A 1 -17.25 13.97 -15.45
C GLY A 1 -15.90 14.24 -14.81
N SER A 2 -15.94 14.72 -13.58
CA SER A 2 -14.73 15.08 -12.86
C SER A 2 -13.84 13.86 -12.65
N HIS A 3 -14.26 12.99 -11.73
CA HIS A 3 -13.53 11.77 -11.45
C HIS A 3 -14.42 10.57 -11.79
N MET A 4 -15.41 10.34 -10.96
CA MET A 4 -16.39 9.28 -11.19
C MET A 4 -17.52 9.45 -10.18
N GLY A 5 -18.67 8.86 -10.48
CA GLY A 5 -19.79 8.91 -9.55
C GLY A 5 -19.66 7.88 -8.44
N LYS A 6 -20.76 7.65 -7.73
CA LYS A 6 -20.81 6.67 -6.66
C LYS A 6 -20.19 5.33 -7.08
N LYS A 7 -19.11 4.96 -6.38
CA LYS A 7 -18.35 3.79 -6.71
C LYS A 7 -18.03 2.95 -5.49
N CYS A 8 -17.64 1.72 -5.72
CA CYS A 8 -17.22 0.81 -4.68
C CYS A 8 -16.06 -0.05 -5.18
N TYR A 9 -14.85 0.26 -4.74
CA TYR A 9 -13.68 -0.51 -5.11
C TYR A 9 -13.10 -1.23 -3.90
N LYS A 10 -13.87 -1.22 -2.82
CA LYS A 10 -13.40 -1.73 -1.52
C LYS A 10 -12.88 -3.16 -1.63
N LEU A 11 -13.73 -4.08 -2.09
CA LEU A 11 -13.38 -5.48 -2.18
C LEU A 11 -12.18 -5.69 -3.10
N GLU A 12 -12.11 -4.90 -4.16
CA GLU A 12 -11.00 -4.95 -5.09
C GLU A 12 -9.67 -4.79 -4.39
N ASN A 13 -9.52 -3.72 -3.63
CA ASN A 13 -8.25 -3.43 -3.00
C ASN A 13 -8.00 -4.34 -1.80
N GLU A 14 -9.05 -4.97 -1.31
CA GLU A 14 -8.91 -5.95 -0.26
C GLU A 14 -8.10 -7.14 -0.74
N LYS A 15 -8.52 -7.72 -1.86
CA LYS A 15 -7.80 -8.82 -2.47
C LYS A 15 -6.54 -8.32 -3.12
N LEU A 16 -6.65 -7.15 -3.71
CA LEU A 16 -5.55 -6.53 -4.41
C LEU A 16 -4.34 -6.31 -3.50
N PHE A 17 -4.58 -5.69 -2.35
CA PHE A 17 -3.53 -5.45 -1.37
C PHE A 17 -2.83 -6.75 -0.98
N GLU A 18 -3.60 -7.82 -0.78
CA GLU A 18 -3.01 -9.08 -0.39
C GLU A 18 -2.27 -9.74 -1.55
N GLU A 19 -2.68 -9.46 -2.80
CA GLU A 19 -1.95 -9.97 -3.96
C GLU A 19 -0.49 -9.54 -3.88
N PHE A 20 -0.29 -8.31 -3.44
CA PHE A 20 1.03 -7.74 -3.23
C PHE A 20 1.72 -8.42 -2.04
N LEU A 21 0.97 -8.61 -0.97
CA LEU A 21 1.51 -9.13 0.26
C LEU A 21 1.92 -10.59 0.16
N GLU A 22 1.09 -11.36 -0.50
CA GLU A 22 1.36 -12.75 -0.73
C GLU A 22 2.60 -12.90 -1.60
N LEU A 23 2.79 -11.93 -2.47
CA LEU A 23 4.00 -11.80 -3.22
C LEU A 23 5.14 -11.37 -2.30
N CYS A 24 4.86 -10.42 -1.40
CA CYS A 24 5.85 -9.90 -0.49
C CYS A 24 6.39 -11.02 0.41
N LYS A 25 5.53 -11.95 0.81
CA LYS A 25 5.94 -13.11 1.58
C LYS A 25 7.05 -13.90 0.90
N MET A 26 7.08 -13.84 -0.43
CA MET A 26 8.03 -14.60 -1.21
C MET A 26 9.29 -13.77 -1.39
N GLN A 27 9.08 -12.48 -1.53
CA GLN A 27 10.15 -11.55 -1.83
C GLN A 27 10.90 -11.17 -0.56
N THR A 28 10.18 -10.60 0.39
CA THR A 28 10.76 -10.21 1.66
C THR A 28 10.68 -11.37 2.62
N ALA A 29 11.10 -12.52 2.14
CA ALA A 29 11.05 -13.76 2.91
C ALA A 29 12.00 -13.68 4.11
N ASP A 30 13.06 -12.90 3.94
CA ASP A 30 14.04 -12.69 5.01
C ASP A 30 13.59 -11.55 5.93
N HIS A 31 12.61 -10.78 5.45
CA HIS A 31 12.05 -9.69 6.24
C HIS A 31 10.53 -9.73 6.23
N PRO A 32 9.93 -10.69 6.96
CA PRO A 32 8.47 -10.81 7.04
C PRO A 32 7.83 -9.71 7.89
N GLU A 33 8.51 -8.58 7.95
CA GLU A 33 8.05 -7.41 8.69
C GLU A 33 7.19 -6.54 7.78
N VAL A 34 7.57 -6.50 6.51
CA VAL A 34 6.91 -5.68 5.50
C VAL A 34 5.42 -5.95 5.40
N VAL A 35 5.10 -7.21 5.17
CA VAL A 35 3.73 -7.67 4.95
C VAL A 35 2.79 -7.23 6.09
N PRO A 36 3.09 -7.58 7.36
CA PRO A 36 2.28 -7.13 8.50
C PRO A 36 2.24 -5.61 8.62
N PHE A 37 3.33 -4.96 8.22
CA PHE A 37 3.40 -3.51 8.26
C PHE A 37 2.45 -2.89 7.25
N LEU A 38 2.46 -3.40 6.01
CA LEU A 38 1.52 -2.95 5.00
C LEU A 38 0.09 -3.19 5.47
N TYR A 39 -0.16 -4.38 6.02
CA TYR A 39 -1.46 -4.71 6.58
C TYR A 39 -1.89 -3.65 7.59
N ASN A 40 -0.98 -3.38 8.53
CA ASN A 40 -1.23 -2.50 9.65
C ASN A 40 -1.54 -1.08 9.17
N ARG A 41 -0.77 -0.63 8.19
CA ARG A 41 -0.94 0.71 7.63
C ARG A 41 -2.27 0.84 6.92
N GLN A 42 -2.71 -0.20 6.24
CA GLN A 42 -4.00 -0.18 5.54
C GLN A 42 -5.14 -0.04 6.54
N GLN A 43 -4.96 -0.67 7.70
CA GLN A 43 -5.96 -0.61 8.76
C GLN A 43 -5.98 0.79 9.36
N ARG A 44 -4.86 1.50 9.22
CA ARG A 44 -4.76 2.87 9.69
C ARG A 44 -5.29 3.84 8.65
N ALA A 45 -5.48 3.34 7.44
CA ALA A 45 -6.02 4.13 6.36
C ALA A 45 -7.54 4.08 6.37
N HIS A 46 -8.16 5.22 6.11
CA HIS A 46 -9.61 5.33 6.14
C HIS A 46 -10.22 4.60 4.96
N SER A 47 -11.34 3.94 5.22
CA SER A 47 -11.99 3.07 4.26
C SER A 47 -12.49 3.81 3.01
N LEU A 48 -12.65 5.13 3.11
CA LEU A 48 -13.23 5.89 2.02
C LEU A 48 -12.29 5.96 0.83
N PHE A 49 -11.07 6.44 1.05
CA PHE A 49 -10.05 6.46 0.00
C PHE A 49 -9.85 5.07 -0.57
N LEU A 50 -9.72 4.08 0.31
CA LEU A 50 -9.52 2.71 -0.09
C LEU A 50 -10.65 2.25 -1.02
N ALA A 51 -11.90 2.52 -0.63
CA ALA A 51 -13.07 2.06 -1.38
C ALA A 51 -13.33 2.88 -2.64
N SER A 52 -12.31 3.59 -3.09
CA SER A 52 -12.42 4.46 -4.25
C SER A 52 -11.45 4.00 -5.32
N ALA A 53 -11.78 4.33 -6.56
CA ALA A 53 -11.06 3.84 -7.74
C ALA A 53 -9.61 4.25 -7.72
N GLU A 54 -9.30 5.30 -7.00
CA GLU A 54 -7.95 5.81 -6.95
C GLU A 54 -7.00 4.76 -6.38
N PHE A 55 -7.36 4.21 -5.23
CA PHE A 55 -6.52 3.24 -4.55
C PHE A 55 -6.39 1.96 -5.37
N CYS A 56 -7.49 1.53 -6.00
CA CYS A 56 -7.45 0.43 -6.94
C CYS A 56 -6.34 0.61 -7.98
N ASN A 57 -6.24 1.82 -8.56
CA ASN A 57 -5.16 2.15 -9.49
C ASN A 57 -3.81 1.92 -8.84
N ILE A 58 -3.63 2.54 -7.69
CA ILE A 58 -2.39 2.44 -6.94
C ILE A 58 -1.96 0.99 -6.78
N LEU A 59 -2.86 0.18 -6.26
CA LEU A 59 -2.58 -1.22 -6.03
C LEU A 59 -2.27 -1.98 -7.31
N SER A 60 -3.16 -1.88 -8.29
CA SER A 60 -2.97 -2.56 -9.56
C SER A 60 -1.63 -2.19 -10.18
N ARG A 61 -1.25 -0.94 -9.95
CA ARG A 61 0.01 -0.42 -10.47
C ARG A 61 1.21 -0.91 -9.66
N VAL A 62 1.24 -0.63 -8.36
CA VAL A 62 2.43 -0.91 -7.55
C VAL A 62 2.64 -2.40 -7.33
N LEU A 63 1.55 -3.14 -7.11
CA LEU A 63 1.63 -4.57 -6.91
C LEU A 63 2.26 -5.22 -8.12
N SER A 64 1.72 -4.91 -9.28
CA SER A 64 2.16 -5.54 -10.50
C SER A 64 3.56 -5.07 -10.88
N ARG A 65 3.89 -3.84 -10.51
CA ARG A 65 5.25 -3.35 -10.63
C ARG A 65 6.21 -4.17 -9.78
N ALA A 66 5.82 -4.48 -8.55
CA ALA A 66 6.65 -5.29 -7.66
C ALA A 66 6.67 -6.75 -8.09
N ARG A 67 5.59 -7.17 -8.74
CA ARG A 67 5.47 -8.51 -9.28
C ARG A 67 6.37 -8.67 -10.51
N SER A 68 6.59 -7.57 -11.21
CA SER A 68 7.44 -7.54 -12.39
C SER A 68 8.87 -7.22 -11.99
N ARG A 69 8.98 -6.23 -11.12
CA ARG A 69 10.26 -5.76 -10.63
C ARG A 69 10.39 -5.99 -9.11
N PRO A 70 10.71 -7.22 -8.72
CA PRO A 70 10.94 -7.57 -7.31
C PRO A 70 12.08 -6.76 -6.70
N ALA A 71 12.98 -6.33 -7.58
CA ALA A 71 14.16 -5.58 -7.17
C ALA A 71 13.80 -4.29 -6.42
N LYS A 72 12.67 -3.70 -6.75
CA LYS A 72 12.25 -2.47 -6.11
C LYS A 72 10.90 -2.64 -5.46
N LEU A 73 10.57 -3.88 -5.12
CA LEU A 73 9.36 -4.21 -4.38
C LEU A 73 9.15 -3.28 -3.19
N TYR A 74 10.23 -3.00 -2.47
CA TYR A 74 10.15 -2.19 -1.27
C TYR A 74 9.66 -0.81 -1.59
N VAL A 75 10.14 -0.24 -2.68
CA VAL A 75 9.66 1.08 -3.11
C VAL A 75 8.15 1.11 -3.17
N TYR A 76 7.57 0.13 -3.82
CA TYR A 76 6.13 0.09 -4.00
C TYR A 76 5.47 -0.20 -2.66
N ILE A 77 6.16 -0.96 -1.81
CA ILE A 77 5.76 -1.11 -0.42
C ILE A 77 5.71 0.26 0.26
N ASN A 78 6.80 1.00 0.08
CA ASN A 78 6.96 2.34 0.62
C ASN A 78 5.86 3.27 0.11
N GLU A 79 5.73 3.36 -1.21
CA GLU A 79 4.76 4.26 -1.80
C GLU A 79 3.34 3.88 -1.43
N LEU A 80 2.96 2.64 -1.69
CA LEU A 80 1.65 2.11 -1.31
C LEU A 80 1.33 2.39 0.17
N CYS A 81 2.32 2.24 1.05
CA CYS A 81 2.14 2.51 2.47
C CYS A 81 1.88 4.01 2.71
N THR A 82 2.59 4.85 1.98
CA THR A 82 2.39 6.30 2.08
C THR A 82 1.08 6.69 1.42
N VAL A 83 0.76 5.99 0.34
CA VAL A 83 -0.47 6.16 -0.42
C VAL A 83 -1.66 6.09 0.52
N LEU A 84 -1.62 5.14 1.42
CA LEU A 84 -2.68 4.91 2.38
C LEU A 84 -2.96 6.16 3.20
N LYS A 85 -1.94 6.72 3.82
CA LYS A 85 -2.12 7.86 4.70
C LYS A 85 -2.26 9.17 3.95
N ALA A 86 -1.66 9.24 2.77
CA ALA A 86 -1.67 10.46 1.98
C ALA A 86 -3.09 10.85 1.55
N HIS A 87 -3.91 9.86 1.24
CA HIS A 87 -5.21 10.15 0.67
C HIS A 87 -6.36 9.74 1.59
N SER A 88 -6.05 8.99 2.64
CA SER A 88 -7.07 8.56 3.59
C SER A 88 -6.91 9.35 4.89
N ALA A 89 -7.65 8.97 5.92
CA ALA A 89 -7.70 9.70 7.19
C ALA A 89 -6.30 10.03 7.71
N LYS A 90 -6.08 11.30 8.00
CA LYS A 90 -4.82 11.74 8.57
C LYS A 90 -5.08 12.39 9.93
N LYS A 91 -6.35 12.63 10.21
CA LYS A 91 -6.80 12.99 11.53
C LYS A 91 -6.38 11.89 12.50
N LYS A 92 -6.60 10.66 12.08
CA LYS A 92 -6.02 9.51 12.74
C LYS A 92 -4.51 9.53 12.54
N LEU A 93 -3.81 10.08 13.52
CA LEU A 93 -2.38 10.19 13.48
C LEU A 93 -1.72 8.82 13.44
N ASN A 94 -2.44 7.83 13.94
CA ASN A 94 -1.98 6.45 13.88
C ASN A 94 -2.27 5.86 12.51
N GLY B 1 2.91 19.14 6.40
CA GLY B 1 1.99 17.99 6.57
C GLY B 1 2.69 16.81 7.19
N SER B 2 1.99 15.69 7.30
CA SER B 2 2.55 14.49 7.90
C SER B 2 3.20 13.63 6.83
N GLN B 3 4.36 14.06 6.36
CA GLN B 3 5.14 13.27 5.43
C GLN B 3 6.04 12.33 6.22
N GLU B 4 6.89 12.93 7.05
CA GLU B 4 7.77 12.20 7.95
C GLU B 4 8.44 11.02 7.23
N ASP B 5 8.67 9.94 7.95
CA ASP B 5 9.18 8.74 7.31
C ASP B 5 8.06 8.02 6.60
N SER B 6 7.96 8.27 5.31
CA SER B 6 6.94 7.65 4.49
C SER B 6 7.49 6.37 3.89
N ASP B 7 8.48 6.54 3.04
CA ASP B 7 9.21 5.42 2.47
C ASP B 7 10.32 5.00 3.42
N SER B 8 10.96 5.98 4.04
CA SER B 8 12.07 5.71 4.94
C SER B 8 11.63 4.92 6.15
N GLU B 9 10.32 4.96 6.41
CA GLU B 9 9.70 4.19 7.48
C GLU B 9 10.05 2.71 7.33
N LEU B 10 10.04 2.25 6.08
CA LEU B 10 10.38 0.90 5.75
C LEU B 10 11.89 0.72 5.86
N GLU B 11 12.56 1.65 5.20
CA GLU B 11 14.01 1.67 5.08
C GLU B 11 14.71 1.57 6.42
N GLN B 12 13.99 1.92 7.48
CA GLN B 12 14.49 1.83 8.85
C GLN B 12 15.07 0.46 9.11
N TYR B 13 14.31 -0.57 8.76
CA TYR B 13 14.67 -1.93 9.09
C TYR B 13 14.83 -2.83 7.87
N PHE B 14 14.31 -2.42 6.72
CA PHE B 14 14.43 -3.27 5.54
C PHE B 14 14.30 -2.49 4.23
N THR B 15 15.05 -2.92 3.22
CA THR B 15 14.95 -2.42 1.86
C THR B 15 15.74 -3.33 0.91
N ALA B 16 15.94 -2.87 -0.32
CA ALA B 16 16.63 -3.66 -1.34
C ALA B 16 17.71 -2.83 -2.01
N ARG B 17 18.23 -3.33 -3.12
CA ARG B 17 19.23 -2.63 -3.91
C ARG B 17 18.80 -1.21 -4.26
N TRP B 18 17.58 -1.07 -4.76
CA TRP B 18 16.99 0.21 -5.14
C TRP B 18 17.84 0.96 -6.16
N GLY A 1 -14.77 11.39 -9.54
CA GLY A 1 -15.72 10.55 -10.31
C GLY A 1 -17.07 10.47 -9.64
N SER A 2 -17.64 11.63 -9.30
CA SER A 2 -18.91 11.69 -8.60
C SER A 2 -20.07 11.38 -9.54
N HIS A 3 -20.07 12.04 -10.70
CA HIS A 3 -21.13 11.88 -11.69
C HIS A 3 -21.05 10.51 -12.37
N MET A 4 -19.91 9.85 -12.20
CA MET A 4 -19.70 8.51 -12.75
C MET A 4 -20.47 7.49 -11.93
N GLY A 5 -20.83 7.88 -10.72
CA GLY A 5 -21.50 6.97 -9.81
C GLY A 5 -20.56 6.51 -8.72
N LYS A 6 -21.12 5.94 -7.65
CA LYS A 6 -20.32 5.44 -6.57
C LYS A 6 -19.44 4.27 -7.02
N LYS A 7 -18.15 4.51 -6.95
CA LYS A 7 -17.17 3.54 -7.35
C LYS A 7 -16.55 2.87 -6.15
N CYS A 8 -17.24 1.83 -5.72
CA CYS A 8 -16.83 1.06 -4.57
C CYS A 8 -15.89 -0.07 -4.99
N TYR A 9 -14.61 0.10 -4.70
CA TYR A 9 -13.61 -0.90 -5.04
C TYR A 9 -12.95 -1.48 -3.80
N LYS A 10 -13.61 -1.36 -2.65
CA LYS A 10 -13.06 -1.90 -1.41
C LYS A 10 -12.78 -3.38 -1.57
N LEU A 11 -13.79 -4.10 -2.05
CA LEU A 11 -13.70 -5.54 -2.31
C LEU A 11 -12.47 -5.88 -3.15
N GLU A 12 -12.23 -5.09 -4.19
CA GLU A 12 -11.06 -5.25 -5.02
C GLU A 12 -9.79 -4.98 -4.24
N ASN A 13 -9.72 -3.78 -3.68
CA ASN A 13 -8.51 -3.27 -3.07
C ASN A 13 -8.06 -4.12 -1.89
N GLU A 14 -9.00 -4.70 -1.17
CA GLU A 14 -8.67 -5.59 -0.07
C GLU A 14 -7.88 -6.78 -0.57
N LYS A 15 -8.44 -7.48 -1.57
CA LYS A 15 -7.82 -8.68 -2.09
C LYS A 15 -6.63 -8.33 -2.96
N LEU A 16 -6.77 -7.20 -3.60
CA LEU A 16 -5.70 -6.60 -4.38
C LEU A 16 -4.45 -6.39 -3.53
N PHE A 17 -4.66 -5.79 -2.38
CA PHE A 17 -3.61 -5.59 -1.41
C PHE A 17 -2.95 -6.92 -1.01
N GLU A 18 -3.79 -7.95 -0.86
CA GLU A 18 -3.31 -9.30 -0.54
C GLU A 18 -2.34 -9.78 -1.61
N GLU A 19 -2.74 -9.57 -2.86
CA GLU A 19 -1.93 -10.03 -3.99
C GLU A 19 -0.49 -9.51 -3.89
N PHE A 20 -0.36 -8.25 -3.51
CA PHE A 20 0.95 -7.65 -3.29
C PHE A 20 1.65 -8.32 -2.10
N LEU A 21 0.89 -8.54 -1.03
CA LEU A 21 1.43 -9.10 0.19
C LEU A 21 1.85 -10.54 0.03
N GLU A 22 1.02 -11.29 -0.66
CA GLU A 22 1.30 -12.69 -0.94
C GLU A 22 2.54 -12.80 -1.79
N LEU A 23 2.77 -11.80 -2.61
CA LEU A 23 4.01 -11.65 -3.33
C LEU A 23 5.12 -11.25 -2.36
N CYS A 24 4.81 -10.30 -1.48
CA CYS A 24 5.76 -9.79 -0.51
C CYS A 24 6.28 -10.93 0.38
N LYS A 25 5.40 -11.86 0.74
CA LYS A 25 5.77 -13.03 1.51
C LYS A 25 6.90 -13.83 0.86
N MET A 26 7.05 -13.69 -0.45
CA MET A 26 8.04 -14.46 -1.21
C MET A 26 9.30 -13.63 -1.37
N GLN A 27 9.10 -12.33 -1.48
CA GLN A 27 10.17 -11.39 -1.75
C GLN A 27 10.86 -10.98 -0.46
N THR A 28 10.09 -10.41 0.46
CA THR A 28 10.61 -9.96 1.73
C THR A 28 10.62 -11.13 2.71
N ALA A 29 11.02 -12.28 2.22
CA ALA A 29 11.07 -13.48 3.04
C ALA A 29 12.17 -13.34 4.08
N ASP A 30 13.14 -12.49 3.78
CA ASP A 30 14.23 -12.20 4.70
C ASP A 30 13.78 -11.22 5.78
N HIS A 31 12.65 -10.55 5.53
CA HIS A 31 12.10 -9.58 6.46
C HIS A 31 10.58 -9.62 6.43
N PRO A 32 9.96 -10.61 7.11
CA PRO A 32 8.50 -10.77 7.13
C PRO A 32 7.79 -9.69 7.95
N GLU A 33 8.44 -8.53 8.08
CA GLU A 33 7.88 -7.41 8.81
C GLU A 33 7.06 -6.54 7.88
N VAL A 34 7.46 -6.51 6.61
CA VAL A 34 6.84 -5.69 5.58
C VAL A 34 5.35 -5.95 5.43
N VAL A 35 5.01 -7.21 5.19
CA VAL A 35 3.63 -7.64 4.98
C VAL A 35 2.70 -7.19 6.11
N PRO A 36 2.99 -7.56 7.38
CA PRO A 36 2.20 -7.08 8.53
C PRO A 36 2.15 -5.56 8.62
N PHE A 37 3.24 -4.91 8.22
CA PHE A 37 3.31 -3.46 8.18
C PHE A 37 2.30 -2.91 7.18
N LEU A 38 2.37 -3.39 5.94
CA LEU A 38 1.44 -2.95 4.91
C LEU A 38 0.00 -3.19 5.35
N TYR A 39 -0.23 -4.34 5.97
CA TYR A 39 -1.54 -4.65 6.54
C TYR A 39 -1.96 -3.57 7.52
N ASN A 40 -1.06 -3.28 8.45
CA ASN A 40 -1.33 -2.36 9.54
C ASN A 40 -1.56 -0.95 9.01
N ARG A 41 -0.78 -0.57 8.01
CA ARG A 41 -0.89 0.75 7.42
C ARG A 41 -2.24 0.91 6.73
N GLN A 42 -2.72 -0.15 6.08
CA GLN A 42 -4.04 -0.10 5.45
C GLN A 42 -5.12 0.04 6.51
N GLN A 43 -4.89 -0.59 7.66
CA GLN A 43 -5.85 -0.56 8.75
C GLN A 43 -5.94 0.84 9.35
N ARG A 44 -4.84 1.58 9.26
CA ARG A 44 -4.80 2.94 9.79
C ARG A 44 -5.28 3.93 8.76
N ALA A 45 -5.22 3.53 7.49
CA ALA A 45 -5.69 4.35 6.40
C ALA A 45 -7.21 4.40 6.40
N HIS A 46 -7.77 5.58 6.15
CA HIS A 46 -9.20 5.77 6.11
C HIS A 46 -9.81 4.91 5.01
N SER A 47 -10.84 4.16 5.36
CA SER A 47 -11.40 3.14 4.49
C SER A 47 -12.11 3.74 3.27
N LEU A 48 -12.31 5.05 3.24
CA LEU A 48 -12.97 5.68 2.09
C LEU A 48 -12.07 5.64 0.86
N PHE A 49 -10.82 6.00 1.03
CA PHE A 49 -9.85 5.96 -0.05
C PHE A 49 -9.57 4.53 -0.45
N LEU A 50 -9.49 3.65 0.55
CA LEU A 50 -9.28 2.23 0.32
C LEU A 50 -10.45 1.62 -0.45
N ALA A 51 -11.58 2.31 -0.44
CA ALA A 51 -12.75 1.85 -1.16
C ALA A 51 -13.09 2.75 -2.33
N SER A 52 -12.12 2.95 -3.23
CA SER A 52 -12.31 3.81 -4.38
C SER A 52 -11.58 3.23 -5.58
N ALA A 53 -11.88 3.77 -6.75
CA ALA A 53 -11.19 3.36 -7.97
C ALA A 53 -9.80 3.92 -7.99
N GLU A 54 -9.64 5.02 -7.27
CA GLU A 54 -8.36 5.69 -7.16
C GLU A 54 -7.31 4.73 -6.61
N PHE A 55 -7.58 4.20 -5.42
CA PHE A 55 -6.66 3.29 -4.76
C PHE A 55 -6.53 1.98 -5.54
N CYS A 56 -7.55 1.66 -6.33
CA CYS A 56 -7.52 0.49 -7.20
C CYS A 56 -6.38 0.62 -8.20
N ASN A 57 -6.23 1.82 -8.76
CA ASN A 57 -5.12 2.12 -9.67
C ASN A 57 -3.80 1.97 -8.96
N ILE A 58 -3.71 2.56 -7.77
CA ILE A 58 -2.52 2.49 -6.96
C ILE A 58 -2.07 1.05 -6.77
N LEU A 59 -2.99 0.23 -6.30
CA LEU A 59 -2.72 -1.18 -6.07
C LEU A 59 -2.40 -1.92 -7.35
N SER A 60 -3.28 -1.80 -8.33
CA SER A 60 -3.09 -2.46 -9.61
C SER A 60 -1.73 -2.11 -10.19
N ARG A 61 -1.33 -0.86 -9.99
CA ARG A 61 -0.07 -0.37 -10.51
C ARG A 61 1.14 -0.85 -9.68
N VAL A 62 1.19 -0.54 -8.38
CA VAL A 62 2.37 -0.87 -7.57
C VAL A 62 2.54 -2.37 -7.40
N LEU A 63 1.44 -3.08 -7.25
CA LEU A 63 1.50 -4.51 -7.11
C LEU A 63 2.11 -5.14 -8.36
N SER A 64 1.62 -4.73 -9.52
CA SER A 64 2.13 -5.24 -10.79
C SER A 64 3.57 -4.78 -11.00
N ARG A 65 3.86 -3.56 -10.58
CA ARG A 65 5.23 -3.04 -10.61
C ARG A 65 6.17 -3.93 -9.83
N ALA A 66 5.76 -4.32 -8.62
CA ALA A 66 6.60 -5.15 -7.75
C ALA A 66 6.68 -6.59 -8.25
N ARG A 67 5.62 -7.06 -8.88
CA ARG A 67 5.63 -8.38 -9.52
C ARG A 67 6.63 -8.38 -10.68
N SER A 68 6.64 -7.29 -11.41
CA SER A 68 7.55 -7.10 -12.53
C SER A 68 8.97 -6.88 -12.04
N ARG A 69 9.08 -5.99 -11.08
CA ARG A 69 10.37 -5.58 -10.52
C ARG A 69 10.45 -5.89 -9.02
N PRO A 70 10.70 -7.17 -8.67
CA PRO A 70 10.88 -7.60 -7.27
C PRO A 70 12.00 -6.85 -6.59
N ALA A 71 12.99 -6.47 -7.39
CA ALA A 71 14.18 -5.78 -6.91
C ALA A 71 13.84 -4.47 -6.18
N LYS A 72 12.75 -3.85 -6.59
CA LYS A 72 12.34 -2.59 -5.98
C LYS A 72 10.93 -2.71 -5.43
N LEU A 73 10.54 -3.93 -5.11
CA LEU A 73 9.28 -4.22 -4.43
C LEU A 73 9.10 -3.30 -3.23
N TYR A 74 10.19 -3.04 -2.52
CA TYR A 74 10.14 -2.24 -1.32
C TYR A 74 9.67 -0.83 -1.63
N VAL A 75 10.12 -0.27 -2.74
CA VAL A 75 9.67 1.06 -3.15
C VAL A 75 8.17 1.09 -3.33
N TYR A 76 7.62 0.03 -3.88
CA TYR A 76 6.19 -0.08 -4.08
C TYR A 76 5.49 -0.35 -2.76
N ILE A 77 6.17 -1.09 -1.89
CA ILE A 77 5.77 -1.23 -0.49
C ILE A 77 5.69 0.15 0.16
N ASN A 78 6.78 0.89 0.02
CA ASN A 78 6.91 2.26 0.50
C ASN A 78 5.78 3.12 -0.04
N GLU A 79 5.63 3.12 -1.36
CA GLU A 79 4.58 3.90 -2.01
C GLU A 79 3.23 3.55 -1.45
N LEU A 80 2.85 2.30 -1.60
CA LEU A 80 1.56 1.80 -1.15
C LEU A 80 1.30 2.18 0.30
N CYS A 81 2.32 2.06 1.14
CA CYS A 81 2.21 2.42 2.55
C CYS A 81 1.95 3.92 2.72
N THR A 82 2.76 4.74 2.06
CA THR A 82 2.62 6.19 2.16
C THR A 82 1.33 6.63 1.50
N VAL A 83 1.02 5.97 0.40
CA VAL A 83 -0.20 6.18 -0.37
C VAL A 83 -1.42 6.09 0.53
N LEU A 84 -1.40 5.10 1.41
CA LEU A 84 -2.49 4.86 2.32
C LEU A 84 -2.75 6.09 3.19
N LYS A 85 -1.72 6.57 3.86
CA LYS A 85 -1.88 7.68 4.79
C LYS A 85 -1.90 9.03 4.09
N ALA A 86 -1.25 9.11 2.95
CA ALA A 86 -1.23 10.35 2.18
C ALA A 86 -2.66 10.78 1.84
N HIS A 87 -3.46 9.84 1.37
CA HIS A 87 -4.78 10.15 0.86
C HIS A 87 -5.89 9.71 1.81
N SER A 88 -5.53 9.00 2.86
CA SER A 88 -6.52 8.49 3.80
C SER A 88 -6.15 8.86 5.22
N ALA A 89 -7.16 9.11 6.03
CA ALA A 89 -7.00 9.52 7.42
C ALA A 89 -6.16 10.79 7.48
N LYS A 90 -6.48 11.69 6.57
CA LYS A 90 -5.82 12.98 6.45
C LYS A 90 -6.87 14.07 6.55
N LYS A 91 -8.11 13.64 6.39
CA LYS A 91 -9.26 14.50 6.51
C LYS A 91 -9.60 14.73 7.98
N LYS A 92 -10.24 13.73 8.59
CA LYS A 92 -10.60 13.75 9.99
C LYS A 92 -11.34 15.03 10.39
N LEU A 93 -12.66 15.00 10.25
CA LEU A 93 -13.50 16.10 10.59
C LEU A 93 -13.44 16.40 12.09
N ASN A 94 -13.13 15.37 12.86
CA ASN A 94 -13.11 15.47 14.31
C ASN A 94 -11.73 15.90 14.80
N GLY B 1 4.09 18.49 8.32
CA GLY B 1 3.53 17.74 9.47
C GLY B 1 2.58 16.65 9.03
N SER B 2 2.43 15.63 9.89
CA SER B 2 1.53 14.50 9.64
C SER B 2 1.87 13.75 8.36
N GLN B 3 3.14 13.83 7.96
CA GLN B 3 3.62 13.07 6.82
C GLN B 3 4.16 11.72 7.29
N GLU B 4 4.38 11.64 8.61
CA GLU B 4 4.95 10.46 9.23
C GLU B 4 6.33 10.18 8.62
N ASP B 5 6.81 8.96 8.69
CA ASP B 5 8.13 8.66 8.14
C ASP B 5 8.03 8.33 6.65
N SER B 6 6.80 8.08 6.19
CA SER B 6 6.54 7.77 4.79
C SER B 6 7.32 6.53 4.32
N ASP B 7 7.84 6.59 3.10
CA ASP B 7 8.56 5.46 2.48
C ASP B 7 9.67 4.96 3.38
N SER B 8 10.42 5.89 3.96
CA SER B 8 11.59 5.54 4.74
C SER B 8 11.26 4.77 6.00
N GLU B 9 9.98 4.77 6.40
CA GLU B 9 9.54 3.99 7.56
C GLU B 9 9.90 2.53 7.37
N LEU B 10 9.81 2.09 6.13
CA LEU B 10 10.20 0.75 5.74
C LEU B 10 11.70 0.64 5.82
N GLU B 11 12.32 1.62 5.18
CA GLU B 11 13.78 1.69 5.01
C GLU B 11 14.51 1.68 6.35
N GLN B 12 13.79 1.99 7.41
CA GLN B 12 14.34 2.02 8.75
C GLN B 12 15.02 0.69 9.09
N TYR B 13 14.29 -0.38 8.88
CA TYR B 13 14.76 -1.70 9.27
C TYR B 13 14.98 -2.63 8.09
N PHE B 14 14.28 -2.41 6.98
CA PHE B 14 14.42 -3.30 5.85
C PHE B 14 14.31 -2.56 4.53
N THR B 15 15.04 -3.06 3.54
CA THR B 15 14.99 -2.56 2.18
C THR B 15 15.70 -3.51 1.23
N ALA B 16 15.91 -3.08 0.00
CA ALA B 16 16.53 -3.91 -1.01
C ALA B 16 17.80 -3.24 -1.54
N ARG B 17 18.19 -3.63 -2.75
CA ARG B 17 19.34 -3.04 -3.44
C ARG B 17 19.23 -1.52 -3.51
N TRP B 18 18.14 -1.05 -4.10
CA TRP B 18 17.83 0.35 -4.28
C TRP B 18 19.00 1.13 -4.87
N GLY A 1 -25.28 10.77 -20.08
CA GLY A 1 -24.00 10.66 -19.35
C GLY A 1 -24.16 10.94 -17.87
N SER A 2 -23.05 11.28 -17.22
CA SER A 2 -23.02 11.56 -15.79
C SER A 2 -23.49 10.36 -14.99
N HIS A 3 -23.11 9.18 -15.45
CA HIS A 3 -23.46 7.94 -14.76
C HIS A 3 -22.31 7.49 -13.86
N MET A 4 -21.48 8.45 -13.47
CA MET A 4 -20.35 8.17 -12.59
C MET A 4 -20.52 8.93 -11.29
N GLY A 5 -21.34 8.39 -10.40
CA GLY A 5 -21.51 9.01 -9.10
C GLY A 5 -20.86 8.20 -8.01
N LYS A 6 -21.52 7.12 -7.63
CA LYS A 6 -20.98 6.22 -6.62
C LYS A 6 -19.92 5.32 -7.19
N LYS A 7 -18.83 5.19 -6.45
CA LYS A 7 -17.70 4.41 -6.91
C LYS A 7 -17.22 3.48 -5.80
N CYS A 8 -17.14 2.21 -6.11
CA CYS A 8 -16.83 1.19 -5.12
C CYS A 8 -15.83 0.18 -5.69
N TYR A 9 -14.58 0.30 -5.24
CA TYR A 9 -13.55 -0.65 -5.63
C TYR A 9 -13.07 -1.40 -4.39
N LYS A 10 -13.93 -1.41 -3.39
CA LYS A 10 -13.67 -2.07 -2.11
C LYS A 10 -13.24 -3.52 -2.35
N LEU A 11 -14.13 -4.30 -2.95
CA LEU A 11 -13.88 -5.72 -3.21
C LEU A 11 -12.54 -5.93 -3.91
N GLU A 12 -12.27 -5.11 -4.92
CA GLU A 12 -11.03 -5.19 -5.66
C GLU A 12 -9.82 -4.92 -4.79
N ASN A 13 -9.82 -3.76 -4.14
CA ASN A 13 -8.65 -3.30 -3.41
C ASN A 13 -8.33 -4.19 -2.23
N GLU A 14 -9.36 -4.76 -1.63
CA GLU A 14 -9.17 -5.66 -0.50
C GLU A 14 -8.38 -6.89 -0.92
N LYS A 15 -8.82 -7.55 -1.99
CA LYS A 15 -8.14 -8.74 -2.49
C LYS A 15 -6.84 -8.35 -3.17
N LEU A 16 -6.87 -7.15 -3.73
CA LEU A 16 -5.72 -6.58 -4.42
C LEU A 16 -4.52 -6.44 -3.51
N PHE A 17 -4.73 -5.77 -2.38
CA PHE A 17 -3.68 -5.56 -1.40
C PHE A 17 -3.03 -6.89 -1.01
N GLU A 18 -3.85 -7.92 -0.90
CA GLU A 18 -3.39 -9.27 -0.59
C GLU A 18 -2.40 -9.73 -1.63
N GLU A 19 -2.79 -9.60 -2.89
CA GLU A 19 -1.96 -10.08 -4.00
C GLU A 19 -0.53 -9.52 -3.91
N PHE A 20 -0.40 -8.28 -3.46
CA PHE A 20 0.90 -7.69 -3.22
C PHE A 20 1.57 -8.36 -2.01
N LEU A 21 0.83 -8.49 -0.94
CA LEU A 21 1.34 -9.02 0.31
C LEU A 21 1.72 -10.47 0.21
N GLU A 22 0.91 -11.22 -0.49
CA GLU A 22 1.14 -12.63 -0.71
C GLU A 22 2.38 -12.82 -1.56
N LEU A 23 2.63 -11.85 -2.42
CA LEU A 23 3.88 -11.75 -3.15
C LEU A 23 4.99 -11.33 -2.19
N CYS A 24 4.70 -10.35 -1.33
CA CYS A 24 5.67 -9.84 -0.37
C CYS A 24 6.12 -10.95 0.59
N LYS A 25 5.21 -11.87 0.92
CA LYS A 25 5.53 -13.03 1.72
C LYS A 25 6.66 -13.85 1.11
N MET A 26 6.82 -13.76 -0.20
CA MET A 26 7.82 -14.54 -0.91
C MET A 26 9.08 -13.70 -1.07
N GLN A 27 8.87 -12.43 -1.33
CA GLN A 27 9.94 -11.51 -1.64
C GLN A 27 10.68 -11.08 -0.38
N THR A 28 9.96 -10.47 0.54
CA THR A 28 10.54 -9.98 1.77
C THR A 28 10.53 -11.08 2.82
N ALA A 29 10.88 -12.29 2.38
CA ALA A 29 10.89 -13.44 3.26
C ALA A 29 12.00 -13.30 4.29
N ASP A 30 13.02 -12.53 3.94
CA ASP A 30 14.11 -12.21 4.85
C ASP A 30 13.66 -11.21 5.91
N HIS A 31 12.58 -10.50 5.62
CA HIS A 31 12.05 -9.48 6.52
C HIS A 31 10.52 -9.53 6.54
N PRO A 32 9.94 -10.47 7.29
CA PRO A 32 8.48 -10.62 7.39
C PRO A 32 7.83 -9.47 8.18
N GLU A 33 8.49 -8.33 8.18
CA GLU A 33 7.99 -7.14 8.85
C GLU A 33 7.13 -6.32 7.89
N VAL A 34 7.50 -6.36 6.62
CA VAL A 34 6.84 -5.58 5.57
C VAL A 34 5.35 -5.87 5.46
N VAL A 35 5.01 -7.13 5.25
CA VAL A 35 3.63 -7.57 5.07
C VAL A 35 2.72 -7.12 6.22
N PRO A 36 3.05 -7.46 7.49
CA PRO A 36 2.29 -6.97 8.65
C PRO A 36 2.24 -5.44 8.71
N PHE A 37 3.30 -4.81 8.24
CA PHE A 37 3.36 -3.36 8.19
C PHE A 37 2.32 -2.81 7.22
N LEU A 38 2.36 -3.30 5.98
CA LEU A 38 1.41 -2.88 4.97
C LEU A 38 -0.01 -3.17 5.41
N TYR A 39 -0.19 -4.31 6.05
CA TYR A 39 -1.49 -4.67 6.62
C TYR A 39 -1.94 -3.62 7.62
N ASN A 40 -1.04 -3.32 8.55
CA ASN A 40 -1.32 -2.43 9.65
C ASN A 40 -1.67 -1.04 9.16
N ARG A 41 -0.85 -0.52 8.26
CA ARG A 41 -1.04 0.81 7.70
C ARG A 41 -2.40 0.92 7.01
N GLN A 42 -2.78 -0.16 6.32
CA GLN A 42 -4.06 -0.18 5.61
C GLN A 42 -5.22 -0.19 6.58
N GLN A 43 -5.03 -0.86 7.70
CA GLN A 43 -6.07 -0.99 8.73
C GLN A 43 -6.37 0.38 9.34
N ARG A 44 -5.34 1.17 9.52
CA ARG A 44 -5.48 2.49 10.10
C ARG A 44 -5.70 3.55 9.03
N ALA A 45 -5.61 3.13 7.78
CA ALA A 45 -5.93 3.99 6.66
C ALA A 45 -7.45 4.08 6.51
N HIS A 46 -7.93 5.17 5.92
CA HIS A 46 -9.36 5.47 5.90
C HIS A 46 -10.06 4.66 4.82
N SER A 47 -11.10 3.95 5.24
CA SER A 47 -11.79 2.97 4.40
C SER A 47 -12.36 3.55 3.09
N LEU A 48 -12.62 4.85 3.05
CA LEU A 48 -13.24 5.44 1.88
C LEU A 48 -12.27 5.48 0.70
N PHE A 49 -11.07 6.00 0.95
CA PHE A 49 -10.03 6.01 -0.07
C PHE A 49 -9.70 4.58 -0.51
N LEU A 50 -9.65 3.69 0.46
CA LEU A 50 -9.31 2.29 0.20
C LEU A 50 -10.40 1.59 -0.61
N ALA A 51 -11.59 2.17 -0.64
CA ALA A 51 -12.71 1.62 -1.39
C ALA A 51 -13.03 2.43 -2.64
N SER A 52 -12.00 3.00 -3.25
CA SER A 52 -12.19 3.87 -4.40
C SER A 52 -11.26 3.48 -5.53
N ALA A 53 -11.52 4.02 -6.71
CA ALA A 53 -10.73 3.73 -7.91
C ALA A 53 -9.33 4.30 -7.76
N GLU A 54 -9.25 5.36 -6.98
CA GLU A 54 -7.98 6.02 -6.72
C GLU A 54 -6.97 5.00 -6.20
N PHE A 55 -7.36 4.29 -5.14
CA PHE A 55 -6.50 3.30 -4.52
C PHE A 55 -6.33 2.08 -5.44
N CYS A 56 -7.33 1.83 -6.28
CA CYS A 56 -7.28 0.73 -7.23
C CYS A 56 -6.13 0.94 -8.21
N ASN A 57 -5.96 2.18 -8.69
CA ASN A 57 -4.82 2.54 -9.52
C ASN A 57 -3.54 2.24 -8.80
N ILE A 58 -3.43 2.75 -7.59
CA ILE A 58 -2.25 2.55 -6.76
C ILE A 58 -1.92 1.07 -6.64
N LEU A 59 -2.89 0.28 -6.23
CA LEU A 59 -2.70 -1.15 -6.02
C LEU A 59 -2.36 -1.88 -7.30
N SER A 60 -3.20 -1.71 -8.32
CA SER A 60 -2.98 -2.36 -9.60
C SER A 60 -1.60 -2.01 -10.14
N ARG A 61 -1.20 -0.76 -9.95
CA ARG A 61 0.10 -0.30 -10.39
C ARG A 61 1.23 -0.88 -9.56
N VAL A 62 1.25 -0.63 -8.25
CA VAL A 62 2.43 -0.94 -7.44
C VAL A 62 2.61 -2.43 -7.29
N LEU A 63 1.51 -3.16 -7.17
CA LEU A 63 1.55 -4.58 -7.04
C LEU A 63 2.13 -5.20 -8.31
N SER A 64 1.64 -4.77 -9.47
CA SER A 64 2.10 -5.31 -10.73
C SER A 64 3.56 -4.90 -10.98
N ARG A 65 3.89 -3.68 -10.61
CA ARG A 65 5.26 -3.23 -10.61
C ARG A 65 6.17 -4.18 -9.83
N ALA A 66 5.83 -4.41 -8.57
CA ALA A 66 6.65 -5.23 -7.69
C ALA A 66 6.61 -6.70 -8.08
N ARG A 67 5.53 -7.10 -8.72
CA ARG A 67 5.37 -8.44 -9.24
C ARG A 67 6.37 -8.66 -10.39
N SER A 68 6.76 -7.58 -11.03
CA SER A 68 7.72 -7.62 -12.12
C SER A 68 9.10 -7.27 -11.62
N ARG A 69 9.14 -6.28 -10.76
CA ARG A 69 10.39 -5.73 -10.24
C ARG A 69 10.49 -5.90 -8.72
N PRO A 70 10.87 -7.10 -8.26
CA PRO A 70 11.15 -7.36 -6.84
C PRO A 70 12.29 -6.50 -6.32
N ALA A 71 13.17 -6.12 -7.24
CA ALA A 71 14.32 -5.31 -6.89
C ALA A 71 13.93 -3.93 -6.38
N LYS A 72 12.74 -3.46 -6.76
CA LYS A 72 12.21 -2.22 -6.24
C LYS A 72 10.86 -2.44 -5.58
N LEU A 73 10.58 -3.70 -5.24
CA LEU A 73 9.37 -4.08 -4.52
C LEU A 73 9.13 -3.17 -3.32
N TYR A 74 10.21 -2.85 -2.61
CA TYR A 74 10.12 -2.05 -1.40
C TYR A 74 9.61 -0.66 -1.72
N VAL A 75 10.01 -0.12 -2.86
CA VAL A 75 9.51 1.17 -3.30
C VAL A 75 7.99 1.15 -3.39
N TYR A 76 7.47 0.06 -3.92
CA TYR A 76 6.03 -0.10 -4.07
C TYR A 76 5.39 -0.37 -2.72
N ILE A 77 6.14 -1.04 -1.85
CA ILE A 77 5.77 -1.17 -0.44
C ILE A 77 5.68 0.22 0.19
N ASN A 78 6.73 1.00 -0.03
CA ASN A 78 6.82 2.38 0.43
C ASN A 78 5.65 3.19 -0.09
N GLU A 79 5.44 3.14 -1.40
CA GLU A 79 4.33 3.83 -2.03
C GLU A 79 3.04 3.45 -1.36
N LEU A 80 2.71 2.18 -1.45
CA LEU A 80 1.45 1.65 -0.94
C LEU A 80 1.21 2.07 0.51
N CYS A 81 2.25 1.98 1.34
CA CYS A 81 2.14 2.36 2.75
C CYS A 81 1.92 3.87 2.89
N THR A 82 2.69 4.66 2.15
CA THR A 82 2.57 6.11 2.22
C THR A 82 1.26 6.54 1.61
N VAL A 83 0.90 5.86 0.53
CA VAL A 83 -0.34 6.07 -0.19
C VAL A 83 -1.51 6.00 0.75
N LEU A 84 -1.48 5.02 1.63
CA LEU A 84 -2.55 4.82 2.59
C LEU A 84 -2.75 6.07 3.44
N LYS A 85 -1.68 6.54 4.06
CA LYS A 85 -1.82 7.66 4.99
C LYS A 85 -1.86 9.01 4.26
N ALA A 86 -1.24 9.07 3.11
CA ALA A 86 -1.22 10.31 2.33
C ALA A 86 -2.60 10.66 1.81
N HIS A 87 -3.38 9.64 1.43
CA HIS A 87 -4.66 9.89 0.80
C HIS A 87 -5.83 9.50 1.69
N SER A 88 -5.56 8.78 2.76
CA SER A 88 -6.60 8.43 3.71
C SER A 88 -6.12 8.57 5.14
N ALA A 89 -7.08 8.83 6.01
CA ALA A 89 -6.90 8.95 7.45
C ALA A 89 -5.95 10.08 7.87
N LYS A 90 -6.54 11.15 8.41
CA LYS A 90 -5.82 12.17 9.16
C LYS A 90 -5.20 13.17 8.22
N LYS A 91 -5.93 13.41 7.15
CA LYS A 91 -5.53 14.32 6.12
C LYS A 91 -6.28 15.64 6.26
N LYS A 92 -7.48 15.55 6.83
CA LYS A 92 -8.36 16.69 6.99
C LYS A 92 -8.54 17.38 5.64
N LEU A 93 -8.21 18.66 5.61
CA LEU A 93 -8.08 19.40 4.36
C LEU A 93 -6.64 19.84 4.22
N ASN A 94 -6.02 20.12 5.36
CA ASN A 94 -4.67 20.60 5.42
C ASN A 94 -3.89 19.84 6.48
N GLY B 1 10.07 18.33 0.86
CA GLY B 1 8.75 17.71 1.14
C GLY B 1 8.90 16.40 1.87
N SER B 2 7.76 15.77 2.18
CA SER B 2 7.74 14.51 2.92
C SER B 2 8.43 14.67 4.28
N GLN B 3 7.72 15.30 5.21
CA GLN B 3 8.24 15.51 6.56
C GLN B 3 8.16 14.21 7.36
N GLU B 4 7.25 13.35 6.93
CA GLU B 4 7.04 12.06 7.59
C GLU B 4 7.94 11.00 6.96
N ASP B 5 8.24 9.94 7.71
CA ASP B 5 9.16 8.89 7.23
C ASP B 5 8.70 8.33 5.90
N SER B 6 7.40 8.09 5.80
CA SER B 6 6.75 7.55 4.62
C SER B 6 7.48 6.35 4.01
N ASP B 7 8.30 6.60 3.01
CA ASP B 7 9.01 5.55 2.32
C ASP B 7 10.22 5.07 3.13
N SER B 8 10.95 6.02 3.71
CA SER B 8 12.13 5.70 4.50
C SER B 8 11.75 4.88 5.73
N GLU B 9 10.48 4.95 6.10
CA GLU B 9 9.94 4.22 7.24
C GLU B 9 10.25 2.73 7.10
N LEU B 10 10.23 2.27 5.86
CA LEU B 10 10.58 0.90 5.53
C LEU B 10 12.08 0.72 5.56
N GLU B 11 12.72 1.63 4.86
CA GLU B 11 14.17 1.64 4.65
C GLU B 11 14.94 1.50 5.95
N GLN B 12 14.31 1.91 7.04
CA GLN B 12 14.91 1.88 8.36
C GLN B 12 15.50 0.52 8.67
N TYR B 13 14.75 -0.53 8.38
CA TYR B 13 15.18 -1.88 8.69
C TYR B 13 15.31 -2.77 7.45
N PHE B 14 14.57 -2.47 6.39
CA PHE B 14 14.59 -3.33 5.22
C PHE B 14 14.41 -2.54 3.92
N THR B 15 15.11 -2.98 2.89
CA THR B 15 14.99 -2.44 1.54
C THR B 15 15.69 -3.37 0.54
N ALA B 16 15.88 -2.90 -0.68
CA ALA B 16 16.49 -3.72 -1.72
C ALA B 16 17.72 -3.05 -2.30
N ARG B 17 18.01 -3.36 -3.55
CA ARG B 17 19.15 -2.77 -4.25
C ARG B 17 19.06 -1.24 -4.26
N TRP B 18 17.85 -0.76 -4.57
CA TRP B 18 17.55 0.66 -4.69
C TRP B 18 18.68 1.46 -5.33
N GLY A 1 -22.89 17.07 -10.44
CA GLY A 1 -22.62 15.67 -10.03
C GLY A 1 -21.65 14.99 -10.96
N SER A 2 -21.69 13.66 -10.98
CA SER A 2 -20.80 12.85 -11.82
C SER A 2 -19.34 13.10 -11.46
N HIS A 3 -18.94 12.69 -10.26
CA HIS A 3 -17.58 12.87 -9.79
C HIS A 3 -17.20 11.79 -8.77
N MET A 4 -17.14 10.55 -9.25
CA MET A 4 -16.75 9.41 -8.42
C MET A 4 -17.69 9.25 -7.23
N GLY A 5 -18.99 9.38 -7.50
CA GLY A 5 -19.99 9.19 -6.46
C GLY A 5 -20.38 7.74 -6.34
N LYS A 6 -20.75 7.32 -5.12
CA LYS A 6 -21.12 5.94 -4.79
C LYS A 6 -20.13 4.90 -5.33
N LYS A 7 -18.96 5.34 -5.74
CA LYS A 7 -17.94 4.46 -6.27
C LYS A 7 -17.50 3.44 -5.24
N CYS A 8 -17.48 2.21 -5.67
CA CYS A 8 -17.14 1.10 -4.79
C CYS A 8 -16.08 0.23 -5.45
N TYR A 9 -14.84 0.37 -4.97
CA TYR A 9 -13.75 -0.45 -5.45
C TYR A 9 -13.19 -1.28 -4.32
N LYS A 10 -13.99 -1.39 -3.25
CA LYS A 10 -13.58 -2.04 -2.01
C LYS A 10 -12.97 -3.42 -2.27
N LEU A 11 -13.77 -4.34 -2.78
CA LEU A 11 -13.33 -5.72 -3.03
C LEU A 11 -12.09 -5.76 -3.90
N GLU A 12 -12.06 -4.87 -4.89
CA GLU A 12 -10.92 -4.76 -5.78
C GLU A 12 -9.62 -4.59 -5.03
N ASN A 13 -9.56 -3.59 -4.15
CA ASN A 13 -8.34 -3.31 -3.41
C ASN A 13 -8.13 -4.31 -2.28
N GLU A 14 -9.22 -4.94 -1.87
CA GLU A 14 -9.15 -5.99 -0.87
C GLU A 14 -8.39 -7.21 -1.40
N LYS A 15 -8.79 -7.68 -2.57
CA LYS A 15 -8.09 -8.80 -3.20
C LYS A 15 -6.77 -8.32 -3.77
N LEU A 16 -6.73 -7.06 -4.14
CA LEU A 16 -5.56 -6.45 -4.72
C LEU A 16 -4.39 -6.37 -3.74
N PHE A 17 -4.64 -5.72 -2.61
CA PHE A 17 -3.64 -5.53 -1.58
C PHE A 17 -3.00 -6.85 -1.17
N GLU A 18 -3.82 -7.89 -1.05
CA GLU A 18 -3.34 -9.18 -0.61
C GLU A 18 -2.44 -9.83 -1.67
N GLU A 19 -2.65 -9.54 -2.97
CA GLU A 19 -1.81 -10.11 -4.00
C GLU A 19 -0.38 -9.62 -3.82
N PHE A 20 -0.27 -8.36 -3.44
CA PHE A 20 1.01 -7.73 -3.17
C PHE A 20 1.66 -8.38 -1.95
N LEU A 21 0.87 -8.58 -0.91
CA LEU A 21 1.37 -9.11 0.34
C LEU A 21 1.77 -10.56 0.25
N GLU A 22 0.98 -11.34 -0.44
CA GLU A 22 1.29 -12.73 -0.61
C GLU A 22 2.53 -12.88 -1.46
N LEU A 23 2.74 -11.91 -2.34
CA LEU A 23 4.00 -11.77 -3.05
C LEU A 23 5.12 -11.34 -2.10
N CYS A 24 4.88 -10.29 -1.30
CA CYS A 24 5.92 -9.76 -0.43
C CYS A 24 6.30 -10.77 0.65
N LYS A 25 5.35 -11.64 1.00
CA LYS A 25 5.61 -12.76 1.89
C LYS A 25 6.76 -13.63 1.40
N MET A 26 6.93 -13.68 0.09
CA MET A 26 7.94 -14.55 -0.51
C MET A 26 9.21 -13.76 -0.72
N GLN A 27 9.03 -12.51 -1.09
CA GLN A 27 10.13 -11.64 -1.45
C GLN A 27 10.84 -11.13 -0.21
N THR A 28 10.11 -10.45 0.65
CA THR A 28 10.66 -9.87 1.86
C THR A 28 10.67 -10.90 2.98
N ALA A 29 11.04 -12.11 2.62
CA ALA A 29 11.07 -13.22 3.57
C ALA A 29 12.17 -13.03 4.60
N ASP A 30 13.18 -12.25 4.24
CA ASP A 30 14.28 -11.93 5.14
C ASP A 30 13.84 -10.85 6.14
N HIS A 31 12.74 -10.17 5.83
CA HIS A 31 12.18 -9.16 6.71
C HIS A 31 10.65 -9.23 6.71
N PRO A 32 10.07 -10.21 7.42
CA PRO A 32 8.62 -10.38 7.49
C PRO A 32 7.91 -9.26 8.28
N GLU A 33 8.53 -8.09 8.30
CA GLU A 33 7.96 -6.92 8.93
C GLU A 33 7.11 -6.14 7.91
N VAL A 34 7.51 -6.26 6.65
CA VAL A 34 6.88 -5.55 5.54
C VAL A 34 5.37 -5.79 5.46
N VAL A 35 5.01 -7.07 5.34
CA VAL A 35 3.61 -7.46 5.17
C VAL A 35 2.73 -6.99 6.33
N PRO A 36 3.06 -7.34 7.59
CA PRO A 36 2.29 -6.87 8.74
C PRO A 36 2.21 -5.35 8.78
N PHE A 37 3.27 -4.69 8.34
CA PHE A 37 3.27 -3.24 8.22
C PHE A 37 2.20 -2.80 7.22
N LEU A 38 2.24 -3.39 6.03
CA LEU A 38 1.27 -3.08 4.99
C LEU A 38 -0.15 -3.37 5.44
N TYR A 39 -0.31 -4.49 6.15
CA TYR A 39 -1.61 -4.85 6.70
C TYR A 39 -2.08 -3.78 7.67
N ASN A 40 -1.21 -3.46 8.61
CA ASN A 40 -1.51 -2.53 9.68
C ASN A 40 -1.85 -1.16 9.13
N ARG A 41 -1.00 -0.68 8.22
CA ARG A 41 -1.16 0.64 7.66
C ARG A 41 -2.48 0.76 6.90
N GLN A 42 -2.89 -0.33 6.26
CA GLN A 42 -4.15 -0.34 5.53
C GLN A 42 -5.32 -0.31 6.52
N GLN A 43 -5.13 -0.95 7.66
CA GLN A 43 -6.17 -0.98 8.69
C GLN A 43 -6.30 0.38 9.32
N ARG A 44 -5.20 1.12 9.35
CA ARG A 44 -5.19 2.45 9.95
C ARG A 44 -5.63 3.49 8.93
N ALA A 45 -5.65 3.09 7.67
CA ALA A 45 -6.09 3.95 6.59
C ALA A 45 -7.61 3.96 6.50
N HIS A 46 -8.17 5.13 6.27
CA HIS A 46 -9.62 5.28 6.18
C HIS A 46 -10.15 4.56 4.95
N SER A 47 -11.22 3.79 5.14
CA SER A 47 -11.77 2.92 4.11
C SER A 47 -12.31 3.70 2.91
N LEU A 48 -12.47 5.02 3.03
CA LEU A 48 -13.04 5.80 1.95
C LEU A 48 -12.06 5.94 0.79
N PHE A 49 -10.84 6.36 1.11
CA PHE A 49 -9.79 6.43 0.09
C PHE A 49 -9.53 5.04 -0.49
N LEU A 50 -9.44 4.06 0.40
CA LEU A 50 -9.18 2.69 0.00
C LEU A 50 -10.24 2.19 -0.97
N ALA A 51 -11.52 2.38 -0.64
CA ALA A 51 -12.64 1.85 -1.42
C ALA A 51 -12.88 2.65 -2.70
N SER A 52 -11.94 3.50 -3.06
CA SER A 52 -12.07 4.36 -4.21
C SER A 52 -11.24 3.81 -5.36
N ALA A 53 -11.52 4.31 -6.56
CA ALA A 53 -10.81 3.88 -7.75
C ALA A 53 -9.36 4.31 -7.69
N GLU A 54 -9.12 5.37 -6.95
CA GLU A 54 -7.78 5.92 -6.81
C GLU A 54 -6.84 4.87 -6.24
N PHE A 55 -7.25 4.27 -5.13
CA PHE A 55 -6.41 3.28 -4.46
C PHE A 55 -6.31 2.02 -5.31
N CYS A 56 -7.40 1.67 -6.01
CA CYS A 56 -7.36 0.59 -6.99
C CYS A 56 -6.22 0.81 -7.99
N ASN A 57 -6.07 2.05 -8.46
CA ASN A 57 -4.96 2.43 -9.34
C ASN A 57 -3.64 2.16 -8.67
N ILE A 58 -3.48 2.71 -7.47
CA ILE A 58 -2.25 2.57 -6.71
C ILE A 58 -1.84 1.11 -6.61
N LEU A 59 -2.77 0.29 -6.20
CA LEU A 59 -2.54 -1.14 -6.05
C LEU A 59 -2.23 -1.81 -7.38
N SER A 60 -3.10 -1.61 -8.35
CA SER A 60 -2.92 -2.18 -9.67
C SER A 60 -1.58 -1.76 -10.25
N ARG A 61 -1.15 -0.56 -9.88
CA ARG A 61 0.13 -0.03 -10.30
C ARG A 61 1.29 -0.67 -9.54
N VAL A 62 1.31 -0.51 -8.22
CA VAL A 62 2.48 -0.89 -7.43
C VAL A 62 2.65 -2.40 -7.31
N LEU A 63 1.56 -3.11 -7.09
CA LEU A 63 1.62 -4.55 -6.95
C LEU A 63 2.14 -5.18 -8.24
N SER A 64 1.60 -4.72 -9.35
CA SER A 64 1.96 -5.26 -10.65
C SER A 64 3.42 -4.92 -10.97
N ARG A 65 3.83 -3.70 -10.64
CA ARG A 65 5.23 -3.31 -10.79
C ARG A 65 6.16 -4.17 -9.95
N ALA A 66 5.72 -4.53 -8.74
CA ALA A 66 6.53 -5.33 -7.84
C ALA A 66 6.61 -6.79 -8.30
N ARG A 67 5.50 -7.32 -8.78
CA ARG A 67 5.46 -8.67 -9.33
C ARG A 67 6.30 -8.74 -10.59
N SER A 68 6.43 -7.60 -11.25
CA SER A 68 7.24 -7.46 -12.45
C SER A 68 8.71 -7.34 -12.08
N ARG A 69 8.99 -6.34 -11.27
CA ARG A 69 10.34 -6.02 -10.83
C ARG A 69 10.47 -6.22 -9.32
N PRO A 70 10.69 -7.47 -8.89
CA PRO A 70 10.84 -7.83 -7.46
C PRO A 70 11.92 -7.01 -6.76
N ALA A 71 12.94 -6.63 -7.51
CA ALA A 71 14.06 -5.88 -6.96
C ALA A 71 13.65 -4.50 -6.45
N LYS A 72 12.54 -3.98 -6.96
CA LYS A 72 12.06 -2.68 -6.53
C LYS A 72 10.76 -2.80 -5.76
N LEU A 73 10.42 -4.04 -5.39
CA LEU A 73 9.23 -4.34 -4.61
C LEU A 73 9.07 -3.39 -3.43
N TYR A 74 10.16 -3.08 -2.74
CA TYR A 74 10.12 -2.23 -1.57
C TYR A 74 9.60 -0.86 -1.93
N VAL A 75 10.08 -0.28 -3.02
CA VAL A 75 9.59 1.02 -3.45
C VAL A 75 8.07 1.03 -3.51
N TYR A 76 7.52 -0.04 -4.05
CA TYR A 76 6.08 -0.17 -4.20
C TYR A 76 5.43 -0.43 -2.85
N ILE A 77 6.12 -1.19 -2.00
CA ILE A 77 5.73 -1.36 -0.59
C ILE A 77 5.67 0.00 0.08
N ASN A 78 6.76 0.74 -0.08
CA ASN A 78 6.93 2.06 0.48
C ASN A 78 5.83 2.99 0.01
N GLU A 79 5.62 3.01 -1.31
CA GLU A 79 4.56 3.81 -1.88
C GLU A 79 3.24 3.46 -1.25
N LEU A 80 2.85 2.21 -1.43
CA LEU A 80 1.57 1.70 -0.97
C LEU A 80 1.31 2.05 0.50
N CYS A 81 2.32 1.86 1.35
CA CYS A 81 2.18 2.14 2.76
C CYS A 81 1.97 3.64 3.01
N THR A 82 2.78 4.47 2.37
CA THR A 82 2.66 5.91 2.54
C THR A 82 1.37 6.40 1.90
N VAL A 83 1.04 5.77 0.78
CA VAL A 83 -0.18 6.03 0.04
C VAL A 83 -1.40 5.90 0.94
N LEU A 84 -1.39 4.87 1.77
CA LEU A 84 -2.48 4.60 2.67
C LEU A 84 -2.78 5.80 3.57
N LYS A 85 -1.77 6.30 4.27
CA LYS A 85 -1.99 7.38 5.22
C LYS A 85 -2.05 8.74 4.54
N ALA A 86 -1.34 8.89 3.44
CA ALA A 86 -1.26 10.17 2.75
C ALA A 86 -2.62 10.62 2.23
N HIS A 87 -3.48 9.68 1.85
CA HIS A 87 -4.72 10.03 1.19
C HIS A 87 -5.93 9.58 1.98
N SER A 88 -5.72 8.92 3.11
CA SER A 88 -6.82 8.49 3.94
C SER A 88 -6.74 9.20 5.30
N ALA A 89 -7.63 8.83 6.21
CA ALA A 89 -7.75 9.52 7.48
C ALA A 89 -6.49 9.43 8.35
N LYS A 90 -5.86 10.58 8.54
CA LYS A 90 -4.87 10.75 9.59
C LYS A 90 -5.50 11.68 10.63
N LYS A 91 -6.69 12.13 10.27
CA LYS A 91 -7.52 13.00 11.08
C LYS A 91 -8.90 12.35 11.19
N LYS A 92 -9.66 12.71 12.24
CA LYS A 92 -10.94 12.09 12.53
C LYS A 92 -10.74 10.64 12.95
N LEU A 93 -10.01 10.47 14.06
CA LEU A 93 -9.70 9.15 14.58
C LEU A 93 -10.98 8.39 14.95
N ASN A 94 -12.01 9.12 15.33
CA ASN A 94 -13.28 8.54 15.69
C ASN A 94 -14.37 9.07 14.79
N GLY B 1 7.74 3.43 16.42
CA GLY B 1 6.73 4.30 17.06
C GLY B 1 5.82 4.94 16.05
N SER B 2 5.08 5.96 16.45
CA SER B 2 4.19 6.67 15.56
C SER B 2 4.98 7.62 14.66
N GLN B 3 5.69 7.06 13.70
CA GLN B 3 6.45 7.86 12.76
C GLN B 3 5.58 8.21 11.56
N GLU B 4 5.12 7.19 10.84
CA GLU B 4 4.33 7.36 9.63
C GLU B 4 5.02 8.35 8.71
N ASP B 5 6.28 8.07 8.51
CA ASP B 5 7.18 8.96 7.78
C ASP B 5 6.87 8.96 6.29
N SER B 6 7.48 8.03 5.58
CA SER B 6 7.32 7.92 4.14
C SER B 6 7.85 6.56 3.70
N ASP B 7 8.35 6.49 2.47
CA ASP B 7 9.04 5.31 2.00
C ASP B 7 10.18 4.96 2.95
N SER B 8 10.81 6.00 3.48
CA SER B 8 11.92 5.86 4.43
C SER B 8 11.54 5.01 5.63
N GLU B 9 10.27 5.00 5.98
CA GLU B 9 9.79 4.29 7.15
C GLU B 9 10.02 2.79 7.01
N LEU B 10 10.01 2.34 5.77
CA LEU B 10 10.34 0.98 5.43
C LEU B 10 11.84 0.80 5.49
N GLU B 11 12.50 1.74 4.82
CA GLU B 11 13.96 1.78 4.69
C GLU B 11 14.64 1.74 6.05
N GLN B 12 13.90 2.10 7.08
CA GLN B 12 14.40 2.10 8.45
C GLN B 12 15.06 0.78 8.77
N TYR B 13 14.41 -0.30 8.38
CA TYR B 13 14.89 -1.64 8.71
C TYR B 13 15.06 -2.53 7.48
N PHE B 14 14.40 -2.22 6.37
CA PHE B 14 14.49 -3.10 5.20
C PHE B 14 14.31 -2.35 3.89
N THR B 15 15.10 -2.77 2.88
CA THR B 15 14.98 -2.28 1.51
C THR B 15 15.74 -3.21 0.56
N ALA B 16 15.94 -2.77 -0.67
CA ALA B 16 16.62 -3.57 -1.69
C ALA B 16 17.81 -2.81 -2.25
N ARG B 17 18.21 -3.15 -3.47
CA ARG B 17 19.34 -2.49 -4.12
C ARG B 17 19.07 -0.99 -4.29
N TRP B 18 17.84 -0.69 -4.68
CA TRP B 18 17.39 0.67 -4.95
C TRP B 18 18.45 1.48 -5.71
N GLY A 1 -12.35 18.92 -9.88
CA GLY A 1 -12.37 17.58 -9.23
C GLY A 1 -13.58 16.77 -9.64
N SER A 2 -13.36 15.73 -10.43
CA SER A 2 -14.44 14.88 -10.88
C SER A 2 -14.56 13.66 -9.97
N HIS A 3 -15.76 13.39 -9.50
CA HIS A 3 -16.03 12.22 -8.68
C HIS A 3 -17.01 11.33 -9.41
N MET A 4 -17.04 10.05 -9.05
CA MET A 4 -17.90 9.10 -9.75
C MET A 4 -19.01 8.60 -8.83
N GLY A 5 -19.27 9.37 -7.79
CA GLY A 5 -20.42 9.14 -6.93
C GLY A 5 -20.36 7.85 -6.13
N LYS A 6 -21.10 6.84 -6.59
CA LYS A 6 -21.34 5.62 -5.82
C LYS A 6 -20.29 4.54 -6.11
N LYS A 7 -19.17 4.93 -6.67
CA LYS A 7 -18.11 3.99 -6.98
C LYS A 7 -17.48 3.42 -5.73
N CYS A 8 -17.34 2.12 -5.72
CA CYS A 8 -16.80 1.41 -4.58
C CYS A 8 -15.93 0.24 -5.02
N TYR A 9 -14.62 0.41 -4.91
CA TYR A 9 -13.69 -0.63 -5.33
C TYR A 9 -13.15 -1.37 -4.14
N LYS A 10 -13.88 -1.28 -3.03
CA LYS A 10 -13.51 -1.93 -1.78
C LYS A 10 -13.10 -3.38 -1.98
N LEU A 11 -14.01 -4.17 -2.54
CA LEU A 11 -13.77 -5.59 -2.78
C LEU A 11 -12.47 -5.80 -3.54
N GLU A 12 -12.25 -4.96 -4.53
CA GLU A 12 -11.07 -5.04 -5.37
C GLU A 12 -9.78 -4.82 -4.59
N ASN A 13 -9.69 -3.71 -3.87
CA ASN A 13 -8.41 -3.36 -3.22
C ASN A 13 -8.14 -4.22 -2.01
N GLU A 14 -9.17 -4.85 -1.45
CA GLU A 14 -8.97 -5.78 -0.36
C GLU A 14 -8.22 -7.00 -0.86
N LYS A 15 -8.69 -7.58 -1.96
CA LYS A 15 -8.02 -8.73 -2.57
C LYS A 15 -6.73 -8.27 -3.24
N LEU A 16 -6.79 -7.10 -3.83
CA LEU A 16 -5.65 -6.50 -4.49
C LEU A 16 -4.46 -6.33 -3.55
N PHE A 17 -4.70 -5.67 -2.43
CA PHE A 17 -3.66 -5.44 -1.45
C PHE A 17 -2.97 -6.74 -1.03
N GLU A 18 -3.76 -7.78 -0.84
CA GLU A 18 -3.19 -9.05 -0.40
C GLU A 18 -2.42 -9.75 -1.53
N GLU A 19 -2.77 -9.50 -2.79
CA GLU A 19 -2.01 -10.03 -3.91
C GLU A 19 -0.56 -9.57 -3.81
N PHE A 20 -0.40 -8.31 -3.45
CA PHE A 20 0.91 -7.72 -3.22
C PHE A 20 1.58 -8.38 -2.03
N LEU A 21 0.84 -8.54 -0.96
CA LEU A 21 1.36 -9.09 0.27
C LEU A 21 1.79 -10.52 0.12
N GLU A 22 0.98 -11.29 -0.56
CA GLU A 22 1.25 -12.69 -0.78
C GLU A 22 2.46 -12.86 -1.70
N LEU A 23 2.65 -11.88 -2.57
CA LEU A 23 3.89 -11.76 -3.30
C LEU A 23 5.01 -11.41 -2.33
N CYS A 24 4.72 -10.46 -1.43
CA CYS A 24 5.69 -9.98 -0.46
C CYS A 24 6.13 -11.12 0.48
N LYS A 25 5.28 -12.14 0.64
CA LYS A 25 5.61 -13.32 1.42
C LYS A 25 6.89 -13.96 0.92
N MET A 26 7.02 -13.95 -0.40
CA MET A 26 8.11 -14.64 -1.07
C MET A 26 9.31 -13.72 -1.18
N GLN A 27 9.00 -12.46 -1.39
CA GLN A 27 9.99 -11.45 -1.69
C GLN A 27 10.70 -10.99 -0.43
N THR A 28 9.94 -10.51 0.53
CA THR A 28 10.50 -10.02 1.78
C THR A 28 10.53 -11.17 2.79
N ALA A 29 10.99 -12.31 2.33
CA ALA A 29 11.07 -13.50 3.15
C ALA A 29 12.20 -13.35 4.17
N ASP A 30 13.21 -12.56 3.81
CA ASP A 30 14.32 -12.27 4.71
C ASP A 30 13.97 -11.07 5.60
N HIS A 31 12.90 -10.37 5.24
CA HIS A 31 12.44 -9.21 6.01
C HIS A 31 10.92 -9.28 6.18
N PRO A 32 10.42 -10.29 6.91
CA PRO A 32 8.98 -10.59 7.00
C PRO A 32 8.15 -9.57 7.79
N GLU A 33 8.69 -8.38 8.01
CA GLU A 33 7.96 -7.34 8.73
C GLU A 33 7.15 -6.49 7.75
N VAL A 34 7.57 -6.48 6.49
CA VAL A 34 6.93 -5.68 5.45
C VAL A 34 5.44 -5.96 5.34
N VAL A 35 5.13 -7.24 5.12
CA VAL A 35 3.75 -7.69 4.94
C VAL A 35 2.86 -7.23 6.10
N PRO A 36 3.19 -7.57 7.37
CA PRO A 36 2.43 -7.09 8.53
C PRO A 36 2.35 -5.57 8.61
N PHE A 37 3.43 -4.90 8.19
CA PHE A 37 3.44 -3.43 8.14
C PHE A 37 2.36 -2.94 7.18
N LEU A 38 2.38 -3.45 5.96
CA LEU A 38 1.41 -3.07 4.96
C LEU A 38 -0.01 -3.37 5.43
N TYR A 39 -0.18 -4.51 6.09
CA TYR A 39 -1.46 -4.86 6.69
C TYR A 39 -1.88 -3.76 7.67
N ASN A 40 -0.96 -3.45 8.57
CA ASN A 40 -1.20 -2.53 9.68
C ASN A 40 -1.51 -1.14 9.15
N ARG A 41 -0.69 -0.67 8.21
CA ARG A 41 -0.85 0.66 7.65
C ARG A 41 -2.18 0.79 6.92
N GLN A 42 -2.60 -0.27 6.24
CA GLN A 42 -3.88 -0.25 5.52
C GLN A 42 -5.04 -0.11 6.51
N GLN A 43 -4.87 -0.70 7.69
CA GLN A 43 -5.88 -0.60 8.74
C GLN A 43 -5.86 0.79 9.34
N ARG A 44 -4.70 1.44 9.27
CA ARG A 44 -4.53 2.81 9.76
C ARG A 44 -5.04 3.81 8.74
N ALA A 45 -5.34 3.29 7.55
CA ALA A 45 -5.85 4.11 6.48
C ALA A 45 -7.37 4.15 6.53
N HIS A 46 -7.95 5.26 6.12
CA HIS A 46 -9.38 5.45 6.17
C HIS A 46 -10.06 4.72 5.01
N SER A 47 -11.07 3.94 5.33
CA SER A 47 -11.68 3.01 4.39
C SER A 47 -12.30 3.70 3.16
N LEU A 48 -12.58 4.99 3.25
CA LEU A 48 -13.24 5.69 2.17
C LEU A 48 -12.34 5.83 0.95
N PHE A 49 -11.13 6.37 1.14
CA PHE A 49 -10.16 6.45 0.05
C PHE A 49 -9.85 5.06 -0.48
N LEU A 50 -9.63 4.13 0.44
CA LEU A 50 -9.33 2.76 0.08
C LEU A 50 -10.43 2.21 -0.83
N ALA A 51 -11.68 2.39 -0.43
CA ALA A 51 -12.83 1.90 -1.18
C ALA A 51 -13.17 2.82 -2.35
N SER A 52 -12.17 3.20 -3.11
CA SER A 52 -12.34 4.10 -4.24
C SER A 52 -11.54 3.60 -5.44
N ALA A 53 -11.87 4.11 -6.61
CA ALA A 53 -11.19 3.70 -7.84
C ALA A 53 -9.72 4.09 -7.80
N GLU A 54 -9.42 5.14 -7.07
CA GLU A 54 -8.06 5.65 -7.01
C GLU A 54 -7.12 4.60 -6.43
N PHE A 55 -7.50 4.04 -5.29
CA PHE A 55 -6.63 3.08 -4.60
C PHE A 55 -6.49 1.80 -5.42
N CYS A 56 -7.57 1.39 -6.09
CA CYS A 56 -7.51 0.29 -7.04
C CYS A 56 -6.39 0.50 -8.06
N ASN A 57 -6.31 1.72 -8.61
CA ASN A 57 -5.23 2.09 -9.54
C ASN A 57 -3.87 1.92 -8.88
N ILE A 58 -3.72 2.54 -7.72
CA ILE A 58 -2.47 2.48 -6.98
C ILE A 58 -2.01 1.04 -6.79
N LEU A 59 -2.91 0.22 -6.27
CA LEU A 59 -2.60 -1.17 -5.99
C LEU A 59 -2.26 -1.96 -7.24
N SER A 60 -3.14 -1.92 -8.22
CA SER A 60 -2.93 -2.66 -9.45
C SER A 60 -1.61 -2.27 -10.10
N ARG A 61 -1.30 -0.99 -10.01
CA ARG A 61 -0.08 -0.46 -10.56
C ARG A 61 1.15 -0.90 -9.76
N VAL A 62 1.21 -0.58 -8.47
CA VAL A 62 2.41 -0.89 -7.68
C VAL A 62 2.61 -2.39 -7.50
N LEU A 63 1.53 -3.13 -7.30
CA LEU A 63 1.61 -4.54 -7.13
C LEU A 63 2.19 -5.20 -8.39
N SER A 64 1.67 -4.81 -9.54
CA SER A 64 2.13 -5.35 -10.81
C SER A 64 3.58 -4.94 -11.07
N ARG A 65 3.91 -3.71 -10.68
CA ARG A 65 5.28 -3.23 -10.76
C ARG A 65 6.22 -4.13 -9.95
N ALA A 66 5.79 -4.48 -8.73
CA ALA A 66 6.59 -5.30 -7.84
C ALA A 66 6.63 -6.76 -8.30
N ARG A 67 5.56 -7.22 -8.93
CA ARG A 67 5.52 -8.55 -9.52
C ARG A 67 6.56 -8.69 -10.61
N SER A 68 6.73 -7.60 -11.36
CA SER A 68 7.69 -7.55 -12.45
C SER A 68 9.08 -7.29 -11.92
N ARG A 69 9.18 -6.28 -11.08
CA ARG A 69 10.44 -5.82 -10.52
C ARG A 69 10.45 -5.92 -9.00
N PRO A 70 10.73 -7.13 -8.48
CA PRO A 70 10.87 -7.37 -7.03
C PRO A 70 12.01 -6.56 -6.43
N ALA A 71 12.97 -6.24 -7.28
CA ALA A 71 14.14 -5.46 -6.90
C ALA A 71 13.74 -4.16 -6.19
N LYS A 72 12.68 -3.54 -6.67
CA LYS A 72 12.21 -2.31 -6.07
C LYS A 72 10.81 -2.47 -5.48
N LEU A 73 10.46 -3.73 -5.19
CA LEU A 73 9.23 -4.07 -4.49
C LEU A 73 9.04 -3.18 -3.26
N TYR A 74 10.12 -2.90 -2.56
CA TYR A 74 10.06 -2.12 -1.32
C TYR A 74 9.61 -0.71 -1.61
N VAL A 75 10.09 -0.13 -2.69
CA VAL A 75 9.63 1.19 -3.11
C VAL A 75 8.12 1.17 -3.30
N TYR A 76 7.61 0.10 -3.86
CA TYR A 76 6.18 -0.05 -4.08
C TYR A 76 5.46 -0.32 -2.75
N ILE A 77 6.16 -1.01 -1.85
CA ILE A 77 5.75 -1.15 -0.46
C ILE A 77 5.65 0.23 0.19
N ASN A 78 6.72 1.00 0.04
CA ASN A 78 6.81 2.36 0.53
C ASN A 78 5.70 3.22 -0.03
N GLU A 79 5.55 3.20 -1.35
CA GLU A 79 4.50 3.94 -2.03
C GLU A 79 3.16 3.61 -1.45
N LEU A 80 2.79 2.35 -1.55
CA LEU A 80 1.51 1.85 -1.07
C LEU A 80 1.25 2.28 0.38
N CYS A 81 2.29 2.21 1.21
CA CYS A 81 2.17 2.60 2.61
C CYS A 81 1.94 4.11 2.77
N THR A 82 2.65 4.91 1.99
CA THR A 82 2.51 6.36 2.06
C THR A 82 1.21 6.79 1.37
N VAL A 83 0.90 6.07 0.30
CA VAL A 83 -0.32 6.27 -0.48
C VAL A 83 -1.53 6.23 0.44
N LEU A 84 -1.51 5.30 1.38
CA LEU A 84 -2.59 5.14 2.31
C LEU A 84 -2.84 6.43 3.10
N LYS A 85 -1.80 6.97 3.71
CA LYS A 85 -1.98 8.13 4.57
C LYS A 85 -2.13 9.41 3.77
N ALA A 86 -1.51 9.45 2.60
CA ALA A 86 -1.57 10.63 1.74
C ALA A 86 -2.99 10.95 1.34
N HIS A 87 -3.84 9.94 1.23
CA HIS A 87 -5.17 10.16 0.73
C HIS A 87 -6.26 9.71 1.70
N SER A 88 -5.88 8.93 2.71
CA SER A 88 -6.83 8.52 3.72
C SER A 88 -6.26 8.69 5.12
N ALA A 89 -7.17 8.97 6.04
CA ALA A 89 -6.87 9.19 7.46
C ALA A 89 -5.68 10.12 7.67
N LYS A 90 -5.84 11.34 7.20
CA LYS A 90 -4.79 12.35 7.32
C LYS A 90 -5.35 13.56 8.06
N LYS A 91 -6.50 13.34 8.68
CA LYS A 91 -7.18 14.35 9.45
C LYS A 91 -7.78 13.72 10.70
N LYS A 92 -7.73 14.41 11.82
CA LYS A 92 -8.32 13.90 13.04
C LYS A 92 -9.48 14.79 13.50
N LEU A 93 -10.35 14.22 14.32
CA LEU A 93 -11.49 14.91 14.87
C LEU A 93 -11.09 16.22 15.52
N ASN A 94 -10.38 16.14 16.64
CA ASN A 94 -9.95 17.29 17.38
C ASN A 94 -8.64 17.80 16.82
N GLY B 1 7.69 18.59 7.78
CA GLY B 1 7.51 17.68 6.63
C GLY B 1 7.91 16.25 6.96
N SER B 2 9.21 16.01 7.09
CA SER B 2 9.72 14.68 7.33
C SER B 2 9.92 14.39 8.81
N GLN B 3 8.97 14.84 9.63
CA GLN B 3 8.99 14.53 11.05
C GLN B 3 8.69 13.05 11.22
N GLU B 4 7.72 12.58 10.45
CA GLU B 4 7.44 11.17 10.35
C GLU B 4 7.99 10.64 9.04
N ASP B 5 8.40 9.40 9.03
CA ASP B 5 8.94 8.78 7.83
C ASP B 5 7.85 8.02 7.10
N SER B 6 7.81 8.17 5.79
CA SER B 6 6.81 7.54 4.97
C SER B 6 7.39 6.31 4.28
N ASP B 7 8.33 6.55 3.38
CA ASP B 7 9.01 5.48 2.67
C ASP B 7 10.20 4.99 3.47
N SER B 8 10.93 5.90 4.09
CA SER B 8 12.10 5.55 4.88
C SER B 8 11.73 4.73 6.10
N GLU B 9 10.47 4.80 6.48
CA GLU B 9 9.96 4.07 7.63
C GLU B 9 10.19 2.57 7.46
N LEU B 10 10.09 2.13 6.23
CA LEU B 10 10.43 0.77 5.86
C LEU B 10 11.92 0.58 6.00
N GLU B 11 12.63 1.49 5.36
CA GLU B 11 14.08 1.48 5.26
C GLU B 11 14.76 1.44 6.62
N GLN B 12 14.02 1.83 7.65
CA GLN B 12 14.52 1.84 9.02
C GLN B 12 15.08 0.49 9.40
N TYR B 13 14.37 -0.56 9.00
CA TYR B 13 14.76 -1.90 9.35
C TYR B 13 14.97 -2.81 8.14
N PHE B 14 14.34 -2.50 7.01
CA PHE B 14 14.46 -3.35 5.85
C PHE B 14 14.34 -2.60 4.55
N THR B 15 14.97 -3.15 3.51
CA THR B 15 14.81 -2.70 2.13
C THR B 15 15.56 -3.63 1.19
N ALA B 16 15.65 -3.25 -0.08
CA ALA B 16 16.32 -4.06 -1.08
C ALA B 16 17.61 -3.40 -1.52
N ARG B 17 18.12 -3.83 -2.66
CA ARG B 17 19.31 -3.26 -3.26
C ARG B 17 19.15 -1.75 -3.48
N TRP B 18 18.02 -1.36 -4.08
CA TRP B 18 17.71 0.02 -4.37
C TRP B 18 18.85 0.72 -5.11
N GLY A 1 -26.41 9.01 -18.53
CA GLY A 1 -25.93 9.33 -17.16
C GLY A 1 -24.61 8.66 -16.87
N SER A 2 -23.59 9.45 -16.56
CA SER A 2 -22.27 8.92 -16.27
C SER A 2 -21.60 9.72 -15.16
N HIS A 3 -21.80 9.25 -13.93
CA HIS A 3 -21.15 9.83 -12.76
C HIS A 3 -20.37 8.75 -12.02
N MET A 4 -19.48 9.17 -11.14
CA MET A 4 -18.65 8.24 -10.39
C MET A 4 -19.05 8.27 -8.91
N GLY A 5 -20.35 8.31 -8.67
CA GLY A 5 -20.85 8.33 -7.32
C GLY A 5 -21.09 6.94 -6.78
N LYS A 6 -21.19 6.84 -5.45
CA LYS A 6 -21.35 5.57 -4.72
C LYS A 6 -20.52 4.43 -5.30
N LYS A 7 -19.34 4.77 -5.81
CA LYS A 7 -18.39 3.79 -6.30
C LYS A 7 -17.80 2.99 -5.17
N CYS A 8 -17.63 1.70 -5.42
CA CYS A 8 -17.09 0.81 -4.43
C CYS A 8 -15.94 0.00 -5.01
N TYR A 9 -14.72 0.36 -4.64
CA TYR A 9 -13.55 -0.38 -5.07
C TYR A 9 -12.96 -1.15 -3.89
N LYS A 10 -13.77 -1.25 -2.83
CA LYS A 10 -13.35 -1.93 -1.62
C LYS A 10 -13.02 -3.39 -1.92
N LEU A 11 -13.96 -4.09 -2.55
CA LEU A 11 -13.77 -5.50 -2.90
C LEU A 11 -12.47 -5.70 -3.67
N GLU A 12 -12.25 -4.83 -4.66
CA GLU A 12 -11.04 -4.87 -5.44
C GLU A 12 -9.80 -4.70 -4.59
N ASN A 13 -9.76 -3.58 -3.87
CA ASN A 13 -8.55 -3.16 -3.17
C ASN A 13 -8.20 -4.11 -2.03
N GLU A 14 -9.20 -4.76 -1.45
CA GLU A 14 -8.97 -5.74 -0.41
C GLU A 14 -8.22 -6.96 -0.97
N LYS A 15 -8.73 -7.53 -2.05
CA LYS A 15 -8.11 -8.70 -2.66
C LYS A 15 -6.86 -8.27 -3.42
N LEU A 16 -6.89 -7.04 -3.85
CA LEU A 16 -5.76 -6.43 -4.54
C LEU A 16 -4.56 -6.28 -3.63
N PHE A 17 -4.77 -5.61 -2.51
CA PHE A 17 -3.72 -5.39 -1.53
C PHE A 17 -3.03 -6.70 -1.14
N GLU A 18 -3.83 -7.75 -0.93
CA GLU A 18 -3.26 -9.03 -0.54
C GLU A 18 -2.45 -9.64 -1.67
N GLU A 19 -2.78 -9.35 -2.94
CA GLU A 19 -2.00 -9.84 -4.06
C GLU A 19 -0.54 -9.41 -3.91
N PHE A 20 -0.36 -8.22 -3.39
CA PHE A 20 0.95 -7.66 -3.14
C PHE A 20 1.62 -8.38 -1.97
N LEU A 21 0.86 -8.56 -0.89
CA LEU A 21 1.37 -9.16 0.32
C LEU A 21 1.74 -10.61 0.14
N GLU A 22 0.90 -11.33 -0.57
CA GLU A 22 1.14 -12.73 -0.84
C GLU A 22 2.41 -12.90 -1.65
N LEU A 23 2.70 -11.91 -2.47
CA LEU A 23 3.98 -11.81 -3.15
C LEU A 23 5.07 -11.42 -2.15
N CYS A 24 4.76 -10.46 -1.30
CA CYS A 24 5.70 -9.93 -0.34
C CYS A 24 6.17 -11.03 0.62
N LYS A 25 5.29 -11.98 0.94
CA LYS A 25 5.65 -13.14 1.73
C LYS A 25 6.79 -13.93 1.12
N MET A 26 6.93 -13.86 -0.20
CA MET A 26 7.94 -14.63 -0.90
C MET A 26 9.20 -13.79 -1.05
N GLN A 27 8.98 -12.51 -1.25
CA GLN A 27 10.05 -11.59 -1.54
C GLN A 27 10.73 -11.12 -0.27
N THR A 28 9.95 -10.54 0.63
CA THR A 28 10.47 -10.02 1.87
C THR A 28 10.47 -11.11 2.93
N ALA A 29 10.82 -12.31 2.51
CA ALA A 29 10.87 -13.44 3.41
C ALA A 29 11.99 -13.25 4.44
N ASP A 30 13.08 -12.65 4.00
CA ASP A 30 14.20 -12.31 4.87
C ASP A 30 13.89 -11.07 5.72
N HIS A 31 12.88 -10.32 5.29
CA HIS A 31 12.47 -9.09 5.98
C HIS A 31 10.97 -9.11 6.25
N PRO A 32 10.50 -10.05 7.09
CA PRO A 32 9.06 -10.33 7.28
C PRO A 32 8.31 -9.26 8.06
N GLU A 33 8.85 -8.05 8.11
CA GLU A 33 8.19 -6.95 8.77
C GLU A 33 7.28 -6.20 7.81
N VAL A 34 7.62 -6.28 6.52
CA VAL A 34 6.93 -5.53 5.48
C VAL A 34 5.45 -5.85 5.41
N VAL A 35 5.15 -7.13 5.22
CA VAL A 35 3.78 -7.61 5.08
C VAL A 35 2.90 -7.16 6.26
N PRO A 36 3.28 -7.46 7.51
CA PRO A 36 2.54 -6.98 8.69
C PRO A 36 2.42 -5.46 8.73
N PHE A 37 3.45 -4.78 8.23
CA PHE A 37 3.44 -3.33 8.14
C PHE A 37 2.34 -2.88 7.17
N LEU A 38 2.39 -3.40 5.94
CA LEU A 38 1.41 -3.04 4.93
C LEU A 38 0.00 -3.36 5.40
N TYR A 39 -0.16 -4.51 6.06
CA TYR A 39 -1.45 -4.87 6.65
C TYR A 39 -1.90 -3.78 7.60
N ASN A 40 -1.01 -3.43 8.51
CA ASN A 40 -1.29 -2.49 9.58
C ASN A 40 -1.64 -1.12 9.02
N ARG A 41 -0.84 -0.66 8.07
CA ARG A 41 -1.01 0.65 7.48
C ARG A 41 -2.34 0.74 6.75
N GLN A 42 -2.74 -0.34 6.10
CA GLN A 42 -3.99 -0.38 5.36
C GLN A 42 -5.18 -0.32 6.32
N GLN A 43 -5.03 -0.97 7.47
CA GLN A 43 -6.11 -1.05 8.44
C GLN A 43 -6.28 0.27 9.17
N ARG A 44 -5.19 1.02 9.27
CA ARG A 44 -5.22 2.32 9.94
C ARG A 44 -5.65 3.40 8.98
N ALA A 45 -5.55 3.09 7.68
CA ALA A 45 -5.99 3.99 6.65
C ALA A 45 -7.52 4.08 6.62
N HIS A 46 -8.02 5.27 6.37
CA HIS A 46 -9.46 5.52 6.30
C HIS A 46 -10.10 4.66 5.21
N SER A 47 -11.20 4.01 5.57
CA SER A 47 -11.82 2.98 4.74
C SER A 47 -12.43 3.53 3.44
N LEU A 48 -12.61 4.85 3.32
CA LEU A 48 -13.24 5.40 2.14
C LEU A 48 -12.28 5.41 0.96
N PHE A 49 -11.07 5.89 1.18
CA PHE A 49 -10.04 5.89 0.15
C PHE A 49 -9.75 4.47 -0.31
N LEU A 50 -9.71 3.56 0.65
CA LEU A 50 -9.45 2.15 0.37
C LEU A 50 -10.58 1.54 -0.47
N ALA A 51 -11.72 2.21 -0.52
CA ALA A 51 -12.84 1.76 -1.32
C ALA A 51 -13.09 2.67 -2.52
N SER A 52 -12.07 3.43 -2.89
CA SER A 52 -12.16 4.40 -3.97
C SER A 52 -11.32 3.96 -5.15
N ALA A 53 -11.66 4.49 -6.32
CA ALA A 53 -11.02 4.11 -7.57
C ALA A 53 -9.56 4.54 -7.59
N GLU A 54 -9.25 5.59 -6.86
CA GLU A 54 -7.89 6.11 -6.85
C GLU A 54 -6.92 5.06 -6.33
N PHE A 55 -7.27 4.45 -5.21
CA PHE A 55 -6.43 3.43 -4.59
C PHE A 55 -6.32 2.20 -5.48
N CYS A 56 -7.35 1.98 -6.30
CA CYS A 56 -7.33 0.87 -7.24
C CYS A 56 -6.23 1.05 -8.26
N ASN A 57 -6.01 2.29 -8.71
CA ASN A 57 -4.89 2.59 -9.61
C ASN A 57 -3.60 2.23 -8.94
N ILE A 58 -3.42 2.74 -7.73
CA ILE A 58 -2.23 2.52 -6.94
C ILE A 58 -1.91 1.04 -6.83
N LEU A 59 -2.88 0.27 -6.38
CA LEU A 59 -2.70 -1.15 -6.15
C LEU A 59 -2.38 -1.90 -7.43
N SER A 60 -3.21 -1.72 -8.45
CA SER A 60 -3.01 -2.39 -9.72
C SER A 60 -1.63 -2.08 -10.28
N ARG A 61 -1.21 -0.83 -10.09
CA ARG A 61 0.07 -0.37 -10.59
C ARG A 61 1.26 -0.87 -9.77
N VAL A 62 1.31 -0.54 -8.47
CA VAL A 62 2.50 -0.85 -7.66
C VAL A 62 2.66 -2.36 -7.44
N LEU A 63 1.55 -3.06 -7.23
CA LEU A 63 1.60 -4.48 -7.02
C LEU A 63 2.15 -5.19 -8.24
N SER A 64 1.66 -4.82 -9.42
CA SER A 64 2.09 -5.45 -10.66
C SER A 64 3.54 -5.07 -10.95
N ARG A 65 3.91 -3.82 -10.64
CA ARG A 65 5.29 -3.39 -10.72
C ARG A 65 6.19 -4.27 -9.87
N ALA A 66 5.73 -4.58 -8.65
CA ALA A 66 6.52 -5.38 -7.72
C ALA A 66 6.58 -6.85 -8.15
N ARG A 67 5.50 -7.35 -8.76
CA ARG A 67 5.52 -8.70 -9.33
C ARG A 67 6.60 -8.79 -10.40
N SER A 68 6.71 -7.72 -11.18
CA SER A 68 7.70 -7.63 -12.24
C SER A 68 9.08 -7.38 -11.67
N ARG A 69 9.15 -6.40 -10.80
CA ARG A 69 10.38 -5.98 -10.18
C ARG A 69 10.37 -6.19 -8.67
N PRO A 70 10.70 -7.41 -8.23
CA PRO A 70 10.94 -7.72 -6.82
C PRO A 70 12.07 -6.87 -6.26
N ALA A 71 12.94 -6.46 -7.17
CA ALA A 71 14.09 -5.63 -6.86
C ALA A 71 13.68 -4.27 -6.31
N LYS A 72 12.55 -3.77 -6.80
CA LYS A 72 12.06 -2.47 -6.37
C LYS A 72 10.75 -2.60 -5.63
N LEU A 73 10.40 -3.84 -5.28
CA LEU A 73 9.22 -4.16 -4.50
C LEU A 73 9.06 -3.22 -3.31
N TYR A 74 10.17 -2.89 -2.68
CA TYR A 74 10.15 -2.08 -1.46
C TYR A 74 9.67 -0.69 -1.73
N VAL A 75 10.14 -0.08 -2.82
CA VAL A 75 9.64 1.23 -3.21
C VAL A 75 8.12 1.21 -3.39
N TYR A 76 7.62 0.11 -3.92
CA TYR A 76 6.19 -0.05 -4.13
C TYR A 76 5.50 -0.30 -2.80
N ILE A 77 6.20 -0.99 -1.91
CA ILE A 77 5.80 -1.13 -0.52
C ILE A 77 5.69 0.25 0.12
N ASN A 78 6.75 1.03 -0.04
CA ASN A 78 6.81 2.40 0.44
C ASN A 78 5.67 3.21 -0.12
N GLU A 79 5.53 3.19 -1.46
CA GLU A 79 4.47 3.90 -2.14
C GLU A 79 3.12 3.55 -1.58
N LEU A 80 2.78 2.28 -1.67
CA LEU A 80 1.51 1.77 -1.19
C LEU A 80 1.24 2.21 0.25
N CYS A 81 2.25 2.13 1.10
CA CYS A 81 2.13 2.55 2.49
C CYS A 81 1.89 4.07 2.59
N THR A 82 2.65 4.83 1.81
CA THR A 82 2.50 6.29 1.79
C THR A 82 1.15 6.66 1.21
N VAL A 83 0.82 5.96 0.13
CA VAL A 83 -0.43 6.10 -0.56
C VAL A 83 -1.61 6.00 0.40
N LEU A 84 -1.55 5.00 1.26
CA LEU A 84 -2.59 4.78 2.24
C LEU A 84 -2.84 6.02 3.08
N LYS A 85 -1.79 6.57 3.66
CA LYS A 85 -1.93 7.68 4.58
C LYS A 85 -2.11 9.00 3.87
N ALA A 86 -1.57 9.11 2.68
CA ALA A 86 -1.61 10.34 1.91
C ALA A 86 -3.04 10.74 1.55
N HIS A 87 -3.88 9.76 1.24
CA HIS A 87 -5.21 10.05 0.74
C HIS A 87 -6.29 9.64 1.73
N SER A 88 -5.94 8.83 2.70
CA SER A 88 -6.89 8.38 3.70
C SER A 88 -6.62 9.08 5.02
N ALA A 89 -7.33 8.67 6.06
CA ALA A 89 -7.32 9.31 7.35
C ALA A 89 -6.89 8.35 8.45
N LYS A 90 -7.07 8.77 9.70
CA LYS A 90 -6.84 7.89 10.84
C LYS A 90 -7.91 8.17 11.89
N LYS A 91 -8.99 8.79 11.45
CA LYS A 91 -10.04 9.28 12.33
C LYS A 91 -11.37 9.14 11.66
N LYS A 92 -12.44 9.24 12.43
CA LYS A 92 -13.79 9.15 11.88
C LYS A 92 -14.22 10.49 11.28
N LEU A 93 -13.28 11.15 10.59
CA LEU A 93 -13.57 12.40 9.88
C LEU A 93 -14.72 12.20 8.90
N ASN A 94 -14.70 11.06 8.23
CA ASN A 94 -15.66 10.73 7.22
C ASN A 94 -16.38 9.45 7.58
N GLY B 1 6.10 16.03 13.86
CA GLY B 1 5.00 15.39 14.62
C GLY B 1 4.60 14.06 14.01
N SER B 2 3.38 13.62 14.29
CA SER B 2 2.92 12.33 13.80
C SER B 2 2.44 12.42 12.36
N GLN B 3 3.34 12.84 11.47
CA GLN B 3 3.06 12.81 10.05
C GLN B 3 3.47 11.45 9.50
N GLU B 4 4.27 10.75 10.31
CA GLU B 4 4.75 9.41 10.03
C GLU B 4 5.69 9.36 8.84
N ASP B 5 6.71 8.52 8.96
CA ASP B 5 7.64 8.28 7.87
C ASP B 5 6.95 7.46 6.82
N SER B 6 7.10 7.85 5.57
CA SER B 6 6.39 7.24 4.48
C SER B 6 7.20 6.11 3.86
N ASP B 7 8.24 6.48 3.16
CA ASP B 7 9.12 5.51 2.52
C ASP B 7 10.19 5.05 3.50
N SER B 8 10.76 6.00 4.20
CA SER B 8 11.93 5.75 5.04
C SER B 8 11.60 4.81 6.19
N GLU B 9 10.35 4.82 6.60
CA GLU B 9 9.87 3.94 7.67
C GLU B 9 10.27 2.50 7.38
N LEU B 10 10.17 2.12 6.12
CA LEU B 10 10.54 0.81 5.67
C LEU B 10 12.05 0.66 5.74
N GLU B 11 12.70 1.63 5.10
CA GLU B 11 14.15 1.65 4.91
C GLU B 11 14.90 1.55 6.23
N GLN B 12 14.22 1.87 7.31
CA GLN B 12 14.81 1.85 8.64
C GLN B 12 15.41 0.49 8.96
N TYR B 13 14.63 -0.54 8.74
CA TYR B 13 15.03 -1.89 9.08
C TYR B 13 15.23 -2.77 7.84
N PHE B 14 14.53 -2.47 6.75
CA PHE B 14 14.62 -3.32 5.58
C PHE B 14 14.50 -2.53 4.29
N THR B 15 15.05 -3.10 3.23
CA THR B 15 14.96 -2.55 1.87
C THR B 15 15.62 -3.49 0.88
N ALA B 16 15.83 -3.04 -0.35
CA ALA B 16 16.45 -3.86 -1.38
C ALA B 16 17.72 -3.19 -1.88
N ARG B 17 18.14 -3.54 -3.10
CA ARG B 17 19.33 -2.96 -3.70
C ARG B 17 19.19 -1.44 -3.84
N TRP B 18 18.02 -1.01 -4.31
CA TRP B 18 17.70 0.40 -4.52
C TRP B 18 18.84 1.15 -5.22
N GLY A 1 -24.32 0.75 -6.34
CA GLY A 1 -24.92 -0.53 -6.81
C GLY A 1 -25.01 -0.60 -8.32
N SER A 2 -26.16 -0.23 -8.86
CA SER A 2 -26.38 -0.27 -10.29
C SER A 2 -25.66 0.91 -10.96
N HIS A 3 -25.67 2.05 -10.30
CA HIS A 3 -24.97 3.22 -10.79
C HIS A 3 -23.61 3.32 -10.12
N MET A 4 -22.62 3.81 -10.86
CA MET A 4 -21.26 3.85 -10.36
C MET A 4 -20.76 5.29 -10.30
N GLY A 5 -21.65 6.19 -9.89
CA GLY A 5 -21.26 7.57 -9.65
C GLY A 5 -20.32 7.65 -8.47
N LYS A 6 -20.55 6.77 -7.51
CA LYS A 6 -19.68 6.59 -6.40
C LYS A 6 -18.81 5.35 -6.67
N LYS A 7 -17.53 5.58 -6.85
CA LYS A 7 -16.61 4.53 -7.28
C LYS A 7 -16.19 3.65 -6.11
N CYS A 8 -16.86 2.52 -5.99
CA CYS A 8 -16.63 1.57 -4.92
C CYS A 8 -15.73 0.42 -5.37
N TYR A 9 -14.52 0.37 -4.81
CA TYR A 9 -13.58 -0.71 -5.11
C TYR A 9 -13.14 -1.43 -3.84
N LYS A 10 -14.04 -1.53 -2.86
CA LYS A 10 -13.74 -2.24 -1.62
C LYS A 10 -13.40 -3.69 -1.92
N LEU A 11 -14.29 -4.34 -2.66
CA LEU A 11 -14.09 -5.73 -3.06
C LEU A 11 -12.73 -5.92 -3.74
N GLU A 12 -12.39 -5.00 -4.63
CA GLU A 12 -11.15 -5.08 -5.36
C GLU A 12 -9.92 -4.88 -4.51
N ASN A 13 -9.88 -3.75 -3.80
CA ASN A 13 -8.65 -3.31 -3.14
C ASN A 13 -8.29 -4.21 -1.96
N GLU A 14 -9.29 -4.85 -1.37
CA GLU A 14 -9.05 -5.75 -0.27
C GLU A 14 -8.35 -7.02 -0.75
N LYS A 15 -8.76 -7.55 -1.90
CA LYS A 15 -8.09 -8.69 -2.49
C LYS A 15 -6.76 -8.25 -3.09
N LEU A 16 -6.83 -7.08 -3.70
CA LEU A 16 -5.72 -6.48 -4.41
C LEU A 16 -4.52 -6.26 -3.50
N PHE A 17 -4.77 -5.61 -2.37
CA PHE A 17 -3.74 -5.33 -1.40
C PHE A 17 -2.99 -6.60 -1.02
N GLU A 18 -3.72 -7.67 -0.76
CA GLU A 18 -3.10 -8.92 -0.40
C GLU A 18 -2.42 -9.58 -1.59
N GLU A 19 -2.84 -9.26 -2.83
CA GLU A 19 -2.14 -9.78 -4.00
C GLU A 19 -0.67 -9.40 -3.90
N PHE A 20 -0.44 -8.18 -3.45
CA PHE A 20 0.89 -7.64 -3.23
C PHE A 20 1.53 -8.29 -2.01
N LEU A 21 0.75 -8.45 -0.94
CA LEU A 21 1.26 -8.96 0.31
C LEU A 21 1.66 -10.41 0.25
N GLU A 22 0.84 -11.20 -0.41
CA GLU A 22 1.12 -12.61 -0.62
C GLU A 22 2.38 -12.75 -1.47
N LEU A 23 2.58 -11.78 -2.34
CA LEU A 23 3.81 -11.65 -3.10
C LEU A 23 4.96 -11.18 -2.21
N CYS A 24 4.65 -10.23 -1.33
CA CYS A 24 5.63 -9.72 -0.38
C CYS A 24 6.10 -10.83 0.56
N LYS A 25 5.18 -11.73 0.93
CA LYS A 25 5.49 -12.90 1.72
C LYS A 25 6.59 -13.74 1.09
N MET A 26 6.71 -13.64 -0.23
CA MET A 26 7.65 -14.45 -0.99
C MET A 26 8.96 -13.70 -1.15
N GLN A 27 8.85 -12.44 -1.52
CA GLN A 27 10.00 -11.63 -1.84
C GLN A 27 10.72 -11.18 -0.58
N THR A 28 9.98 -10.55 0.33
CA THR A 28 10.57 -10.12 1.59
C THR A 28 10.49 -11.26 2.60
N ALA A 29 10.90 -12.44 2.16
CA ALA A 29 10.91 -13.61 3.02
C ALA A 29 12.02 -13.47 4.07
N ASP A 30 13.03 -12.68 3.72
CA ASP A 30 14.12 -12.38 4.64
C ASP A 30 13.66 -11.39 5.71
N HIS A 31 12.60 -10.65 5.39
CA HIS A 31 12.02 -9.69 6.32
C HIS A 31 10.50 -9.72 6.22
N PRO A 32 9.85 -10.71 6.83
CA PRO A 32 8.39 -10.87 6.79
C PRO A 32 7.68 -9.81 7.65
N GLU A 33 8.38 -8.73 7.93
CA GLU A 33 7.87 -7.63 8.74
C GLU A 33 7.16 -6.60 7.86
N VAL A 34 7.47 -6.66 6.56
CA VAL A 34 6.89 -5.74 5.58
C VAL A 34 5.37 -5.92 5.48
N VAL A 35 4.97 -7.14 5.19
CA VAL A 35 3.56 -7.52 5.03
C VAL A 35 2.67 -7.03 6.18
N PRO A 36 2.98 -7.39 7.44
CA PRO A 36 2.21 -6.92 8.60
C PRO A 36 2.16 -5.39 8.68
N PHE A 37 3.24 -4.75 8.24
CA PHE A 37 3.31 -3.30 8.23
C PHE A 37 2.29 -2.75 7.21
N LEU A 38 2.30 -3.29 6.00
CA LEU A 38 1.36 -2.86 4.99
C LEU A 38 -0.07 -3.06 5.45
N TYR A 39 -0.30 -4.16 6.17
CA TYR A 39 -1.60 -4.39 6.80
C TYR A 39 -1.90 -3.29 7.80
N ASN A 40 -0.92 -3.06 8.68
CA ASN A 40 -1.01 -2.06 9.74
C ASN A 40 -1.39 -0.69 9.18
N ARG A 41 -0.58 -0.21 8.25
CA ARG A 41 -0.79 1.10 7.66
C ARG A 41 -2.14 1.18 6.96
N GLN A 42 -2.61 0.05 6.43
CA GLN A 42 -3.91 0.02 5.76
C GLN A 42 -5.04 0.12 6.78
N GLN A 43 -4.83 -0.48 7.94
CA GLN A 43 -5.81 -0.43 9.03
C GLN A 43 -5.78 0.96 9.67
N ARG A 44 -4.63 1.61 9.58
CA ARG A 44 -4.46 2.96 10.05
C ARG A 44 -4.86 3.96 8.98
N ALA A 45 -5.20 3.43 7.81
CA ALA A 45 -5.67 4.25 6.71
C ALA A 45 -7.20 4.38 6.79
N HIS A 46 -7.75 5.27 5.98
CA HIS A 46 -9.18 5.55 5.99
C HIS A 46 -9.89 4.65 4.98
N SER A 47 -10.82 3.84 5.46
CA SER A 47 -11.40 2.78 4.66
C SER A 47 -12.19 3.29 3.46
N LEU A 48 -12.49 4.58 3.41
CA LEU A 48 -13.22 5.15 2.29
C LEU A 48 -12.37 5.21 1.03
N PHE A 49 -11.17 5.79 1.15
CA PHE A 49 -10.22 5.83 0.04
C PHE A 49 -9.82 4.41 -0.36
N LEU A 50 -9.67 3.55 0.63
CA LEU A 50 -9.32 2.16 0.42
C LEU A 50 -10.43 1.43 -0.34
N ALA A 51 -11.61 2.03 -0.35
CA ALA A 51 -12.75 1.49 -1.09
C ALA A 51 -13.06 2.37 -2.30
N SER A 52 -12.03 2.79 -3.01
CA SER A 52 -12.17 3.74 -4.10
C SER A 52 -11.31 3.31 -5.29
N ALA A 53 -11.62 3.90 -6.44
CA ALA A 53 -10.90 3.59 -7.67
C ALA A 53 -9.50 4.15 -7.63
N GLU A 54 -9.32 5.22 -6.88
CA GLU A 54 -8.02 5.85 -6.78
C GLU A 54 -7.01 4.86 -6.23
N PHE A 55 -7.42 4.14 -5.20
CA PHE A 55 -6.55 3.17 -4.55
C PHE A 55 -6.37 1.94 -5.45
N CYS A 56 -7.37 1.66 -6.28
CA CYS A 56 -7.29 0.54 -7.20
C CYS A 56 -6.17 0.77 -8.21
N ASN A 57 -6.07 2.00 -8.70
CA ASN A 57 -4.96 2.41 -9.56
C ASN A 57 -3.64 2.13 -8.88
N ILE A 58 -3.49 2.67 -7.68
CA ILE A 58 -2.29 2.48 -6.89
C ILE A 58 -1.93 1.01 -6.76
N LEU A 59 -2.89 0.22 -6.31
CA LEU A 59 -2.68 -1.19 -6.05
C LEU A 59 -2.29 -1.96 -7.30
N SER A 60 -3.10 -1.84 -8.34
CA SER A 60 -2.83 -2.54 -9.60
C SER A 60 -1.47 -2.13 -10.15
N ARG A 61 -1.15 -0.86 -10.01
CA ARG A 61 0.11 -0.31 -10.48
C ARG A 61 1.30 -0.85 -9.69
N VAL A 62 1.33 -0.62 -8.38
CA VAL A 62 2.50 -0.96 -7.58
C VAL A 62 2.67 -2.46 -7.43
N LEU A 63 1.57 -3.18 -7.29
CA LEU A 63 1.62 -4.62 -7.15
C LEU A 63 2.22 -5.27 -8.38
N SER A 64 1.78 -4.85 -9.56
CA SER A 64 2.29 -5.40 -10.80
C SER A 64 3.73 -4.93 -11.05
N ARG A 65 4.04 -3.72 -10.59
CA ARG A 65 5.38 -3.19 -10.68
C ARG A 65 6.36 -4.03 -9.86
N ALA A 66 5.96 -4.36 -8.63
CA ALA A 66 6.81 -5.15 -7.75
C ALA A 66 6.88 -6.61 -8.19
N ARG A 67 5.86 -7.02 -8.93
CA ARG A 67 5.80 -8.33 -9.50
C ARG A 67 6.75 -8.42 -10.71
N SER A 68 6.98 -7.28 -11.33
CA SER A 68 7.89 -7.20 -12.46
C SER A 68 9.30 -6.94 -11.99
N ARG A 69 9.42 -5.95 -11.12
CA ARG A 69 10.70 -5.54 -10.57
C ARG A 69 10.77 -5.82 -9.07
N PRO A 70 11.09 -7.06 -8.69
CA PRO A 70 11.28 -7.45 -7.27
C PRO A 70 12.34 -6.60 -6.60
N ALA A 71 13.30 -6.15 -7.39
CA ALA A 71 14.42 -5.36 -6.91
C ALA A 71 13.95 -4.04 -6.29
N LYS A 72 12.78 -3.57 -6.71
CA LYS A 72 12.23 -2.34 -6.16
C LYS A 72 10.89 -2.58 -5.49
N LEU A 73 10.64 -3.83 -5.10
CA LEU A 73 9.44 -4.21 -4.37
C LEU A 73 9.21 -3.27 -3.19
N TYR A 74 10.30 -2.91 -2.52
CA TYR A 74 10.20 -2.09 -1.33
C TYR A 74 9.69 -0.70 -1.66
N VAL A 75 10.14 -0.13 -2.76
CA VAL A 75 9.63 1.18 -3.19
C VAL A 75 8.12 1.12 -3.39
N TYR A 76 7.66 0.03 -3.94
CA TYR A 76 6.23 -0.15 -4.17
C TYR A 76 5.52 -0.44 -2.84
N ILE A 77 6.23 -1.13 -1.95
CA ILE A 77 5.80 -1.27 -0.56
C ILE A 77 5.67 0.12 0.08
N ASN A 78 6.72 0.91 -0.10
CA ASN A 78 6.79 2.28 0.37
C ASN A 78 5.63 3.09 -0.18
N GLU A 79 5.46 3.03 -1.49
CA GLU A 79 4.37 3.73 -2.16
C GLU A 79 3.06 3.36 -1.55
N LEU A 80 2.73 2.09 -1.64
CA LEU A 80 1.47 1.57 -1.14
C LEU A 80 1.21 1.99 0.31
N CYS A 81 2.26 2.02 1.12
CA CYS A 81 2.15 2.45 2.51
C CYS A 81 1.91 3.96 2.60
N THR A 82 2.69 4.74 1.86
CA THR A 82 2.57 6.19 1.89
C THR A 82 1.25 6.59 1.28
N VAL A 83 0.89 5.88 0.23
CA VAL A 83 -0.36 6.05 -0.48
C VAL A 83 -1.54 6.00 0.47
N LEU A 84 -1.46 5.10 1.42
CA LEU A 84 -2.52 4.93 2.39
C LEU A 84 -2.74 6.21 3.18
N LYS A 85 -1.67 6.76 3.74
CA LYS A 85 -1.81 7.93 4.60
C LYS A 85 -1.92 9.21 3.79
N ALA A 86 -1.33 9.23 2.61
CA ALA A 86 -1.39 10.38 1.73
C ALA A 86 -2.82 10.66 1.28
N HIS A 87 -3.57 9.61 1.01
CA HIS A 87 -4.88 9.77 0.42
C HIS A 87 -6.00 9.40 1.38
N SER A 88 -5.65 8.75 2.48
CA SER A 88 -6.62 8.44 3.51
C SER A 88 -6.04 8.62 4.90
N ALA A 89 -6.95 8.86 5.83
CA ALA A 89 -6.66 8.93 7.26
C ALA A 89 -5.59 9.95 7.62
N LYS A 90 -5.58 11.07 6.93
CA LYS A 90 -4.73 12.18 7.35
C LYS A 90 -5.55 13.01 8.31
N LYS A 91 -6.85 12.83 8.18
CA LYS A 91 -7.82 13.33 9.12
C LYS A 91 -7.69 12.58 10.46
N LYS A 92 -6.82 13.10 11.32
CA LYS A 92 -6.73 12.59 12.68
C LYS A 92 -6.94 13.74 13.66
N LEU A 93 -7.47 14.84 13.12
CA LEU A 93 -7.82 16.00 13.91
C LEU A 93 -8.91 15.60 14.91
N ASN A 94 -9.89 14.87 14.39
CA ASN A 94 -10.99 14.36 15.16
C ASN A 94 -11.66 13.26 14.36
N GLY B 1 12.16 17.97 10.50
CA GLY B 1 12.89 16.74 10.12
C GLY B 1 11.94 15.63 9.73
N SER B 2 12.39 14.40 9.84
CA SER B 2 11.54 13.27 9.52
C SER B 2 10.76 12.87 10.77
N GLN B 3 9.86 13.75 11.20
CA GLN B 3 9.04 13.48 12.37
C GLN B 3 8.04 12.39 12.05
N GLU B 4 7.70 12.30 10.78
CA GLU B 4 6.92 11.17 10.29
C GLU B 4 7.55 10.62 9.02
N ASP B 5 7.67 9.31 8.97
CA ASP B 5 8.19 8.65 7.78
C ASP B 5 7.03 8.07 6.99
N SER B 6 7.25 7.80 5.72
CA SER B 6 6.22 7.22 4.87
C SER B 6 6.77 6.06 4.07
N ASP B 7 7.68 6.36 3.19
CA ASP B 7 8.42 5.35 2.46
C ASP B 7 9.58 4.89 3.32
N SER B 8 10.16 5.85 4.03
CA SER B 8 11.31 5.58 4.87
C SER B 8 10.97 4.65 6.03
N GLU B 9 9.68 4.55 6.36
CA GLU B 9 9.22 3.67 7.44
C GLU B 9 9.78 2.28 7.27
N LEU B 10 9.82 1.88 6.02
CA LEU B 10 10.30 0.57 5.63
C LEU B 10 11.80 0.52 5.74
N GLU B 11 12.39 1.52 5.12
CA GLU B 11 13.84 1.69 5.02
C GLU B 11 14.52 1.64 6.39
N GLN B 12 13.75 1.92 7.42
CA GLN B 12 14.27 1.95 8.79
C GLN B 12 14.94 0.66 9.16
N TYR B 13 14.34 -0.45 8.74
CA TYR B 13 14.84 -1.75 9.10
C TYR B 13 15.11 -2.65 7.89
N PHE B 14 14.39 -2.44 6.78
CA PHE B 14 14.55 -3.31 5.63
C PHE B 14 14.39 -2.56 4.32
N THR B 15 15.16 -2.98 3.33
CA THR B 15 15.04 -2.46 1.97
C THR B 15 15.72 -3.39 0.99
N ALA B 16 15.93 -2.89 -0.22
CA ALA B 16 16.59 -3.66 -1.26
C ALA B 16 17.89 -2.97 -1.67
N ARG B 17 18.35 -3.27 -2.88
CA ARG B 17 19.54 -2.66 -3.47
C ARG B 17 19.51 -1.13 -3.29
N TRP B 18 18.46 -0.51 -3.83
CA TRP B 18 18.23 0.91 -3.80
C TRP B 18 19.49 1.73 -4.11
N GLY A 1 -15.38 10.73 -13.86
CA GLY A 1 -16.65 10.47 -14.59
C GLY A 1 -17.62 9.69 -13.74
N SER A 2 -18.74 10.33 -13.40
CA SER A 2 -19.73 9.70 -12.55
C SER A 2 -21.11 9.75 -13.22
N HIS A 3 -21.19 9.19 -14.42
CA HIS A 3 -22.47 9.06 -15.11
C HIS A 3 -23.03 7.66 -14.92
N MET A 4 -22.44 6.93 -13.98
CA MET A 4 -22.94 5.62 -13.61
C MET A 4 -23.36 5.64 -12.14
N GLY A 5 -23.69 4.49 -11.60
CA GLY A 5 -24.09 4.44 -10.21
C GLY A 5 -22.89 4.44 -9.27
N LYS A 6 -23.14 4.09 -8.02
CA LYS A 6 -22.08 3.98 -7.04
C LYS A 6 -21.30 2.68 -7.24
N LYS A 7 -20.01 2.73 -6.99
CA LYS A 7 -19.19 1.55 -7.11
C LYS A 7 -18.67 1.15 -5.76
N CYS A 8 -18.18 -0.08 -5.68
CA CYS A 8 -17.53 -0.53 -4.48
C CYS A 8 -16.20 -1.15 -4.83
N TYR A 9 -15.16 -0.35 -4.66
CA TYR A 9 -13.79 -0.76 -4.91
C TYR A 9 -13.22 -1.49 -3.70
N LYS A 10 -14.05 -1.71 -2.70
CA LYS A 10 -13.59 -2.37 -1.48
C LYS A 10 -13.06 -3.76 -1.78
N LEU A 11 -13.92 -4.65 -2.26
CA LEU A 11 -13.52 -6.02 -2.61
C LEU A 11 -12.34 -6.02 -3.57
N GLU A 12 -12.34 -5.07 -4.48
CA GLU A 12 -11.26 -4.90 -5.43
C GLU A 12 -9.94 -4.64 -4.73
N ASN A 13 -9.91 -3.61 -3.90
CA ASN A 13 -8.66 -3.20 -3.27
C ASN A 13 -8.27 -4.11 -2.12
N GLU A 14 -9.24 -4.82 -1.55
CA GLU A 14 -8.97 -5.80 -0.52
C GLU A 14 -8.17 -6.96 -1.08
N LYS A 15 -8.66 -7.57 -2.16
CA LYS A 15 -7.95 -8.71 -2.75
C LYS A 15 -6.70 -8.21 -3.45
N LEU A 16 -6.81 -7.00 -3.96
CA LEU A 16 -5.73 -6.32 -4.63
C LEU A 16 -4.53 -6.12 -3.70
N PHE A 17 -4.78 -5.50 -2.57
CA PHE A 17 -3.75 -5.26 -1.59
C PHE A 17 -3.02 -6.54 -1.21
N GLU A 18 -3.78 -7.61 -1.00
CA GLU A 18 -3.17 -8.87 -0.63
C GLU A 18 -2.44 -9.51 -1.81
N GLU A 19 -2.80 -9.17 -3.05
CA GLU A 19 -2.04 -9.63 -4.20
C GLU A 19 -0.58 -9.23 -4.07
N PHE A 20 -0.38 -8.08 -3.45
CA PHE A 20 0.95 -7.56 -3.17
C PHE A 20 1.56 -8.26 -1.97
N LEU A 21 0.80 -8.38 -0.90
CA LEU A 21 1.29 -8.93 0.35
C LEU A 21 1.65 -10.40 0.23
N GLU A 22 0.80 -11.14 -0.44
CA GLU A 22 1.02 -12.55 -0.64
C GLU A 22 2.27 -12.76 -1.49
N LEU A 23 2.52 -11.80 -2.37
CA LEU A 23 3.77 -11.74 -3.09
C LEU A 23 4.90 -11.35 -2.13
N CYS A 24 4.64 -10.36 -1.29
CA CYS A 24 5.63 -9.86 -0.35
C CYS A 24 6.08 -10.97 0.61
N LYS A 25 5.16 -11.87 0.96
CA LYS A 25 5.49 -13.03 1.77
C LYS A 25 6.59 -13.89 1.12
N MET A 26 6.68 -13.82 -0.20
CA MET A 26 7.64 -14.62 -0.94
C MET A 26 8.92 -13.81 -1.13
N GLN A 27 8.74 -12.52 -1.25
CA GLN A 27 9.82 -11.62 -1.59
C GLN A 27 10.57 -11.18 -0.35
N THR A 28 9.86 -10.57 0.58
CA THR A 28 10.47 -10.11 1.81
C THR A 28 10.42 -11.22 2.86
N ALA A 29 10.74 -12.42 2.41
CA ALA A 29 10.76 -13.58 3.29
C ALA A 29 11.91 -13.48 4.27
N ASP A 30 12.93 -12.73 3.87
CA ASP A 30 14.10 -12.48 4.72
C ASP A 30 13.89 -11.21 5.53
N HIS A 31 12.77 -10.53 5.31
CA HIS A 31 12.40 -9.33 6.06
C HIS A 31 10.90 -9.30 6.26
N PRO A 32 10.34 -10.22 7.08
CA PRO A 32 8.90 -10.43 7.21
C PRO A 32 8.17 -9.32 7.99
N GLU A 33 8.77 -8.15 8.07
CA GLU A 33 8.16 -7.03 8.77
C GLU A 33 7.29 -6.21 7.81
N VAL A 34 7.64 -6.26 6.53
CA VAL A 34 6.98 -5.48 5.48
C VAL A 34 5.47 -5.75 5.42
N VAL A 35 5.13 -7.01 5.22
CA VAL A 35 3.74 -7.44 5.07
C VAL A 35 2.87 -6.99 6.24
N PRO A 36 3.23 -7.30 7.50
CA PRO A 36 2.49 -6.83 8.67
C PRO A 36 2.39 -5.30 8.71
N PHE A 37 3.45 -4.63 8.28
CA PHE A 37 3.45 -3.17 8.21
C PHE A 37 2.37 -2.70 7.24
N LEU A 38 2.40 -3.25 6.02
CA LEU A 38 1.42 -2.89 5.00
C LEU A 38 0.01 -3.18 5.48
N TYR A 39 -0.19 -4.33 6.12
CA TYR A 39 -1.49 -4.67 6.69
C TYR A 39 -1.90 -3.59 7.67
N ASN A 40 -1.01 -3.33 8.62
CA ASN A 40 -1.28 -2.44 9.73
C ASN A 40 -1.65 -1.05 9.25
N ARG A 41 -0.96 -0.61 8.22
CA ARG A 41 -1.19 0.71 7.66
C ARG A 41 -2.55 0.78 6.97
N GLN A 42 -2.98 -0.33 6.40
CA GLN A 42 -4.27 -0.38 5.71
C GLN A 42 -5.42 -0.37 6.73
N GLN A 43 -5.23 -1.09 7.84
CA GLN A 43 -6.23 -1.13 8.90
C GLN A 43 -6.38 0.25 9.54
N ARG A 44 -5.37 1.09 9.40
CA ARG A 44 -5.40 2.43 9.97
C ARG A 44 -5.73 3.48 8.93
N ALA A 45 -5.85 3.05 7.67
CA ALA A 45 -6.26 3.92 6.60
C ALA A 45 -7.78 3.97 6.52
N HIS A 46 -8.31 5.10 6.14
CA HIS A 46 -9.76 5.30 6.07
C HIS A 46 -10.35 4.48 4.93
N SER A 47 -11.44 3.78 5.25
CA SER A 47 -12.06 2.83 4.34
C SER A 47 -12.59 3.49 3.06
N LEU A 48 -12.73 4.82 3.04
CA LEU A 48 -13.28 5.49 1.88
C LEU A 48 -12.27 5.52 0.74
N PHE A 49 -11.03 5.85 1.07
CA PHE A 49 -9.95 5.84 0.08
C PHE A 49 -9.67 4.40 -0.33
N LEU A 50 -9.65 3.51 0.64
CA LEU A 50 -9.40 2.09 0.38
C LEU A 50 -10.51 1.48 -0.47
N ALA A 51 -11.68 2.10 -0.45
CA ALA A 51 -12.77 1.71 -1.34
C ALA A 51 -12.92 2.74 -2.45
N SER A 52 -11.81 3.07 -3.09
CA SER A 52 -11.81 4.04 -4.18
C SER A 52 -10.96 3.54 -5.34
N ALA A 53 -11.43 3.82 -6.56
CA ALA A 53 -10.68 3.50 -7.78
C ALA A 53 -9.35 4.22 -7.80
N GLU A 54 -9.27 5.31 -7.05
CA GLU A 54 -8.04 6.06 -6.91
C GLU A 54 -6.96 5.14 -6.36
N PHE A 55 -7.29 4.47 -5.27
CA PHE A 55 -6.40 3.52 -4.64
C PHE A 55 -6.24 2.27 -5.51
N CYS A 56 -7.23 2.02 -6.36
CA CYS A 56 -7.18 0.88 -7.27
C CYS A 56 -6.05 1.04 -8.28
N ASN A 57 -5.86 2.27 -8.76
CA ASN A 57 -4.74 2.58 -9.66
C ASN A 57 -3.44 2.34 -8.93
N ILE A 58 -3.35 2.88 -7.72
CA ILE A 58 -2.17 2.69 -6.89
C ILE A 58 -1.83 1.22 -6.77
N LEU A 59 -2.81 0.44 -6.34
CA LEU A 59 -2.63 -0.98 -6.13
C LEU A 59 -2.27 -1.72 -7.41
N SER A 60 -3.07 -1.54 -8.44
CA SER A 60 -2.83 -2.21 -9.72
C SER A 60 -1.43 -1.91 -10.22
N ARG A 61 -1.01 -0.66 -10.06
CA ARG A 61 0.29 -0.23 -10.52
C ARG A 61 1.43 -0.71 -9.62
N VAL A 62 1.42 -0.34 -8.34
CA VAL A 62 2.56 -0.65 -7.46
C VAL A 62 2.72 -2.15 -7.24
N LEU A 63 1.61 -2.84 -7.03
CA LEU A 63 1.63 -4.27 -6.81
C LEU A 63 2.24 -4.99 -8.01
N SER A 64 1.74 -4.66 -9.18
CA SER A 64 2.14 -5.36 -10.38
C SER A 64 3.58 -4.99 -10.76
N ARG A 65 3.96 -3.75 -10.46
CA ARG A 65 5.36 -3.35 -10.60
C ARG A 65 6.26 -4.24 -9.77
N ALA A 66 5.86 -4.49 -8.53
CA ALA A 66 6.64 -5.30 -7.60
C ALA A 66 6.59 -6.78 -7.96
N ARG A 67 5.46 -7.22 -8.52
CA ARG A 67 5.35 -8.59 -9.00
C ARG A 67 6.29 -8.83 -10.17
N SER A 68 6.52 -7.78 -10.93
CA SER A 68 7.43 -7.83 -12.07
C SER A 68 8.87 -7.64 -11.60
N ARG A 69 9.05 -6.61 -10.83
CA ARG A 69 10.35 -6.23 -10.30
C ARG A 69 10.39 -6.29 -8.77
N PRO A 70 10.69 -7.47 -8.23
CA PRO A 70 10.95 -7.68 -6.81
C PRO A 70 12.12 -6.83 -6.33
N ALA A 71 13.00 -6.52 -7.28
CA ALA A 71 14.18 -5.72 -7.02
C ALA A 71 13.84 -4.35 -6.46
N LYS A 72 12.68 -3.82 -6.84
CA LYS A 72 12.23 -2.54 -6.33
C LYS A 72 10.89 -2.67 -5.61
N LEU A 73 10.56 -3.90 -5.26
CA LEU A 73 9.34 -4.21 -4.52
C LEU A 73 9.14 -3.27 -3.35
N TYR A 74 10.23 -2.96 -2.65
CA TYR A 74 10.17 -2.13 -1.45
C TYR A 74 9.66 -0.74 -1.77
N VAL A 75 10.13 -0.16 -2.86
CA VAL A 75 9.64 1.15 -3.27
C VAL A 75 8.12 1.15 -3.37
N TYR A 76 7.58 0.09 -3.93
CA TYR A 76 6.15 -0.06 -4.12
C TYR A 76 5.48 -0.34 -2.78
N ILE A 77 6.21 -1.04 -1.90
CA ILE A 77 5.82 -1.18 -0.51
C ILE A 77 5.72 0.18 0.16
N ASN A 78 6.80 0.96 0.02
CA ASN A 78 6.89 2.29 0.56
C ASN A 78 5.74 3.15 0.07
N GLU A 79 5.56 3.17 -1.25
CA GLU A 79 4.48 3.92 -1.88
C GLU A 79 3.15 3.52 -1.29
N LEU A 80 2.81 2.26 -1.49
CA LEU A 80 1.53 1.71 -1.08
C LEU A 80 1.21 2.02 0.39
N CYS A 81 2.22 1.93 1.24
CA CYS A 81 2.05 2.21 2.66
C CYS A 81 1.76 3.69 2.91
N THR A 82 2.55 4.56 2.30
CA THR A 82 2.38 5.99 2.49
C THR A 82 1.11 6.45 1.78
N VAL A 83 0.84 5.81 0.66
CA VAL A 83 -0.36 6.02 -0.14
C VAL A 83 -1.60 5.89 0.74
N LEU A 84 -1.59 4.85 1.56
CA LEU A 84 -2.71 4.57 2.45
C LEU A 84 -3.06 5.79 3.27
N LYS A 85 -2.08 6.35 3.95
CA LYS A 85 -2.33 7.48 4.84
C LYS A 85 -2.46 8.79 4.09
N ALA A 86 -1.67 8.94 3.04
CA ALA A 86 -1.64 10.19 2.28
C ALA A 86 -3.00 10.56 1.71
N HIS A 87 -3.81 9.56 1.36
CA HIS A 87 -5.04 9.83 0.67
C HIS A 87 -6.27 9.39 1.48
N SER A 88 -6.02 8.77 2.64
CA SER A 88 -7.10 8.37 3.53
C SER A 88 -7.00 9.22 4.81
N ALA A 89 -7.80 8.88 5.82
CA ALA A 89 -7.90 9.66 7.06
C ALA A 89 -6.55 10.16 7.59
N LYS A 90 -6.28 11.41 7.28
CA LYS A 90 -5.17 12.17 7.86
C LYS A 90 -5.65 13.58 8.16
N LYS A 91 -6.90 13.81 7.82
CA LYS A 91 -7.56 15.09 7.98
C LYS A 91 -7.88 15.34 9.45
N LYS A 92 -7.25 16.36 10.02
CA LYS A 92 -7.44 16.70 11.42
C LYS A 92 -8.79 17.39 11.61
N LEU A 93 -9.64 16.79 12.42
CA LEU A 93 -10.98 17.29 12.64
C LEU A 93 -10.97 18.56 13.49
N ASN A 94 -10.02 18.63 14.41
CA ASN A 94 -9.91 19.78 15.30
C ASN A 94 -8.47 20.27 15.33
N GLY B 1 7.41 19.95 8.12
CA GLY B 1 6.50 19.12 8.94
C GLY B 1 6.50 17.68 8.50
N SER B 2 7.57 16.97 8.82
CA SER B 2 7.66 15.56 8.50
C SER B 2 6.77 14.77 9.43
N GLN B 3 5.53 14.57 9.00
CA GLN B 3 4.53 13.88 9.81
C GLN B 3 4.90 12.41 9.94
N GLU B 4 5.22 11.80 8.81
CA GLU B 4 5.68 10.42 8.78
C GLU B 4 6.78 10.30 7.73
N ASP B 5 7.71 9.38 7.97
CA ASP B 5 8.95 9.29 7.19
C ASP B 5 8.70 8.79 5.77
N SER B 6 7.52 8.22 5.55
CA SER B 6 7.11 7.75 4.23
C SER B 6 7.91 6.51 3.80
N ASP B 7 8.74 6.67 2.79
CA ASP B 7 9.48 5.55 2.20
C ASP B 7 10.57 5.08 3.16
N SER B 8 11.33 6.03 3.70
CA SER B 8 12.47 5.70 4.53
C SER B 8 12.07 4.97 5.81
N GLU B 9 10.79 5.04 6.14
CA GLU B 9 10.25 4.30 7.28
C GLU B 9 10.52 2.80 7.12
N LEU B 10 10.37 2.32 5.90
CA LEU B 10 10.69 0.96 5.55
C LEU B 10 12.18 0.77 5.57
N GLU B 11 12.84 1.68 4.87
CA GLU B 11 14.28 1.68 4.66
C GLU B 11 15.06 1.58 5.97
N GLN B 12 14.40 1.97 7.05
CA GLN B 12 14.99 1.91 8.39
C GLN B 12 15.59 0.54 8.66
N TYR B 13 14.79 -0.48 8.44
CA TYR B 13 15.18 -1.84 8.81
C TYR B 13 15.30 -2.75 7.61
N PHE B 14 14.64 -2.41 6.50
CA PHE B 14 14.69 -3.27 5.33
C PHE B 14 14.55 -2.47 4.03
N THR B 15 15.27 -2.91 3.01
CA THR B 15 15.13 -2.41 1.65
C THR B 15 15.93 -3.26 0.69
N ALA B 16 15.87 -2.91 -0.59
CA ALA B 16 16.54 -3.67 -1.63
C ALA B 16 17.73 -2.88 -2.19
N ARG B 17 18.16 -3.22 -3.40
CA ARG B 17 19.30 -2.56 -4.03
C ARG B 17 19.00 -1.08 -4.28
N TRP B 18 17.80 -0.80 -4.74
CA TRP B 18 17.34 0.56 -5.01
C TRP B 18 18.34 1.36 -5.82
N GLY A 1 -29.09 7.96 -17.22
CA GLY A 1 -28.19 9.03 -16.71
C GLY A 1 -27.27 8.50 -15.63
N SER A 2 -26.24 9.28 -15.30
CA SER A 2 -25.26 8.89 -14.28
C SER A 2 -24.62 7.55 -14.65
N HIS A 3 -23.87 7.55 -15.76
CA HIS A 3 -23.30 6.32 -16.31
C HIS A 3 -22.36 5.66 -15.32
N MET A 4 -21.49 6.45 -14.71
CA MET A 4 -20.52 5.92 -13.76
C MET A 4 -20.06 7.03 -12.81
N GLY A 5 -20.16 6.79 -11.51
CA GLY A 5 -19.75 7.78 -10.54
C GLY A 5 -19.56 7.18 -9.16
N LYS A 6 -20.55 6.42 -8.71
CA LYS A 6 -20.53 5.83 -7.37
C LYS A 6 -19.75 4.51 -7.36
N LYS A 7 -18.61 4.52 -8.02
CA LYS A 7 -17.70 3.39 -8.01
C LYS A 7 -17.22 3.06 -6.61
N CYS A 8 -17.14 1.78 -6.33
CA CYS A 8 -16.69 1.28 -5.05
C CYS A 8 -15.83 0.04 -5.28
N TYR A 9 -14.53 0.19 -5.06
CA TYR A 9 -13.59 -0.87 -5.36
C TYR A 9 -13.12 -1.58 -4.11
N LYS A 10 -13.88 -1.44 -3.02
CA LYS A 10 -13.54 -2.08 -1.75
C LYS A 10 -13.18 -3.54 -1.95
N LEU A 11 -14.08 -4.26 -2.60
CA LEU A 11 -13.88 -5.67 -2.92
C LEU A 11 -12.53 -5.89 -3.61
N GLU A 12 -12.21 -5.03 -4.57
CA GLU A 12 -10.98 -5.14 -5.32
C GLU A 12 -9.73 -4.99 -4.47
N ASN A 13 -9.64 -3.88 -3.74
CA ASN A 13 -8.39 -3.54 -3.04
C ASN A 13 -8.12 -4.48 -1.87
N GLU A 14 -9.13 -5.15 -1.38
CA GLU A 14 -8.92 -6.13 -0.33
C GLU A 14 -8.18 -7.33 -0.89
N LYS A 15 -8.64 -7.81 -2.05
CA LYS A 15 -7.94 -8.89 -2.76
C LYS A 15 -6.63 -8.37 -3.30
N LEU A 16 -6.70 -7.18 -3.86
CA LEU A 16 -5.56 -6.52 -4.49
C LEU A 16 -4.40 -6.33 -3.53
N PHE A 17 -4.67 -5.75 -2.38
CA PHE A 17 -3.66 -5.53 -1.37
C PHE A 17 -2.96 -6.83 -0.99
N GLU A 18 -3.74 -7.89 -0.79
CA GLU A 18 -3.15 -9.16 -0.41
C GLU A 18 -2.41 -9.81 -1.58
N GLU A 19 -2.79 -9.47 -2.83
CA GLU A 19 -2.02 -9.93 -3.98
C GLU A 19 -0.56 -9.50 -3.84
N PHE A 20 -0.39 -8.26 -3.46
CA PHE A 20 0.92 -7.68 -3.20
C PHE A 20 1.57 -8.33 -1.99
N LEU A 21 0.79 -8.56 -0.95
CA LEU A 21 1.31 -9.11 0.29
C LEU A 21 1.74 -10.55 0.13
N GLU A 22 0.92 -11.32 -0.54
CA GLU A 22 1.22 -12.72 -0.80
C GLU A 22 2.47 -12.84 -1.66
N LEU A 23 2.66 -11.85 -2.51
CA LEU A 23 3.90 -11.69 -3.24
C LEU A 23 5.02 -11.30 -2.28
N CYS A 24 4.72 -10.35 -1.40
CA CYS A 24 5.69 -9.84 -0.44
C CYS A 24 6.19 -10.95 0.47
N LYS A 25 5.30 -11.89 0.83
CA LYS A 25 5.65 -13.05 1.63
C LYS A 25 6.79 -13.85 1.01
N MET A 26 6.96 -13.74 -0.30
CA MET A 26 7.97 -14.51 -1.01
C MET A 26 9.21 -13.67 -1.18
N GLN A 27 8.98 -12.42 -1.57
CA GLN A 27 10.05 -11.51 -1.88
C GLN A 27 10.78 -11.06 -0.61
N THR A 28 10.02 -10.45 0.31
CA THR A 28 10.59 -9.96 1.55
C THR A 28 10.65 -11.09 2.57
N ALA A 29 11.08 -12.24 2.11
CA ALA A 29 11.27 -13.38 2.99
C ALA A 29 12.45 -13.11 3.91
N ASP A 30 13.36 -12.27 3.43
CA ASP A 30 14.51 -11.81 4.20
C ASP A 30 14.05 -10.82 5.27
N HIS A 31 12.95 -10.14 4.99
CA HIS A 31 12.44 -9.09 5.85
C HIS A 31 10.92 -9.19 5.94
N PRO A 32 10.39 -10.23 6.60
CA PRO A 32 8.94 -10.53 6.61
C PRO A 32 8.13 -9.58 7.47
N GLU A 33 8.69 -8.44 7.81
CA GLU A 33 8.01 -7.45 8.63
C GLU A 33 7.20 -6.50 7.75
N VAL A 34 7.52 -6.49 6.46
CA VAL A 34 6.85 -5.65 5.49
C VAL A 34 5.35 -5.93 5.41
N VAL A 35 5.02 -7.20 5.16
CA VAL A 35 3.64 -7.64 5.01
C VAL A 35 2.76 -7.21 6.19
N PRO A 36 3.12 -7.56 7.44
CA PRO A 36 2.36 -7.13 8.62
C PRO A 36 2.32 -5.61 8.76
N PHE A 37 3.37 -4.93 8.27
CA PHE A 37 3.39 -3.48 8.27
C PHE A 37 2.30 -2.94 7.34
N LEU A 38 2.31 -3.43 6.11
CA LEU A 38 1.32 -3.01 5.12
C LEU A 38 -0.10 -3.28 5.62
N TYR A 39 -0.29 -4.45 6.23
CA TYR A 39 -1.56 -4.78 6.87
C TYR A 39 -1.94 -3.70 7.88
N ASN A 40 -0.97 -3.41 8.73
CA ASN A 40 -1.15 -2.50 9.86
C ASN A 40 -1.52 -1.11 9.38
N ARG A 41 -0.79 -0.61 8.39
CA ARG A 41 -1.00 0.74 7.89
C ARG A 41 -2.34 0.86 7.16
N GLN A 42 -2.74 -0.19 6.46
CA GLN A 42 -4.02 -0.18 5.76
C GLN A 42 -5.15 0.05 6.75
N GLN A 43 -4.98 -0.49 7.94
CA GLN A 43 -5.95 -0.33 9.01
C GLN A 43 -6.06 1.15 9.41
N ARG A 44 -4.93 1.85 9.41
CA ARG A 44 -4.91 3.26 9.78
C ARG A 44 -5.17 4.14 8.57
N ALA A 45 -5.70 3.55 7.52
CA ALA A 45 -6.10 4.28 6.35
C ALA A 45 -7.62 4.34 6.26
N HIS A 46 -8.16 5.53 6.00
CA HIS A 46 -9.62 5.71 5.94
C HIS A 46 -10.21 4.88 4.83
N SER A 47 -11.35 4.28 5.13
CA SER A 47 -11.98 3.30 4.25
C SER A 47 -12.49 3.91 2.95
N LEU A 48 -12.60 5.24 2.90
CA LEU A 48 -13.16 5.91 1.74
C LEU A 48 -12.17 5.94 0.60
N PHE A 49 -10.95 6.36 0.90
CA PHE A 49 -9.88 6.33 -0.09
C PHE A 49 -9.65 4.90 -0.55
N LEU A 50 -9.64 3.98 0.40
CA LEU A 50 -9.44 2.57 0.09
C LEU A 50 -10.55 2.07 -0.83
N ALA A 51 -11.80 2.32 -0.48
CA ALA A 51 -12.94 1.85 -1.27
C ALA A 51 -13.22 2.77 -2.46
N SER A 52 -12.19 3.03 -3.24
CA SER A 52 -12.29 3.93 -4.36
C SER A 52 -11.47 3.39 -5.51
N ALA A 53 -11.77 3.86 -6.71
CA ALA A 53 -11.02 3.45 -7.87
C ALA A 53 -9.58 3.90 -7.75
N GLU A 54 -9.41 5.04 -7.10
CA GLU A 54 -8.09 5.64 -6.93
C GLU A 54 -7.11 4.64 -6.32
N PHE A 55 -7.45 4.12 -5.15
CA PHE A 55 -6.58 3.18 -4.47
C PHE A 55 -6.45 1.89 -5.27
N CYS A 56 -7.53 1.49 -5.93
CA CYS A 56 -7.49 0.35 -6.84
C CYS A 56 -6.39 0.54 -7.89
N ASN A 57 -6.30 1.75 -8.44
CA ASN A 57 -5.22 2.10 -9.38
C ASN A 57 -3.87 1.92 -8.71
N ILE A 58 -3.73 2.54 -7.54
CA ILE A 58 -2.49 2.47 -6.78
C ILE A 58 -2.03 1.02 -6.62
N LEU A 59 -2.93 0.20 -6.12
CA LEU A 59 -2.64 -1.20 -5.88
C LEU A 59 -2.30 -1.94 -7.16
N SER A 60 -3.17 -1.85 -8.14
CA SER A 60 -2.97 -2.54 -9.41
C SER A 60 -1.65 -2.07 -10.05
N ARG A 61 -1.29 -0.82 -9.82
CA ARG A 61 -0.06 -0.27 -10.35
C ARG A 61 1.16 -0.76 -9.56
N VAL A 62 1.21 -0.48 -8.25
CA VAL A 62 2.40 -0.80 -7.46
C VAL A 62 2.62 -2.30 -7.33
N LEU A 63 1.54 -3.06 -7.19
CA LEU A 63 1.65 -4.49 -7.08
C LEU A 63 2.23 -5.07 -8.36
N SER A 64 1.71 -4.63 -9.50
CA SER A 64 2.18 -5.11 -10.78
C SER A 64 3.62 -4.67 -11.02
N ARG A 65 3.94 -3.44 -10.60
CA ARG A 65 5.31 -2.97 -10.60
C ARG A 65 6.24 -3.93 -9.86
N ALA A 66 5.84 -4.31 -8.67
CA ALA A 66 6.66 -5.16 -7.82
C ALA A 66 6.73 -6.60 -8.33
N ARG A 67 5.67 -7.05 -8.97
CA ARG A 67 5.66 -8.37 -9.61
C ARG A 67 6.57 -8.35 -10.84
N SER A 68 6.66 -7.19 -11.47
CA SER A 68 7.51 -7.00 -12.63
C SER A 68 8.96 -6.84 -12.20
N ARG A 69 9.15 -5.96 -11.25
CA ARG A 69 10.46 -5.67 -10.68
C ARG A 69 10.50 -5.99 -9.19
N PRO A 70 10.67 -7.28 -8.85
CA PRO A 70 10.81 -7.74 -7.46
C PRO A 70 11.99 -7.06 -6.77
N ALA A 71 12.98 -6.72 -7.56
CA ALA A 71 14.21 -6.10 -7.09
C ALA A 71 13.97 -4.82 -6.29
N LYS A 72 12.88 -4.13 -6.60
CA LYS A 72 12.56 -2.89 -5.91
C LYS A 72 11.11 -2.90 -5.43
N LEU A 73 10.63 -4.11 -5.11
CA LEU A 73 9.33 -4.30 -4.49
C LEU A 73 9.12 -3.35 -3.31
N TYR A 74 10.18 -3.12 -2.55
CA TYR A 74 10.10 -2.28 -1.35
C TYR A 74 9.66 -0.88 -1.71
N VAL A 75 10.17 -0.33 -2.79
CA VAL A 75 9.74 0.99 -3.25
C VAL A 75 8.21 1.06 -3.37
N TYR A 76 7.63 0.01 -3.91
CA TYR A 76 6.20 -0.07 -4.10
C TYR A 76 5.49 -0.35 -2.77
N ILE A 77 6.17 -1.10 -1.91
CA ILE A 77 5.76 -1.25 -0.52
C ILE A 77 5.71 0.11 0.16
N ASN A 78 6.81 0.84 0.00
CA ASN A 78 6.99 2.16 0.54
C ASN A 78 5.87 3.08 0.07
N GLU A 79 5.63 3.08 -1.23
CA GLU A 79 4.54 3.83 -1.80
C GLU A 79 3.23 3.44 -1.18
N LEU A 80 2.86 2.20 -1.36
CA LEU A 80 1.57 1.68 -0.91
C LEU A 80 1.30 2.04 0.55
N CYS A 81 2.33 1.96 1.39
CA CYS A 81 2.20 2.28 2.81
C CYS A 81 1.99 3.79 3.02
N THR A 82 2.76 4.60 2.30
CA THR A 82 2.65 6.06 2.42
C THR A 82 1.38 6.53 1.71
N VAL A 83 1.07 5.84 0.63
CA VAL A 83 -0.13 6.07 -0.17
C VAL A 83 -1.36 6.04 0.71
N LEU A 84 -1.37 5.10 1.64
CA LEU A 84 -2.47 4.94 2.56
C LEU A 84 -2.70 6.22 3.36
N LYS A 85 -1.67 6.75 4.01
CA LYS A 85 -1.85 7.89 4.88
C LYS A 85 -1.91 9.21 4.10
N ALA A 86 -1.24 9.24 2.97
CA ALA A 86 -1.20 10.45 2.16
C ALA A 86 -2.57 10.80 1.60
N HIS A 87 -3.35 9.77 1.24
CA HIS A 87 -4.61 10.02 0.56
C HIS A 87 -5.82 9.65 1.42
N SER A 88 -5.62 8.86 2.45
CA SER A 88 -6.73 8.47 3.33
C SER A 88 -6.66 9.27 4.63
N ALA A 89 -7.53 8.92 5.56
CA ALA A 89 -7.82 9.76 6.71
C ALA A 89 -7.87 8.96 8.02
N LYS A 90 -6.92 9.25 8.90
CA LYS A 90 -6.93 8.68 10.25
C LYS A 90 -5.84 9.36 11.05
N LYS A 91 -5.85 10.67 10.94
CA LYS A 91 -4.93 11.52 11.64
C LYS A 91 -5.61 12.04 12.89
N LYS A 92 -6.77 12.68 12.68
CA LYS A 92 -7.62 13.18 13.76
C LYS A 92 -6.86 14.03 14.76
N LEU A 93 -6.78 15.32 14.49
CA LEU A 93 -6.21 16.27 15.41
C LEU A 93 -7.02 16.28 16.70
N ASN A 94 -8.34 16.11 16.53
CA ASN A 94 -9.26 16.13 17.63
C ASN A 94 -9.83 14.74 17.84
N GLY B 1 8.51 18.04 13.57
CA GLY B 1 7.33 18.75 13.01
C GLY B 1 6.32 17.77 12.47
N SER B 2 6.69 17.11 11.38
CA SER B 2 5.89 16.04 10.85
C SER B 2 6.30 14.73 11.50
N GLN B 3 5.42 14.21 12.34
CA GLN B 3 5.70 12.97 13.07
C GLN B 3 5.36 11.77 12.21
N GLU B 4 5.36 12.00 10.91
CA GLU B 4 5.07 10.97 9.92
C GLU B 4 6.38 10.44 9.33
N ASP B 5 6.31 9.35 8.59
CA ASP B 5 7.47 8.86 7.87
C ASP B 5 7.00 8.36 6.51
N SER B 6 7.81 8.58 5.49
CA SER B 6 7.46 8.23 4.13
C SER B 6 7.98 6.85 3.77
N ASP B 7 8.53 6.72 2.57
CA ASP B 7 9.17 5.48 2.11
C ASP B 7 10.24 5.03 3.10
N SER B 8 10.90 5.99 3.71
CA SER B 8 11.96 5.70 4.67
C SER B 8 11.47 4.90 5.88
N GLU B 9 10.16 4.92 6.10
CA GLU B 9 9.56 4.22 7.23
C GLU B 9 9.86 2.73 7.17
N LEU B 10 9.88 2.22 5.97
CA LEU B 10 10.23 0.84 5.71
C LEU B 10 11.72 0.66 5.90
N GLU B 11 12.43 1.57 5.28
CA GLU B 11 13.89 1.57 5.26
C GLU B 11 14.49 1.60 6.66
N GLN B 12 13.68 1.98 7.63
CA GLN B 12 14.10 2.04 9.02
C GLN B 12 14.70 0.71 9.45
N TYR B 13 14.09 -0.36 8.98
CA TYR B 13 14.52 -1.70 9.36
C TYR B 13 14.77 -2.62 8.16
N PHE B 14 14.17 -2.32 7.00
CA PHE B 14 14.31 -3.22 5.86
C PHE B 14 14.21 -2.50 4.52
N THR B 15 14.81 -3.11 3.51
CA THR B 15 14.73 -2.65 2.11
C THR B 15 15.38 -3.66 1.18
N ALA B 16 15.67 -3.24 -0.04
CA ALA B 16 16.35 -4.08 -1.01
C ALA B 16 17.65 -3.43 -1.43
N ARG B 17 18.20 -3.86 -2.56
CA ARG B 17 19.42 -3.28 -3.07
C ARG B 17 19.18 -1.84 -3.54
N TRP B 18 18.03 -1.61 -4.18
CA TRP B 18 17.58 -0.29 -4.61
C TRP B 18 18.60 0.40 -5.52
N GLY A 1 -17.64 2.97 -18.77
CA GLY A 1 -16.63 2.59 -17.75
C GLY A 1 -16.19 3.79 -16.94
N SER A 2 -16.12 3.61 -15.62
CA SER A 2 -15.66 4.64 -14.69
C SER A 2 -16.62 5.84 -14.68
N HIS A 3 -16.25 6.88 -13.92
CA HIS A 3 -17.00 8.13 -13.86
C HIS A 3 -18.45 7.89 -13.43
N MET A 4 -18.63 7.58 -12.16
CA MET A 4 -19.95 7.28 -11.60
C MET A 4 -20.08 7.90 -10.21
N GLY A 5 -20.02 9.22 -10.16
CA GLY A 5 -20.05 9.92 -8.88
C GLY A 5 -18.86 9.55 -8.02
N LYS A 6 -19.11 8.83 -6.95
CA LYS A 6 -18.06 8.26 -6.16
C LYS A 6 -17.99 6.77 -6.49
N LYS A 7 -16.94 6.40 -7.19
CA LYS A 7 -16.81 5.06 -7.72
C LYS A 7 -15.92 4.20 -6.83
N CYS A 8 -16.57 3.38 -6.03
CA CYS A 8 -15.91 2.56 -5.02
C CYS A 8 -15.50 1.20 -5.55
N TYR A 9 -14.28 0.78 -5.23
CA TYR A 9 -13.78 -0.53 -5.61
C TYR A 9 -13.20 -1.27 -4.41
N LYS A 10 -13.92 -1.24 -3.28
CA LYS A 10 -13.39 -1.79 -2.04
C LYS A 10 -12.94 -3.24 -2.23
N LEU A 11 -13.85 -4.08 -2.69
CA LEU A 11 -13.56 -5.51 -2.90
C LEU A 11 -12.32 -5.70 -3.76
N GLU A 12 -12.21 -4.92 -4.83
CA GLU A 12 -11.07 -4.98 -5.70
C GLU A 12 -9.77 -4.76 -4.95
N ASN A 13 -9.67 -3.67 -4.22
CA ASN A 13 -8.43 -3.38 -3.49
C ASN A 13 -8.26 -4.29 -2.28
N GLU A 14 -9.35 -4.88 -1.82
CA GLU A 14 -9.29 -5.89 -0.79
C GLU A 14 -8.55 -7.13 -1.29
N LYS A 15 -8.96 -7.63 -2.45
CA LYS A 15 -8.29 -8.77 -3.07
C LYS A 15 -6.93 -8.35 -3.58
N LEU A 16 -6.85 -7.10 -3.99
CA LEU A 16 -5.65 -6.55 -4.56
C LEU A 16 -4.50 -6.40 -3.57
N PHE A 17 -4.75 -5.66 -2.49
CA PHE A 17 -3.74 -5.41 -1.47
C PHE A 17 -3.09 -6.71 -1.00
N GLU A 18 -3.91 -7.74 -0.81
CA GLU A 18 -3.39 -9.01 -0.33
C GLU A 18 -2.51 -9.69 -1.38
N GLU A 19 -2.76 -9.41 -2.67
CA GLU A 19 -1.92 -10.01 -3.72
C GLU A 19 -0.48 -9.56 -3.55
N PHE A 20 -0.33 -8.28 -3.25
CA PHE A 20 0.97 -7.69 -3.00
C PHE A 20 1.63 -8.34 -1.79
N LEU A 21 0.84 -8.57 -0.75
CA LEU A 21 1.36 -9.13 0.49
C LEU A 21 1.72 -10.58 0.35
N GLU A 22 0.87 -11.32 -0.31
CA GLU A 22 1.11 -12.72 -0.56
C GLU A 22 2.36 -12.89 -1.41
N LEU A 23 2.60 -11.90 -2.26
CA LEU A 23 3.85 -11.78 -2.99
C LEU A 23 4.96 -11.38 -2.04
N CYS A 24 4.69 -10.37 -1.21
CA CYS A 24 5.68 -9.84 -0.28
C CYS A 24 6.16 -10.93 0.69
N LYS A 25 5.27 -11.84 1.07
CA LYS A 25 5.64 -12.99 1.89
C LYS A 25 6.77 -13.79 1.25
N MET A 26 6.79 -13.82 -0.07
CA MET A 26 7.76 -14.62 -0.81
C MET A 26 9.01 -13.81 -1.05
N GLN A 27 8.80 -12.51 -1.21
CA GLN A 27 9.87 -11.60 -1.56
C GLN A 27 10.63 -11.16 -0.32
N THR A 28 9.93 -10.54 0.61
CA THR A 28 10.53 -10.06 1.83
C THR A 28 10.51 -11.17 2.86
N ALA A 29 10.92 -12.35 2.44
CA ALA A 29 10.97 -13.50 3.32
C ALA A 29 12.10 -13.34 4.33
N ASP A 30 13.15 -12.64 3.91
CA ASP A 30 14.27 -12.33 4.78
C ASP A 30 13.94 -11.14 5.68
N HIS A 31 12.94 -10.37 5.26
CA HIS A 31 12.53 -9.16 5.95
C HIS A 31 11.01 -9.19 6.16
N PRO A 32 10.51 -10.12 6.98
CA PRO A 32 9.06 -10.38 7.10
C PRO A 32 8.27 -9.30 7.85
N GLU A 33 8.86 -8.14 8.03
CA GLU A 33 8.21 -7.06 8.75
C GLU A 33 7.40 -6.17 7.81
N VAL A 34 7.64 -6.34 6.53
CA VAL A 34 6.99 -5.53 5.49
C VAL A 34 5.48 -5.79 5.44
N VAL A 35 5.14 -7.05 5.26
CA VAL A 35 3.75 -7.50 5.15
C VAL A 35 2.89 -6.98 6.32
N PRO A 36 3.28 -7.25 7.58
CA PRO A 36 2.57 -6.72 8.75
C PRO A 36 2.44 -5.19 8.71
N PHE A 37 3.50 -4.52 8.26
CA PHE A 37 3.50 -3.07 8.15
C PHE A 37 2.41 -2.62 7.16
N LEU A 38 2.39 -3.21 5.98
CA LEU A 38 1.40 -2.90 4.97
C LEU A 38 -0.01 -3.22 5.47
N TYR A 39 -0.13 -4.34 6.18
CA TYR A 39 -1.40 -4.73 6.77
C TYR A 39 -1.86 -3.64 7.72
N ASN A 40 -0.94 -3.26 8.61
CA ASN A 40 -1.19 -2.29 9.66
C ASN A 40 -1.60 -0.96 9.07
N ARG A 41 -0.78 -0.45 8.17
CA ARG A 41 -1.03 0.85 7.58
C ARG A 41 -2.37 0.90 6.87
N GLN A 42 -2.79 -0.22 6.27
CA GLN A 42 -4.08 -0.28 5.60
C GLN A 42 -5.21 -0.24 6.61
N GLN A 43 -4.99 -0.88 7.76
CA GLN A 43 -5.98 -0.88 8.82
C GLN A 43 -6.11 0.51 9.42
N ARG A 44 -5.01 1.25 9.39
CA ARG A 44 -4.97 2.62 9.86
C ARG A 44 -5.15 3.59 8.70
N ALA A 45 -5.62 3.05 7.58
CA ALA A 45 -6.00 3.86 6.45
C ALA A 45 -7.53 3.95 6.42
N HIS A 46 -8.04 5.10 6.04
CA HIS A 46 -9.47 5.33 6.05
C HIS A 46 -10.13 4.65 4.85
N SER A 47 -11.17 3.86 5.13
CA SER A 47 -11.75 2.97 4.14
C SER A 47 -12.38 3.72 2.97
N LEU A 48 -12.62 5.02 3.13
CA LEU A 48 -13.27 5.79 2.08
C LEU A 48 -12.34 6.00 0.90
N PHE A 49 -11.12 6.42 1.17
CA PHE A 49 -10.10 6.52 0.12
C PHE A 49 -9.82 5.14 -0.47
N LEU A 50 -9.64 4.17 0.41
CA LEU A 50 -9.34 2.81 0.00
C LEU A 50 -10.41 2.30 -0.97
N ALA A 51 -11.66 2.55 -0.66
CA ALA A 51 -12.79 2.09 -1.46
C ALA A 51 -13.03 3.03 -2.63
N SER A 52 -12.08 3.08 -3.55
CA SER A 52 -12.20 3.91 -4.73
C SER A 52 -11.49 3.28 -5.92
N ALA A 53 -11.69 3.86 -7.10
CA ALA A 53 -10.91 3.48 -8.27
C ALA A 53 -9.51 4.02 -8.12
N GLU A 54 -9.40 5.11 -7.38
CA GLU A 54 -8.14 5.76 -7.11
C GLU A 54 -7.15 4.76 -6.49
N PHE A 55 -7.53 4.18 -5.36
CA PHE A 55 -6.66 3.24 -4.67
C PHE A 55 -6.53 1.95 -5.48
N CYS A 56 -7.58 1.60 -6.21
CA CYS A 56 -7.52 0.50 -7.17
C CYS A 56 -6.35 0.69 -8.13
N ASN A 57 -6.23 1.90 -8.69
CA ASN A 57 -5.11 2.24 -9.56
C ASN A 57 -3.79 2.05 -8.86
N ILE A 58 -3.70 2.59 -7.66
CA ILE A 58 -2.49 2.50 -6.85
C ILE A 58 -2.04 1.04 -6.74
N LEU A 59 -2.94 0.20 -6.29
CA LEU A 59 -2.66 -1.21 -6.08
C LEU A 59 -2.34 -1.93 -7.38
N SER A 60 -3.23 -1.80 -8.36
CA SER A 60 -3.04 -2.45 -9.66
C SER A 60 -1.69 -2.06 -10.25
N ARG A 61 -1.30 -0.82 -10.01
CA ARG A 61 -0.04 -0.30 -10.50
C ARG A 61 1.15 -0.82 -9.70
N VAL A 62 1.18 -0.57 -8.38
CA VAL A 62 2.37 -0.87 -7.58
C VAL A 62 2.58 -2.38 -7.41
N LEU A 63 1.50 -3.12 -7.19
CA LEU A 63 1.61 -4.55 -6.98
C LEU A 63 2.20 -5.21 -8.22
N SER A 64 1.68 -4.84 -9.39
CA SER A 64 2.15 -5.39 -10.65
C SER A 64 3.60 -4.97 -10.91
N ARG A 65 3.92 -3.73 -10.58
CA ARG A 65 5.30 -3.25 -10.69
C ARG A 65 6.23 -4.11 -9.85
N ALA A 66 5.84 -4.41 -8.62
CA ALA A 66 6.64 -5.22 -7.71
C ALA A 66 6.65 -6.69 -8.13
N ARG A 67 5.56 -7.11 -8.74
CA ARG A 67 5.41 -8.47 -9.22
C ARG A 67 6.29 -8.69 -10.46
N SER A 68 6.57 -7.61 -11.17
CA SER A 68 7.42 -7.67 -12.35
C SER A 68 8.85 -7.33 -11.98
N ARG A 69 8.98 -6.31 -11.18
CA ARG A 69 10.26 -5.80 -10.71
C ARG A 69 10.39 -5.93 -9.19
N PRO A 70 10.71 -7.14 -8.71
CA PRO A 70 10.95 -7.42 -7.28
C PRO A 70 12.10 -6.58 -6.74
N ALA A 71 12.97 -6.17 -7.65
CA ALA A 71 14.14 -5.38 -7.34
C ALA A 71 13.80 -4.12 -6.56
N LYS A 72 12.67 -3.51 -6.89
CA LYS A 72 12.24 -2.30 -6.20
C LYS A 72 10.87 -2.48 -5.58
N LEU A 73 10.56 -3.73 -5.25
CA LEU A 73 9.36 -4.10 -4.51
C LEU A 73 9.15 -3.18 -3.30
N TYR A 74 10.24 -2.84 -2.63
CA TYR A 74 10.17 -2.07 -1.41
C TYR A 74 9.68 -0.66 -1.68
N VAL A 75 10.11 -0.07 -2.78
CA VAL A 75 9.59 1.25 -3.16
C VAL A 75 8.08 1.21 -3.33
N TYR A 76 7.58 0.12 -3.89
CA TYR A 76 6.16 -0.03 -4.09
C TYR A 76 5.47 -0.31 -2.75
N ILE A 77 6.19 -1.02 -1.88
CA ILE A 77 5.80 -1.16 -0.49
C ILE A 77 5.70 0.21 0.18
N ASN A 78 6.80 0.97 0.05
CA ASN A 78 6.89 2.32 0.55
C ASN A 78 5.73 3.17 0.06
N GLU A 79 5.54 3.17 -1.26
CA GLU A 79 4.48 3.94 -1.89
C GLU A 79 3.14 3.55 -1.34
N LEU A 80 2.80 2.29 -1.53
CA LEU A 80 1.52 1.76 -1.09
C LEU A 80 1.24 2.10 0.38
N CYS A 81 2.27 1.99 1.22
CA CYS A 81 2.14 2.33 2.63
C CYS A 81 1.92 3.83 2.82
N THR A 82 2.70 4.65 2.13
CA THR A 82 2.55 6.10 2.22
C THR A 82 1.22 6.52 1.63
N VAL A 83 0.88 5.86 0.53
CA VAL A 83 -0.36 6.07 -0.19
C VAL A 83 -1.55 5.96 0.74
N LEU A 84 -1.49 4.99 1.64
CA LEU A 84 -2.55 4.77 2.60
C LEU A 84 -2.73 6.01 3.49
N LYS A 85 -1.66 6.47 4.11
CA LYS A 85 -1.79 7.57 5.06
C LYS A 85 -1.86 8.92 4.37
N ALA A 86 -1.26 9.02 3.21
CA ALA A 86 -1.24 10.28 2.46
C ALA A 86 -2.64 10.66 2.01
N HIS A 87 -3.46 9.67 1.68
CA HIS A 87 -4.74 9.93 1.06
C HIS A 87 -5.91 9.51 1.94
N SER A 88 -5.63 8.71 2.95
CA SER A 88 -6.66 8.32 3.90
C SER A 88 -6.14 8.38 5.33
N ALA A 89 -7.08 8.61 6.24
CA ALA A 89 -6.82 8.66 7.67
C ALA A 89 -5.75 9.68 8.05
N LYS A 90 -5.68 10.76 7.28
CA LYS A 90 -4.72 11.82 7.55
C LYS A 90 -5.44 12.91 8.32
N LYS A 91 -6.74 12.75 8.35
CA LYS A 91 -7.63 13.63 9.06
C LYS A 91 -7.66 13.26 10.55
N LYS A 92 -7.29 12.01 10.83
CA LYS A 92 -7.17 11.55 12.21
C LYS A 92 -5.83 11.97 12.79
N LEU A 93 -5.80 13.15 13.41
CA LEU A 93 -4.60 13.63 14.07
C LEU A 93 -4.19 12.66 15.18
N ASN A 94 -5.19 12.08 15.83
CA ASN A 94 -4.96 11.07 16.84
C ASN A 94 -5.83 9.87 16.56
N GLY B 1 5.43 15.69 11.39
CA GLY B 1 6.33 16.34 10.41
C GLY B 1 7.17 15.33 9.67
N SER B 2 8.40 15.12 10.14
CA SER B 2 9.29 14.14 9.55
C SER B 2 9.41 12.93 10.47
N GLN B 3 8.51 12.85 11.43
CA GLN B 3 8.42 11.71 12.31
C GLN B 3 7.80 10.56 11.56
N GLU B 4 6.81 10.90 10.76
CA GLU B 4 6.19 9.97 9.84
C GLU B 4 7.11 9.83 8.64
N ASP B 5 7.88 8.78 8.66
CA ASP B 5 8.94 8.56 7.68
C ASP B 5 8.37 8.09 6.34
N SER B 6 7.12 7.67 6.35
CA SER B 6 6.43 7.15 5.19
C SER B 6 7.18 6.03 4.47
N ASP B 7 7.92 6.38 3.43
CA ASP B 7 8.67 5.39 2.67
C ASP B 7 9.89 4.93 3.44
N SER B 8 10.53 5.85 4.16
CA SER B 8 11.74 5.52 4.89
C SER B 8 11.46 4.67 6.13
N GLU B 9 10.19 4.65 6.56
CA GLU B 9 9.78 3.78 7.69
C GLU B 9 10.24 2.36 7.44
N LEU B 10 10.15 1.98 6.18
CA LEU B 10 10.53 0.68 5.71
C LEU B 10 12.04 0.55 5.75
N GLU B 11 12.66 1.53 5.13
CA GLU B 11 14.11 1.56 4.92
C GLU B 11 14.88 1.50 6.23
N GLN B 12 14.19 1.80 7.32
CA GLN B 12 14.80 1.76 8.65
C GLN B 12 15.42 0.40 8.91
N TYR B 13 14.65 -0.64 8.68
CA TYR B 13 15.08 -1.98 9.02
C TYR B 13 15.21 -2.88 7.80
N PHE B 14 14.59 -2.52 6.68
CA PHE B 14 14.68 -3.36 5.49
C PHE B 14 14.54 -2.57 4.20
N THR B 15 15.22 -3.05 3.16
CA THR B 15 15.07 -2.53 1.80
C THR B 15 15.81 -3.42 0.82
N ALA B 16 15.93 -2.97 -0.42
CA ALA B 16 16.58 -3.74 -1.46
C ALA B 16 17.73 -2.96 -2.08
N ARG B 17 18.24 -3.48 -3.19
CA ARG B 17 19.31 -2.83 -3.92
C ARG B 17 19.01 -1.36 -4.24
N TRP B 18 17.80 -1.12 -4.75
CA TRP B 18 17.35 0.23 -5.09
C TRP B 18 18.36 0.93 -6.00
N GLY A 1 -20.63 13.11 -2.69
CA GLY A 1 -20.02 13.03 -4.03
C GLY A 1 -21.07 13.02 -5.12
N SER A 2 -20.65 12.89 -6.37
CA SER A 2 -21.60 12.83 -7.48
C SER A 2 -21.02 12.01 -8.63
N HIS A 3 -20.07 12.58 -9.35
CA HIS A 3 -19.54 11.95 -10.55
C HIS A 3 -18.21 11.25 -10.27
N MET A 4 -18.25 9.92 -10.24
CA MET A 4 -17.05 9.06 -10.12
C MET A 4 -16.40 9.15 -8.73
N GLY A 5 -16.60 10.24 -8.03
CA GLY A 5 -16.00 10.42 -6.72
C GLY A 5 -16.54 9.43 -5.69
N LYS A 6 -17.68 8.82 -6.00
CA LYS A 6 -18.27 7.84 -5.11
C LYS A 6 -18.10 6.44 -5.66
N LYS A 7 -17.07 6.25 -6.49
CA LYS A 7 -16.78 4.94 -7.05
C LYS A 7 -16.28 4.00 -5.99
N CYS A 8 -16.83 2.80 -5.99
CA CYS A 8 -16.56 1.83 -4.95
C CYS A 8 -15.79 0.63 -5.49
N TYR A 9 -14.54 0.51 -5.08
CA TYR A 9 -13.66 -0.57 -5.52
C TYR A 9 -13.13 -1.34 -4.33
N LYS A 10 -13.90 -1.35 -3.24
CA LYS A 10 -13.43 -1.91 -1.97
C LYS A 10 -12.97 -3.36 -2.12
N LEU A 11 -13.87 -4.24 -2.53
CA LEU A 11 -13.56 -5.67 -2.67
C LEU A 11 -12.30 -5.87 -3.51
N GLU A 12 -12.19 -5.08 -4.56
CA GLU A 12 -11.05 -5.10 -5.44
C GLU A 12 -9.74 -4.88 -4.72
N ASN A 13 -9.65 -3.79 -3.98
CA ASN A 13 -8.38 -3.42 -3.35
C ASN A 13 -8.12 -4.27 -2.10
N GLU A 14 -9.18 -4.88 -1.56
CA GLU A 14 -9.01 -5.82 -0.47
C GLU A 14 -8.21 -7.03 -0.94
N LYS A 15 -8.67 -7.63 -2.03
CA LYS A 15 -8.00 -8.80 -2.59
C LYS A 15 -6.70 -8.38 -3.25
N LEU A 16 -6.72 -7.18 -3.81
CA LEU A 16 -5.58 -6.61 -4.48
C LEU A 16 -4.38 -6.45 -3.54
N PHE A 17 -4.62 -5.86 -2.38
CA PHE A 17 -3.57 -5.69 -1.38
C PHE A 17 -2.94 -7.02 -1.02
N GLU A 18 -3.77 -8.05 -0.91
CA GLU A 18 -3.31 -9.42 -0.66
C GLU A 18 -2.33 -9.85 -1.73
N GLU A 19 -2.72 -9.60 -2.97
CA GLU A 19 -1.91 -9.98 -4.13
C GLU A 19 -0.48 -9.44 -3.99
N PHE A 20 -0.36 -8.25 -3.45
CA PHE A 20 0.94 -7.64 -3.19
C PHE A 20 1.61 -8.30 -2.00
N LEU A 21 0.84 -8.52 -0.95
CA LEU A 21 1.37 -9.03 0.30
C LEU A 21 1.81 -10.48 0.19
N GLU A 22 1.00 -11.26 -0.49
CA GLU A 22 1.31 -12.66 -0.68
C GLU A 22 2.52 -12.79 -1.58
N LEU A 23 2.69 -11.82 -2.47
CA LEU A 23 3.92 -11.68 -3.21
C LEU A 23 5.04 -11.26 -2.27
N CYS A 24 4.74 -10.30 -1.39
CA CYS A 24 5.72 -9.79 -0.45
C CYS A 24 6.22 -10.92 0.47
N LYS A 25 5.32 -11.83 0.83
CA LYS A 25 5.69 -13.01 1.62
C LYS A 25 6.80 -13.81 0.94
N MET A 26 6.85 -13.76 -0.38
CA MET A 26 7.80 -14.55 -1.14
C MET A 26 9.08 -13.75 -1.32
N GLN A 27 8.89 -12.45 -1.49
CA GLN A 27 10.00 -11.56 -1.78
C GLN A 27 10.73 -11.20 -0.49
N THR A 28 10.00 -10.57 0.43
CA THR A 28 10.58 -10.16 1.69
C THR A 28 10.50 -11.30 2.69
N ALA A 29 10.91 -12.47 2.24
CA ALA A 29 10.91 -13.65 3.07
C ALA A 29 11.96 -13.53 4.16
N ASP A 30 12.99 -12.74 3.88
CA ASP A 30 14.03 -12.43 4.85
C ASP A 30 13.52 -11.45 5.89
N HIS A 31 12.55 -10.64 5.48
CA HIS A 31 12.00 -9.60 6.35
C HIS A 31 10.48 -9.64 6.32
N PRO A 32 9.87 -10.58 7.05
CA PRO A 32 8.41 -10.70 7.12
C PRO A 32 7.77 -9.58 7.94
N GLU A 33 8.45 -8.45 8.02
CA GLU A 33 7.97 -7.28 8.74
C GLU A 33 7.12 -6.39 7.81
N VAL A 34 7.49 -6.40 6.52
CA VAL A 34 6.85 -5.59 5.50
C VAL A 34 5.34 -5.84 5.41
N VAL A 35 4.99 -7.09 5.20
CA VAL A 35 3.60 -7.52 5.03
C VAL A 35 2.71 -7.06 6.18
N PRO A 36 3.04 -7.39 7.45
CA PRO A 36 2.27 -6.91 8.61
C PRO A 36 2.25 -5.39 8.70
N PHE A 37 3.31 -4.75 8.24
CA PHE A 37 3.37 -3.29 8.19
C PHE A 37 2.33 -2.76 7.21
N LEU A 38 2.38 -3.24 5.98
CA LEU A 38 1.44 -2.82 4.95
C LEU A 38 0.00 -3.08 5.41
N TYR A 39 -0.21 -4.24 6.01
CA TYR A 39 -1.50 -4.57 6.60
C TYR A 39 -1.91 -3.51 7.61
N ASN A 40 -1.00 -3.22 8.52
CA ASN A 40 -1.26 -2.32 9.63
C ASN A 40 -1.53 -0.91 9.14
N ARG A 41 -0.80 -0.50 8.11
CA ARG A 41 -0.97 0.82 7.51
C ARG A 41 -2.34 0.94 6.88
N GLN A 42 -2.78 -0.13 6.22
CA GLN A 42 -4.09 -0.16 5.59
C GLN A 42 -5.19 -0.06 6.64
N GLN A 43 -4.93 -0.66 7.80
CA GLN A 43 -5.89 -0.65 8.90
C GLN A 43 -5.99 0.76 9.48
N ARG A 44 -4.91 1.53 9.39
CA ARG A 44 -4.90 2.88 9.90
C ARG A 44 -5.44 3.86 8.87
N ALA A 45 -5.33 3.48 7.60
CA ALA A 45 -5.81 4.29 6.52
C ALA A 45 -7.33 4.30 6.51
N HIS A 46 -7.91 5.48 6.30
CA HIS A 46 -9.36 5.62 6.30
C HIS A 46 -9.97 4.85 5.14
N SER A 47 -11.07 4.18 5.44
CA SER A 47 -11.69 3.22 4.54
C SER A 47 -12.23 3.88 3.27
N LEU A 48 -12.43 5.19 3.27
CA LEU A 48 -13.07 5.86 2.14
C LEU A 48 -12.16 5.90 0.92
N PHE A 49 -10.93 6.37 1.09
CA PHE A 49 -9.99 6.40 -0.03
C PHE A 49 -9.71 4.99 -0.50
N LEU A 50 -9.52 4.08 0.45
CA LEU A 50 -9.28 2.68 0.12
C LEU A 50 -10.39 2.15 -0.80
N ALA A 51 -11.64 2.41 -0.43
CA ALA A 51 -12.79 1.89 -1.15
C ALA A 51 -13.16 2.77 -2.35
N SER A 52 -12.17 3.09 -3.18
CA SER A 52 -12.41 3.93 -4.34
C SER A 52 -11.63 3.42 -5.54
N ALA A 53 -11.83 4.05 -6.68
CA ALA A 53 -11.08 3.68 -7.88
C ALA A 53 -9.61 3.99 -7.70
N GLU A 54 -9.34 5.01 -6.89
CA GLU A 54 -8.00 5.50 -6.72
C GLU A 54 -7.08 4.42 -6.18
N PHE A 55 -7.47 3.82 -5.06
CA PHE A 55 -6.64 2.82 -4.41
C PHE A 55 -6.53 1.57 -5.27
N CYS A 56 -7.63 1.19 -5.92
CA CYS A 56 -7.61 0.08 -6.87
C CYS A 56 -6.49 0.25 -7.91
N ASN A 57 -6.43 1.44 -8.52
CA ASN A 57 -5.38 1.74 -9.49
C ASN A 57 -4.01 1.66 -8.84
N ILE A 58 -3.88 2.32 -7.69
CA ILE A 58 -2.63 2.34 -6.95
C ILE A 58 -2.08 0.93 -6.77
N LEU A 59 -2.91 0.08 -6.21
CA LEU A 59 -2.57 -1.31 -5.99
C LEU A 59 -2.24 -2.03 -7.28
N SER A 60 -3.14 -1.97 -8.25
CA SER A 60 -2.96 -2.63 -9.53
C SER A 60 -1.67 -2.17 -10.20
N ARG A 61 -1.31 -0.92 -9.96
CA ARG A 61 -0.10 -0.34 -10.51
C ARG A 61 1.15 -0.80 -9.74
N VAL A 62 1.19 -0.55 -8.43
CA VAL A 62 2.41 -0.83 -7.65
C VAL A 62 2.64 -2.33 -7.47
N LEU A 63 1.58 -3.09 -7.26
CA LEU A 63 1.70 -4.52 -7.09
C LEU A 63 2.29 -5.15 -8.34
N SER A 64 1.77 -4.75 -9.50
CA SER A 64 2.25 -5.29 -10.77
C SER A 64 3.70 -4.85 -11.00
N ARG A 65 4.01 -3.63 -10.61
CA ARG A 65 5.37 -3.12 -10.69
C ARG A 65 6.31 -3.92 -9.79
N ALA A 66 5.88 -4.21 -8.56
CA ALA A 66 6.70 -4.98 -7.64
C ALA A 66 6.77 -6.44 -8.04
N ARG A 67 5.74 -6.90 -8.73
CA ARG A 67 5.71 -8.23 -9.30
C ARG A 67 6.73 -8.31 -10.44
N SER A 68 6.79 -7.25 -11.22
CA SER A 68 7.72 -7.14 -12.33
C SER A 68 9.13 -6.88 -11.84
N ARG A 69 9.21 -5.99 -10.88
CA ARG A 69 10.47 -5.57 -10.30
C ARG A 69 10.50 -5.84 -8.79
N PRO A 70 10.81 -7.07 -8.40
CA PRO A 70 11.04 -7.42 -6.98
C PRO A 70 12.19 -6.60 -6.42
N ALA A 71 13.07 -6.20 -7.31
CA ALA A 71 14.24 -5.40 -6.99
C ALA A 71 13.86 -4.08 -6.33
N LYS A 72 12.71 -3.52 -6.71
CA LYS A 72 12.25 -2.29 -6.13
C LYS A 72 10.88 -2.47 -5.50
N LEU A 73 10.56 -3.71 -5.16
CA LEU A 73 9.36 -4.06 -4.44
C LEU A 73 9.15 -3.14 -3.25
N TYR A 74 10.24 -2.83 -2.55
CA TYR A 74 10.16 -2.02 -1.35
C TYR A 74 9.68 -0.61 -1.66
N VAL A 75 10.15 -0.05 -2.76
CA VAL A 75 9.66 1.27 -3.19
C VAL A 75 8.15 1.27 -3.35
N TYR A 76 7.61 0.19 -3.89
CA TYR A 76 6.18 0.07 -4.08
C TYR A 76 5.49 -0.21 -2.75
N ILE A 77 6.20 -0.91 -1.88
CA ILE A 77 5.81 -1.06 -0.48
C ILE A 77 5.72 0.32 0.17
N ASN A 78 6.79 1.10 -0.01
CA ASN A 78 6.87 2.46 0.47
C ASN A 78 5.72 3.30 -0.05
N GLU A 79 5.53 3.24 -1.37
CA GLU A 79 4.45 3.96 -2.01
C GLU A 79 3.12 3.57 -1.44
N LEU A 80 2.78 2.31 -1.58
CA LEU A 80 1.51 1.77 -1.12
C LEU A 80 1.23 2.16 0.33
N CYS A 81 2.24 2.05 1.18
CA CYS A 81 2.12 2.41 2.58
C CYS A 81 1.82 3.90 2.74
N THR A 82 2.59 4.74 2.05
CA THR A 82 2.40 6.18 2.14
C THR A 82 1.11 6.58 1.46
N VAL A 83 0.81 5.88 0.37
CA VAL A 83 -0.42 6.06 -0.38
C VAL A 83 -1.62 6.00 0.55
N LEU A 84 -1.56 5.03 1.45
CA LEU A 84 -2.62 4.82 2.41
C LEU A 84 -2.87 6.07 3.25
N LYS A 85 -1.83 6.62 3.85
CA LYS A 85 -2.00 7.75 4.73
C LYS A 85 -2.15 9.06 3.97
N ALA A 86 -1.54 9.13 2.81
CA ALA A 86 -1.55 10.35 2.01
C ALA A 86 -2.95 10.71 1.53
N HIS A 87 -3.72 9.70 1.12
CA HIS A 87 -5.01 9.95 0.48
C HIS A 87 -6.18 9.63 1.41
N SER A 88 -5.91 8.91 2.48
CA SER A 88 -6.92 8.60 3.47
C SER A 88 -6.82 9.63 4.59
N ALA A 89 -7.57 9.41 5.68
CA ALA A 89 -7.70 10.36 6.79
C ALA A 89 -6.43 11.19 7.04
N LYS A 90 -6.38 12.34 6.39
CA LYS A 90 -5.26 13.27 6.46
C LYS A 90 -5.54 14.38 5.46
N LYS A 91 -6.11 13.97 4.36
CA LYS A 91 -6.47 14.85 3.27
C LYS A 91 -7.91 15.33 3.42
N LYS A 92 -8.13 16.62 3.18
CA LYS A 92 -9.48 17.17 3.13
C LYS A 92 -10.30 16.53 2.02
N LEU A 93 -11.51 16.13 2.37
CA LEU A 93 -12.42 15.52 1.42
C LEU A 93 -13.02 16.56 0.47
N ASN A 94 -13.11 17.80 0.96
CA ASN A 94 -13.65 18.89 0.19
C ASN A 94 -13.08 20.21 0.69
N GLY B 1 4.95 19.07 8.55
CA GLY B 1 5.28 17.91 7.69
C GLY B 1 4.74 16.62 8.27
N SER B 2 5.13 15.50 7.69
CA SER B 2 4.71 14.20 8.19
C SER B 2 5.53 13.83 9.43
N GLN B 3 4.85 13.63 10.54
CA GLN B 3 5.52 13.26 11.78
C GLN B 3 5.66 11.75 11.87
N GLU B 4 5.60 11.09 10.72
CA GLU B 4 5.82 9.67 10.64
C GLU B 4 6.54 9.36 9.34
N ASP B 5 7.48 8.43 9.41
CA ASP B 5 8.30 8.09 8.27
C ASP B 5 7.46 7.52 7.13
N SER B 6 7.71 8.05 5.95
CA SER B 6 6.95 7.72 4.77
C SER B 6 7.52 6.48 4.09
N ASP B 7 8.47 6.69 3.21
CA ASP B 7 9.14 5.59 2.52
C ASP B 7 10.31 5.09 3.37
N SER B 8 10.94 6.01 4.09
CA SER B 8 12.10 5.70 4.89
C SER B 8 11.75 4.77 6.06
N GLU B 9 10.48 4.76 6.44
CA GLU B 9 9.97 3.92 7.51
C GLU B 9 10.35 2.46 7.27
N LEU B 10 10.29 2.07 6.02
CA LEU B 10 10.63 0.73 5.62
C LEU B 10 12.12 0.53 5.74
N GLU B 11 12.83 1.45 5.10
CA GLU B 11 14.29 1.42 5.00
C GLU B 11 14.96 1.30 6.36
N GLN B 12 14.24 1.68 7.40
CA GLN B 12 14.75 1.65 8.77
C GLN B 12 15.28 0.27 9.12
N TYR B 13 14.54 -0.74 8.71
CA TYR B 13 14.89 -2.11 9.05
C TYR B 13 15.06 -2.99 7.83
N PHE B 14 14.42 -2.65 6.72
CA PHE B 14 14.50 -3.48 5.53
C PHE B 14 14.40 -2.69 4.24
N THR B 15 15.14 -3.15 3.23
CA THR B 15 15.05 -2.61 1.88
C THR B 15 15.80 -3.52 0.91
N ALA B 16 15.70 -3.22 -0.37
CA ALA B 16 16.37 -4.00 -1.40
C ALA B 16 17.64 -3.30 -1.85
N ARG B 17 18.17 -3.75 -2.98
CA ARG B 17 19.35 -3.16 -3.56
C ARG B 17 19.17 -1.66 -3.81
N TRP B 18 18.03 -1.31 -4.43
CA TRP B 18 17.68 0.07 -4.74
C TRP B 18 18.80 0.77 -5.50
N GLY A 1 -31.48 9.62 -15.65
CA GLY A 1 -31.04 9.57 -14.23
C GLY A 1 -29.55 9.77 -14.10
N SER A 2 -28.98 9.29 -13.00
CA SER A 2 -27.55 9.39 -12.78
C SER A 2 -26.85 8.12 -13.29
N HIS A 3 -26.04 8.30 -14.32
CA HIS A 3 -25.37 7.17 -14.99
C HIS A 3 -24.26 6.61 -14.09
N MET A 4 -23.46 7.50 -13.51
CA MET A 4 -22.39 7.08 -12.65
C MET A 4 -22.59 7.62 -11.23
N GLY A 5 -22.77 6.70 -10.29
CA GLY A 5 -22.86 7.07 -8.90
C GLY A 5 -21.51 7.01 -8.23
N LYS A 6 -21.47 6.54 -6.99
CA LYS A 6 -20.21 6.33 -6.31
C LYS A 6 -19.43 5.21 -6.96
N LYS A 7 -18.15 5.42 -7.10
CA LYS A 7 -17.30 4.47 -7.77
C LYS A 7 -16.57 3.62 -6.76
N CYS A 8 -17.09 2.42 -6.59
CA CYS A 8 -16.64 1.53 -5.54
C CYS A 8 -15.73 0.45 -6.09
N TYR A 9 -14.52 0.38 -5.55
CA TYR A 9 -13.57 -0.67 -5.91
C TYR A 9 -13.07 -1.35 -4.66
N LYS A 10 -13.88 -1.30 -3.60
CA LYS A 10 -13.49 -1.83 -2.29
C LYS A 10 -13.08 -3.29 -2.41
N LEU A 11 -14.01 -4.12 -2.92
CA LEU A 11 -13.76 -5.55 -3.09
C LEU A 11 -12.46 -5.81 -3.84
N GLU A 12 -12.25 -5.07 -4.93
CA GLU A 12 -11.04 -5.17 -5.71
C GLU A 12 -9.81 -4.84 -4.87
N ASN A 13 -9.83 -3.67 -4.26
CA ASN A 13 -8.67 -3.17 -3.53
C ASN A 13 -8.34 -4.04 -2.31
N GLU A 14 -9.36 -4.67 -1.74
CA GLU A 14 -9.16 -5.56 -0.61
C GLU A 14 -8.34 -6.79 -1.03
N LYS A 15 -8.77 -7.45 -2.10
CA LYS A 15 -8.02 -8.58 -2.64
C LYS A 15 -6.71 -8.10 -3.20
N LEU A 16 -6.80 -6.99 -3.89
CA LEU A 16 -5.67 -6.37 -4.56
C LEU A 16 -4.49 -6.15 -3.62
N PHE A 17 -4.76 -5.52 -2.50
CA PHE A 17 -3.75 -5.25 -1.50
C PHE A 17 -3.03 -6.52 -1.08
N GLU A 18 -3.79 -7.58 -0.87
CA GLU A 18 -3.20 -8.84 -0.45
C GLU A 18 -2.49 -9.53 -1.61
N GLU A 19 -2.86 -9.22 -2.86
CA GLU A 19 -2.14 -9.78 -4.02
C GLU A 19 -0.68 -9.38 -3.93
N PHE A 20 -0.47 -8.18 -3.41
CA PHE A 20 0.86 -7.64 -3.19
C PHE A 20 1.52 -8.34 -1.99
N LEU A 21 0.80 -8.42 -0.89
CA LEU A 21 1.32 -8.96 0.35
C LEU A 21 1.72 -10.42 0.22
N GLU A 22 0.85 -11.19 -0.36
CA GLU A 22 1.08 -12.60 -0.55
C GLU A 22 2.35 -12.81 -1.39
N LEU A 23 2.61 -11.87 -2.27
CA LEU A 23 3.87 -11.82 -3.01
C LEU A 23 5.00 -11.40 -2.08
N CYS A 24 4.76 -10.36 -1.29
CA CYS A 24 5.77 -9.81 -0.40
C CYS A 24 6.28 -10.87 0.57
N LYS A 25 5.39 -11.76 1.00
CA LYS A 25 5.76 -12.83 1.93
C LYS A 25 6.81 -13.75 1.32
N MET A 26 6.88 -13.78 0.00
CA MET A 26 7.81 -14.65 -0.71
C MET A 26 9.11 -13.92 -0.93
N GLN A 27 8.98 -12.62 -1.10
CA GLN A 27 10.10 -11.75 -1.44
C GLN A 27 10.84 -11.33 -0.20
N THR A 28 10.13 -10.66 0.70
CA THR A 28 10.71 -10.15 1.93
C THR A 28 10.63 -11.23 2.99
N ALA A 29 10.91 -12.46 2.59
CA ALA A 29 10.88 -13.59 3.49
C ALA A 29 11.98 -13.49 4.52
N ASP A 30 13.03 -12.76 4.18
CA ASP A 30 14.13 -12.50 5.09
C ASP A 30 13.81 -11.33 6.02
N HIS A 31 12.80 -10.55 5.65
CA HIS A 31 12.38 -9.39 6.43
C HIS A 31 10.86 -9.37 6.56
N PRO A 32 10.31 -10.25 7.41
CA PRO A 32 8.86 -10.42 7.56
C PRO A 32 8.16 -9.26 8.25
N GLU A 33 8.76 -8.09 8.24
CA GLU A 33 8.15 -6.91 8.83
C GLU A 33 7.29 -6.17 7.82
N VAL A 34 7.68 -6.24 6.56
CA VAL A 34 7.02 -5.52 5.48
C VAL A 34 5.52 -5.81 5.40
N VAL A 35 5.20 -7.09 5.25
CA VAL A 35 3.82 -7.54 5.08
C VAL A 35 2.93 -7.09 6.24
N PRO A 36 3.29 -7.42 7.51
CA PRO A 36 2.54 -6.93 8.68
C PRO A 36 2.43 -5.41 8.71
N PHE A 37 3.50 -4.74 8.27
CA PHE A 37 3.52 -3.29 8.22
C PHE A 37 2.47 -2.78 7.23
N LEU A 38 2.45 -3.36 6.02
CA LEU A 38 1.46 -3.00 5.02
C LEU A 38 0.05 -3.35 5.50
N TYR A 39 -0.07 -4.50 6.15
CA TYR A 39 -1.36 -4.94 6.69
C TYR A 39 -1.91 -3.88 7.65
N ASN A 40 -1.06 -3.48 8.58
CA ASN A 40 -1.44 -2.58 9.65
C ASN A 40 -1.78 -1.21 9.09
N ARG A 41 -0.92 -0.71 8.22
CA ARG A 41 -1.12 0.60 7.62
C ARG A 41 -2.45 0.67 6.88
N GLN A 42 -2.83 -0.43 6.22
CA GLN A 42 -4.09 -0.47 5.50
C GLN A 42 -5.27 -0.43 6.46
N GLN A 43 -5.09 -1.06 7.62
CA GLN A 43 -6.15 -1.11 8.62
C GLN A 43 -6.28 0.25 9.29
N ARG A 44 -5.18 0.99 9.29
CA ARG A 44 -5.16 2.32 9.89
C ARG A 44 -5.44 3.38 8.83
N ALA A 45 -5.68 2.92 7.61
CA ALA A 45 -6.06 3.80 6.52
C ALA A 45 -7.58 3.87 6.43
N HIS A 46 -8.10 5.08 6.26
CA HIS A 46 -9.54 5.31 6.21
C HIS A 46 -10.20 4.47 5.12
N SER A 47 -11.29 3.85 5.49
CA SER A 47 -11.97 2.89 4.64
C SER A 47 -12.47 3.50 3.32
N LEU A 48 -12.65 4.82 3.28
CA LEU A 48 -13.23 5.48 2.12
C LEU A 48 -12.28 5.47 0.93
N PHE A 49 -11.05 5.91 1.15
CA PHE A 49 -10.05 5.95 0.09
C PHE A 49 -9.73 4.54 -0.39
N LEU A 50 -9.73 3.59 0.54
CA LEU A 50 -9.48 2.19 0.21
C LEU A 50 -10.58 1.65 -0.70
N ALA A 51 -11.72 2.33 -0.72
CA ALA A 51 -12.85 1.93 -1.55
C ALA A 51 -13.04 2.92 -2.70
N SER A 52 -12.03 3.06 -3.55
CA SER A 52 -12.07 4.00 -4.65
C SER A 52 -11.30 3.47 -5.85
N ALA A 53 -11.50 4.11 -7.00
CA ALA A 53 -10.73 3.80 -8.20
C ALA A 53 -9.35 4.40 -8.06
N GLU A 54 -9.27 5.46 -7.28
CA GLU A 54 -8.03 6.15 -7.04
C GLU A 54 -7.01 5.19 -6.43
N PHE A 55 -7.40 4.53 -5.35
CA PHE A 55 -6.55 3.55 -4.70
C PHE A 55 -6.38 2.31 -5.57
N CYS A 56 -7.38 2.03 -6.40
CA CYS A 56 -7.31 0.90 -7.32
C CYS A 56 -6.17 1.09 -8.31
N ASN A 57 -5.99 2.34 -8.78
CA ASN A 57 -4.84 2.68 -9.62
C ASN A 57 -3.55 2.34 -8.91
N ILE A 58 -3.42 2.86 -7.70
CA ILE A 58 -2.24 2.67 -6.89
C ILE A 58 -1.90 1.18 -6.77
N LEU A 59 -2.87 0.40 -6.34
CA LEU A 59 -2.69 -1.03 -6.15
C LEU A 59 -2.36 -1.75 -7.45
N SER A 60 -3.17 -1.51 -8.47
CA SER A 60 -2.98 -2.11 -9.77
C SER A 60 -1.57 -1.84 -10.29
N ARG A 61 -1.08 -0.63 -10.03
CA ARG A 61 0.22 -0.21 -10.49
C ARG A 61 1.36 -0.81 -9.65
N VAL A 62 1.37 -0.52 -8.33
CA VAL A 62 2.52 -0.87 -7.51
C VAL A 62 2.66 -2.35 -7.29
N LEU A 63 1.54 -3.02 -7.03
CA LEU A 63 1.55 -4.45 -6.80
C LEU A 63 2.16 -5.16 -8.00
N SER A 64 1.63 -4.85 -9.17
CA SER A 64 2.01 -5.53 -10.37
C SER A 64 3.44 -5.19 -10.78
N ARG A 65 3.85 -3.95 -10.50
CA ARG A 65 5.22 -3.55 -10.69
C ARG A 65 6.16 -4.29 -9.74
N ALA A 66 5.69 -4.58 -8.54
CA ALA A 66 6.48 -5.32 -7.57
C ALA A 66 6.58 -6.80 -7.97
N ARG A 67 5.53 -7.30 -8.62
CA ARG A 67 5.56 -8.64 -9.21
C ARG A 67 6.66 -8.70 -10.27
N SER A 68 6.60 -7.73 -11.17
CA SER A 68 7.57 -7.61 -12.25
C SER A 68 8.96 -7.36 -11.71
N ARG A 69 9.03 -6.35 -10.87
CA ARG A 69 10.28 -5.91 -10.28
C ARG A 69 10.29 -6.05 -8.77
N PRO A 70 10.61 -7.25 -8.26
CA PRO A 70 10.83 -7.50 -6.83
C PRO A 70 11.97 -6.65 -6.31
N ALA A 71 12.86 -6.29 -7.24
CA ALA A 71 13.99 -5.43 -6.94
C ALA A 71 13.55 -4.05 -6.45
N LYS A 72 12.37 -3.63 -6.88
CA LYS A 72 11.83 -2.35 -6.47
C LYS A 72 10.53 -2.54 -5.69
N LEU A 73 10.27 -3.79 -5.30
CA LEU A 73 9.13 -4.13 -4.49
C LEU A 73 9.02 -3.23 -3.27
N TYR A 74 10.16 -2.98 -2.62
CA TYR A 74 10.17 -2.15 -1.42
C TYR A 74 9.67 -0.75 -1.70
N VAL A 75 10.15 -0.15 -2.78
CA VAL A 75 9.65 1.17 -3.17
C VAL A 75 8.14 1.17 -3.27
N TYR A 76 7.61 0.14 -3.91
CA TYR A 76 6.17 -0.01 -4.08
C TYR A 76 5.50 -0.29 -2.74
N ILE A 77 6.26 -0.89 -1.84
CA ILE A 77 5.85 -1.08 -0.46
C ILE A 77 5.73 0.28 0.25
N ASN A 78 6.74 1.13 0.10
CA ASN A 78 6.73 2.47 0.68
C ASN A 78 5.56 3.21 0.13
N GLU A 79 5.49 3.20 -1.19
CA GLU A 79 4.46 3.89 -1.93
C GLU A 79 3.08 3.52 -1.41
N LEU A 80 2.76 2.24 -1.53
CA LEU A 80 1.47 1.74 -1.09
C LEU A 80 1.17 2.09 0.36
N CYS A 81 2.17 1.96 1.22
CA CYS A 81 2.02 2.27 2.64
C CYS A 81 1.79 3.77 2.87
N THR A 82 2.54 4.61 2.15
CA THR A 82 2.41 6.05 2.29
C THR A 82 1.13 6.52 1.62
N VAL A 83 0.82 5.89 0.51
CA VAL A 83 -0.39 6.12 -0.25
C VAL A 83 -1.61 6.01 0.65
N LEU A 84 -1.57 5.04 1.54
CA LEU A 84 -2.66 4.82 2.47
C LEU A 84 -2.90 6.06 3.34
N LYS A 85 -1.86 6.54 4.00
CA LYS A 85 -2.04 7.65 4.91
C LYS A 85 -2.11 8.99 4.19
N ALA A 86 -1.46 9.06 3.03
CA ALA A 86 -1.48 10.27 2.22
C ALA A 86 -2.91 10.67 1.89
N HIS A 87 -3.78 9.69 1.67
CA HIS A 87 -5.13 9.99 1.25
C HIS A 87 -6.16 9.57 2.28
N SER A 88 -6.10 8.33 2.71
CA SER A 88 -7.05 7.83 3.69
C SER A 88 -6.52 8.07 5.08
N ALA A 89 -7.46 8.41 5.96
CA ALA A 89 -7.19 8.83 7.31
C ALA A 89 -6.38 10.11 7.30
N LYS A 90 -6.59 10.85 6.22
CA LYS A 90 -6.03 12.18 6.03
C LYS A 90 -7.13 13.08 5.53
N LYS A 91 -7.95 12.52 4.64
CA LYS A 91 -9.12 13.19 4.12
C LYS A 91 -10.20 13.39 5.17
N LYS A 92 -11.14 14.25 4.81
CA LYS A 92 -12.36 14.43 5.56
C LYS A 92 -13.47 14.80 4.59
N LEU A 93 -13.76 13.84 3.70
CA LEU A 93 -14.74 14.02 2.62
C LEU A 93 -16.11 14.45 3.12
N ASN A 94 -16.38 14.23 4.40
CA ASN A 94 -17.60 14.72 5.02
C ASN A 94 -17.27 15.83 6.00
N GLY B 1 5.94 20.39 9.16
CA GLY B 1 5.47 19.09 9.70
C GLY B 1 4.56 18.38 8.73
N SER B 2 3.99 17.26 9.19
CA SER B 2 3.06 16.47 8.38
C SER B 2 3.76 15.84 7.18
N GLN B 3 5.09 15.80 7.23
CA GLN B 3 5.89 15.16 6.20
C GLN B 3 6.09 13.71 6.55
N GLU B 4 6.60 13.47 7.76
CA GLU B 4 6.78 12.14 8.32
C GLU B 4 7.70 11.27 7.45
N ASP B 5 7.84 10.00 7.84
CA ASP B 5 8.60 9.05 7.05
C ASP B 5 7.67 8.28 6.14
N SER B 6 7.98 8.31 4.87
CA SER B 6 7.18 7.63 3.87
C SER B 6 7.88 6.37 3.39
N ASP B 7 8.86 6.55 2.56
CA ASP B 7 9.67 5.45 2.06
C ASP B 7 10.73 5.07 3.07
N SER B 8 11.32 6.08 3.69
CA SER B 8 12.40 5.87 4.65
C SER B 8 11.96 4.98 5.80
N GLU B 9 10.68 5.07 6.13
CA GLU B 9 10.09 4.28 7.20
C GLU B 9 10.43 2.80 7.03
N LEU B 10 10.41 2.35 5.79
CA LEU B 10 10.71 0.99 5.44
C LEU B 10 12.21 0.75 5.50
N GLU B 11 12.90 1.64 4.82
CA GLU B 11 14.35 1.59 4.65
C GLU B 11 15.09 1.36 5.96
N GLN B 12 14.47 1.81 7.04
CA GLN B 12 15.05 1.73 8.37
C GLN B 12 15.48 0.32 8.71
N TYR B 13 14.64 -0.65 8.36
CA TYR B 13 14.89 -2.02 8.74
C TYR B 13 14.89 -2.98 7.55
N PHE B 14 14.51 -2.50 6.36
CA PHE B 14 14.53 -3.37 5.18
C PHE B 14 14.41 -2.57 3.88
N THR B 15 15.14 -3.02 2.86
CA THR B 15 15.07 -2.47 1.50
C THR B 15 15.77 -3.40 0.50
N ALA B 16 15.95 -2.92 -0.73
CA ALA B 16 16.61 -3.69 -1.78
C ALA B 16 17.76 -2.90 -2.38
N ARG B 17 18.16 -3.25 -3.60
CA ARG B 17 19.23 -2.54 -4.29
C ARG B 17 18.86 -1.06 -4.47
N TRP B 18 17.61 -0.83 -4.89
CA TRP B 18 17.10 0.50 -5.18
C TRP B 18 17.99 1.28 -6.15
N GLY A 1 -18.91 9.57 -13.51
CA GLY A 1 -17.69 9.69 -12.68
C GLY A 1 -16.64 8.66 -13.07
N SER A 2 -16.31 7.77 -12.16
CA SER A 2 -15.32 6.74 -12.43
C SER A 2 -15.97 5.50 -13.04
N HIS A 3 -17.07 5.71 -13.75
CA HIS A 3 -17.90 4.62 -14.26
C HIS A 3 -18.42 3.78 -13.09
N MET A 4 -18.63 2.49 -13.34
CA MET A 4 -19.01 1.54 -12.30
C MET A 4 -20.45 1.76 -11.83
N GLY A 5 -20.65 2.82 -11.04
CA GLY A 5 -21.97 3.09 -10.49
C GLY A 5 -22.24 2.25 -9.25
N LYS A 6 -22.40 2.94 -8.10
CA LYS A 6 -22.61 2.34 -6.78
C LYS A 6 -21.67 1.16 -6.52
N LYS A 7 -20.51 1.23 -7.14
CA LYS A 7 -19.47 0.23 -6.97
C LYS A 7 -18.76 0.36 -5.64
N CYS A 8 -18.60 -0.77 -4.99
CA CYS A 8 -17.79 -0.85 -3.81
C CYS A 8 -16.43 -1.40 -4.19
N TYR A 9 -15.45 -0.50 -4.29
CA TYR A 9 -14.10 -0.86 -4.67
C TYR A 9 -13.39 -1.59 -3.56
N LYS A 10 -14.05 -1.66 -2.41
CA LYS A 10 -13.47 -2.27 -1.23
C LYS A 10 -12.86 -3.64 -1.55
N LEU A 11 -13.69 -4.59 -1.99
CA LEU A 11 -13.22 -5.94 -2.30
C LEU A 11 -12.08 -5.92 -3.31
N GLU A 12 -12.17 -5.01 -4.26
CA GLU A 12 -11.13 -4.85 -5.26
C GLU A 12 -9.77 -4.62 -4.63
N ASN A 13 -9.68 -3.68 -3.71
CA ASN A 13 -8.40 -3.40 -3.05
C ASN A 13 -8.14 -4.39 -1.92
N GLU A 14 -9.19 -5.06 -1.45
CA GLU A 14 -9.03 -6.12 -0.48
C GLU A 14 -8.24 -7.28 -1.07
N LYS A 15 -8.69 -7.76 -2.23
CA LYS A 15 -7.96 -8.80 -2.95
C LYS A 15 -6.60 -8.26 -3.36
N LEU A 16 -6.65 -7.05 -3.86
CA LEU A 16 -5.50 -6.40 -4.45
C LEU A 16 -4.34 -6.23 -3.48
N PHE A 17 -4.63 -5.60 -2.36
CA PHE A 17 -3.61 -5.36 -1.35
C PHE A 17 -2.93 -6.64 -0.92
N GLU A 18 -3.71 -7.71 -0.79
CA GLU A 18 -3.14 -8.98 -0.36
C GLU A 18 -2.37 -9.67 -1.49
N GLU A 19 -2.71 -9.38 -2.76
CA GLU A 19 -1.95 -9.96 -3.87
C GLU A 19 -0.50 -9.49 -3.78
N PHE A 20 -0.36 -8.22 -3.44
CA PHE A 20 0.94 -7.61 -3.20
C PHE A 20 1.62 -8.30 -2.02
N LEU A 21 0.86 -8.48 -0.96
CA LEU A 21 1.40 -8.98 0.28
C LEU A 21 1.83 -10.41 0.18
N GLU A 22 0.98 -11.25 -0.36
CA GLU A 22 1.29 -12.65 -0.51
C GLU A 22 2.51 -12.80 -1.42
N LEU A 23 2.65 -11.88 -2.35
CA LEU A 23 3.86 -11.76 -3.13
C LEU A 23 5.02 -11.33 -2.23
N CYS A 24 4.78 -10.31 -1.40
CA CYS A 24 5.78 -9.82 -0.47
C CYS A 24 6.22 -10.92 0.49
N LYS A 25 5.31 -11.84 0.81
CA LYS A 25 5.64 -13.00 1.64
C LYS A 25 6.77 -13.81 1.03
N MET A 26 6.89 -13.74 -0.30
CA MET A 26 7.88 -14.52 -1.03
C MET A 26 9.12 -13.69 -1.25
N GLN A 27 8.90 -12.41 -1.49
CA GLN A 27 9.97 -11.50 -1.85
C GLN A 27 10.77 -11.09 -0.63
N THR A 28 10.08 -10.54 0.35
CA THR A 28 10.71 -10.14 1.58
C THR A 28 10.68 -11.31 2.56
N ALA A 29 11.16 -12.45 2.09
CA ALA A 29 11.20 -13.65 2.89
C ALA A 29 12.29 -13.55 3.95
N ASP A 30 13.26 -12.68 3.72
CA ASP A 30 14.29 -12.40 4.70
C ASP A 30 13.80 -11.37 5.71
N HIS A 31 12.72 -10.67 5.34
CA HIS A 31 12.12 -9.66 6.21
C HIS A 31 10.60 -9.72 6.13
N PRO A 32 9.97 -10.74 6.74
CA PRO A 32 8.51 -10.89 6.75
C PRO A 32 7.82 -9.82 7.61
N GLU A 33 8.51 -8.71 7.82
CA GLU A 33 8.00 -7.61 8.62
C GLU A 33 7.21 -6.64 7.75
N VAL A 34 7.56 -6.62 6.46
CA VAL A 34 6.93 -5.76 5.48
C VAL A 34 5.42 -6.00 5.39
N VAL A 35 5.07 -7.25 5.13
CA VAL A 35 3.68 -7.67 4.95
C VAL A 35 2.77 -7.21 6.10
N PRO A 36 3.08 -7.56 7.37
CA PRO A 36 2.30 -7.09 8.53
C PRO A 36 2.21 -5.58 8.59
N PHE A 37 3.28 -4.91 8.18
CA PHE A 37 3.32 -3.45 8.17
C PHE A 37 2.27 -2.91 7.20
N LEU A 38 2.34 -3.38 5.95
CA LEU A 38 1.38 -2.96 4.94
C LEU A 38 -0.04 -3.24 5.38
N TYR A 39 -0.25 -4.39 6.00
CA TYR A 39 -1.56 -4.73 6.57
C TYR A 39 -1.98 -3.67 7.57
N ASN A 40 -1.07 -3.38 8.49
CA ASN A 40 -1.32 -2.48 9.61
C ASN A 40 -1.67 -1.08 9.11
N ARG A 41 -0.87 -0.58 8.19
CA ARG A 41 -1.06 0.77 7.66
C ARG A 41 -2.37 0.89 6.89
N GLN A 42 -2.74 -0.15 6.15
CA GLN A 42 -3.99 -0.13 5.41
C GLN A 42 -5.17 -0.03 6.37
N GLN A 43 -5.04 -0.68 7.51
CA GLN A 43 -6.10 -0.69 8.51
C GLN A 43 -6.15 0.65 9.23
N ARG A 44 -5.03 1.37 9.21
CA ARG A 44 -4.97 2.68 9.84
C ARG A 44 -5.23 3.77 8.80
N ALA A 45 -5.61 3.34 7.61
CA ALA A 45 -6.00 4.26 6.55
C ALA A 45 -7.53 4.33 6.50
N HIS A 46 -8.05 5.50 6.19
CA HIS A 46 -9.49 5.71 6.13
C HIS A 46 -10.09 4.97 4.95
N SER A 47 -11.12 4.18 5.20
CA SER A 47 -11.66 3.25 4.23
C SER A 47 -12.34 3.93 3.03
N LEU A 48 -12.55 5.23 3.10
CA LEU A 48 -13.24 5.93 2.02
C LEU A 48 -12.34 6.08 0.79
N PHE A 49 -11.11 6.54 1.01
CA PHE A 49 -10.12 6.58 -0.05
C PHE A 49 -9.81 5.17 -0.52
N LEU A 50 -9.67 4.26 0.44
CA LEU A 50 -9.38 2.87 0.13
C LEU A 50 -10.48 2.29 -0.77
N ALA A 51 -11.74 2.49 -0.39
CA ALA A 51 -12.87 1.99 -1.19
C ALA A 51 -13.14 2.91 -2.37
N SER A 52 -12.09 3.17 -3.14
CA SER A 52 -12.19 3.99 -4.33
C SER A 52 -11.36 3.36 -5.43
N ALA A 53 -11.85 3.49 -6.68
CA ALA A 53 -11.13 3.02 -7.85
C ALA A 53 -9.75 3.64 -7.91
N GLU A 54 -9.62 4.79 -7.25
CA GLU A 54 -8.37 5.50 -7.17
C GLU A 54 -7.29 4.58 -6.58
N PHE A 55 -7.56 4.11 -5.36
CA PHE A 55 -6.63 3.25 -4.66
C PHE A 55 -6.48 1.91 -5.38
N CYS A 56 -7.57 1.46 -6.00
CA CYS A 56 -7.54 0.26 -6.84
C CYS A 56 -6.43 0.38 -7.90
N ASN A 57 -6.37 1.55 -8.56
CA ASN A 57 -5.31 1.82 -9.53
C ASN A 57 -3.94 1.70 -8.89
N ILE A 58 -3.77 2.40 -7.77
CA ILE A 58 -2.53 2.40 -7.04
C ILE A 58 -2.05 0.98 -6.80
N LEU A 59 -2.93 0.17 -6.26
CA LEU A 59 -2.63 -1.22 -5.96
C LEU A 59 -2.28 -2.01 -7.21
N SER A 60 -3.16 -1.97 -8.20
CA SER A 60 -2.96 -2.73 -9.42
C SER A 60 -1.62 -2.40 -10.06
N ARG A 61 -1.27 -1.13 -10.00
CA ARG A 61 -0.05 -0.64 -10.60
C ARG A 61 1.20 -0.99 -9.78
N VAL A 62 1.20 -0.71 -8.47
CA VAL A 62 2.39 -0.97 -7.66
C VAL A 62 2.62 -2.46 -7.46
N LEU A 63 1.54 -3.21 -7.24
CA LEU A 63 1.64 -4.64 -7.05
C LEU A 63 2.23 -5.31 -8.29
N SER A 64 1.72 -4.93 -9.45
CA SER A 64 2.19 -5.47 -10.71
C SER A 64 3.64 -5.09 -10.96
N ARG A 65 3.98 -3.85 -10.64
CA ARG A 65 5.35 -3.38 -10.76
C ARG A 65 6.29 -4.17 -9.86
N ALA A 66 5.85 -4.43 -8.63
CA ALA A 66 6.66 -5.18 -7.67
C ALA A 66 6.72 -6.66 -8.02
N ARG A 67 5.65 -7.14 -8.66
CA ARG A 67 5.60 -8.50 -9.16
C ARG A 67 6.61 -8.67 -10.30
N SER A 68 6.85 -7.59 -11.01
CA SER A 68 7.80 -7.57 -12.12
C SER A 68 9.20 -7.30 -11.59
N ARG A 69 9.30 -6.25 -10.80
CA ARG A 69 10.56 -5.81 -10.25
C ARG A 69 10.59 -5.97 -8.73
N PRO A 70 10.94 -7.16 -8.24
CA PRO A 70 11.13 -7.42 -6.80
C PRO A 70 12.18 -6.51 -6.19
N ALA A 71 13.11 -6.07 -7.02
CA ALA A 71 14.19 -5.19 -6.58
C ALA A 71 13.65 -3.81 -6.18
N LYS A 72 12.50 -3.44 -6.71
CA LYS A 72 11.88 -2.18 -6.37
C LYS A 72 10.61 -2.39 -5.58
N LEU A 73 10.39 -3.64 -5.18
CA LEU A 73 9.24 -4.01 -4.36
C LEU A 73 9.08 -3.09 -3.17
N TYR A 74 10.19 -2.75 -2.53
CA TYR A 74 10.15 -1.96 -1.32
C TYR A 74 9.64 -0.57 -1.61
N VAL A 75 10.10 0.02 -2.71
CA VAL A 75 9.60 1.33 -3.12
C VAL A 75 8.09 1.29 -3.29
N TYR A 76 7.57 0.19 -3.83
CA TYR A 76 6.13 0.03 -4.01
C TYR A 76 5.45 -0.24 -2.67
N ILE A 77 6.15 -0.96 -1.81
CA ILE A 77 5.76 -1.12 -0.41
C ILE A 77 5.65 0.27 0.25
N ASN A 78 6.71 1.04 0.08
CA ASN A 78 6.80 2.40 0.57
C ASN A 78 5.67 3.25 0.02
N GLU A 79 5.54 3.26 -1.31
CA GLU A 79 4.49 4.00 -1.98
C GLU A 79 3.15 3.65 -1.43
N LEU A 80 2.79 2.39 -1.56
CA LEU A 80 1.50 1.89 -1.08
C LEU A 80 1.24 2.30 0.36
N CYS A 81 2.25 2.18 1.22
CA CYS A 81 2.13 2.56 2.63
C CYS A 81 1.92 4.07 2.79
N THR A 82 2.65 4.85 2.00
CA THR A 82 2.55 6.30 2.05
C THR A 82 1.24 6.74 1.41
N VAL A 83 0.91 6.06 0.32
CA VAL A 83 -0.32 6.27 -0.42
C VAL A 83 -1.53 6.21 0.50
N LEU A 84 -1.48 5.27 1.44
CA LEU A 84 -2.53 5.11 2.40
C LEU A 84 -2.73 6.37 3.22
N LYS A 85 -1.67 6.87 3.83
CA LYS A 85 -1.77 8.02 4.73
C LYS A 85 -1.84 9.34 3.98
N ALA A 86 -1.25 9.37 2.80
CA ALA A 86 -1.24 10.58 1.99
C ALA A 86 -2.65 11.00 1.62
N HIS A 87 -3.55 10.03 1.50
CA HIS A 87 -4.89 10.32 1.05
C HIS A 87 -5.95 9.94 2.08
N SER A 88 -5.73 8.85 2.79
CA SER A 88 -6.68 8.40 3.79
C SER A 88 -6.13 8.43 5.21
N ALA A 89 -6.92 9.02 6.07
CA ALA A 89 -6.69 9.09 7.50
C ALA A 89 -5.36 9.73 7.84
N LYS A 90 -5.15 10.94 7.36
CA LYS A 90 -3.94 11.67 7.68
C LYS A 90 -4.25 12.70 8.73
N LYS A 91 -5.52 13.03 8.79
CA LYS A 91 -6.06 13.95 9.77
C LYS A 91 -5.89 13.37 11.18
N LYS A 92 -4.94 13.93 11.92
CA LYS A 92 -4.62 13.43 13.25
C LYS A 92 -5.48 14.10 14.31
N LEU A 93 -6.52 14.80 13.86
CA LEU A 93 -7.52 15.34 14.75
C LEU A 93 -8.25 14.22 15.48
N ASN A 94 -8.32 13.06 14.83
CA ASN A 94 -8.87 11.87 15.42
C ASN A 94 -7.75 10.92 15.80
N GLY B 1 6.86 17.37 4.77
CA GLY B 1 6.21 17.90 6.00
C GLY B 1 6.24 16.92 7.14
N SER B 2 5.43 17.17 8.15
CA SER B 2 5.41 16.31 9.35
C SER B 2 4.62 15.02 9.09
N GLN B 3 4.97 14.31 8.03
CA GLN B 3 4.33 13.06 7.69
C GLN B 3 5.05 11.89 8.36
N GLU B 4 6.08 12.24 9.13
CA GLU B 4 6.98 11.26 9.73
C GLU B 4 7.61 10.39 8.66
N ASP B 5 8.05 9.19 9.02
CA ASP B 5 8.60 8.26 8.06
C ASP B 5 7.48 7.63 7.25
N SER B 6 7.45 7.96 5.98
CA SER B 6 6.47 7.41 5.07
C SER B 6 7.02 6.17 4.40
N ASP B 7 7.95 6.41 3.51
CA ASP B 7 8.67 5.36 2.81
C ASP B 7 9.87 4.91 3.62
N SER B 8 10.50 5.85 4.31
CA SER B 8 11.69 5.59 5.08
C SER B 8 11.43 4.67 6.25
N GLU B 9 10.19 4.61 6.67
CA GLU B 9 9.77 3.74 7.76
C GLU B 9 10.15 2.30 7.45
N LEU B 10 10.09 1.95 6.19
CA LEU B 10 10.49 0.64 5.73
C LEU B 10 12.00 0.54 5.77
N GLU B 11 12.60 1.54 5.15
CA GLU B 11 14.05 1.64 4.98
C GLU B 11 14.81 1.50 6.30
N GLN B 12 14.10 1.78 7.39
CA GLN B 12 14.68 1.71 8.73
C GLN B 12 15.33 0.37 8.98
N TYR B 13 14.64 -0.69 8.59
CA TYR B 13 15.09 -2.03 8.89
C TYR B 13 15.27 -2.88 7.64
N PHE B 14 14.56 -2.57 6.55
CA PHE B 14 14.66 -3.39 5.36
C PHE B 14 14.48 -2.58 4.07
N THR B 15 15.24 -2.96 3.05
CA THR B 15 15.13 -2.38 1.71
C THR B 15 15.87 -3.27 0.69
N ALA B 16 16.01 -2.78 -0.53
CA ALA B 16 16.67 -3.54 -1.58
C ALA B 16 17.89 -2.80 -2.11
N ARG B 17 18.22 -3.12 -3.35
CA ARG B 17 19.26 -2.42 -4.09
C ARG B 17 19.04 -0.91 -4.06
N TRP B 18 17.89 -0.49 -4.58
CA TRP B 18 17.50 0.90 -4.66
C TRP B 18 18.58 1.75 -5.36
#